data_5NNJ
#
_entry.id   5NNJ
#
_cell.length_a   150.320
_cell.length_b   151.820
_cell.length_c   162.740
_cell.angle_alpha   90.00
_cell.angle_beta   90.00
_cell.angle_gamma   90.00
#
_symmetry.space_group_name_H-M   'P 21 21 21'
#
loop_
_entity.id
_entity.type
_entity.pdbx_description
1 polymer Sortilin
2 branched beta-D-mannopyranose-(1-4)-2-acetamido-2-deoxy-beta-D-glucopyranose-(1-4)-2-acetamido-2-deoxy-beta-D-glucopyranose
3 non-polymer 2-acetamido-2-deoxy-beta-D-glucopyranose
#
_entity_poly.entity_id   1
_entity_poly.type   'polypeptide(L)'
_entity_poly.pdbx_seq_one_letter_code
;GQDRLDAPPPPAPPLLRWAGPVGVSWGLRAAAPGGPVPRAGRWRRGAPAEDQDCGRLPDFIAKLTNNTHQHVFDDLSGSV
SLSWVGDSTGVILVLTTFQVPLVIVSFGQSKLYRSEDYGKNFKDITNLINNTFIRTEFGMAIGPENSGKVILTAEVSGGS
RGGRVFRSSDFAKNFVQTDLPFHPLTQMMYSPQNSDYLLALSTENGLWVSKNFGEKWEEIHKAVCLAKWGPNNIIFFTTH
VNGSCKADLGALELWRTSDLGKTFKTIGVKIYSFGLGGRFLFASVMADKDTTRRIHVSTDQGDTWSMAQLPSVGQEQFYS
ILAANEDMVFMHVDEPGDTGFGTIFTSDDRGIVYSKSLDRHLYTTTGGETDFTNVTSLRGVYITSTLSEDNSIQSMITFD
QGGRWEHLRKPENSKCDATAKNKNECSLHIHASYSISQKLNVPMAPLSEPNAVGIVIAHGSVGDAISVMVPDVYISDDGG
YSWAKMLEGPHYYTILDSGGIIVAIEHSNRPINVIKFSTDEGQCWQSYVFTQEPIYFTGLASEPGARSMNISIWGFTESF
ITRQWVSYTVDFKDILERNCEEDDYTTWLAHSTDPGDYKDGCILGYKEQFLRLRKSSVCQNGRDYVVAKQPSVCPCSLED
FLCDFGYFRPENASECVEQPELKGHELEFCLYGKEEHLTTNGYRKIPGDKCQGGMNPAREVKDLKKKCTSNFLNPTKQNS
KSNAAAHHHHHH
;
_entity_poly.pdbx_strand_id   A,B,D,C
#
loop_
_chem_comp.id
_chem_comp.type
_chem_comp.name
_chem_comp.formula
BMA D-saccharide, beta linking beta-D-mannopyranose 'C6 H12 O6'
NAG D-saccharide, beta linking 2-acetamido-2-deoxy-beta-D-glucopyranose 'C8 H15 N O6'
#
# COMPACT_ATOMS: atom_id res chain seq x y z
N CYS A 54 56.26 33.96 -44.32
CA CYS A 54 55.52 35.05 -44.96
C CYS A 54 56.45 36.17 -45.32
N GLY A 55 56.29 37.27 -44.60
CA GLY A 55 57.22 38.37 -44.60
C GLY A 55 56.62 39.62 -45.18
N ASP A 59 54.44 49.39 -42.89
CA ASP A 59 54.26 50.13 -44.13
C ASP A 59 52.79 50.21 -44.49
N PHE A 60 52.08 49.14 -44.16
CA PHE A 60 50.67 49.01 -44.44
C PHE A 60 49.79 49.96 -43.62
N ILE A 61 50.32 50.63 -42.60
CA ILE A 61 49.45 51.39 -41.70
C ILE A 61 48.97 52.67 -42.39
N ALA A 62 49.91 53.37 -43.04
CA ALA A 62 49.59 54.62 -43.72
C ALA A 62 48.60 54.42 -44.85
N LYS A 63 48.58 53.22 -45.43
CA LYS A 63 47.65 52.90 -46.49
C LYS A 63 46.24 52.70 -45.96
N LEU A 64 46.08 52.44 -44.67
CA LEU A 64 44.74 52.23 -44.13
C LEU A 64 44.27 53.38 -43.26
N THR A 65 45.19 54.04 -42.57
CA THR A 65 44.78 55.13 -41.71
C THR A 65 44.17 56.27 -42.54
N ASN A 66 44.72 56.52 -43.73
CA ASN A 66 44.17 57.55 -44.61
C ASN A 66 42.83 57.15 -45.22
N ASN A 67 42.45 55.88 -45.10
CA ASN A 67 41.21 55.36 -45.68
C ASN A 67 40.26 54.82 -44.63
N THR A 68 40.48 55.13 -43.36
CA THR A 68 39.55 54.76 -42.29
C THR A 68 38.66 55.97 -42.02
N HIS A 69 37.37 55.80 -42.31
CA HIS A 69 36.36 56.83 -42.12
C HIS A 69 35.52 56.47 -40.90
N GLN A 70 35.49 57.38 -39.93
CA GLN A 70 34.71 57.21 -38.72
C GLN A 70 33.52 58.15 -38.78
N HIS A 71 32.38 57.66 -38.28
CA HIS A 71 31.20 58.49 -38.11
C HIS A 71 30.56 58.13 -36.78
N VAL A 72 30.28 59.13 -35.96
CA VAL A 72 29.69 58.93 -34.65
C VAL A 72 28.20 59.19 -34.75
N PHE A 73 27.40 58.31 -34.17
CA PHE A 73 25.94 58.41 -34.14
C PHE A 73 25.51 58.67 -32.70
N ASP A 74 24.78 59.72 -32.50
CA ASP A 74 24.42 60.07 -31.15
C ASP A 74 22.96 59.74 -30.90
N ASP A 75 22.69 59.27 -29.68
CA ASP A 75 21.33 59.11 -29.15
C ASP A 75 20.55 58.05 -29.94
N LEU A 76 21.06 56.82 -29.88
CA LEU A 76 20.41 55.70 -30.55
C LEU A 76 19.91 54.71 -29.53
N SER A 77 18.67 54.25 -29.69
CA SER A 77 18.18 53.19 -28.84
C SER A 77 18.01 51.93 -29.66
N GLY A 78 17.93 50.79 -28.95
CA GLY A 78 17.60 49.48 -29.51
C GLY A 78 18.70 48.76 -30.26
N SER A 79 18.29 47.91 -31.21
CA SER A 79 19.22 47.23 -32.09
C SER A 79 19.64 48.18 -33.22
N VAL A 80 20.88 48.03 -33.68
CA VAL A 80 21.40 48.86 -34.77
C VAL A 80 21.78 47.97 -35.94
N SER A 81 21.26 48.29 -37.12
CA SER A 81 21.51 47.56 -38.34
C SER A 81 22.18 48.46 -39.36
N LEU A 82 23.03 47.86 -40.21
CA LEU A 82 23.81 48.61 -41.19
C LEU A 82 23.86 47.82 -42.47
N SER A 83 23.50 48.44 -43.60
CA SER A 83 23.49 47.68 -44.85
C SER A 83 23.88 48.55 -46.02
N TRP A 84 24.69 47.96 -46.91
CA TRP A 84 24.97 48.58 -48.21
C TRP A 84 23.82 48.27 -49.17
N VAL A 85 23.51 49.23 -50.02
CA VAL A 85 22.36 49.14 -50.90
C VAL A 85 22.89 49.21 -52.32
N GLY A 86 23.08 48.04 -52.94
CA GLY A 86 23.47 47.95 -54.34
C GLY A 86 24.98 47.95 -54.58
N ASP A 87 25.33 47.61 -55.82
CA ASP A 87 26.71 47.50 -56.26
C ASP A 87 27.21 48.87 -56.71
N SER A 88 28.23 49.39 -56.04
CA SER A 88 28.93 50.60 -56.48
C SER A 88 27.95 51.76 -56.66
N THR A 89 27.06 51.91 -55.69
CA THR A 89 26.20 53.07 -55.54
C THR A 89 26.56 53.90 -54.31
N GLY A 90 27.37 53.37 -53.39
CA GLY A 90 27.74 54.12 -52.22
C GLY A 90 26.62 54.49 -51.31
N VAL A 91 25.52 53.71 -51.32
CA VAL A 91 24.37 53.91 -50.45
C VAL A 91 24.53 53.00 -49.24
N ILE A 92 24.65 53.60 -48.04
CA ILE A 92 24.60 52.83 -46.80
C ILE A 92 23.46 53.35 -45.95
N LEU A 93 22.61 52.44 -45.47
CA LEU A 93 21.55 52.78 -44.54
C LEU A 93 21.95 52.29 -43.16
N VAL A 94 21.51 53.01 -42.13
CA VAL A 94 21.64 52.59 -40.73
C VAL A 94 20.26 52.73 -40.10
N LEU A 95 19.78 51.65 -39.46
CA LEU A 95 18.41 51.56 -38.97
C LEU A 95 18.37 51.16 -37.49
N THR A 96 17.51 51.82 -36.73
CA THR A 96 17.24 51.48 -35.34
C THR A 96 15.99 50.61 -35.32
N THR A 97 16.05 49.49 -34.59
CA THR A 97 14.96 48.53 -34.48
C THR A 97 14.73 48.21 -33.00
N PHE A 98 13.55 47.69 -32.70
CA PHE A 98 13.19 47.44 -31.31
C PHE A 98 12.59 46.05 -31.15
N GLN A 99 12.79 45.48 -29.96
CA GLN A 99 12.31 44.13 -29.65
C GLN A 99 10.94 44.25 -28.98
N VAL A 100 9.89 44.31 -29.80
CA VAL A 100 8.52 44.36 -29.28
C VAL A 100 7.70 43.20 -29.80
N PRO A 101 6.97 42.48 -28.92
CA PRO A 101 6.11 41.37 -29.38
C PRO A 101 5.24 41.83 -30.54
N LEU A 102 4.85 40.89 -31.40
CA LEU A 102 4.18 41.36 -32.61
C LEU A 102 2.80 41.92 -32.31
N VAL A 103 2.11 41.37 -31.32
CA VAL A 103 0.71 41.67 -31.06
C VAL A 103 0.51 42.88 -30.16
N ILE A 104 1.57 43.55 -29.75
CA ILE A 104 1.48 44.65 -28.81
C ILE A 104 1.63 45.95 -29.58
N VAL A 105 0.84 46.96 -29.21
CA VAL A 105 1.02 48.32 -29.71
C VAL A 105 1.85 49.07 -28.69
N SER A 106 3.03 49.52 -29.11
CA SER A 106 3.92 50.27 -28.24
C SER A 106 4.26 51.58 -28.91
N PHE A 107 4.59 52.58 -28.09
CA PHE A 107 5.03 53.88 -28.58
C PHE A 107 6.53 53.85 -28.86
N GLY A 108 6.96 54.27 -30.05
CA GLY A 108 8.38 54.27 -30.34
C GLY A 108 8.74 54.97 -31.63
N GLN A 109 10.05 55.19 -31.80
CA GLN A 109 10.57 55.90 -32.96
C GLN A 109 11.89 55.31 -33.39
N SER A 110 11.96 54.88 -34.66
CA SER A 110 13.14 54.27 -35.24
C SER A 110 13.98 55.34 -35.92
N LYS A 111 15.26 55.40 -35.57
CA LYS A 111 16.18 56.33 -36.20
C LYS A 111 16.69 55.77 -37.52
N LEU A 112 16.99 56.64 -38.49
CA LEU A 112 17.30 56.19 -39.84
C LEU A 112 18.33 57.12 -40.47
N TYR A 113 19.52 56.60 -40.76
CA TYR A 113 20.58 57.40 -41.39
C TYR A 113 20.96 56.85 -42.76
N ARG A 114 21.13 57.75 -43.72
CA ARG A 114 21.59 57.41 -45.06
C ARG A 114 22.95 58.04 -45.27
N SER A 115 23.88 57.27 -45.84
CA SER A 115 25.12 57.78 -46.42
C SER A 115 25.09 57.51 -47.91
N GLU A 116 25.53 58.50 -48.68
CA GLU A 116 25.67 58.34 -50.12
C GLU A 116 27.11 58.59 -50.54
N ASP A 117 28.05 58.54 -49.58
CA ASP A 117 29.48 58.68 -49.83
C ASP A 117 30.25 57.49 -49.26
N TYR A 118 29.68 56.29 -49.38
CA TYR A 118 30.37 55.06 -48.98
C TYR A 118 30.81 55.08 -47.52
N GLY A 119 30.05 55.76 -46.65
CA GLY A 119 30.31 55.75 -45.22
C GLY A 119 31.05 56.94 -44.66
N LYS A 120 31.46 57.88 -45.50
CA LYS A 120 32.23 59.01 -44.97
C LYS A 120 31.37 59.87 -44.05
N ASN A 121 30.18 60.28 -44.52
CA ASN A 121 29.25 61.11 -43.76
C ASN A 121 27.82 60.62 -43.97
N PHE A 122 27.03 60.71 -42.90
CA PHE A 122 25.67 60.22 -42.87
C PHE A 122 24.71 61.34 -42.57
N LYS A 123 23.54 61.29 -43.20
CA LYS A 123 22.49 62.27 -43.00
C LYS A 123 21.33 61.61 -42.26
N ASP A 124 20.96 62.18 -41.13
CA ASP A 124 19.81 61.71 -40.38
C ASP A 124 18.56 61.93 -41.19
N ILE A 125 17.87 60.85 -41.56
CA ILE A 125 16.65 61.00 -42.36
C ILE A 125 15.44 60.46 -41.60
N THR A 126 15.49 60.51 -40.27
CA THR A 126 14.41 59.89 -39.50
C THR A 126 13.07 60.53 -39.79
N ASN A 127 13.08 61.83 -40.12
CA ASN A 127 11.86 62.57 -40.48
C ASN A 127 11.12 61.94 -41.65
N LEU A 128 11.82 61.14 -42.46
CA LEU A 128 11.15 60.32 -43.45
C LEU A 128 10.25 59.27 -42.81
N ILE A 129 10.60 58.82 -41.61
CA ILE A 129 9.80 57.76 -40.99
C ILE A 129 9.27 58.22 -39.64
N ASN A 130 8.81 59.47 -39.57
CA ASN A 130 8.41 60.04 -38.29
C ASN A 130 7.13 59.38 -37.80
N ASN A 131 7.12 59.08 -36.50
CA ASN A 131 5.98 58.52 -35.78
C ASN A 131 5.75 57.05 -36.09
N THR A 132 6.76 56.37 -36.64
CA THR A 132 6.70 54.92 -36.80
C THR A 132 7.93 54.29 -36.17
N PHE A 133 7.91 52.97 -36.12
CA PHE A 133 9.07 52.22 -35.71
C PHE A 133 9.12 50.89 -36.45
N ILE A 134 10.31 50.31 -36.46
CA ILE A 134 10.62 49.07 -37.16
C ILE A 134 10.96 48.02 -36.12
N ARG A 135 10.42 46.81 -36.29
CA ARG A 135 10.77 45.73 -35.39
C ARG A 135 12.12 45.13 -35.79
N THR A 136 12.87 44.64 -34.80
CA THR A 136 14.11 43.95 -35.10
C THR A 136 13.86 42.72 -35.97
N GLU A 137 12.79 41.98 -35.69
CA GLU A 137 12.46 40.78 -36.46
C GLU A 137 12.28 41.08 -37.95
N PHE A 138 11.89 42.31 -38.31
CA PHE A 138 11.58 42.59 -39.72
C PHE A 138 12.80 43.15 -40.46
N GLY A 139 13.50 44.11 -39.84
CA GLY A 139 14.65 44.72 -40.51
C GLY A 139 14.27 45.28 -41.87
N MET A 140 15.23 45.29 -42.78
CA MET A 140 14.98 45.77 -44.14
C MET A 140 14.49 44.65 -45.05
N ALA A 141 14.05 45.02 -46.27
CA ALA A 141 13.56 44.05 -47.29
C ALA A 141 14.16 44.44 -48.66
N ILE A 142 15.43 44.07 -48.85
CA ILE A 142 16.18 44.44 -50.04
C ILE A 142 15.85 43.46 -51.15
N GLY A 143 15.57 43.98 -52.34
CA GLY A 143 15.24 43.14 -53.45
C GLY A 143 16.41 42.38 -54.01
N PRO A 144 16.30 41.99 -55.28
CA PRO A 144 17.46 41.50 -56.02
C PRO A 144 18.57 42.53 -56.06
N GLU A 145 19.76 42.02 -56.32
CA GLU A 145 20.96 42.85 -56.36
C GLU A 145 20.76 44.08 -57.23
N ASN A 146 20.50 43.87 -58.52
CA ASN A 146 20.43 44.95 -59.51
C ASN A 146 19.02 45.46 -59.73
N SER A 147 18.12 45.21 -58.79
CA SER A 147 16.75 45.72 -58.88
C SER A 147 16.60 47.09 -58.28
N GLY A 148 17.40 47.43 -57.26
CA GLY A 148 17.34 48.73 -56.61
C GLY A 148 16.17 48.89 -55.67
N LYS A 149 15.41 47.82 -55.42
CA LYS A 149 14.21 47.87 -54.58
C LYS A 149 14.57 47.81 -53.10
N VAL A 150 14.00 48.72 -52.30
CA VAL A 150 14.11 48.63 -50.85
C VAL A 150 12.76 48.93 -50.23
N ILE A 151 12.30 48.04 -49.35
CA ILE A 151 11.09 48.25 -48.56
C ILE A 151 11.51 48.39 -47.11
N LEU A 152 10.82 49.27 -46.38
CA LEU A 152 10.94 49.40 -44.93
C LEU A 152 9.55 49.19 -44.38
N THR A 153 9.35 48.08 -43.67
CA THR A 153 8.06 47.82 -43.06
C THR A 153 8.08 48.27 -41.58
N ALA A 154 7.07 49.06 -41.19
CA ALA A 154 7.04 49.68 -39.88
C ALA A 154 5.64 49.58 -39.34
N GLU A 155 5.54 49.83 -38.05
CA GLU A 155 4.26 50.01 -37.39
C GLU A 155 4.15 51.45 -36.93
N VAL A 156 2.91 51.95 -36.93
CA VAL A 156 2.61 53.30 -36.48
C VAL A 156 2.88 53.38 -34.98
N SER A 157 3.55 54.45 -34.55
CA SER A 157 3.94 54.55 -33.14
C SER A 157 2.72 54.54 -32.22
N GLY A 158 1.66 55.27 -32.57
CA GLY A 158 0.44 55.22 -31.79
C GLY A 158 -0.37 53.94 -31.92
N GLY A 159 -0.06 53.11 -32.88
CA GLY A 159 -0.98 52.05 -33.24
C GLY A 159 -1.89 52.49 -34.37
N SER A 160 -2.21 51.54 -35.24
CA SER A 160 -3.04 51.81 -36.41
C SER A 160 -3.78 50.54 -36.77
N ARG A 161 -4.64 50.65 -37.80
CA ARG A 161 -5.33 49.50 -38.32
C ARG A 161 -4.56 48.82 -39.47
N GLY A 162 -3.49 49.44 -39.93
CA GLY A 162 -2.57 48.78 -40.83
C GLY A 162 -1.14 49.14 -40.47
N GLY A 163 -0.21 48.53 -41.20
CA GLY A 163 1.17 48.94 -41.14
C GLY A 163 1.41 50.07 -42.10
N ARG A 164 2.67 50.45 -42.21
CA ARG A 164 3.03 51.51 -43.12
C ARG A 164 4.41 51.18 -43.67
N VAL A 165 4.55 51.22 -44.99
CA VAL A 165 5.80 50.87 -45.67
C VAL A 165 6.40 52.07 -46.35
N PHE A 166 7.70 52.00 -46.55
CA PHE A 166 8.44 53.00 -47.29
C PHE A 166 9.19 52.29 -48.41
N ARG A 167 8.78 52.56 -49.62
CA ARG A 167 9.29 51.86 -50.80
C ARG A 167 10.29 52.77 -51.51
N SER A 168 11.33 52.14 -52.05
CA SER A 168 12.34 52.80 -52.86
C SER A 168 12.69 51.90 -54.02
N SER A 169 12.74 52.48 -55.20
CA SER A 169 13.09 51.77 -56.42
C SER A 169 14.45 52.20 -56.96
N ASP A 170 15.13 53.12 -56.26
CA ASP A 170 16.37 53.75 -56.73
C ASP A 170 17.49 53.62 -55.69
N PHE A 171 17.79 52.40 -55.24
CA PHE A 171 18.86 52.17 -54.29
C PHE A 171 18.76 53.11 -53.09
N ALA A 172 17.59 53.14 -52.48
CA ALA A 172 17.38 53.78 -51.18
C ALA A 172 17.70 55.28 -51.19
N LYS A 173 17.69 55.91 -52.37
CA LYS A 173 17.99 57.33 -52.38
C LYS A 173 16.74 58.19 -52.20
N ASN A 174 15.57 57.67 -52.56
CA ASN A 174 14.26 58.32 -52.36
C ASN A 174 13.21 57.28 -52.00
N PHE A 175 12.40 57.58 -51.00
CA PHE A 175 11.34 56.68 -50.56
C PHE A 175 9.97 57.32 -50.68
N VAL A 176 8.97 56.49 -50.89
CA VAL A 176 7.57 56.89 -50.89
C VAL A 176 6.89 56.24 -49.72
N GLN A 177 5.90 56.92 -49.14
CA GLN A 177 5.21 56.37 -47.99
C GLN A 177 3.88 55.77 -48.43
N THR A 178 3.68 54.51 -48.07
CA THR A 178 2.43 53.84 -48.40
C THR A 178 1.90 53.18 -47.14
N ASP A 179 0.60 53.32 -46.90
CA ASP A 179 0.01 52.65 -45.78
C ASP A 179 -0.55 51.30 -46.19
N LEU A 180 -0.44 50.37 -45.29
CA LEU A 180 -0.92 49.04 -45.62
C LEU A 180 -2.36 48.88 -45.15
N PRO A 181 -3.14 48.12 -45.89
CA PRO A 181 -4.46 47.71 -45.40
C PRO A 181 -4.46 46.47 -44.50
N PHE A 182 -3.33 46.22 -43.83
CA PHE A 182 -3.21 45.08 -42.93
C PHE A 182 -1.96 45.26 -42.08
N HIS A 183 -1.97 44.59 -40.93
CA HIS A 183 -0.76 44.44 -40.15
C HIS A 183 0.04 43.29 -40.71
N PRO A 184 1.26 43.52 -41.18
CA PRO A 184 2.07 42.42 -41.71
C PRO A 184 2.56 41.49 -40.60
N LEU A 185 2.32 40.20 -40.81
CA LEU A 185 2.82 39.18 -39.90
C LEU A 185 4.26 38.81 -40.22
N THR A 186 4.61 38.82 -41.51
CA THR A 186 5.91 38.42 -42.00
C THR A 186 6.44 39.49 -42.92
N GLN A 187 7.77 39.55 -43.06
CA GLN A 187 8.38 40.54 -43.94
C GLN A 187 7.87 40.41 -45.38
N MET A 188 8.14 41.44 -46.17
CA MET A 188 7.80 41.38 -47.58
C MET A 188 8.59 40.27 -48.29
N MET A 189 8.07 39.80 -49.43
CA MET A 189 8.67 38.72 -50.20
C MET A 189 8.66 39.08 -51.68
N TYR A 190 9.83 39.24 -52.28
CA TYR A 190 9.87 39.59 -53.70
C TYR A 190 9.74 38.35 -54.58
N SER A 191 9.17 38.53 -55.79
CA SER A 191 9.25 37.36 -56.68
C SER A 191 10.62 37.29 -57.33
N PRO A 192 11.22 36.10 -57.43
CA PRO A 192 12.50 36.00 -58.11
C PRO A 192 12.39 36.22 -59.60
N GLN A 193 11.22 36.03 -60.20
CA GLN A 193 11.12 36.33 -61.62
C GLN A 193 10.85 37.81 -61.89
N ASN A 194 10.16 38.50 -60.99
CA ASN A 194 9.80 39.90 -61.23
C ASN A 194 9.83 40.68 -59.92
N SER A 195 10.88 41.49 -59.76
CA SER A 195 11.11 42.27 -58.55
C SER A 195 10.00 43.26 -58.26
N ASP A 196 9.11 43.51 -59.23
CA ASP A 196 7.96 44.38 -59.02
C ASP A 196 6.85 43.73 -58.21
N TYR A 197 6.77 42.39 -58.22
CA TYR A 197 5.72 41.68 -57.48
C TYR A 197 6.21 41.45 -56.05
N LEU A 198 5.34 41.65 -55.08
CA LEU A 198 5.62 41.32 -53.68
C LEU A 198 4.47 40.53 -53.09
N LEU A 199 4.71 39.96 -51.92
CA LEU A 199 3.58 39.36 -51.21
C LEU A 199 3.89 39.21 -49.74
N ALA A 200 2.83 39.06 -48.95
CA ALA A 200 2.96 39.11 -47.51
C ALA A 200 1.70 38.59 -46.82
N LEU A 201 1.92 38.14 -45.60
CA LEU A 201 0.92 37.48 -44.77
C LEU A 201 0.56 38.43 -43.64
N SER A 202 -0.73 38.70 -43.50
CA SER A 202 -1.22 39.64 -42.50
C SER A 202 -1.43 38.95 -41.15
N THR A 203 -1.56 39.76 -40.10
CA THR A 203 -1.78 39.21 -38.76
C THR A 203 -3.07 38.40 -38.66
N GLU A 204 -3.98 38.53 -39.63
CA GLU A 204 -5.20 37.73 -39.66
C GLU A 204 -5.11 36.60 -40.68
N ASN A 205 -3.89 36.15 -40.95
CA ASN A 205 -3.63 35.06 -41.88
C ASN A 205 -4.17 35.39 -43.26
N GLY A 206 -4.00 36.65 -43.68
CA GLY A 206 -4.45 37.10 -44.98
C GLY A 206 -3.29 37.20 -45.93
N LEU A 207 -3.45 36.60 -47.10
CA LEU A 207 -2.41 36.64 -48.11
C LEU A 207 -2.67 37.84 -49.01
N TRP A 208 -1.66 38.69 -49.12
CA TRP A 208 -1.69 39.96 -49.84
C TRP A 208 -0.60 39.96 -50.92
N VAL A 209 -0.89 40.57 -52.08
CA VAL A 209 0.08 40.66 -53.16
C VAL A 209 0.12 42.10 -53.65
N SER A 210 1.13 42.39 -54.47
CA SER A 210 1.23 43.69 -55.12
C SER A 210 1.89 43.53 -56.48
N LYS A 211 1.19 43.90 -57.54
CA LYS A 211 1.83 43.84 -58.84
C LYS A 211 2.65 45.09 -59.15
N ASN A 212 2.47 46.16 -58.37
CA ASN A 212 3.11 47.44 -58.62
C ASN A 212 3.99 47.87 -57.44
N PHE A 213 4.89 46.97 -57.04
CA PHE A 213 5.92 47.19 -56.02
C PHE A 213 5.33 47.86 -54.75
N GLY A 214 4.48 47.09 -54.07
CA GLY A 214 3.88 47.49 -52.80
C GLY A 214 3.03 48.74 -52.84
N GLU A 215 2.75 49.28 -54.01
CA GLU A 215 1.89 50.46 -54.08
C GLU A 215 0.44 50.07 -53.87
N LYS A 216 -0.01 49.04 -54.57
CA LYS A 216 -1.38 48.57 -54.46
C LYS A 216 -1.37 47.14 -53.97
N TRP A 217 -2.08 46.91 -52.87
CA TRP A 217 -2.15 45.62 -52.22
C TRP A 217 -3.52 44.99 -52.42
N GLU A 218 -3.55 43.68 -52.63
CA GLU A 218 -4.76 42.93 -52.92
C GLU A 218 -4.73 41.66 -52.08
N GLU A 219 -5.82 41.39 -51.37
CA GLU A 219 -5.94 40.16 -50.60
C GLU A 219 -6.56 39.08 -51.49
N ILE A 220 -5.86 37.95 -51.63
CA ILE A 220 -6.30 36.89 -52.52
C ILE A 220 -6.74 35.63 -51.78
N HIS A 221 -6.33 35.43 -50.52
CA HIS A 221 -6.93 34.34 -49.76
C HIS A 221 -6.71 34.59 -48.28
N LYS A 222 -7.71 34.15 -47.49
CA LYS A 222 -7.90 34.60 -46.12
C LYS A 222 -7.66 33.51 -45.08
N ALA A 223 -7.34 32.28 -45.48
CA ALA A 223 -7.09 31.23 -44.51
C ALA A 223 -5.70 30.66 -44.66
N VAL A 224 -4.72 31.51 -44.95
CA VAL A 224 -3.40 31.04 -45.38
C VAL A 224 -2.48 30.84 -44.19
N CYS A 225 -1.95 29.62 -44.04
CA CYS A 225 -1.00 29.33 -42.98
C CYS A 225 0.42 29.76 -43.34
N LEU A 226 0.85 29.46 -44.56
CA LEU A 226 2.21 29.74 -45.02
C LEU A 226 2.17 29.93 -46.52
N ALA A 227 2.92 30.89 -47.03
CA ALA A 227 2.94 31.02 -48.48
C ALA A 227 4.34 31.35 -48.98
N LYS A 228 4.61 30.94 -50.22
CA LYS A 228 5.95 30.95 -50.77
C LYS A 228 5.90 31.15 -52.28
N TRP A 229 6.76 32.04 -52.76
CA TRP A 229 6.88 32.36 -54.17
C TRP A 229 7.33 31.14 -54.96
N GLY A 230 7.25 31.24 -56.29
CA GLY A 230 7.79 30.22 -57.17
C GLY A 230 8.33 30.74 -58.47
N PRO A 231 8.78 29.83 -59.33
CA PRO A 231 9.29 30.23 -60.63
C PRO A 231 8.19 30.74 -61.55
N ASN A 232 8.52 31.80 -62.29
CA ASN A 232 7.57 32.45 -63.18
C ASN A 232 6.36 32.96 -62.41
N ASN A 233 6.63 33.54 -61.23
CA ASN A 233 5.61 34.33 -60.54
C ASN A 233 4.40 33.48 -60.17
N ILE A 234 4.68 32.24 -59.77
CA ILE A 234 3.68 31.30 -59.25
C ILE A 234 3.77 31.33 -57.73
N ILE A 235 2.64 31.12 -57.07
CA ILE A 235 2.56 31.25 -55.61
C ILE A 235 1.91 30.01 -55.02
N PHE A 236 2.58 29.43 -54.03
CA PHE A 236 2.11 28.28 -53.28
C PHE A 236 1.69 28.73 -51.88
N PHE A 237 0.61 28.14 -51.36
CA PHE A 237 0.20 28.40 -49.98
C PHE A 237 -0.66 27.27 -49.43
N THR A 238 -0.85 27.29 -48.12
CA THR A 238 -1.69 26.34 -47.43
C THR A 238 -2.87 27.03 -46.74
N THR A 239 -4.02 26.36 -46.75
CA THR A 239 -5.30 26.86 -46.27
C THR A 239 -5.94 25.77 -45.41
N HIS A 240 -6.92 26.16 -44.61
CA HIS A 240 -7.67 25.23 -43.75
C HIS A 240 -9.09 25.76 -43.60
N VAL A 241 -9.78 25.32 -42.55
CA VAL A 241 -11.18 25.67 -42.35
C VAL A 241 -11.50 25.79 -40.86
N ASN A 242 -11.28 24.70 -40.12
CA ASN A 242 -11.71 24.56 -38.73
C ASN A 242 -10.62 25.09 -37.80
N GLY A 243 -10.95 26.13 -37.05
CA GLY A 243 -10.02 26.62 -36.04
C GLY A 243 -8.74 27.16 -36.64
N SER A 244 -7.63 26.77 -36.02
CA SER A 244 -6.30 27.31 -36.29
C SER A 244 -5.50 26.36 -37.20
N CYS A 245 -4.41 26.89 -37.75
CA CYS A 245 -3.48 26.03 -38.46
C CYS A 245 -2.78 25.05 -37.54
N LYS A 246 -2.49 25.47 -36.30
CA LYS A 246 -1.86 24.56 -35.36
C LYS A 246 -2.74 23.36 -35.03
N ALA A 247 -4.06 23.51 -35.22
CA ALA A 247 -5.03 22.45 -34.94
C ALA A 247 -5.35 21.59 -36.15
N ASP A 248 -5.02 22.07 -37.36
CA ASP A 248 -5.28 21.36 -38.60
C ASP A 248 -4.01 20.78 -39.24
N LEU A 249 -2.95 20.62 -38.45
CA LEU A 249 -1.74 19.93 -38.89
C LEU A 249 -2.06 18.51 -39.29
N GLY A 250 -1.78 18.18 -40.54
CA GLY A 250 -2.22 16.93 -41.12
C GLY A 250 -3.58 17.00 -41.76
N ALA A 251 -4.22 18.16 -41.77
CA ALA A 251 -5.49 18.31 -42.46
C ALA A 251 -5.50 19.55 -43.35
N LEU A 252 -4.33 20.16 -43.56
CA LEU A 252 -4.22 21.34 -44.43
C LEU A 252 -4.46 20.95 -45.89
N GLU A 253 -4.46 21.96 -46.75
CA GLU A 253 -4.65 21.79 -48.17
C GLU A 253 -3.62 22.65 -48.87
N LEU A 254 -3.04 22.15 -49.95
CA LEU A 254 -1.98 22.85 -50.65
C LEU A 254 -2.49 23.36 -52.00
N TRP A 255 -2.41 24.67 -52.18
CA TRP A 255 -3.00 25.42 -53.30
C TRP A 255 -1.91 26.13 -54.11
N ARG A 256 -2.31 26.64 -55.29
CA ARG A 256 -1.36 27.23 -56.24
C ARG A 256 -2.05 28.24 -57.15
N THR A 257 -1.35 29.34 -57.42
CA THR A 257 -1.87 30.40 -58.29
C THR A 257 -0.85 30.85 -59.31
N SER A 258 -1.20 30.78 -60.59
CA SER A 258 -0.32 31.27 -61.64
C SER A 258 -0.66 32.69 -62.07
N ASP A 259 -1.81 33.20 -61.65
CA ASP A 259 -2.34 34.48 -62.07
C ASP A 259 -2.28 35.52 -60.96
N LEU A 260 -1.26 35.42 -60.13
CA LEU A 260 -1.02 36.37 -59.06
C LEU A 260 -2.17 36.43 -58.07
N GLY A 261 -3.22 35.64 -58.29
CA GLY A 261 -4.29 35.49 -57.32
C GLY A 261 -5.65 35.34 -57.96
N LYS A 262 -5.71 35.42 -59.29
CA LYS A 262 -6.99 35.37 -60.00
C LYS A 262 -7.55 33.96 -59.99
N THR A 263 -6.74 32.98 -60.38
CA THR A 263 -7.14 31.58 -60.50
C THR A 263 -6.41 30.74 -59.45
N PHE A 264 -7.08 29.72 -58.93
CA PHE A 264 -6.53 28.85 -57.89
C PHE A 264 -6.56 27.40 -58.36
N LYS A 265 -5.83 26.53 -57.66
CA LYS A 265 -5.87 25.08 -57.92
C LYS A 265 -5.39 24.34 -56.69
N THR A 266 -6.27 23.50 -56.11
CA THR A 266 -5.95 22.66 -54.96
C THR A 266 -5.09 21.50 -55.42
N ILE A 267 -3.81 21.46 -55.02
CA ILE A 267 -2.92 20.42 -55.55
C ILE A 267 -2.69 19.28 -54.58
N GLY A 268 -3.04 19.44 -53.32
CA GLY A 268 -2.81 18.38 -52.35
C GLY A 268 -3.65 18.52 -51.11
N VAL A 269 -4.00 17.40 -50.49
CA VAL A 269 -4.85 17.39 -49.31
C VAL A 269 -4.07 16.69 -48.20
N LYS A 270 -4.61 16.78 -46.97
CA LYS A 270 -4.06 16.11 -45.79
C LYS A 270 -2.62 16.55 -45.45
N ILE A 271 -2.30 17.84 -45.72
CA ILE A 271 -0.90 18.32 -45.73
C ILE A 271 -0.42 18.67 -44.32
N TYR A 272 0.83 18.28 -44.02
CA TYR A 272 1.45 18.62 -42.74
C TYR A 272 2.35 19.83 -42.84
N SER A 273 3.20 19.87 -43.87
CA SER A 273 4.12 20.96 -44.14
C SER A 273 4.56 20.82 -45.60
N PHE A 274 5.24 21.84 -46.14
CA PHE A 274 5.65 21.79 -47.53
C PHE A 274 6.80 22.75 -47.73
N GLY A 275 7.52 22.56 -48.83
CA GLY A 275 8.65 23.43 -49.13
C GLY A 275 9.10 23.29 -50.56
N LEU A 276 9.99 24.21 -50.96
CA LEU A 276 10.54 24.25 -52.30
C LEU A 276 12.04 24.01 -52.26
N GLY A 277 12.55 23.50 -53.37
CA GLY A 277 13.97 23.30 -53.52
C GLY A 277 14.36 22.90 -54.92
N GLY A 278 15.37 23.60 -55.47
CA GLY A 278 15.84 23.32 -56.82
C GLY A 278 14.68 23.27 -57.79
N ARG A 279 14.58 22.16 -58.53
CA ARG A 279 13.43 21.93 -59.41
C ARG A 279 12.40 21.00 -58.79
N PHE A 280 12.35 20.94 -57.46
CA PHE A 280 11.49 20.02 -56.73
C PHE A 280 10.50 20.77 -55.83
N LEU A 281 9.28 20.25 -55.74
CA LEU A 281 8.34 20.67 -54.73
C LEU A 281 8.15 19.54 -53.72
N PHE A 282 8.20 19.86 -52.43
CA PHE A 282 8.05 18.88 -51.36
C PHE A 282 6.78 19.13 -50.57
N ALA A 283 6.34 18.09 -49.88
CA ALA A 283 5.08 18.11 -49.15
C ALA A 283 5.02 16.88 -48.25
N SER A 284 5.01 17.10 -46.95
CA SER A 284 4.84 16.06 -45.95
C SER A 284 3.34 15.77 -45.78
N VAL A 285 2.93 14.52 -46.01
CA VAL A 285 1.53 14.11 -46.00
C VAL A 285 1.26 13.19 -44.80
N MET A 286 0.08 13.29 -44.22
CA MET A 286 -0.35 12.32 -43.22
C MET A 286 -1.28 11.31 -43.87
N ALA A 287 -1.06 10.03 -43.56
CA ALA A 287 -1.93 8.96 -44.04
C ALA A 287 -3.30 9.00 -43.34
N ASP A 288 -3.30 8.94 -42.01
CA ASP A 288 -4.54 8.86 -41.23
C ASP A 288 -5.04 10.20 -40.78
N THR A 291 -1.86 6.92 -37.33
CA THR A 291 -1.42 8.00 -38.19
C THR A 291 0.06 7.82 -38.48
N THR A 292 0.48 8.29 -39.65
CA THR A 292 1.85 8.15 -40.14
C THR A 292 2.12 9.31 -41.08
N ARG A 293 3.40 9.63 -41.27
CA ARG A 293 3.79 10.80 -42.06
C ARG A 293 4.82 10.40 -43.10
N ARG A 294 4.59 10.76 -44.38
CA ARG A 294 5.40 10.37 -45.53
C ARG A 294 5.62 11.60 -46.39
N ILE A 295 6.71 11.61 -47.19
CA ILE A 295 7.13 12.77 -47.98
C ILE A 295 6.86 12.54 -49.46
N HIS A 296 6.31 13.54 -50.12
CA HIS A 296 5.95 13.45 -51.53
C HIS A 296 6.69 14.52 -52.33
N VAL A 297 6.98 14.22 -53.60
CA VAL A 297 7.77 15.11 -54.45
C VAL A 297 7.09 15.28 -55.81
N SER A 298 7.18 16.50 -56.33
CA SER A 298 6.72 16.77 -57.68
C SER A 298 7.63 17.78 -58.36
N THR A 299 7.95 17.48 -59.61
CA THR A 299 8.86 18.29 -60.41
C THR A 299 8.12 19.22 -61.36
N ASP A 300 6.82 19.03 -61.56
CA ASP A 300 6.02 19.83 -62.50
C ASP A 300 5.13 20.83 -61.78
N GLN A 301 5.66 21.48 -60.75
CA GLN A 301 4.96 22.52 -60.01
C GLN A 301 3.66 22.04 -59.41
N GLY A 302 3.51 20.73 -59.21
CA GLY A 302 2.40 20.19 -58.46
C GLY A 302 1.30 19.53 -59.25
N ASP A 303 1.53 19.22 -60.53
CA ASP A 303 0.51 18.53 -61.31
C ASP A 303 0.45 17.04 -60.98
N THR A 304 1.60 16.38 -60.91
CA THR A 304 1.70 14.98 -60.58
C THR A 304 2.72 14.79 -59.47
N TRP A 305 2.40 13.95 -58.51
CA TRP A 305 3.25 13.75 -57.36
C TRP A 305 3.77 12.32 -57.31
N SER A 306 4.79 12.09 -56.50
CA SER A 306 5.12 10.71 -56.15
C SER A 306 5.65 10.67 -54.73
N MET A 307 5.39 9.56 -54.03
CA MET A 307 5.92 9.36 -52.70
C MET A 307 7.39 8.95 -52.78
N ALA A 308 8.19 9.54 -51.90
CA ALA A 308 9.62 9.25 -51.83
C ALA A 308 9.87 7.80 -51.48
N GLN A 309 10.86 7.20 -52.14
CA GLN A 309 11.15 5.78 -51.99
C GLN A 309 12.46 5.57 -51.23
N LEU A 310 12.36 4.95 -50.06
CA LEU A 310 13.51 4.70 -49.23
C LEU A 310 13.69 3.21 -48.98
N PRO A 311 14.94 2.76 -48.83
CA PRO A 311 15.19 1.41 -48.35
C PRO A 311 15.20 1.33 -46.84
N SER A 312 14.65 0.22 -46.32
CA SER A 312 14.59 -0.03 -44.89
C SER A 312 13.64 0.96 -44.21
N GLN A 315 9.65 2.97 -41.01
CA GLN A 315 8.33 3.24 -40.45
C GLN A 315 8.46 4.23 -39.28
N GLU A 316 7.38 5.00 -39.03
CA GLU A 316 7.30 6.07 -38.03
C GLU A 316 8.62 6.81 -37.81
N GLN A 317 9.35 7.07 -38.90
CA GLN A 317 10.61 7.79 -38.85
C GLN A 317 10.35 9.26 -39.16
N PHE A 318 11.32 10.10 -38.84
CA PHE A 318 11.17 11.54 -39.07
C PHE A 318 12.06 11.97 -40.21
N TYR A 319 11.45 12.64 -41.17
CA TYR A 319 12.09 13.04 -42.41
C TYR A 319 12.58 14.47 -42.24
N SER A 320 13.48 14.87 -43.13
CA SER A 320 14.00 16.24 -43.25
C SER A 320 14.75 16.35 -44.58
N ILE A 321 14.61 17.47 -45.27
CA ILE A 321 15.35 17.73 -46.51
C ILE A 321 16.53 18.61 -46.19
N LEU A 322 17.68 18.28 -46.78
CA LEU A 322 18.95 18.89 -46.42
C LEU A 322 19.38 19.91 -47.46
N ALA A 323 19.30 19.55 -48.73
CA ALA A 323 19.40 20.51 -49.82
C ALA A 323 18.81 19.89 -51.08
N ALA A 324 18.79 20.69 -52.14
CA ALA A 324 18.26 20.24 -53.42
C ALA A 324 18.43 21.36 -54.42
N ASN A 325 18.73 20.96 -55.65
CA ASN A 325 19.14 21.87 -56.71
C ASN A 325 18.47 21.33 -57.97
N GLU A 326 19.01 21.74 -59.13
CA GLU A 326 18.45 21.33 -60.41
C GLU A 326 18.76 19.86 -60.76
N ASP A 327 19.64 19.17 -60.02
CA ASP A 327 20.02 17.79 -60.29
C ASP A 327 19.45 16.80 -59.28
N MET A 328 19.78 16.94 -58.00
CA MET A 328 19.47 15.92 -57.00
C MET A 328 19.00 16.56 -55.70
N VAL A 329 18.83 15.71 -54.68
CA VAL A 329 18.14 16.06 -53.44
C VAL A 329 18.76 15.30 -52.29
N PHE A 330 19.00 15.98 -51.16
CA PHE A 330 19.60 15.34 -49.99
C PHE A 330 18.56 15.21 -48.89
N MET A 331 18.35 13.99 -48.39
CA MET A 331 17.41 13.82 -47.31
C MET A 331 18.07 13.17 -46.10
N HIS A 332 17.67 13.64 -44.92
CA HIS A 332 18.08 13.07 -43.64
C HIS A 332 16.90 12.37 -42.96
N VAL A 333 17.14 11.19 -42.41
CA VAL A 333 16.11 10.42 -41.75
C VAL A 333 16.63 9.97 -40.39
N ASP A 334 16.02 10.50 -39.33
CA ASP A 334 16.32 10.11 -37.96
C ASP A 334 16.21 8.60 -37.79
N GLU A 335 17.21 8.03 -37.15
CA GLU A 335 17.17 6.62 -36.84
C GLU A 335 16.04 6.34 -35.87
N PRO A 336 15.25 5.29 -36.11
CA PRO A 336 14.19 4.93 -35.15
C PRO A 336 14.73 4.80 -33.74
N GLY A 337 14.13 5.54 -32.81
CA GLY A 337 14.60 5.66 -31.46
C GLY A 337 15.06 7.04 -31.06
N ASP A 338 14.96 8.04 -31.94
CA ASP A 338 15.43 9.39 -31.67
C ASP A 338 16.72 9.37 -30.85
N THR A 339 17.74 8.69 -31.40
CA THR A 339 19.02 8.43 -30.74
C THR A 339 20.02 9.57 -30.90
N GLY A 340 19.64 10.65 -31.59
CA GLY A 340 20.51 11.77 -31.84
C GLY A 340 21.32 11.68 -33.12
N PHE A 341 21.14 10.62 -33.91
CA PHE A 341 21.78 10.52 -35.21
C PHE A 341 20.84 9.87 -36.23
N GLY A 342 21.15 10.14 -37.50
CA GLY A 342 20.38 9.64 -38.61
C GLY A 342 21.24 9.19 -39.79
N THR A 343 20.68 9.25 -41.00
CA THR A 343 21.22 8.65 -42.21
C THR A 343 20.82 9.56 -43.37
N ILE A 344 21.78 9.84 -44.28
CA ILE A 344 21.54 10.76 -45.40
C ILE A 344 21.31 9.95 -46.66
N PHE A 345 20.31 10.33 -47.45
CA PHE A 345 19.98 9.67 -48.71
C PHE A 345 20.02 10.68 -49.85
N THR A 346 20.48 10.28 -51.04
CA THR A 346 20.46 11.11 -52.25
C THR A 346 19.46 10.57 -53.27
N SER A 347 18.90 11.44 -54.05
CA SER A 347 17.96 11.00 -55.06
C SER A 347 18.62 11.03 -56.43
N ASP A 348 17.80 10.74 -57.43
CA ASP A 348 18.19 10.81 -58.82
C ASP A 348 17.72 12.16 -59.39
N ASP A 349 17.78 12.30 -60.71
CA ASP A 349 17.42 13.57 -61.30
C ASP A 349 15.94 13.89 -61.18
N ARG A 350 15.11 12.90 -60.78
CA ARG A 350 13.68 13.11 -60.60
C ARG A 350 13.23 13.18 -59.15
N GLY A 351 14.14 13.04 -58.20
CA GLY A 351 13.88 13.31 -56.79
C GLY A 351 13.03 12.27 -56.09
N ILE A 352 13.02 11.02 -56.58
CA ILE A 352 12.13 9.98 -56.09
C ILE A 352 12.90 8.83 -55.47
N VAL A 353 13.97 8.36 -56.15
CA VAL A 353 14.64 7.09 -55.79
C VAL A 353 15.90 7.35 -54.96
N TYR A 354 15.83 7.02 -53.68
CA TYR A 354 16.81 7.41 -52.67
C TYR A 354 17.63 6.20 -52.29
N SER A 355 18.88 6.45 -51.86
CA SER A 355 19.92 5.45 -51.74
C SER A 355 20.92 5.90 -50.69
N LYS A 356 21.23 4.98 -49.76
CA LYS A 356 22.06 5.32 -48.59
C LYS A 356 23.33 6.08 -48.99
N SER A 357 23.58 7.21 -48.36
CA SER A 357 24.81 7.92 -48.68
C SER A 357 25.72 8.13 -47.48
N LEU A 358 25.17 8.43 -46.30
CA LEU A 358 25.99 8.59 -45.11
C LEU A 358 25.20 8.23 -43.86
N ASP A 359 25.68 7.22 -43.13
CA ASP A 359 25.11 6.71 -41.89
C ASP A 359 25.54 7.55 -40.68
N ARG A 360 24.86 7.32 -39.56
CA ARG A 360 25.21 7.97 -38.30
C ARG A 360 25.43 9.47 -38.46
N HIS A 361 24.43 10.14 -39.02
CA HIS A 361 24.46 11.58 -39.20
C HIS A 361 23.80 12.28 -38.02
N LEU A 362 24.55 13.17 -37.37
CA LEU A 362 24.09 13.80 -36.14
C LEU A 362 23.03 14.82 -36.43
N TYR A 363 22.01 14.85 -35.58
CA TYR A 363 20.99 15.90 -35.64
C TYR A 363 20.59 16.24 -34.21
N THR A 364 20.12 17.46 -34.03
CA THR A 364 19.77 17.94 -32.70
C THR A 364 18.33 17.57 -32.35
N THR A 365 18.15 16.89 -31.21
CA THR A 365 16.84 16.35 -30.89
C THR A 365 15.77 17.41 -31.04
N THR A 366 16.01 18.58 -30.45
CA THR A 366 15.05 19.69 -30.49
C THR A 366 15.36 20.58 -31.69
N GLY A 367 14.74 20.30 -32.83
CA GLY A 367 14.93 21.19 -33.95
C GLY A 367 15.53 20.53 -35.17
N GLY A 368 16.34 19.50 -34.94
CA GLY A 368 16.91 18.75 -36.04
C GLY A 368 17.91 19.47 -36.90
N GLU A 369 18.74 20.32 -36.31
CA GLU A 369 19.73 21.02 -37.07
C GLU A 369 20.95 20.14 -37.19
N THR A 370 21.60 20.23 -38.34
CA THR A 370 22.74 19.40 -38.67
C THR A 370 23.83 20.26 -39.25
N ASP A 371 25.00 19.65 -39.40
CA ASP A 371 26.15 20.41 -39.82
C ASP A 371 26.28 20.52 -41.34
N PHE A 372 25.48 19.77 -42.11
CA PHE A 372 25.55 19.79 -43.58
C PHE A 372 25.88 21.18 -44.11
N THR A 373 26.87 21.28 -44.99
CA THR A 373 27.19 22.60 -45.53
C THR A 373 27.63 22.45 -46.99
N ASN A 374 27.20 23.39 -47.83
CA ASN A 374 27.46 23.35 -49.27
C ASN A 374 28.65 24.25 -49.56
N VAL A 375 29.77 23.65 -49.92
CA VAL A 375 30.91 24.48 -50.24
C VAL A 375 30.65 25.01 -51.64
N THR A 376 29.98 26.16 -51.69
CA THR A 376 29.73 26.92 -52.90
C THR A 376 31.01 27.43 -53.53
N SER A 377 32.14 27.33 -52.84
CA SER A 377 33.36 27.71 -53.52
C SER A 377 33.96 26.58 -54.35
N LEU A 378 33.45 25.35 -54.24
CA LEU A 378 33.87 24.31 -55.18
C LEU A 378 32.67 23.49 -55.61
N ARG A 379 32.52 23.27 -56.91
CA ARG A 379 31.40 22.46 -57.36
C ARG A 379 31.55 21.05 -56.82
N GLY A 380 30.50 20.56 -56.17
CA GLY A 380 30.43 19.13 -55.84
C GLY A 380 30.97 18.77 -54.48
N VAL A 381 31.14 19.77 -53.61
CA VAL A 381 31.77 19.60 -52.30
C VAL A 381 30.75 19.93 -51.24
N TYR A 382 30.61 19.05 -50.22
CA TYR A 382 29.75 19.23 -49.05
C TYR A 382 30.45 18.60 -47.84
N ILE A 383 30.15 19.14 -46.64
CA ILE A 383 30.80 18.80 -45.37
C ILE A 383 29.73 18.69 -44.28
N THR A 384 29.77 17.62 -43.48
CA THR A 384 28.87 17.52 -42.31
C THR A 384 29.60 16.78 -41.17
N SER A 385 28.83 16.30 -40.18
CA SER A 385 29.43 15.77 -38.97
C SER A 385 28.64 14.56 -38.48
N THR A 386 29.37 13.47 -38.22
CA THR A 386 28.78 12.16 -37.93
C THR A 386 29.32 11.59 -36.62
N LEU A 387 28.64 10.55 -36.13
CA LEU A 387 29.00 9.90 -34.88
C LEU A 387 29.68 8.58 -35.15
N SER A 388 30.99 8.50 -34.87
CA SER A 388 31.78 7.31 -35.13
C SER A 388 31.25 6.14 -34.31
N GLU A 389 31.89 4.99 -34.45
CA GLU A 389 31.60 3.88 -33.55
C GLU A 389 32.08 4.16 -32.12
N ASP A 390 33.09 5.01 -31.98
CA ASP A 390 33.66 5.36 -30.69
C ASP A 390 32.96 6.52 -30.00
N ASN A 391 31.76 6.89 -30.46
CA ASN A 391 30.99 8.01 -29.90
C ASN A 391 31.81 9.28 -29.83
N SER A 392 32.65 9.49 -30.83
CA SER A 392 33.40 10.72 -31.01
C SER A 392 32.91 11.39 -32.27
N ILE A 393 32.80 12.68 -32.22
CA ILE A 393 32.27 13.44 -33.34
C ILE A 393 33.33 13.61 -34.39
N GLN A 394 32.95 13.38 -35.64
CA GLN A 394 33.92 13.45 -36.73
C GLN A 394 33.32 14.19 -37.91
N SER A 395 34.16 14.93 -38.60
CA SER A 395 33.76 15.64 -39.80
C SER A 395 34.01 14.73 -41.00
N MET A 396 33.00 14.66 -41.88
CA MET A 396 33.03 13.88 -43.11
C MET A 396 32.75 14.77 -44.32
N ILE A 397 33.52 14.58 -45.38
CA ILE A 397 33.44 15.41 -46.58
C ILE A 397 33.36 14.49 -47.80
N THR A 398 32.61 14.96 -48.81
CA THR A 398 32.50 14.35 -50.13
C THR A 398 32.89 15.36 -51.20
N PHE A 399 33.64 14.90 -52.22
CA PHE A 399 33.96 15.73 -53.37
C PHE A 399 33.21 15.32 -54.63
N ASP A 400 32.20 14.46 -54.51
CA ASP A 400 31.49 13.94 -55.67
C ASP A 400 29.99 13.96 -55.41
N GLN A 401 29.52 15.08 -54.83
CA GLN A 401 28.09 15.37 -54.63
C GLN A 401 27.37 14.24 -53.89
N GLY A 402 27.92 13.88 -52.72
CA GLY A 402 27.37 12.84 -51.86
C GLY A 402 27.62 11.41 -52.30
N GLY A 403 28.60 11.16 -53.20
CA GLY A 403 28.80 9.82 -53.69
C GLY A 403 29.64 8.96 -52.75
N ARG A 404 30.66 9.58 -52.16
CA ARG A 404 31.53 8.85 -51.25
C ARG A 404 32.15 9.82 -50.27
N TRP A 405 31.88 9.61 -48.99
CA TRP A 405 32.32 10.50 -47.92
C TRP A 405 33.66 10.03 -47.35
N GLU A 406 34.48 10.98 -46.88
CA GLU A 406 35.82 10.67 -46.36
C GLU A 406 36.09 11.51 -45.12
N HIS A 407 36.76 10.95 -44.12
CA HIS A 407 37.07 11.75 -42.95
C HIS A 407 37.89 12.95 -43.38
N LEU A 408 37.70 14.02 -42.64
CA LEU A 408 38.35 15.27 -42.93
C LEU A 408 39.79 15.22 -42.44
N ARG A 409 40.74 15.45 -43.34
CA ARG A 409 42.16 15.34 -43.00
C ARG A 409 42.54 16.27 -41.84
N LYS A 410 43.31 15.75 -40.89
CA LYS A 410 43.78 16.60 -39.82
C LYS A 410 44.70 17.68 -40.40
N PRO A 411 44.79 18.84 -39.76
CA PRO A 411 45.66 19.89 -40.29
C PRO A 411 47.14 19.53 -40.20
N GLU A 412 47.89 19.98 -41.21
CA GLU A 412 49.33 19.83 -41.15
C GLU A 412 49.93 20.91 -40.24
N ASN A 413 51.19 20.72 -39.88
CA ASN A 413 51.93 21.68 -39.04
C ASN A 413 51.28 21.86 -37.67
N SER A 414 50.31 21.01 -37.35
CA SER A 414 49.62 20.98 -36.06
C SER A 414 49.65 19.52 -35.64
N LYS A 415 50.84 19.04 -35.27
CA LYS A 415 51.07 17.65 -34.92
C LYS A 415 50.61 17.42 -33.48
N CYS A 416 49.29 17.34 -33.34
CA CYS A 416 48.69 16.99 -32.07
C CYS A 416 49.00 15.53 -31.71
N ASP A 417 48.84 14.60 -32.67
CA ASP A 417 49.19 13.15 -32.56
C ASP A 417 48.73 12.43 -31.28
N LYS A 421 48.51 9.76 -27.54
CA LYS A 421 47.33 10.27 -26.85
C LYS A 421 46.03 9.57 -27.28
N ASN A 422 45.57 9.87 -28.49
CA ASN A 422 44.37 9.20 -29.01
C ASN A 422 44.26 9.41 -30.51
N LYS A 423 43.68 8.41 -31.18
CA LYS A 423 43.48 8.50 -32.62
C LYS A 423 42.30 9.40 -32.96
N ASN A 424 41.16 9.25 -32.30
CA ASN A 424 40.03 10.15 -32.54
C ASN A 424 40.36 11.57 -32.13
N GLU A 425 41.23 11.76 -31.14
CA GLU A 425 41.73 13.08 -30.82
C GLU A 425 42.62 13.58 -31.95
N CYS A 426 42.80 14.90 -32.03
CA CYS A 426 43.49 15.60 -33.11
C CYS A 426 42.70 15.58 -34.41
N SER A 427 41.49 15.03 -34.42
CA SER A 427 40.67 15.09 -35.61
C SER A 427 40.01 16.44 -35.61
N LEU A 428 39.98 17.07 -36.79
CA LEU A 428 39.36 18.38 -36.97
C LEU A 428 37.84 18.21 -37.06
N HIS A 429 37.12 18.83 -36.16
CA HIS A 429 35.67 18.89 -36.25
C HIS A 429 35.35 20.29 -36.73
N ILE A 430 34.57 20.40 -37.80
CA ILE A 430 34.12 21.71 -38.28
C ILE A 430 32.75 22.03 -37.70
N HIS A 431 32.62 23.24 -37.17
CA HIS A 431 31.41 23.66 -36.50
C HIS A 431 30.49 24.32 -37.51
N ALA A 432 29.25 23.80 -37.60
CA ALA A 432 28.14 24.40 -38.35
C ALA A 432 26.85 24.44 -37.52
N SER A 433 25.70 24.23 -38.18
CA SER A 433 24.41 24.42 -37.53
C SER A 433 24.19 23.49 -36.33
N TYR A 434 24.63 22.24 -36.41
CA TYR A 434 24.51 21.37 -35.23
C TYR A 434 25.25 21.96 -34.05
N SER A 435 26.45 22.49 -34.30
CA SER A 435 27.29 23.04 -33.24
C SER A 435 26.70 24.30 -32.64
N ILE A 436 26.02 25.13 -33.45
CA ILE A 436 25.27 26.26 -32.93
C ILE A 436 24.11 25.80 -32.08
N SER A 437 23.29 24.87 -32.61
CA SER A 437 22.21 24.26 -31.84
C SER A 437 22.70 23.80 -30.49
N GLN A 438 23.89 23.20 -30.42
CA GLN A 438 24.41 22.74 -29.15
C GLN A 438 25.10 23.86 -28.37
N LYS A 439 24.85 25.12 -28.74
CA LYS A 439 25.22 26.28 -27.94
C LYS A 439 26.72 26.30 -27.66
N LEU A 440 27.51 25.84 -28.62
CA LEU A 440 28.95 26.01 -28.50
C LEU A 440 29.33 27.42 -28.88
N ASN A 441 30.55 27.80 -28.50
CA ASN A 441 31.02 29.17 -28.69
C ASN A 441 31.49 29.32 -30.14
N VAL A 442 30.51 29.43 -31.06
CA VAL A 442 30.79 29.49 -32.50
C VAL A 442 30.05 30.64 -33.17
N PRO A 443 30.68 31.80 -33.35
CA PRO A 443 29.93 32.95 -33.86
C PRO A 443 29.39 32.76 -35.27
N MET A 444 30.12 32.16 -36.20
CA MET A 444 29.65 32.04 -37.58
C MET A 444 29.80 30.63 -38.11
N ALA A 445 28.93 30.29 -39.04
CA ALA A 445 29.08 29.07 -39.80
C ALA A 445 30.16 29.22 -40.85
N PRO A 446 30.60 28.10 -41.40
CA PRO A 446 31.37 28.08 -42.66
C PRO A 446 30.92 29.08 -43.73
N LEU A 447 31.90 29.75 -44.31
CA LEU A 447 31.65 30.80 -45.28
C LEU A 447 32.41 30.51 -46.57
N SER A 448 31.76 30.70 -47.73
CA SER A 448 32.37 30.47 -49.04
C SER A 448 31.64 31.28 -50.11
N GLU A 449 32.38 31.68 -51.13
CA GLU A 449 31.76 32.45 -52.22
C GLU A 449 32.05 31.77 -53.56
N PRO A 450 31.03 31.56 -54.41
CA PRO A 450 31.30 30.97 -55.72
C PRO A 450 32.29 31.78 -56.56
N ASN A 451 32.45 33.08 -56.29
CA ASN A 451 33.49 33.81 -56.98
C ASN A 451 34.87 33.39 -56.52
N ALA A 452 35.02 33.16 -55.21
CA ALA A 452 36.31 32.81 -54.63
C ALA A 452 36.46 31.29 -54.66
N VAL A 453 36.98 30.78 -55.78
CA VAL A 453 37.05 29.34 -56.01
C VAL A 453 38.02 28.70 -55.04
N GLY A 454 37.55 27.68 -54.32
CA GLY A 454 38.36 26.96 -53.37
C GLY A 454 38.41 27.54 -51.97
N ILE A 455 38.05 28.82 -51.80
CA ILE A 455 38.27 29.47 -50.52
C ILE A 455 37.16 29.04 -49.59
N VAL A 456 37.56 28.57 -48.40
CA VAL A 456 36.66 28.19 -47.32
C VAL A 456 37.30 28.66 -46.02
N ILE A 457 36.45 29.15 -45.11
CA ILE A 457 36.85 29.59 -43.78
C ILE A 457 35.76 29.14 -42.81
N ALA A 458 36.14 28.60 -41.66
CA ALA A 458 35.15 28.28 -40.64
C ALA A 458 35.85 28.06 -39.30
N HIS A 459 35.07 27.53 -38.35
CA HIS A 459 35.49 27.36 -36.96
C HIS A 459 35.66 25.88 -36.68
N GLY A 460 36.74 25.51 -35.96
CA GLY A 460 37.10 24.12 -35.77
C GLY A 460 37.71 23.82 -34.40
N SER A 461 37.90 22.53 -34.15
CA SER A 461 38.35 22.07 -32.84
C SER A 461 39.09 20.75 -32.95
N VAL A 462 39.96 20.53 -31.96
CA VAL A 462 40.58 19.24 -31.72
C VAL A 462 39.59 18.52 -30.81
N GLY A 463 39.85 17.24 -30.53
CA GLY A 463 38.89 16.49 -29.73
C GLY A 463 38.94 16.72 -28.23
N ASP A 464 39.46 17.87 -27.78
CA ASP A 464 39.54 18.19 -26.35
C ASP A 464 38.41 19.13 -25.99
N ALA A 465 37.86 18.96 -24.79
CA ALA A 465 36.74 19.80 -24.38
C ALA A 465 37.18 21.24 -24.13
N ILE A 466 38.48 21.46 -23.92
CA ILE A 466 38.99 22.82 -23.80
C ILE A 466 38.95 23.52 -25.15
N SER A 467 39.45 22.84 -26.20
CA SER A 467 39.43 23.38 -27.54
C SER A 467 38.01 23.53 -28.07
N VAL A 468 37.07 22.70 -27.63
CA VAL A 468 35.68 22.89 -28.00
C VAL A 468 35.17 24.22 -27.48
N MET A 469 35.55 24.56 -26.24
CA MET A 469 35.05 25.79 -25.61
C MET A 469 35.57 27.03 -26.32
N VAL A 470 36.82 27.01 -26.76
CA VAL A 470 37.39 28.12 -27.52
C VAL A 470 37.84 27.59 -28.88
N PRO A 471 36.91 27.45 -29.83
CA PRO A 471 37.27 27.01 -31.19
C PRO A 471 38.26 27.97 -31.80
N ASP A 472 38.93 27.49 -32.83
CA ASP A 472 39.81 28.35 -33.62
C ASP A 472 39.21 28.51 -35.01
N VAL A 473 39.89 29.29 -35.86
CA VAL A 473 39.46 29.48 -37.26
C VAL A 473 40.46 28.81 -38.18
N TYR A 474 39.93 28.03 -39.13
CA TYR A 474 40.77 27.33 -40.08
C TYR A 474 40.38 27.82 -41.47
N ILE A 475 41.26 27.54 -42.43
CA ILE A 475 41.19 28.03 -43.79
C ILE A 475 41.46 26.84 -44.68
N SER A 476 40.68 26.71 -45.74
CA SER A 476 41.05 25.76 -46.80
C SER A 476 41.14 26.49 -48.12
N ASP A 477 42.19 26.22 -48.88
CA ASP A 477 42.31 26.84 -50.17
C ASP A 477 42.02 25.87 -51.28
N ASP A 478 41.59 24.65 -50.93
CA ASP A 478 41.46 23.58 -51.91
C ASP A 478 40.09 22.93 -51.84
N GLY A 479 39.10 23.67 -51.36
CA GLY A 479 37.75 23.16 -51.23
C GLY A 479 37.48 22.25 -50.07
N GLY A 480 38.29 22.31 -49.01
CA GLY A 480 38.14 21.42 -47.87
C GLY A 480 39.00 20.18 -47.91
N TYR A 481 39.84 19.99 -48.93
CA TYR A 481 40.79 18.88 -48.85
C TYR A 481 41.77 19.12 -47.69
N SER A 482 42.60 20.17 -47.78
CA SER A 482 43.53 20.49 -46.70
C SER A 482 43.10 21.75 -45.93
N TRP A 483 43.39 21.77 -44.62
CA TRP A 483 43.02 22.85 -43.71
C TRP A 483 44.18 23.31 -42.84
N ALA A 484 44.10 24.55 -42.37
CA ALA A 484 45.18 25.09 -41.58
C ALA A 484 44.64 26.03 -40.50
N LYS A 485 45.08 25.81 -39.25
CA LYS A 485 44.75 26.73 -38.16
C LYS A 485 45.42 28.06 -38.45
N MET A 486 44.62 29.10 -38.63
CA MET A 486 45.20 30.39 -38.93
C MET A 486 44.99 31.45 -37.86
N LEU A 487 43.90 31.35 -37.08
CA LEU A 487 43.58 32.36 -36.07
C LEU A 487 43.14 31.71 -34.75
N GLU A 488 43.71 32.17 -33.64
CA GLU A 488 43.39 31.64 -32.31
C GLU A 488 42.11 32.30 -31.83
N GLY A 489 41.08 31.49 -31.56
CA GLY A 489 39.84 32.00 -30.99
C GLY A 489 38.75 32.27 -31.99
N PRO A 490 37.50 32.35 -31.52
CA PRO A 490 36.38 32.63 -32.44
C PRO A 490 36.43 34.04 -33.00
N HIS A 491 36.00 34.17 -34.25
CA HIS A 491 36.04 35.44 -34.96
C HIS A 491 34.79 35.57 -35.82
N TYR A 492 34.42 36.82 -36.14
CA TYR A 492 33.51 37.10 -37.24
C TYR A 492 34.36 37.32 -38.47
N TYR A 493 33.97 36.75 -39.60
CA TYR A 493 34.78 36.84 -40.81
C TYR A 493 33.91 37.13 -42.04
N THR A 494 34.53 37.70 -43.08
CA THR A 494 33.79 37.98 -44.30
C THR A 494 34.72 38.14 -45.48
N ILE A 495 34.16 37.94 -46.68
CA ILE A 495 34.88 37.77 -47.95
C ILE A 495 34.43 38.83 -48.94
N LEU A 496 35.38 39.52 -49.56
CA LEU A 496 35.04 40.44 -50.63
C LEU A 496 36.20 40.53 -51.62
N ASP A 497 35.89 41.12 -52.78
CA ASP A 497 36.82 41.22 -53.91
C ASP A 497 37.00 39.87 -54.60
N SER A 498 36.01 39.00 -54.45
CA SER A 498 36.02 37.67 -55.08
C SER A 498 37.18 36.83 -54.52
N GLY A 499 37.40 36.88 -53.21
CA GLY A 499 38.47 36.15 -52.56
C GLY A 499 39.73 36.96 -52.32
N GLY A 500 39.82 38.16 -52.90
CA GLY A 500 41.05 38.94 -52.80
C GLY A 500 41.31 39.51 -51.43
N ILE A 501 40.27 39.80 -50.65
CA ILE A 501 40.43 40.35 -49.31
C ILE A 501 39.57 39.57 -48.34
N ILE A 502 40.17 39.13 -47.23
CA ILE A 502 39.50 38.38 -46.18
C ILE A 502 39.76 39.08 -44.85
N VAL A 503 38.69 39.51 -44.20
CA VAL A 503 38.77 40.27 -42.96
C VAL A 503 38.06 39.50 -41.86
N ALA A 504 38.61 39.58 -40.64
CA ALA A 504 38.02 38.97 -39.46
C ALA A 504 38.22 39.86 -38.24
N ILE A 505 37.39 39.63 -37.21
CA ILE A 505 37.24 40.49 -36.05
C ILE A 505 37.03 39.61 -34.82
N GLU A 506 37.78 39.87 -33.75
CA GLU A 506 37.74 39.02 -32.56
C GLU A 506 36.35 39.01 -31.93
N HIS A 507 35.97 37.87 -31.35
CA HIS A 507 34.66 37.70 -30.69
C HIS A 507 34.90 37.52 -29.20
N SER A 508 34.62 38.56 -28.41
CA SER A 508 34.92 38.53 -26.99
C SER A 508 33.95 39.43 -26.25
N ASN A 509 34.14 39.49 -24.93
CA ASN A 509 33.49 40.46 -24.06
C ASN A 509 34.20 41.81 -24.06
N ARG A 510 35.51 41.86 -24.30
CA ARG A 510 36.18 43.14 -24.22
C ARG A 510 36.00 43.94 -25.51
N PRO A 511 36.00 45.26 -25.41
CA PRO A 511 35.98 46.09 -26.62
C PRO A 511 37.26 45.94 -27.41
N ILE A 512 37.13 46.09 -28.72
CA ILE A 512 38.18 45.72 -29.65
C ILE A 512 38.47 46.92 -30.53
N ASN A 513 39.65 46.90 -31.14
CA ASN A 513 40.01 47.99 -32.03
C ASN A 513 40.97 47.50 -33.08
N VAL A 514 40.91 46.21 -33.39
CA VAL A 514 41.87 45.63 -34.29
C VAL A 514 41.14 44.86 -35.38
N ILE A 515 41.54 45.10 -36.63
CA ILE A 515 41.08 44.36 -37.78
C ILE A 515 42.21 43.42 -38.19
N LYS A 516 41.88 42.16 -38.45
CA LYS A 516 42.78 41.21 -39.08
C LYS A 516 42.33 41.02 -40.53
N PHE A 517 43.23 41.16 -41.49
CA PHE A 517 42.90 41.04 -42.90
C PHE A 517 43.93 40.18 -43.60
N SER A 518 43.57 39.63 -44.76
CA SER A 518 44.51 38.84 -45.54
C SER A 518 44.30 39.07 -47.02
N THR A 519 45.40 39.31 -47.71
CA THR A 519 45.38 39.66 -49.12
C THR A 519 45.78 38.53 -50.05
N ASP A 520 46.16 37.36 -49.51
CA ASP A 520 46.63 36.22 -50.30
C ASP A 520 45.77 34.99 -50.07
N GLU A 521 44.45 35.20 -49.99
CA GLU A 521 43.46 34.14 -49.87
C GLU A 521 43.60 33.35 -48.57
N GLY A 522 43.96 34.05 -47.49
CA GLY A 522 44.03 33.43 -46.19
C GLY A 522 45.37 32.88 -45.79
N GLN A 523 46.41 32.98 -46.63
CA GLN A 523 47.68 32.36 -46.26
C GLN A 523 48.48 33.21 -45.28
N CYS A 524 48.67 34.51 -45.54
CA CYS A 524 49.31 35.43 -44.60
C CYS A 524 48.29 36.41 -44.05
N TRP A 525 48.43 36.74 -42.77
CA TRP A 525 47.53 37.70 -42.13
C TRP A 525 48.29 38.86 -41.52
N GLN A 526 47.53 39.90 -41.19
CA GLN A 526 48.04 41.16 -40.68
C GLN A 526 46.91 41.86 -39.93
N SER A 527 47.26 42.51 -38.82
CA SER A 527 46.33 43.27 -38.01
C SER A 527 46.50 44.76 -38.28
N TYR A 528 45.41 45.52 -38.10
CA TYR A 528 45.43 46.96 -38.23
C TYR A 528 44.51 47.57 -37.18
N VAL A 529 45.06 48.38 -36.29
CA VAL A 529 44.25 49.05 -35.27
C VAL A 529 43.60 50.27 -35.91
N PHE A 530 42.32 50.16 -36.21
CA PHE A 530 41.60 51.20 -36.92
C PHE A 530 41.04 52.29 -36.01
N THR A 531 41.25 52.20 -34.70
CA THR A 531 40.79 53.26 -33.81
C THR A 531 41.49 53.15 -32.46
N GLN A 532 41.87 54.30 -31.92
CA GLN A 532 42.43 54.33 -30.58
C GLN A 532 41.37 54.27 -29.51
N GLU A 533 40.11 54.37 -29.91
CA GLU A 533 38.96 54.28 -29.02
C GLU A 533 38.31 52.91 -29.18
N PRO A 534 38.75 51.89 -28.43
CA PRO A 534 38.16 50.56 -28.61
C PRO A 534 36.67 50.65 -28.45
N ILE A 535 35.98 49.75 -29.13
CA ILE A 535 34.52 49.75 -29.18
C ILE A 535 34.04 48.32 -29.01
N TYR A 536 32.83 48.17 -28.48
CA TYR A 536 32.19 46.87 -28.40
C TYR A 536 31.64 46.51 -29.76
N PHE A 537 31.83 45.25 -30.19
CA PHE A 537 31.51 44.89 -31.56
C PHE A 537 30.04 44.53 -31.71
N THR A 538 29.50 44.84 -32.90
CA THR A 538 28.10 44.61 -33.22
C THR A 538 27.92 44.03 -34.61
N GLY A 539 28.68 44.50 -35.60
CA GLY A 539 28.41 44.05 -36.96
C GLY A 539 29.47 44.44 -37.96
N LEU A 540 29.52 43.66 -39.05
CA LEU A 540 30.53 43.82 -40.09
C LEU A 540 29.89 43.52 -41.44
N ALA A 541 29.95 44.49 -42.35
CA ALA A 541 29.31 44.40 -43.66
C ALA A 541 30.28 44.82 -44.76
N SER A 542 30.13 44.21 -45.92
CA SER A 542 30.98 44.48 -47.06
C SER A 542 30.21 45.19 -48.15
N GLU A 543 30.90 45.91 -48.96
CA GLU A 543 30.20 46.44 -50.10
C GLU A 543 29.91 45.31 -51.09
N PRO A 544 28.72 45.27 -51.67
CA PRO A 544 28.46 44.28 -52.71
C PRO A 544 29.28 44.61 -53.94
N GLY A 545 29.60 43.58 -54.70
CA GLY A 545 30.36 43.73 -55.92
C GLY A 545 31.36 42.61 -56.11
N ALA A 546 31.69 42.33 -57.36
CA ALA A 546 32.73 41.36 -57.61
C ALA A 546 34.11 41.89 -57.24
N ARG A 547 34.34 43.20 -57.27
CA ARG A 547 35.67 43.72 -56.99
C ARG A 547 35.68 44.70 -55.83
N SER A 548 34.76 44.50 -54.90
CA SER A 548 34.55 45.41 -53.78
C SER A 548 35.77 45.47 -52.87
N MET A 549 36.10 46.65 -52.38
CA MET A 549 37.18 46.77 -51.39
C MET A 549 36.80 47.58 -50.16
N ASN A 550 35.53 47.89 -49.95
CA ASN A 550 35.09 48.67 -48.80
C ASN A 550 34.36 47.77 -47.80
N ILE A 551 34.72 47.91 -46.52
CA ILE A 551 34.04 47.26 -45.42
C ILE A 551 33.43 48.31 -44.49
N SER A 552 32.65 47.83 -43.53
CA SER A 552 32.03 48.70 -42.54
C SER A 552 31.95 47.97 -41.19
N ILE A 553 32.50 48.60 -40.16
CA ILE A 553 32.56 48.05 -38.83
C ILE A 553 31.78 48.99 -37.95
N TRP A 554 30.83 48.47 -37.20
CA TRP A 554 30.13 49.36 -36.28
C TRP A 554 29.93 48.67 -34.93
N GLY A 555 29.91 49.50 -33.89
CA GLY A 555 29.76 49.06 -32.51
C GLY A 555 29.48 50.29 -31.66
N PHE A 556 29.95 50.26 -30.41
CA PHE A 556 29.61 51.34 -29.49
C PHE A 556 30.59 51.36 -28.32
N THR A 557 30.52 52.45 -27.54
CA THR A 557 31.29 52.64 -26.31
C THR A 557 30.33 52.71 -25.12
N GLU A 558 30.68 52.02 -24.04
CA GLU A 558 29.85 51.96 -22.84
C GLU A 558 28.45 51.43 -23.16
N THR A 562 23.75 54.56 -21.22
CA THR A 562 23.96 55.47 -22.35
C THR A 562 25.14 55.01 -23.21
N ARG A 563 24.82 54.40 -24.35
CA ARG A 563 25.84 53.91 -25.27
C ARG A 563 25.96 54.81 -26.49
N GLN A 564 27.15 54.84 -27.08
CA GLN A 564 27.41 55.66 -28.27
C GLN A 564 27.91 54.79 -29.41
N TRP A 565 27.07 54.64 -30.43
CA TRP A 565 27.37 53.88 -31.62
C TRP A 565 28.32 54.62 -32.54
N VAL A 566 29.12 53.88 -33.28
CA VAL A 566 30.10 54.48 -34.17
C VAL A 566 30.42 53.51 -35.31
N SER A 567 30.57 54.03 -36.53
CA SER A 567 30.88 53.18 -37.68
C SER A 567 32.15 53.65 -38.39
N TYR A 568 32.97 52.68 -38.79
CA TYR A 568 34.24 52.91 -39.45
C TYR A 568 34.16 52.23 -40.81
N THR A 569 34.39 53.01 -41.86
CA THR A 569 34.43 52.49 -43.23
C THR A 569 35.89 52.42 -43.65
N VAL A 570 36.42 51.22 -43.75
CA VAL A 570 37.81 51.03 -44.14
C VAL A 570 37.89 50.62 -45.60
N ASP A 571 38.78 51.29 -46.33
CA ASP A 571 38.96 51.07 -47.74
C ASP A 571 40.37 50.58 -48.01
N PHE A 572 40.46 49.44 -48.69
CA PHE A 572 41.70 48.78 -49.08
C PHE A 572 42.18 49.22 -50.47
N LYS A 573 41.84 50.43 -50.89
CA LYS A 573 42.24 50.90 -52.22
C LYS A 573 43.76 51.09 -52.26
N ASP A 574 44.32 51.76 -51.26
CA ASP A 574 45.74 52.04 -51.25
C ASP A 574 46.58 50.79 -50.91
N ILE A 575 45.98 49.75 -50.32
CA ILE A 575 46.72 48.52 -50.03
C ILE A 575 46.87 47.67 -51.28
N LEU A 576 45.83 47.62 -52.11
CA LEU A 576 45.80 46.81 -53.34
C LEU A 576 45.72 47.75 -54.54
N GLU A 577 46.82 48.46 -54.79
CA GLU A 577 46.85 49.39 -55.90
C GLU A 577 47.48 48.81 -57.15
N ARG A 578 48.37 47.84 -56.98
CA ARG A 578 49.04 47.18 -58.09
C ARG A 578 48.21 45.99 -58.56
N ASN A 579 47.96 45.91 -59.85
CA ASN A 579 47.25 44.79 -60.40
C ASN A 579 48.17 43.57 -60.42
N CYS A 580 47.63 42.40 -60.10
CA CYS A 580 48.40 41.17 -60.13
C CYS A 580 48.74 40.81 -61.57
N GLU A 581 49.97 40.37 -61.79
CA GLU A 581 50.36 39.81 -63.08
C GLU A 581 50.27 38.28 -63.01
N GLU A 582 50.61 37.61 -64.11
CA GLU A 582 50.52 36.15 -64.13
C GLU A 582 51.52 35.48 -63.19
N ASP A 583 52.61 36.17 -62.83
CA ASP A 583 53.64 35.64 -61.93
C ASP A 583 53.18 35.55 -60.48
N ASP A 584 52.06 36.18 -60.12
CA ASP A 584 51.53 36.14 -58.77
C ASP A 584 50.56 34.98 -58.56
N TYR A 585 50.18 34.28 -59.63
CA TYR A 585 49.27 33.15 -59.56
C TYR A 585 50.03 31.84 -59.71
N THR A 586 49.39 30.78 -59.24
CA THR A 586 49.92 29.41 -59.23
C THR A 586 48.78 28.45 -59.50
N THR A 587 48.97 27.55 -60.47
CA THR A 587 47.94 26.60 -60.85
C THR A 587 47.84 25.42 -59.87
N TRP A 588 46.61 24.91 -59.69
CA TRP A 588 46.29 23.80 -58.80
C TRP A 588 44.97 23.15 -59.22
N LEU A 589 44.93 21.82 -59.12
CA LEU A 589 43.80 20.98 -59.53
C LEU A 589 42.98 20.55 -58.32
N ALA A 590 41.69 20.32 -58.53
CA ALA A 590 40.86 19.91 -57.42
C ALA A 590 41.16 18.46 -57.05
N HIS A 591 40.73 18.08 -55.85
CA HIS A 591 41.03 16.75 -55.38
C HIS A 591 40.06 15.74 -55.98
N SER A 592 40.57 14.56 -56.30
CA SER A 592 39.74 13.48 -56.76
C SER A 592 39.96 12.24 -55.90
N THR A 593 38.86 11.67 -55.42
CA THR A 593 38.96 10.51 -54.54
C THR A 593 39.66 9.33 -55.20
N ASP A 594 39.53 9.17 -56.55
CA ASP A 594 40.15 8.03 -57.24
C ASP A 594 41.65 8.25 -57.43
N PRO A 595 42.47 7.26 -57.13
CA PRO A 595 43.92 7.46 -57.17
C PRO A 595 44.42 7.42 -58.59
N GLY A 596 45.61 7.96 -58.78
CA GLY A 596 46.13 8.12 -60.12
C GLY A 596 45.93 9.52 -60.68
N ASP A 597 46.70 9.81 -61.73
CA ASP A 597 46.67 11.08 -62.45
C ASP A 597 45.61 11.12 -63.54
N TYR A 598 45.19 9.97 -64.03
CA TYR A 598 44.20 9.90 -65.09
C TYR A 598 42.89 10.55 -64.70
N LYS A 599 42.60 10.66 -63.42
CA LYS A 599 41.41 11.41 -63.07
C LYS A 599 41.72 12.59 -62.19
N ASP A 600 42.96 13.07 -62.25
CA ASP A 600 43.40 14.15 -61.36
C ASP A 600 42.79 15.46 -61.83
N GLY A 601 41.93 16.02 -60.98
CA GLY A 601 41.19 17.22 -61.29
C GLY A 601 39.80 17.02 -61.83
N CYS A 602 39.29 15.79 -61.89
CA CYS A 602 37.97 15.49 -62.44
C CYS A 602 36.90 15.64 -61.35
N ILE A 603 35.87 16.42 -61.64
CA ILE A 603 34.76 16.69 -60.74
C ILE A 603 33.48 16.39 -61.47
N LEU A 604 32.82 15.30 -61.12
CA LEU A 604 31.62 14.85 -61.82
C LEU A 604 31.84 14.91 -63.32
N GLY A 605 32.96 14.36 -63.76
CA GLY A 605 33.21 14.13 -65.16
C GLY A 605 33.75 15.30 -65.96
N TYR A 606 34.05 16.44 -65.33
CA TYR A 606 34.62 17.61 -65.99
C TYR A 606 35.95 17.97 -65.36
N LYS A 607 36.94 18.34 -66.16
CA LYS A 607 38.26 18.70 -65.67
C LYS A 607 38.48 20.19 -65.88
N GLU A 608 38.83 20.90 -64.81
CA GLU A 608 39.08 22.34 -64.88
C GLU A 608 40.29 22.71 -64.04
N GLN A 609 41.17 23.54 -64.61
CA GLN A 609 42.37 24.01 -63.93
C GLN A 609 42.05 25.29 -63.18
N PHE A 610 42.65 25.46 -61.99
CA PHE A 610 42.34 26.57 -61.09
C PHE A 610 43.58 27.42 -60.84
N LEU A 611 43.34 28.65 -60.38
CA LEU A 611 44.39 29.58 -59.99
C LEU A 611 44.32 29.89 -58.50
N ARG A 612 45.39 30.46 -57.98
CA ARG A 612 45.52 30.71 -56.56
C ARG A 612 46.58 31.79 -56.36
N LEU A 613 46.35 32.68 -55.41
CA LEU A 613 47.38 33.67 -55.12
C LEU A 613 48.51 33.02 -54.35
N ARG A 614 49.74 33.34 -54.77
CA ARG A 614 50.92 32.88 -54.07
C ARG A 614 50.91 33.35 -52.62
N LYS A 615 51.86 32.84 -51.86
CA LYS A 615 51.97 33.25 -50.48
C LYS A 615 52.51 34.67 -50.38
N SER A 616 51.97 35.43 -49.42
CA SER A 616 52.32 36.83 -49.16
C SER A 616 52.12 37.71 -50.39
N SER A 617 51.01 37.48 -51.10
CA SER A 617 50.69 38.25 -52.29
C SER A 617 49.76 39.40 -51.92
N VAL A 618 50.18 40.59 -52.30
CA VAL A 618 49.47 41.81 -51.98
C VAL A 618 49.27 42.50 -53.32
N CYS A 619 48.19 42.12 -54.01
CA CYS A 619 47.88 42.72 -55.30
C CYS A 619 46.40 42.52 -55.57
N GLN A 620 45.87 43.39 -56.44
CA GLN A 620 44.47 43.43 -56.79
C GLN A 620 44.20 42.51 -57.96
N ASN A 621 43.37 41.51 -57.73
CA ASN A 621 43.02 40.57 -58.78
C ASN A 621 41.96 41.17 -59.68
N GLY A 622 42.16 41.03 -61.00
CA GLY A 622 41.20 41.49 -61.97
C GLY A 622 40.59 40.36 -62.80
N ARG A 623 41.07 39.14 -62.61
CA ARG A 623 40.64 37.98 -63.40
C ARG A 623 40.02 36.91 -62.49
N ASP A 624 39.19 36.05 -63.08
CA ASP A 624 38.55 34.96 -62.34
C ASP A 624 39.53 33.81 -62.13
N TYR A 625 39.30 33.04 -61.06
CA TYR A 625 40.25 31.99 -60.69
C TYR A 625 40.13 30.72 -61.56
N VAL A 626 39.12 30.60 -62.42
CA VAL A 626 38.99 29.47 -63.36
C VAL A 626 39.68 29.86 -64.66
N VAL A 627 40.52 28.96 -65.19
CA VAL A 627 41.31 29.25 -66.40
C VAL A 627 40.41 29.45 -67.61
N ALA A 628 39.20 28.89 -67.58
CA ALA A 628 38.24 29.04 -68.67
C ALA A 628 38.89 28.75 -70.02
N LYS A 629 39.74 27.73 -70.04
CA LYS A 629 40.29 27.19 -71.28
C LYS A 629 39.20 26.38 -71.95
N GLN A 630 38.99 25.15 -71.47
CA GLN A 630 37.90 24.30 -71.94
C GLN A 630 37.78 23.06 -71.07
N PRO A 631 36.57 22.69 -70.65
CA PRO A 631 36.41 21.48 -69.83
C PRO A 631 36.60 20.24 -70.68
N SER A 632 37.58 19.42 -70.33
CA SER A 632 37.81 18.12 -70.95
C SER A 632 37.02 17.05 -70.20
N VAL A 633 36.34 16.18 -70.93
CA VAL A 633 35.54 15.16 -70.27
C VAL A 633 36.45 14.04 -69.76
N CYS A 634 36.19 13.55 -68.46
CA CYS A 634 36.97 12.48 -67.87
C CYS A 634 36.26 11.14 -68.04
N PRO A 635 37.03 10.05 -68.00
CA PRO A 635 36.42 8.72 -68.06
C PRO A 635 35.78 8.37 -66.73
N CYS A 636 34.73 7.56 -66.82
CA CYS A 636 33.89 7.32 -65.66
C CYS A 636 34.59 6.38 -64.70
N SER A 637 34.50 6.69 -63.41
CA SER A 637 35.06 5.81 -62.41
C SER A 637 34.10 5.70 -61.23
N LEU A 638 34.54 5.07 -60.16
CA LEU A 638 33.68 4.93 -58.98
C LEU A 638 33.14 6.27 -58.49
N GLU A 639 34.02 7.22 -58.21
CA GLU A 639 33.57 8.51 -57.70
C GLU A 639 32.47 9.14 -58.55
N ASP A 640 32.30 8.77 -59.81
CA ASP A 640 31.25 9.37 -60.63
C ASP A 640 29.91 8.63 -60.51
N PHE A 641 29.73 7.77 -59.51
CA PHE A 641 28.46 7.05 -59.36
C PHE A 641 28.01 7.00 -57.91
N LEU A 642 26.72 7.22 -57.67
CA LEU A 642 26.12 6.99 -56.37
C LEU A 642 25.82 5.52 -56.15
N CYS A 643 25.56 5.17 -54.91
CA CYS A 643 25.11 3.82 -54.62
C CYS A 643 23.63 3.68 -55.02
N ASP A 644 23.28 2.50 -55.53
CA ASP A 644 21.91 2.31 -55.99
C ASP A 644 21.00 2.07 -54.78
N PHE A 645 19.68 1.95 -55.07
CA PHE A 645 18.63 1.65 -54.09
C PHE A 645 18.91 0.33 -53.39
N GLY A 646 19.16 0.36 -52.09
CA GLY A 646 19.47 -0.84 -51.36
C GLY A 646 20.94 -1.14 -51.24
N TYR A 647 21.81 -0.22 -51.64
CA TYR A 647 23.25 -0.39 -51.53
C TYR A 647 23.82 0.79 -50.77
N PHE A 648 25.07 0.63 -50.31
CA PHE A 648 25.78 1.70 -49.61
C PHE A 648 27.28 1.46 -49.68
N ARG A 649 28.03 2.51 -49.39
CA ARG A 649 29.48 2.41 -49.25
C ARG A 649 29.84 2.44 -47.78
N PRO A 650 30.45 1.39 -47.24
CA PRO A 650 30.92 1.39 -45.86
C PRO A 650 32.09 2.34 -45.59
N GLU A 651 32.51 2.46 -44.33
CA GLU A 651 33.50 3.48 -43.96
C GLU A 651 34.81 3.24 -44.70
N ASN A 652 35.45 4.34 -45.13
CA ASN A 652 36.69 4.32 -45.88
C ASN A 652 36.56 3.52 -47.18
N ALA A 653 35.36 3.10 -47.58
CA ALA A 653 35.27 2.15 -48.69
C ALA A 653 34.98 2.88 -49.98
N SER A 654 35.33 2.23 -51.11
CA SER A 654 35.07 2.84 -52.42
C SER A 654 33.96 2.18 -53.21
N GLU A 655 33.68 0.90 -52.99
CA GLU A 655 32.71 0.17 -53.78
C GLU A 655 31.42 -0.02 -53.00
N CYS A 656 30.27 -0.02 -53.71
CA CYS A 656 28.96 -0.16 -53.08
C CYS A 656 28.60 -1.62 -52.88
N VAL A 657 27.93 -1.93 -51.78
CA VAL A 657 27.50 -3.30 -51.48
C VAL A 657 26.05 -3.28 -51.04
N GLU A 658 25.34 -4.37 -51.30
CA GLU A 658 23.92 -4.45 -50.97
C GLU A 658 23.73 -4.34 -49.45
N GLN A 659 22.60 -3.78 -49.05
CA GLN A 659 22.35 -3.65 -47.63
C GLN A 659 22.03 -5.03 -47.05
N PRO A 660 22.50 -5.33 -45.81
CA PRO A 660 22.36 -6.71 -45.31
C PRO A 660 20.93 -7.20 -45.24
N GLU A 661 20.00 -6.37 -44.73
CA GLU A 661 18.60 -6.71 -44.52
C GLU A 661 17.81 -6.90 -45.81
N LEU A 662 18.40 -6.59 -46.96
CA LEU A 662 17.71 -6.74 -48.22
C LEU A 662 18.22 -7.90 -49.05
N LYS A 663 19.26 -8.60 -48.58
CA LYS A 663 19.87 -9.67 -49.35
C LYS A 663 18.88 -10.82 -49.48
N GLY A 664 18.81 -11.41 -50.67
CA GLY A 664 17.90 -12.51 -50.92
C GLY A 664 16.47 -12.10 -51.12
N HIS A 665 16.17 -10.79 -51.01
CA HIS A 665 14.83 -10.23 -51.22
C HIS A 665 14.84 -9.39 -52.49
N GLU A 666 13.68 -9.37 -53.16
CA GLU A 666 13.57 -8.70 -54.44
C GLU A 666 13.45 -7.20 -54.25
N LEU A 667 14.35 -6.43 -54.87
CA LEU A 667 14.32 -4.97 -54.71
C LEU A 667 13.10 -4.42 -55.43
N GLU A 668 12.14 -3.92 -54.68
CA GLU A 668 10.96 -3.34 -55.29
C GLU A 668 10.72 -1.98 -54.69
N PHE A 669 10.22 -1.07 -55.53
CA PHE A 669 9.71 0.20 -55.05
C PHE A 669 8.57 0.59 -55.96
N CYS A 670 7.97 1.77 -55.70
CA CYS A 670 6.82 2.24 -56.45
C CYS A 670 7.11 3.62 -57.06
N LEU A 671 6.97 3.72 -58.38
CA LEU A 671 7.32 4.93 -59.13
C LEU A 671 6.12 5.40 -59.96
N TYR A 672 5.56 6.55 -59.57
CA TYR A 672 4.39 7.19 -60.21
C TYR A 672 3.27 6.18 -60.45
N GLY A 673 2.74 5.64 -59.35
CA GLY A 673 1.71 4.62 -59.40
C GLY A 673 2.08 3.41 -60.23
N LYS A 674 3.34 2.95 -60.15
CA LYS A 674 3.76 1.74 -60.84
C LYS A 674 4.65 0.92 -59.92
N GLU A 675 4.49 -0.41 -59.95
CA GLU A 675 5.38 -1.31 -59.21
C GLU A 675 6.60 -1.60 -60.07
N GLU A 676 7.80 -1.24 -59.58
CA GLU A 676 9.04 -1.38 -60.34
C GLU A 676 10.02 -2.32 -59.66
N HIS A 677 10.65 -3.20 -60.45
CA HIS A 677 11.66 -4.14 -60.01
C HIS A 677 13.05 -3.73 -60.49
N LEU A 678 13.97 -3.65 -59.55
CA LEU A 678 15.31 -3.17 -59.82
C LEU A 678 16.31 -4.32 -59.81
N THR A 679 17.25 -4.23 -60.76
CA THR A 679 18.35 -5.16 -60.99
C THR A 679 19.58 -4.32 -61.27
N THR A 680 20.56 -4.31 -60.37
CA THR A 680 21.73 -3.48 -60.60
C THR A 680 22.99 -4.17 -60.17
N ASN A 681 24.11 -3.65 -60.69
CA ASN A 681 25.40 -3.87 -60.05
C ASN A 681 25.61 -2.99 -58.82
N GLY A 682 24.65 -2.17 -58.44
CA GLY A 682 24.80 -1.27 -57.33
C GLY A 682 25.44 0.06 -57.65
N TYR A 683 25.30 0.55 -58.89
CA TYR A 683 25.86 1.83 -59.24
C TYR A 683 24.82 2.60 -60.03
N ARG A 684 24.68 3.88 -59.69
CA ARG A 684 23.74 4.83 -60.28
C ARG A 684 24.53 6.05 -60.66
N LYS A 685 24.52 6.42 -61.94
CA LYS A 685 25.20 7.63 -62.37
C LYS A 685 24.75 8.82 -61.53
N ILE A 686 25.70 9.66 -61.16
CA ILE A 686 25.37 10.87 -60.38
C ILE A 686 24.57 11.83 -61.25
N PRO A 687 23.45 12.37 -60.76
CA PRO A 687 22.77 13.42 -61.51
C PRO A 687 23.72 14.62 -61.65
N GLY A 688 23.98 15.02 -62.89
CA GLY A 688 24.88 16.11 -63.19
C GLY A 688 26.29 15.68 -63.56
N ASP A 689 26.58 14.39 -63.44
CA ASP A 689 27.90 13.90 -63.79
C ASP A 689 28.02 13.83 -65.30
N LYS A 690 29.15 14.32 -65.81
CA LYS A 690 29.35 14.45 -67.24
C LYS A 690 30.46 13.54 -67.74
N CYS A 691 30.79 12.50 -66.99
CA CYS A 691 31.80 11.57 -67.47
C CYS A 691 31.28 10.79 -68.65
N GLN A 692 32.21 10.34 -69.51
CA GLN A 692 31.88 9.46 -70.62
C GLN A 692 32.94 8.40 -70.75
N GLY A 693 32.53 7.24 -71.25
CA GLY A 693 33.41 6.10 -71.33
C GLY A 693 33.95 5.71 -69.95
N GLY A 694 34.82 4.71 -69.98
CA GLY A 694 35.44 4.22 -68.77
C GLY A 694 34.51 3.24 -68.09
N MET A 695 34.41 3.36 -66.77
CA MET A 695 33.59 2.44 -66.01
C MET A 695 32.13 2.64 -66.36
N ASN A 696 31.44 1.54 -66.61
CA ASN A 696 30.03 1.60 -67.01
C ASN A 696 29.24 0.49 -66.34
N PRO A 697 28.95 0.63 -65.05
CA PRO A 697 28.09 -0.34 -64.37
C PRO A 697 26.66 -0.23 -64.86
N ALA A 698 26.06 -1.38 -65.19
CA ALA A 698 24.70 -1.41 -65.73
C ALA A 698 23.64 -1.41 -64.62
N ARG A 699 22.39 -1.14 -65.03
CA ARG A 699 21.20 -1.30 -64.19
C ARG A 699 19.96 -1.34 -65.08
N GLU A 700 18.88 -1.91 -64.54
CA GLU A 700 17.62 -2.10 -65.28
C GLU A 700 16.43 -1.87 -64.37
N VAL A 701 15.40 -1.21 -64.88
CA VAL A 701 14.18 -0.91 -64.13
C VAL A 701 13.03 -1.43 -64.98
N LYS A 702 12.48 -2.59 -64.65
CA LYS A 702 11.40 -3.15 -65.45
C LYS A 702 10.05 -3.00 -64.74
N ASP A 703 8.99 -2.83 -65.52
CA ASP A 703 7.67 -2.71 -64.96
C ASP A 703 7.14 -4.08 -64.58
N LEU A 704 6.16 -4.08 -63.68
CA LEU A 704 5.56 -5.28 -63.11
C LEU A 704 4.06 -5.31 -63.43
N LYS A 705 3.31 -6.06 -62.62
CA LYS A 705 1.86 -6.20 -62.79
C LYS A 705 1.08 -5.29 -61.87
N LYS A 706 1.45 -5.22 -60.60
CA LYS A 706 0.71 -4.44 -59.64
C LYS A 706 0.74 -2.97 -60.00
N LYS A 707 -0.29 -2.25 -59.56
CA LYS A 707 -0.37 -0.82 -59.79
C LYS A 707 0.12 0.00 -58.60
N CYS A 708 -0.02 -0.52 -57.37
CA CYS A 708 0.49 0.12 -56.16
C CYS A 708 -0.15 1.49 -55.90
N THR A 709 0.12 2.08 -54.73
CA THR A 709 -0.41 3.39 -54.37
C THR A 709 0.72 4.26 -53.87
N SER A 710 1.14 5.22 -54.69
CA SER A 710 2.32 6.04 -54.41
C SER A 710 1.96 7.51 -54.23
N ASN A 711 0.75 7.79 -53.76
CA ASN A 711 0.25 9.16 -53.68
C ASN A 711 -0.86 9.23 -52.65
N PHE A 712 -0.84 10.25 -51.81
CA PHE A 712 -1.86 10.43 -50.79
C PHE A 712 -2.55 11.78 -50.91
N LEU A 713 -2.18 12.54 -51.95
CA LEU A 713 -2.75 13.85 -52.19
C LEU A 713 -3.51 13.89 -53.51
N ASN A 714 -4.74 14.39 -53.47
CA ASN A 714 -5.57 14.49 -54.67
C ASN A 714 -6.11 15.91 -54.86
N CYS B 54 16.50 59.42 2.74
CA CYS B 54 17.07 58.43 3.64
C CYS B 54 17.97 59.08 4.65
N GLY B 55 19.27 59.02 4.39
CA GLY B 55 20.27 59.64 5.24
C GLY B 55 21.23 58.65 5.87
N ASP B 59 31.08 55.38 6.79
CA ASP B 59 31.25 54.67 8.06
C ASP B 59 31.13 53.18 7.80
N PHE B 60 30.21 52.84 6.90
CA PHE B 60 29.92 51.45 6.57
C PHE B 60 31.06 50.76 5.84
N ILE B 61 32.02 51.52 5.33
CA ILE B 61 33.08 50.94 4.50
C ILE B 61 33.98 50.01 5.33
N ALA B 62 34.52 50.53 6.44
CA ALA B 62 35.41 49.73 7.28
C ALA B 62 34.74 48.46 7.78
N LYS B 63 33.41 48.47 7.91
CA LYS B 63 32.71 47.27 8.36
C LYS B 63 32.76 46.17 7.30
N LEU B 64 32.78 46.54 6.03
CA LEU B 64 32.79 45.54 4.97
C LEU B 64 34.20 45.21 4.48
N THR B 65 35.12 46.17 4.55
CA THR B 65 36.49 45.94 4.12
C THR B 65 37.17 44.91 5.01
N ASN B 66 36.90 44.97 6.30
CA ASN B 66 37.46 43.98 7.21
C ASN B 66 36.81 42.60 7.06
N ASN B 67 35.68 42.51 6.33
CA ASN B 67 34.98 41.23 6.15
C ASN B 67 34.81 40.85 4.70
N THR B 68 35.48 41.55 3.79
CA THR B 68 35.51 41.18 2.39
C THR B 68 36.69 40.24 2.16
N HIS B 69 36.38 39.01 1.79
CA HIS B 69 37.38 37.97 1.63
C HIS B 69 37.48 37.64 0.15
N GLN B 70 38.68 37.77 -0.40
CA GLN B 70 38.92 37.49 -1.80
C GLN B 70 39.69 36.18 -1.94
N HIS B 71 39.51 35.54 -3.09
CA HIS B 71 40.22 34.32 -3.44
C HIS B 71 40.24 34.23 -4.97
N VAL B 72 41.41 33.94 -5.53
CA VAL B 72 41.59 33.93 -6.97
C VAL B 72 41.75 32.48 -7.43
N PHE B 73 41.18 32.16 -8.58
CA PHE B 73 41.24 30.83 -9.15
C PHE B 73 41.99 30.93 -10.47
N ASP B 74 43.00 30.10 -10.65
CA ASP B 74 43.83 30.20 -11.83
C ASP B 74 43.62 29.01 -12.74
N ASP B 75 43.72 29.25 -14.04
CA ASP B 75 43.61 28.19 -15.04
C ASP B 75 42.32 27.41 -14.82
N LEU B 76 41.24 28.11 -15.15
CA LEU B 76 39.91 27.56 -15.20
C LEU B 76 39.38 27.71 -16.60
N SER B 77 38.82 26.64 -17.16
CA SER B 77 38.23 26.77 -18.47
C SER B 77 36.75 26.46 -18.35
N GLY B 78 36.00 26.85 -19.37
CA GLY B 78 34.59 26.53 -19.31
C GLY B 78 33.82 27.38 -18.31
N SER B 79 32.61 26.93 -17.99
CA SER B 79 31.75 27.66 -17.07
C SER B 79 32.09 27.36 -15.62
N VAL B 80 31.90 28.37 -14.77
CA VAL B 80 32.28 28.30 -13.36
C VAL B 80 31.02 28.35 -12.51
N SER B 81 30.82 27.32 -11.67
CA SER B 81 29.66 27.19 -10.80
C SER B 81 30.09 27.29 -9.34
N LEU B 82 29.21 27.83 -8.50
CA LEU B 82 29.51 28.06 -7.09
C LEU B 82 28.24 27.87 -6.28
N SER B 83 28.31 27.04 -5.23
CA SER B 83 27.14 26.73 -4.40
C SER B 83 27.55 26.54 -2.95
N TRP B 84 27.02 27.39 -2.08
CA TRP B 84 27.09 27.09 -0.65
C TRP B 84 26.37 25.78 -0.39
N VAL B 85 26.90 24.98 0.51
CA VAL B 85 26.32 23.68 0.78
C VAL B 85 25.86 23.71 2.22
N GLY B 86 24.54 23.78 2.40
CA GLY B 86 23.92 23.70 3.70
C GLY B 86 23.97 25.00 4.50
N ASP B 87 23.52 24.91 5.75
CA ASP B 87 23.36 26.06 6.61
C ASP B 87 24.44 26.08 7.69
N SER B 88 25.18 27.18 7.75
CA SER B 88 26.17 27.43 8.79
C SER B 88 27.20 26.29 8.89
N THR B 89 27.65 25.81 7.73
CA THR B 89 28.73 24.85 7.68
C THR B 89 30.01 25.43 7.09
N GLY B 90 29.94 26.58 6.41
CA GLY B 90 31.09 27.18 5.79
C GLY B 90 31.53 26.49 4.52
N VAL B 91 30.76 25.55 4.01
CA VAL B 91 31.13 24.77 2.83
C VAL B 91 30.64 25.50 1.58
N ILE B 92 31.56 25.79 0.66
CA ILE B 92 31.29 26.36 -0.64
C ILE B 92 32.06 25.55 -1.67
N LEU B 93 31.36 25.05 -2.68
CA LEU B 93 31.98 24.28 -3.76
C LEU B 93 32.02 25.12 -5.01
N VAL B 94 33.17 25.17 -5.66
CA VAL B 94 33.29 25.80 -6.96
C VAL B 94 33.60 24.70 -7.95
N LEU B 95 32.90 24.73 -9.09
CA LEU B 95 32.99 23.66 -10.07
C LEU B 95 33.11 24.22 -11.50
N THR B 96 34.12 23.71 -12.19
CA THR B 96 34.30 23.94 -13.59
C THR B 96 33.48 22.91 -14.35
N THR B 97 32.74 23.37 -15.35
CA THR B 97 31.88 22.55 -16.19
C THR B 97 32.07 22.96 -17.64
N PHE B 98 31.67 22.07 -18.56
CA PHE B 98 31.90 22.27 -19.99
C PHE B 98 30.65 21.90 -20.78
N GLN B 99 30.42 22.61 -21.89
CA GLN B 99 29.27 22.39 -22.74
C GLN B 99 29.62 21.35 -23.79
N VAL B 100 29.29 20.09 -23.51
CA VAL B 100 29.56 18.99 -24.45
C VAL B 100 28.29 18.19 -24.69
N PRO B 101 27.88 17.98 -25.95
CA PRO B 101 26.64 17.26 -26.24
C PRO B 101 26.62 15.92 -25.52
N LEU B 102 25.41 15.40 -25.36
CA LEU B 102 25.27 14.25 -24.48
C LEU B 102 25.76 12.97 -25.13
N VAL B 103 25.59 12.81 -26.43
CA VAL B 103 25.93 11.54 -27.04
C VAL B 103 27.40 11.49 -27.42
N ILE B 104 28.15 12.55 -27.17
CA ILE B 104 29.56 12.62 -27.56
C ILE B 104 30.45 12.36 -26.35
N VAL B 105 31.50 11.58 -26.57
CA VAL B 105 32.62 11.40 -25.66
C VAL B 105 33.69 12.43 -26.01
N SER B 106 34.13 13.19 -25.00
CA SER B 106 35.15 14.21 -25.18
C SER B 106 36.17 14.08 -24.06
N PHE B 107 37.37 14.61 -24.32
CA PHE B 107 38.43 14.67 -23.32
C PHE B 107 38.38 16.01 -22.60
N GLY B 108 38.23 15.97 -21.28
CA GLY B 108 38.13 17.17 -20.48
C GLY B 108 38.28 16.84 -19.02
N GLN B 109 38.55 17.88 -18.22
CA GLN B 109 38.83 17.71 -16.81
C GLN B 109 38.23 18.86 -16.03
N SER B 110 37.31 18.54 -15.11
CA SER B 110 36.64 19.54 -14.28
C SER B 110 37.42 19.82 -13.02
N LYS B 111 37.73 21.08 -12.78
CA LYS B 111 38.38 21.51 -11.55
C LYS B 111 37.35 21.67 -10.43
N LEU B 112 37.73 21.29 -9.20
CA LEU B 112 36.81 21.23 -8.07
C LEU B 112 37.46 21.78 -6.80
N TYR B 113 36.86 22.81 -6.22
CA TYR B 113 37.40 23.51 -5.06
C TYR B 113 36.38 23.43 -3.93
N ARG B 114 36.86 23.33 -2.69
CA ARG B 114 35.98 23.27 -1.52
C ARG B 114 36.52 24.20 -0.43
N SER B 115 35.66 25.08 0.07
CA SER B 115 35.97 25.89 1.24
C SER B 115 35.20 25.36 2.43
N GLU B 116 35.81 25.44 3.62
CA GLU B 116 35.09 25.14 4.84
C GLU B 116 35.24 26.28 5.84
N ASP B 117 35.56 27.49 5.36
CA ASP B 117 35.69 28.66 6.20
C ASP B 117 34.97 29.89 5.62
N TYR B 118 33.79 29.68 5.01
CA TYR B 118 32.88 30.76 4.58
C TYR B 118 33.53 31.70 3.58
N GLY B 119 34.21 31.13 2.60
CA GLY B 119 34.75 31.92 1.51
C GLY B 119 36.09 32.57 1.77
N LYS B 120 36.74 32.27 2.89
CA LYS B 120 38.07 32.81 3.17
C LYS B 120 39.12 32.18 2.25
N ASN B 121 39.33 30.86 2.39
CA ASN B 121 40.34 30.07 1.66
C ASN B 121 39.69 28.86 1.01
N PHE B 122 40.16 28.51 -0.19
CA PHE B 122 39.68 27.34 -0.91
C PHE B 122 40.80 26.32 -1.11
N LYS B 123 40.46 25.03 -1.02
CA LYS B 123 41.39 23.94 -1.29
C LYS B 123 41.04 23.28 -2.62
N ASP B 124 42.01 23.14 -3.51
CA ASP B 124 41.79 22.39 -4.74
C ASP B 124 41.64 20.92 -4.39
N ILE B 125 40.56 20.28 -4.85
CA ILE B 125 40.35 18.86 -4.57
C ILE B 125 40.06 18.07 -5.85
N THR B 126 40.51 18.60 -6.99
CA THR B 126 40.29 17.97 -8.29
C THR B 126 40.78 16.52 -8.34
N ASN B 127 41.83 16.18 -7.57
CA ASN B 127 42.29 14.80 -7.51
C ASN B 127 41.17 13.83 -7.19
N LEU B 128 40.14 14.30 -6.48
CA LEU B 128 38.98 13.49 -6.15
C LEU B 128 38.24 13.04 -7.40
N ILE B 129 38.20 13.89 -8.42
CA ILE B 129 37.49 13.58 -9.65
C ILE B 129 38.49 13.50 -10.81
N ASN B 130 39.66 12.91 -10.58
CA ASN B 130 40.65 12.86 -11.64
C ASN B 130 40.11 12.04 -12.81
N ASN B 131 40.42 12.52 -14.02
CA ASN B 131 40.09 11.86 -15.29
C ASN B 131 38.59 11.88 -15.59
N THR B 132 37.87 12.91 -15.13
CA THR B 132 36.44 13.03 -15.41
C THR B 132 36.08 14.51 -15.61
N PHE B 133 34.84 14.75 -16.03
CA PHE B 133 34.38 16.10 -16.28
C PHE B 133 32.87 16.16 -16.13
N ILE B 134 32.37 17.35 -15.76
CA ILE B 134 30.98 17.62 -15.40
C ILE B 134 30.32 18.48 -16.46
N ARG B 135 29.20 18.02 -17.00
CA ARG B 135 28.49 18.84 -17.97
C ARG B 135 27.85 20.04 -17.28
N THR B 136 27.95 21.20 -17.93
CA THR B 136 27.20 22.34 -17.42
C THR B 136 25.73 22.01 -17.21
N GLU B 137 25.12 21.33 -18.18
CA GLU B 137 23.69 20.99 -18.10
C GLU B 137 23.34 20.31 -16.79
N PHE B 138 24.19 19.39 -16.32
CA PHE B 138 23.93 18.73 -15.05
C PHE B 138 24.32 19.63 -13.88
N GLY B 139 25.60 19.95 -13.75
CA GLY B 139 26.06 20.67 -12.57
C GLY B 139 26.09 19.74 -11.37
N MET B 140 25.85 20.32 -10.18
CA MET B 140 25.72 19.61 -8.92
C MET B 140 24.30 19.09 -8.71
N ALA B 141 24.18 18.09 -7.87
CA ALA B 141 22.92 17.46 -7.52
C ALA B 141 22.73 17.52 -6.00
N ILE B 142 22.53 18.72 -5.47
CA ILE B 142 22.34 18.90 -4.03
C ILE B 142 20.99 18.32 -3.64
N GLY B 143 20.91 17.78 -2.43
CA GLY B 143 19.67 17.22 -1.93
C GLY B 143 18.85 18.25 -1.16
N PRO B 144 17.96 17.78 -0.29
CA PRO B 144 17.28 18.70 0.62
C PRO B 144 18.27 19.54 1.42
N GLU B 145 17.71 20.54 2.11
CA GLU B 145 18.54 21.50 2.86
C GLU B 145 19.40 20.81 3.91
N ASN B 146 18.75 20.15 4.87
CA ASN B 146 19.42 19.58 6.01
C ASN B 146 19.68 18.08 5.84
N SER B 147 19.85 17.64 4.60
CA SER B 147 20.10 16.23 4.32
C SER B 147 21.58 15.93 4.14
N GLY B 148 22.39 16.94 3.85
CA GLY B 148 23.81 16.74 3.65
C GLY B 148 24.17 15.91 2.43
N LYS B 149 23.17 15.52 1.64
CA LYS B 149 23.39 14.75 0.42
C LYS B 149 23.87 15.67 -0.68
N VAL B 150 24.95 15.28 -1.35
CA VAL B 150 25.40 15.98 -2.54
C VAL B 150 25.95 14.93 -3.48
N ILE B 151 25.47 14.93 -4.72
CA ILE B 151 25.89 14.03 -5.78
C ILE B 151 26.56 14.88 -6.85
N LEU B 152 27.66 14.39 -7.39
CA LEU B 152 28.28 14.97 -8.59
C LEU B 152 28.24 13.91 -9.66
N THR B 153 27.55 14.23 -10.75
CA THR B 153 27.42 13.31 -11.87
C THR B 153 28.39 13.75 -12.96
N ALA B 154 29.18 12.81 -13.48
CA ALA B 154 30.23 13.10 -14.43
C ALA B 154 30.37 11.98 -15.44
N GLU B 155 31.16 12.27 -16.48
CA GLU B 155 31.49 11.32 -17.51
C GLU B 155 32.99 11.08 -17.52
N VAL B 156 33.38 9.87 -17.90
CA VAL B 156 34.79 9.48 -17.94
C VAL B 156 35.45 10.15 -19.14
N SER B 157 36.48 10.96 -18.89
CA SER B 157 37.07 11.78 -19.95
C SER B 157 37.41 10.93 -21.18
N GLY B 158 37.98 9.73 -20.97
CA GLY B 158 38.17 8.86 -22.13
C GLY B 158 36.91 8.22 -22.69
N GLY B 159 35.83 8.21 -21.91
CA GLY B 159 34.61 7.48 -22.21
C GLY B 159 34.58 6.16 -21.47
N SER B 160 33.39 5.69 -21.18
CA SER B 160 33.25 4.41 -20.47
C SER B 160 31.90 3.81 -20.83
N ARG B 161 31.72 2.56 -20.43
CA ARG B 161 30.42 1.93 -20.55
C ARG B 161 29.42 2.48 -19.55
N GLY B 162 29.87 3.24 -18.55
CA GLY B 162 28.97 3.80 -17.58
C GLY B 162 29.46 5.14 -17.08
N GLY B 163 28.53 5.90 -16.49
CA GLY B 163 28.87 7.13 -15.84
C GLY B 163 29.52 6.88 -14.49
N ARG B 164 29.99 7.97 -13.90
CA ARG B 164 30.71 7.93 -12.64
C ARG B 164 30.20 9.07 -11.76
N VAL B 165 29.85 8.76 -10.52
CA VAL B 165 29.26 9.72 -9.60
C VAL B 165 30.07 9.78 -8.35
N PHE B 166 29.93 10.90 -7.65
CA PHE B 166 30.67 11.13 -6.42
C PHE B 166 29.69 11.59 -5.36
N ARG B 167 29.37 10.69 -4.45
CA ARG B 167 28.32 10.85 -3.45
C ARG B 167 28.93 11.28 -2.11
N SER B 168 28.37 12.37 -1.55
CA SER B 168 28.73 12.81 -0.20
C SER B 168 27.48 12.83 0.65
N SER B 169 27.63 12.50 1.94
CA SER B 169 26.50 12.60 2.84
C SER B 169 26.80 13.54 4.00
N ASP B 170 27.87 14.32 3.89
CA ASP B 170 28.31 15.18 4.97
C ASP B 170 28.61 16.57 4.48
N PHE B 171 27.69 17.16 3.71
CA PHE B 171 27.84 18.53 3.24
C PHE B 171 29.16 18.74 2.52
N ALA B 172 29.49 17.77 1.67
CA ALA B 172 30.65 17.89 0.79
C ALA B 172 31.97 17.96 1.56
N LYS B 173 32.05 17.30 2.72
CA LYS B 173 33.33 17.23 3.43
C LYS B 173 34.14 15.98 3.08
N ASN B 174 33.47 14.85 2.84
CA ASN B 174 34.13 13.60 2.42
C ASN B 174 33.26 12.93 1.35
N PHE B 175 33.88 12.49 0.24
CA PHE B 175 33.18 11.89 -0.90
C PHE B 175 33.65 10.46 -1.16
N VAL B 176 32.73 9.62 -1.66
CA VAL B 176 33.03 8.26 -2.08
C VAL B 176 32.72 8.13 -3.56
N GLN B 177 33.51 7.34 -4.26
CA GLN B 177 33.33 7.15 -5.69
C GLN B 177 32.50 5.90 -5.93
N THR B 178 31.58 6.00 -6.89
CA THR B 178 30.72 4.89 -7.23
C THR B 178 30.50 4.96 -8.73
N ASP B 179 30.84 3.90 -9.45
CA ASP B 179 30.65 3.92 -10.89
C ASP B 179 29.27 3.39 -11.23
N LEU B 180 28.66 4.04 -12.22
CA LEU B 180 27.30 3.89 -12.71
C LEU B 180 27.24 2.79 -13.76
N PRO B 181 26.22 1.94 -13.69
CA PRO B 181 26.04 0.92 -14.71
C PRO B 181 25.23 1.41 -15.90
N PHE B 182 25.28 2.71 -16.18
CA PHE B 182 24.56 3.29 -17.32
C PHE B 182 25.09 4.70 -17.56
N HIS B 183 24.66 5.28 -18.68
CA HIS B 183 24.88 6.68 -18.92
C HIS B 183 23.61 7.44 -18.55
N PRO B 184 23.69 8.42 -17.65
CA PRO B 184 22.49 9.13 -17.22
C PRO B 184 22.03 10.17 -18.25
N LEU B 185 20.76 10.07 -18.63
CA LEU B 185 20.17 11.02 -19.58
C LEU B 185 19.82 12.36 -18.92
N THR B 186 19.37 12.33 -17.68
CA THR B 186 18.96 13.49 -16.90
C THR B 186 19.55 13.36 -15.52
N GLN B 187 19.53 14.46 -14.76
CA GLN B 187 20.18 14.47 -13.44
C GLN B 187 19.52 13.44 -12.49
N MET B 188 20.17 13.23 -11.36
CA MET B 188 19.59 12.38 -10.33
C MET B 188 18.32 13.05 -9.79
N MET B 189 17.37 12.24 -9.33
CA MET B 189 16.14 12.76 -8.73
C MET B 189 16.02 12.17 -7.34
N TYR B 190 16.14 13.00 -6.32
CA TYR B 190 15.85 12.54 -4.98
C TYR B 190 14.35 12.31 -4.83
N SER B 191 13.97 11.30 -4.03
CA SER B 191 12.59 11.28 -3.56
C SER B 191 12.42 12.32 -2.46
N PRO B 192 11.39 13.14 -2.53
CA PRO B 192 11.13 14.07 -1.43
C PRO B 192 10.81 13.39 -0.11
N GLN B 193 10.27 12.17 -0.13
CA GLN B 193 10.02 11.53 1.15
C GLN B 193 11.30 10.94 1.76
N ASN B 194 12.26 10.48 0.95
CA ASN B 194 13.41 9.74 1.47
C ASN B 194 14.66 10.11 0.70
N SER B 195 15.52 10.95 1.28
CA SER B 195 16.78 11.34 0.65
C SER B 195 17.63 10.14 0.20
N ASP B 196 17.44 8.95 0.76
CA ASP B 196 18.27 7.80 0.38
C ASP B 196 17.82 7.18 -0.93
N TYR B 197 16.61 7.49 -1.38
CA TYR B 197 16.07 6.95 -2.62
C TYR B 197 16.41 7.90 -3.77
N LEU B 198 16.91 7.34 -4.87
CA LEU B 198 17.32 8.14 -6.02
C LEU B 198 16.86 7.44 -7.29
N LEU B 199 16.61 8.25 -8.31
CA LEU B 199 16.35 7.70 -9.63
C LEU B 199 16.90 8.63 -10.69
N ALA B 200 17.15 8.07 -11.86
CA ALA B 200 17.45 8.83 -13.05
C ALA B 200 17.26 7.92 -14.27
N LEU B 201 17.27 8.56 -15.43
CA LEU B 201 16.94 7.95 -16.72
C LEU B 201 18.21 7.71 -17.54
N SER B 202 18.27 6.58 -18.23
CA SER B 202 19.47 6.28 -19.00
C SER B 202 19.40 6.96 -20.35
N THR B 203 20.51 6.90 -21.11
CA THR B 203 20.44 7.30 -22.52
C THR B 203 19.76 6.25 -23.39
N GLU B 204 19.48 5.07 -22.85
CA GLU B 204 18.71 4.07 -23.58
C GLU B 204 17.27 3.96 -23.09
N ASN B 205 16.79 5.02 -22.42
CA ASN B 205 15.41 5.15 -21.92
C ASN B 205 15.11 4.07 -20.89
N GLY B 206 16.05 3.85 -19.98
CA GLY B 206 15.88 2.92 -18.88
C GLY B 206 15.83 3.68 -17.55
N LEU B 207 14.97 3.20 -16.67
CA LEU B 207 14.71 3.86 -15.39
C LEU B 207 15.45 3.13 -14.28
N TRP B 208 16.32 3.87 -13.58
CA TRP B 208 17.21 3.32 -12.57
C TRP B 208 16.91 3.92 -11.20
N VAL B 209 16.82 3.04 -10.19
CA VAL B 209 16.57 3.43 -8.80
C VAL B 209 17.72 2.92 -7.93
N SER B 210 17.92 3.56 -6.79
CA SER B 210 18.89 3.09 -5.80
C SER B 210 18.26 3.18 -4.42
N LYS B 211 18.33 2.11 -3.64
CA LYS B 211 17.76 2.25 -2.31
C LYS B 211 18.74 2.84 -1.31
N ASN B 212 20.05 2.77 -1.59
CA ASN B 212 21.10 3.12 -0.63
C ASN B 212 21.97 4.28 -1.13
N PHE B 213 21.32 5.31 -1.68
CA PHE B 213 21.90 6.62 -2.03
C PHE B 213 23.02 6.48 -3.08
N GLY B 214 22.63 5.93 -4.22
CA GLY B 214 23.55 5.81 -5.33
C GLY B 214 24.67 4.81 -5.16
N GLU B 215 24.64 3.97 -4.13
CA GLU B 215 25.62 2.90 -4.01
C GLU B 215 25.24 1.70 -4.88
N LYS B 216 24.01 1.20 -4.72
CA LYS B 216 23.50 0.06 -5.44
C LYS B 216 22.34 0.51 -6.31
N TRP B 217 22.48 0.38 -7.62
CA TRP B 217 21.45 0.76 -8.58
C TRP B 217 20.79 -0.48 -9.15
N GLU B 218 19.53 -0.33 -9.54
CA GLU B 218 18.73 -1.41 -10.08
C GLU B 218 17.90 -0.81 -11.20
N GLU B 219 17.84 -1.48 -12.33
CA GLU B 219 17.02 -1.00 -13.45
C GLU B 219 15.65 -1.64 -13.39
N ILE B 220 14.61 -0.81 -13.44
CA ILE B 220 13.26 -1.31 -13.26
C ILE B 220 12.39 -1.23 -14.52
N HIS B 221 12.72 -0.36 -15.47
CA HIS B 221 11.96 -0.47 -16.72
C HIS B 221 12.72 0.18 -17.86
N LYS B 222 12.61 -0.46 -19.02
CA LYS B 222 13.50 -0.23 -20.13
C LYS B 222 12.95 0.64 -21.25
N ALA B 223 11.67 1.00 -21.20
CA ALA B 223 11.07 1.77 -22.30
C ALA B 223 10.58 3.13 -21.84
N VAL B 224 11.20 3.70 -20.80
CA VAL B 224 10.65 4.87 -20.11
C VAL B 224 11.01 6.12 -20.88
N CYS B 225 10.06 7.06 -20.98
CA CYS B 225 10.20 8.35 -21.65
C CYS B 225 10.41 9.49 -20.67
N LEU B 226 9.69 9.46 -19.56
CA LEU B 226 9.82 10.46 -18.51
C LEU B 226 9.47 9.78 -17.21
N ALA B 227 10.10 10.21 -16.12
CA ALA B 227 9.77 9.69 -14.80
C ALA B 227 10.00 10.76 -13.76
N LYS B 228 9.05 10.87 -12.84
CA LYS B 228 9.01 11.90 -11.83
C LYS B 228 8.54 11.25 -10.53
N TRP B 229 9.04 11.76 -9.40
CA TRP B 229 8.73 11.22 -8.09
C TRP B 229 7.33 11.66 -7.65
N GLY B 230 6.78 10.92 -6.70
CA GLY B 230 5.48 11.24 -6.12
C GLY B 230 5.54 11.13 -4.62
N PRO B 231 4.41 11.35 -3.95
CA PRO B 231 4.41 11.25 -2.49
C PRO B 231 4.62 9.82 -2.03
N ASN B 232 5.23 9.68 -0.85
CA ASN B 232 5.47 8.37 -0.24
C ASN B 232 6.27 7.45 -1.16
N ASN B 233 7.27 8.01 -1.86
CA ASN B 233 8.22 7.24 -2.66
C ASN B 233 7.51 6.43 -3.74
N ILE B 234 6.50 7.05 -4.32
CA ILE B 234 5.77 6.55 -5.47
C ILE B 234 6.40 7.12 -6.72
N ILE B 235 6.60 6.29 -7.73
CA ILE B 235 7.22 6.77 -8.96
C ILE B 235 6.24 6.57 -10.10
N PHE B 236 5.99 7.66 -10.85
CA PHE B 236 5.20 7.68 -12.08
C PHE B 236 6.10 7.88 -13.29
N PHE B 237 5.76 7.21 -14.40
CA PHE B 237 6.59 7.27 -15.59
C PHE B 237 5.80 6.76 -16.80
N THR B 238 6.12 7.30 -17.99
CA THR B 238 5.48 6.89 -19.22
C THR B 238 6.36 5.88 -19.94
N THR B 239 5.73 4.99 -20.71
CA THR B 239 6.41 3.94 -21.47
C THR B 239 5.72 3.80 -22.82
N HIS B 240 6.32 3.01 -23.71
CA HIS B 240 5.79 2.82 -25.06
C HIS B 240 6.21 1.45 -25.57
N VAL B 241 6.21 1.26 -26.89
CA VAL B 241 6.55 -0.02 -27.50
C VAL B 241 7.15 0.18 -28.89
N ASN B 242 6.49 1.00 -29.72
CA ASN B 242 6.83 1.13 -31.13
C ASN B 242 7.77 2.31 -31.33
N GLY B 243 9.03 2.02 -31.59
CA GLY B 243 9.95 3.09 -31.98
C GLY B 243 10.32 3.98 -30.81
N SER B 244 10.21 5.29 -31.02
CA SER B 244 10.67 6.29 -30.06
C SER B 244 9.50 6.94 -29.33
N CYS B 245 9.84 7.70 -28.28
CA CYS B 245 8.82 8.44 -27.54
C CYS B 245 8.23 9.57 -28.38
N LYS B 246 9.06 10.22 -29.19
CA LYS B 246 8.60 11.29 -30.08
C LYS B 246 7.64 10.75 -31.14
N ALA B 247 7.68 9.44 -31.41
CA ALA B 247 6.85 8.80 -32.42
C ALA B 247 5.51 8.33 -31.88
N ASP B 248 5.48 7.95 -30.61
CA ASP B 248 4.27 7.42 -29.98
C ASP B 248 3.63 8.43 -29.03
N LEU B 249 3.83 9.72 -29.28
CA LEU B 249 3.08 10.77 -28.61
C LEU B 249 1.59 10.58 -28.83
N GLY B 250 0.85 10.44 -27.75
CA GLY B 250 -0.56 10.17 -27.84
C GLY B 250 -0.92 8.71 -27.71
N ALA B 251 0.07 7.82 -27.67
CA ALA B 251 -0.18 6.41 -27.45
C ALA B 251 0.68 5.83 -26.32
N LEU B 252 1.34 6.68 -25.53
CA LEU B 252 2.08 6.23 -24.34
C LEU B 252 1.14 5.61 -23.29
N GLU B 253 1.75 5.11 -22.21
CA GLU B 253 1.06 4.49 -21.08
C GLU B 253 1.67 4.98 -19.78
N LEU B 254 0.84 5.38 -18.80
CA LEU B 254 1.33 5.93 -17.54
C LEU B 254 1.26 4.88 -16.43
N TRP B 255 2.41 4.56 -15.83
CA TRP B 255 2.57 3.53 -14.80
C TRP B 255 2.92 4.16 -13.47
N ARG B 256 2.72 3.36 -12.40
CA ARG B 256 2.90 3.78 -11.01
C ARG B 256 3.50 2.66 -10.18
N THR B 257 4.46 3.01 -9.30
CA THR B 257 5.11 2.03 -8.42
C THR B 257 5.16 2.50 -6.99
N SER B 258 4.59 1.68 -6.07
CA SER B 258 4.63 1.96 -4.64
C SER B 258 5.79 1.28 -3.92
N ASP B 259 6.50 0.37 -4.59
CA ASP B 259 7.53 -0.47 -3.98
C ASP B 259 8.90 -0.25 -4.61
N LEU B 260 9.23 1.00 -4.93
CA LEU B 260 10.53 1.37 -5.48
C LEU B 260 10.89 0.59 -6.72
N GLY B 261 9.98 -0.23 -7.23
CA GLY B 261 10.19 -0.92 -8.48
C GLY B 261 9.78 -2.37 -8.39
N LYS B 262 9.24 -2.80 -7.26
CA LYS B 262 8.91 -4.22 -7.16
C LYS B 262 7.60 -4.50 -7.86
N THR B 263 6.59 -3.68 -7.60
CA THR B 263 5.29 -3.84 -8.18
C THR B 263 4.96 -2.60 -9.00
N PHE B 264 4.16 -2.82 -10.05
CA PHE B 264 3.76 -1.77 -10.97
C PHE B 264 2.24 -1.76 -11.09
N LYS B 265 1.72 -0.66 -11.63
CA LYS B 265 0.29 -0.55 -11.87
C LYS B 265 0.11 0.44 -13.01
N THR B 266 -0.52 0.00 -14.10
CA THR B 266 -0.72 0.86 -15.27
C THR B 266 -1.93 1.75 -15.03
N ILE B 267 -1.70 3.04 -14.82
CA ILE B 267 -2.78 3.95 -14.49
C ILE B 267 -3.37 4.62 -15.73
N GLY B 268 -2.71 4.55 -16.90
CA GLY B 268 -3.30 5.21 -18.08
C GLY B 268 -2.75 4.97 -19.47
N VAL B 269 -3.61 5.13 -20.49
CA VAL B 269 -3.33 4.77 -21.88
C VAL B 269 -3.67 5.95 -22.79
N LYS B 270 -3.19 5.86 -24.04
CA LYS B 270 -3.30 6.94 -25.04
C LYS B 270 -2.81 8.28 -24.48
N ILE B 271 -1.69 8.25 -23.76
CA ILE B 271 -1.17 9.43 -23.07
C ILE B 271 -0.31 10.26 -24.02
N TYR B 272 -0.45 11.59 -23.94
CA TYR B 272 0.43 12.51 -24.65
C TYR B 272 1.51 13.06 -23.72
N SER B 273 1.14 13.49 -22.52
CA SER B 273 2.09 14.03 -21.54
C SER B 273 1.49 13.86 -20.15
N PHE B 274 2.31 14.13 -19.12
CA PHE B 274 1.80 14.14 -17.75
C PHE B 274 2.65 15.08 -16.91
N GLY B 275 2.23 15.29 -15.68
CA GLY B 275 2.97 16.16 -14.80
C GLY B 275 2.35 16.15 -13.42
N LEU B 276 3.03 16.80 -12.50
CA LEU B 276 2.57 16.86 -11.13
C LEU B 276 2.34 18.32 -10.73
N GLY B 277 1.50 18.51 -9.72
CA GLY B 277 1.32 19.81 -9.13
C GLY B 277 0.44 19.70 -7.89
N GLY B 278 0.91 20.21 -6.77
CA GLY B 278 0.16 20.10 -5.52
C GLY B 278 -0.36 18.69 -5.33
N ARG B 279 -1.62 18.58 -4.92
CA ARG B 279 -2.19 17.26 -4.67
C ARG B 279 -2.84 16.67 -5.90
N PHE B 280 -2.40 17.10 -7.09
CA PHE B 280 -3.03 16.75 -8.35
C PHE B 280 -2.05 16.04 -9.28
N LEU B 281 -2.58 15.08 -10.02
CA LEU B 281 -1.83 14.30 -10.99
C LEU B 281 -2.44 14.53 -12.36
N PHE B 282 -1.68 15.14 -13.27
CA PHE B 282 -2.20 15.54 -14.57
C PHE B 282 -1.70 14.62 -15.68
N ALA B 283 -2.56 14.39 -16.68
CA ALA B 283 -2.22 13.59 -17.86
C ALA B 283 -3.01 14.07 -19.08
N SER B 284 -2.32 14.49 -20.13
CA SER B 284 -2.98 14.83 -21.39
C SER B 284 -3.18 13.58 -22.23
N VAL B 285 -4.39 13.38 -22.73
CA VAL B 285 -4.83 12.16 -23.41
C VAL B 285 -5.38 12.50 -24.78
N MET B 286 -5.11 11.66 -25.77
CA MET B 286 -5.62 11.87 -27.13
C MET B 286 -6.69 10.84 -27.44
N ALA B 287 -7.90 11.30 -27.75
CA ALA B 287 -9.02 10.40 -27.99
C ALA B 287 -8.78 9.54 -29.23
N ASP B 288 -8.28 10.14 -30.30
CA ASP B 288 -7.98 9.41 -31.54
C ASP B 288 -6.48 9.07 -31.61
N THR B 291 -8.39 13.46 -34.40
CA THR B 291 -7.63 13.48 -33.15
C THR B 291 -7.80 14.83 -32.43
N THR B 292 -7.88 14.77 -31.09
CA THR B 292 -7.99 15.94 -30.23
C THR B 292 -7.25 15.64 -28.92
N ARG B 293 -6.97 16.67 -28.12
CA ARG B 293 -6.22 16.51 -26.88
C ARG B 293 -6.92 17.17 -25.69
N ARG B 294 -7.10 16.40 -24.60
CA ARG B 294 -7.87 16.83 -23.43
C ARG B 294 -7.11 16.47 -22.15
N ILE B 295 -7.43 17.16 -21.04
CA ILE B 295 -6.68 17.03 -19.78
C ILE B 295 -7.53 16.28 -18.73
N HIS B 296 -6.88 15.40 -17.95
CA HIS B 296 -7.50 14.65 -16.86
C HIS B 296 -6.73 14.88 -15.56
N VAL B 297 -7.44 14.75 -14.42
CA VAL B 297 -6.86 14.99 -13.09
C VAL B 297 -7.19 13.83 -12.17
N SER B 298 -6.25 13.50 -11.27
CA SER B 298 -6.49 12.55 -10.19
C SER B 298 -5.73 12.97 -8.95
N THR B 299 -6.41 12.89 -7.82
CA THR B 299 -5.89 13.29 -6.53
C THR B 299 -5.45 12.10 -5.70
N ASP B 300 -5.73 10.89 -6.17
CA ASP B 300 -5.42 9.62 -5.51
C ASP B 300 -4.28 8.89 -6.19
N GLN B 301 -3.27 9.63 -6.63
CA GLN B 301 -2.09 9.09 -7.30
C GLN B 301 -2.47 8.15 -8.44
N GLY B 302 -3.55 8.46 -9.15
CA GLY B 302 -3.86 7.81 -10.40
C GLY B 302 -4.78 6.61 -10.33
N ASP B 303 -5.39 6.35 -9.18
CA ASP B 303 -6.36 5.27 -9.16
C ASP B 303 -7.63 5.66 -9.92
N THR B 304 -8.12 6.88 -9.69
CA THR B 304 -9.32 7.35 -10.38
C THR B 304 -9.12 8.71 -11.00
N TRP B 305 -9.53 8.83 -12.25
CA TRP B 305 -9.35 10.04 -13.01
C TRP B 305 -10.69 10.66 -13.36
N SER B 306 -10.66 11.94 -13.73
CA SER B 306 -11.81 12.58 -14.33
C SER B 306 -11.30 13.68 -15.23
N MET B 307 -11.97 13.88 -16.35
CA MET B 307 -11.57 14.92 -17.29
C MET B 307 -11.94 16.29 -16.74
N ALA B 308 -11.06 17.26 -16.94
CA ALA B 308 -11.32 18.61 -16.45
C ALA B 308 -12.48 19.24 -17.23
N GLN B 309 -13.33 19.99 -16.52
CA GLN B 309 -14.57 20.51 -17.08
C GLN B 309 -14.52 22.02 -17.23
N LEU B 310 -14.53 22.49 -18.47
CA LEU B 310 -14.49 23.92 -18.78
C LEU B 310 -15.74 24.37 -19.52
N PRO B 311 -16.18 25.61 -19.30
CA PRO B 311 -17.20 26.19 -20.17
C PRO B 311 -16.61 26.68 -21.48
N SER B 312 -17.44 26.67 -22.51
CA SER B 312 -17.05 27.15 -23.83
C SER B 312 -15.91 26.32 -24.42
N GLN B 315 -12.96 23.45 -28.12
CA GLN B 315 -12.55 22.33 -28.95
C GLN B 315 -11.19 22.62 -29.56
N GLU B 316 -10.45 21.55 -29.88
CA GLU B 316 -9.09 21.63 -30.41
C GLU B 316 -8.29 22.74 -29.75
N GLN B 317 -8.47 22.88 -28.44
CA GLN B 317 -7.80 23.91 -27.66
C GLN B 317 -6.58 23.31 -26.99
N PHE B 318 -5.60 24.16 -26.70
CA PHE B 318 -4.37 23.72 -26.06
C PHE B 318 -4.35 24.17 -24.61
N TYR B 319 -3.92 23.27 -23.74
CA TYR B 319 -4.02 23.41 -22.31
C TYR B 319 -2.62 23.58 -21.75
N SER B 320 -2.53 23.94 -20.46
CA SER B 320 -1.27 24.27 -19.78
C SER B 320 -1.57 24.59 -18.31
N ILE B 321 -0.87 23.93 -17.38
CA ILE B 321 -1.10 24.15 -15.96
C ILE B 321 -0.15 25.25 -15.52
N LEU B 322 -0.64 26.18 -14.71
CA LEU B 322 0.22 27.30 -14.32
C LEU B 322 0.82 27.11 -12.93
N ALA B 323 0.02 26.60 -11.97
CA ALA B 323 0.47 26.14 -10.67
C ALA B 323 -0.67 25.36 -10.02
N ALA B 324 -0.36 24.75 -8.87
CA ALA B 324 -1.36 24.02 -8.10
C ALA B 324 -0.78 23.76 -6.71
N ASN B 325 -1.69 23.59 -5.75
CA ASN B 325 -1.34 23.43 -4.36
C ASN B 325 -2.18 22.28 -3.80
N GLU B 326 -2.32 22.26 -2.48
CA GLU B 326 -3.25 21.38 -1.81
C GLU B 326 -4.69 21.87 -1.92
N ASP B 327 -4.91 23.02 -2.57
CA ASP B 327 -6.21 23.70 -2.58
C ASP B 327 -6.85 23.76 -3.97
N MET B 328 -6.20 24.36 -4.96
CA MET B 328 -6.80 24.56 -6.28
C MET B 328 -5.76 24.36 -7.37
N VAL B 329 -6.08 24.83 -8.57
CA VAL B 329 -5.33 24.56 -9.80
C VAL B 329 -5.48 25.75 -10.73
N PHE B 330 -4.37 26.31 -11.21
CA PHE B 330 -4.43 27.34 -12.24
C PHE B 330 -4.15 26.70 -13.59
N MET B 331 -5.06 26.90 -14.52
CA MET B 331 -4.89 26.41 -15.88
C MET B 331 -5.11 27.52 -16.89
N HIS B 332 -4.25 27.53 -17.91
CA HIS B 332 -4.28 28.49 -18.98
C HIS B 332 -4.72 27.75 -20.24
N VAL B 333 -5.49 28.44 -21.09
CA VAL B 333 -6.08 27.84 -22.29
C VAL B 333 -5.89 28.83 -23.43
N ASP B 334 -5.16 28.42 -24.46
CA ASP B 334 -4.89 29.31 -25.57
C ASP B 334 -6.18 29.63 -26.30
N GLU B 335 -6.32 30.89 -26.69
CA GLU B 335 -7.48 31.28 -27.46
C GLU B 335 -7.42 30.64 -28.84
N PRO B 336 -8.49 29.95 -29.27
CA PRO B 336 -8.50 29.39 -30.63
C PRO B 336 -7.94 30.37 -31.66
N GLY B 337 -7.24 29.82 -32.64
CA GLY B 337 -6.51 30.61 -33.60
C GLY B 337 -5.07 30.87 -33.22
N ASP B 338 -4.62 30.41 -32.05
CA ASP B 338 -3.25 30.67 -31.62
C ASP B 338 -2.93 32.16 -31.80
N THR B 339 -3.69 33.01 -31.14
CA THR B 339 -3.57 34.44 -31.43
C THR B 339 -2.49 35.12 -30.62
N GLY B 340 -2.02 34.49 -29.55
CA GLY B 340 -0.97 35.05 -28.72
C GLY B 340 -1.40 35.33 -27.31
N PHE B 341 -2.65 35.06 -26.98
CA PHE B 341 -3.20 35.29 -25.65
C PHE B 341 -4.28 34.26 -25.36
N GLY B 342 -4.56 34.10 -24.07
CA GLY B 342 -5.57 33.18 -23.62
C GLY B 342 -6.33 33.57 -22.36
N THR B 343 -6.87 32.56 -21.71
CA THR B 343 -7.80 32.68 -20.62
C THR B 343 -7.28 31.82 -19.48
N ILE B 344 -7.27 32.36 -18.25
CA ILE B 344 -6.93 31.56 -17.08
C ILE B 344 -8.21 31.03 -16.46
N PHE B 345 -8.13 29.83 -15.90
CA PHE B 345 -9.25 29.18 -15.24
C PHE B 345 -8.80 28.64 -13.90
N THR B 346 -9.69 28.67 -12.92
CA THR B 346 -9.39 28.21 -11.57
C THR B 346 -10.34 27.08 -11.16
N SER B 347 -9.81 26.12 -10.42
CA SER B 347 -10.52 24.90 -10.05
C SER B 347 -10.91 24.95 -8.59
N ASP B 348 -11.73 23.96 -8.17
CA ASP B 348 -12.23 23.82 -6.80
C ASP B 348 -11.27 22.91 -6.04
N ASP B 349 -11.64 22.49 -4.83
CA ASP B 349 -10.76 21.68 -3.99
C ASP B 349 -10.44 20.32 -4.59
N ARG B 350 -11.23 19.86 -5.57
CA ARG B 350 -11.01 18.61 -6.27
C ARG B 350 -10.33 18.79 -7.62
N GLY B 351 -10.25 20.01 -8.15
CA GLY B 351 -9.46 20.25 -9.35
C GLY B 351 -10.10 19.74 -10.62
N ILE B 352 -11.43 19.75 -10.67
CA ILE B 352 -12.22 19.22 -11.77
C ILE B 352 -12.94 20.32 -12.51
N VAL B 353 -13.72 21.12 -11.77
CA VAL B 353 -14.65 22.10 -12.34
C VAL B 353 -14.00 23.47 -12.35
N TYR B 354 -13.90 24.08 -13.53
CA TYR B 354 -13.08 25.26 -13.72
C TYR B 354 -13.96 26.41 -14.19
N SER B 355 -13.58 27.65 -13.81
CA SER B 355 -14.36 28.85 -14.12
C SER B 355 -13.44 30.01 -14.49
N LYS B 356 -13.97 30.91 -15.33
CA LYS B 356 -13.16 31.97 -15.90
C LYS B 356 -12.59 32.89 -14.83
N SER B 357 -11.32 33.19 -14.94
CA SER B 357 -10.72 33.98 -13.86
C SER B 357 -9.92 35.17 -14.36
N LEU B 358 -9.33 35.09 -15.55
CA LEU B 358 -8.63 36.22 -16.16
C LEU B 358 -8.53 36.05 -17.67
N ASP B 359 -9.09 37.01 -18.40
CA ASP B 359 -9.17 37.04 -19.86
C ASP B 359 -7.92 37.68 -20.44
N ARG B 360 -7.63 37.31 -21.69
CA ARG B 360 -6.54 37.90 -22.47
C ARG B 360 -5.19 37.81 -21.73
N HIS B 361 -4.79 36.58 -21.42
CA HIS B 361 -3.52 36.33 -20.75
C HIS B 361 -2.46 36.05 -21.82
N LEU B 362 -1.39 36.85 -21.86
CA LEU B 362 -0.36 36.71 -22.88
C LEU B 362 0.48 35.46 -22.65
N TYR B 363 0.83 34.77 -23.75
CA TYR B 363 1.77 33.65 -23.72
C TYR B 363 2.56 33.66 -25.00
N THR B 364 3.79 33.14 -24.91
CA THR B 364 4.69 33.13 -26.06
C THR B 364 4.28 32.05 -27.04
N THR B 365 4.20 32.42 -28.31
CA THR B 365 3.86 31.41 -29.31
C THR B 365 4.75 30.18 -29.16
N THR B 366 6.06 30.40 -29.10
CA THR B 366 7.04 29.32 -29.02
C THR B 366 7.39 29.03 -27.57
N GLY B 367 6.66 28.10 -26.96
CA GLY B 367 6.99 27.74 -25.59
C GLY B 367 5.81 27.82 -24.64
N GLY B 368 5.04 28.90 -24.75
CA GLY B 368 3.89 29.11 -23.89
C GLY B 368 4.18 29.78 -22.57
N GLU B 369 5.31 30.49 -22.49
CA GLU B 369 5.69 31.08 -21.23
C GLU B 369 4.78 32.26 -20.92
N THR B 370 4.54 32.47 -19.63
CA THR B 370 3.66 33.52 -19.16
C THR B 370 4.29 34.26 -18.01
N ASP B 371 3.81 35.48 -17.82
CA ASP B 371 4.33 36.29 -16.74
C ASP B 371 3.81 35.87 -15.37
N PHE B 372 2.93 34.87 -15.29
CA PHE B 372 2.36 34.40 -14.03
C PHE B 372 3.45 34.05 -13.00
N THR B 373 3.42 34.76 -11.86
CA THR B 373 4.30 34.56 -10.71
C THR B 373 3.46 34.34 -9.46
N ASN B 374 3.86 33.36 -8.65
CA ASN B 374 3.29 33.17 -7.32
C ASN B 374 4.15 34.01 -6.38
N VAL B 375 3.60 35.12 -5.90
CA VAL B 375 4.30 35.99 -4.96
C VAL B 375 4.42 35.26 -3.63
N THR B 376 5.61 34.77 -3.31
CA THR B 376 5.81 33.98 -2.11
C THR B 376 5.73 34.80 -0.83
N SER B 377 5.89 36.12 -0.88
CA SER B 377 5.92 36.95 0.32
C SER B 377 4.55 37.35 0.82
N LEU B 378 3.47 36.82 0.23
CA LEU B 378 2.12 37.12 0.70
C LEU B 378 1.19 36.01 0.23
N ARG B 379 0.44 35.43 1.16
CA ARG B 379 -0.40 34.30 0.79
C ARG B 379 -1.52 34.77 -0.14
N GLY B 380 -1.74 34.01 -1.21
CA GLY B 380 -2.85 34.27 -2.09
C GLY B 380 -2.67 35.45 -3.01
N VAL B 381 -1.43 35.84 -3.28
CA VAL B 381 -1.13 36.95 -4.19
C VAL B 381 -0.47 36.38 -5.43
N TYR B 382 -1.03 36.69 -6.60
CA TYR B 382 -0.40 36.32 -7.87
C TYR B 382 -0.45 37.53 -8.81
N ILE B 383 0.64 37.72 -9.55
CA ILE B 383 0.79 38.80 -10.50
C ILE B 383 1.02 38.15 -11.83
N THR B 384 0.33 38.61 -12.87
CA THR B 384 0.67 38.21 -14.22
C THR B 384 0.52 39.43 -15.15
N SER B 385 0.48 39.14 -16.45
CA SER B 385 0.46 40.19 -17.46
C SER B 385 -0.50 39.81 -18.56
N THR B 386 -1.29 40.79 -19.02
CA THR B 386 -2.43 40.61 -19.90
C THR B 386 -2.46 41.70 -20.97
N LEU B 387 -3.29 41.48 -21.98
CA LEU B 387 -3.42 42.39 -23.11
C LEU B 387 -4.71 43.18 -22.99
N SER B 388 -4.58 44.50 -22.95
CA SER B 388 -5.71 45.43 -22.90
C SER B 388 -6.44 45.47 -24.24
N GLU B 389 -7.58 46.15 -24.27
CA GLU B 389 -8.30 46.28 -25.52
C GLU B 389 -7.58 47.16 -26.51
N ASP B 390 -6.70 48.04 -26.05
CA ASP B 390 -5.92 48.89 -26.94
C ASP B 390 -4.67 48.17 -27.44
N ASN B 391 -4.48 46.91 -27.03
CA ASN B 391 -3.30 46.11 -27.33
C ASN B 391 -2.05 46.69 -26.70
N SER B 392 -2.22 47.23 -25.50
CA SER B 392 -1.11 47.62 -24.66
C SER B 392 -1.06 46.63 -23.51
N ILE B 393 0.15 46.31 -23.08
CA ILE B 393 0.33 45.27 -22.09
C ILE B 393 0.19 45.83 -20.67
N GLN B 394 -0.48 45.08 -19.82
CA GLN B 394 -0.81 45.53 -18.47
C GLN B 394 -0.49 44.43 -17.49
N SER B 395 0.01 44.82 -16.33
CA SER B 395 0.27 43.88 -15.26
C SER B 395 -0.95 43.81 -14.36
N MET B 396 -1.45 42.60 -14.14
CA MET B 396 -2.61 42.35 -13.30
C MET B 396 -2.19 41.62 -12.02
N ILE B 397 -2.89 41.91 -10.92
CA ILE B 397 -2.59 41.29 -9.64
C ILE B 397 -3.89 40.92 -8.97
N THR B 398 -3.90 39.74 -8.33
CA THR B 398 -4.98 39.26 -7.48
C THR B 398 -4.49 39.10 -6.04
N PHE B 399 -5.34 39.48 -5.09
CA PHE B 399 -5.06 39.32 -3.67
C PHE B 399 -5.91 38.23 -3.03
N ASP B 400 -6.77 37.58 -3.82
CA ASP B 400 -7.72 36.60 -3.34
C ASP B 400 -7.59 35.32 -4.11
N GLN B 401 -6.35 35.02 -4.55
CA GLN B 401 -6.00 33.74 -5.15
C GLN B 401 -6.81 33.49 -6.43
N GLY B 402 -6.79 34.50 -7.32
CA GLY B 402 -7.55 34.48 -8.56
C GLY B 402 -9.04 34.65 -8.41
N GLY B 403 -9.52 35.24 -7.31
CA GLY B 403 -10.92 35.55 -7.24
C GLY B 403 -11.23 36.76 -8.10
N ARG B 404 -10.44 37.81 -7.93
CA ARG B 404 -10.66 39.07 -8.62
C ARG B 404 -9.31 39.74 -8.82
N TRP B 405 -8.98 40.03 -10.07
CA TRP B 405 -7.74 40.72 -10.41
C TRP B 405 -7.96 42.22 -10.45
N GLU B 406 -6.86 42.95 -10.35
CA GLU B 406 -6.89 44.40 -10.47
C GLU B 406 -5.65 44.87 -11.21
N HIS B 407 -5.80 45.96 -11.97
CA HIS B 407 -4.63 46.53 -12.63
C HIS B 407 -3.58 46.85 -11.57
N LEU B 408 -2.33 46.71 -11.94
CA LEU B 408 -1.23 47.01 -11.03
C LEU B 408 -1.08 48.52 -10.86
N ARG B 409 -1.17 48.98 -9.62
CA ARG B 409 -1.18 50.41 -9.37
C ARG B 409 0.14 51.05 -9.77
N LYS B 410 0.06 52.17 -10.49
CA LYS B 410 1.27 52.87 -10.94
C LYS B 410 2.09 53.29 -9.68
N PRO B 411 3.43 53.37 -9.84
CA PRO B 411 4.27 53.54 -8.64
C PRO B 411 4.27 54.98 -8.17
N GLU B 412 4.22 55.14 -6.85
CA GLU B 412 4.23 56.48 -6.27
C GLU B 412 5.59 57.13 -6.46
N ASN B 413 5.58 58.46 -6.48
CA ASN B 413 6.77 59.29 -6.60
C ASN B 413 7.39 59.22 -7.99
N SER B 414 6.64 58.74 -8.98
CA SER B 414 7.09 58.64 -10.37
C SER B 414 5.91 59.10 -11.24
N LYS B 415 5.68 60.41 -11.30
CA LYS B 415 4.51 60.91 -12.02
C LYS B 415 4.84 61.09 -13.50
N CYS B 416 4.58 60.01 -14.25
CA CYS B 416 4.66 60.01 -15.70
C CYS B 416 3.45 60.69 -16.33
N ASP B 417 2.23 60.33 -15.89
CA ASP B 417 0.94 60.89 -16.35
C ASP B 417 0.79 61.03 -17.87
N LYS B 421 -0.71 62.85 -22.09
CA LYS B 421 0.04 62.04 -23.04
C LYS B 421 -0.73 60.84 -23.50
N ASN B 422 -0.85 59.87 -22.62
CA ASN B 422 -1.65 58.70 -22.88
C ASN B 422 -2.02 58.06 -21.55
N LYS B 423 -3.18 57.41 -21.52
CA LYS B 423 -3.60 56.74 -20.30
C LYS B 423 -2.95 55.36 -20.17
N ASN B 424 -2.94 54.56 -21.24
CA ASN B 424 -2.27 53.26 -21.21
C ASN B 424 -0.79 53.41 -20.96
N GLU B 425 -0.23 54.55 -21.33
CA GLU B 425 1.13 54.91 -20.96
C GLU B 425 1.21 55.16 -19.46
N CYS B 426 2.43 55.03 -18.92
CA CYS B 426 2.75 55.23 -17.50
C CYS B 426 2.18 54.15 -16.59
N SER B 427 1.68 53.05 -17.14
CA SER B 427 1.26 51.91 -16.34
C SER B 427 2.48 51.03 -16.11
N LEU B 428 2.62 50.52 -14.89
CA LEU B 428 3.75 49.63 -14.60
C LEU B 428 3.49 48.22 -15.13
N HIS B 429 4.42 47.71 -15.89
CA HIS B 429 4.43 46.32 -16.32
C HIS B 429 5.55 45.61 -15.58
N ILE B 430 5.25 44.50 -14.92
CA ILE B 430 6.27 43.69 -14.24
C ILE B 430 6.73 42.56 -15.16
N HIS B 431 8.04 42.36 -15.24
CA HIS B 431 8.64 41.42 -16.19
C HIS B 431 8.89 40.06 -15.55
N ALA B 432 8.32 39.01 -16.17
CA ALA B 432 8.60 37.61 -15.79
C ALA B 432 8.86 36.75 -17.02
N SER B 433 8.31 35.53 -17.00
CA SER B 433 8.74 34.47 -17.92
C SER B 433 8.32 34.75 -19.37
N TYR B 434 7.26 35.54 -19.57
CA TYR B 434 6.89 35.98 -20.90
C TYR B 434 7.89 36.98 -21.43
N SER B 435 8.29 37.90 -20.57
CA SER B 435 9.16 39.00 -20.95
C SER B 435 10.56 38.52 -21.22
N ILE B 436 11.02 37.50 -20.49
CA ILE B 436 12.22 36.79 -20.88
C ILE B 436 12.05 36.20 -22.25
N SER B 437 10.96 35.46 -22.47
CA SER B 437 10.68 34.78 -23.72
C SER B 437 10.69 35.73 -24.92
N GLN B 438 10.20 36.96 -24.77
CA GLN B 438 10.24 37.92 -25.87
C GLN B 438 11.56 38.62 -26.00
N LYS B 439 12.60 38.05 -25.38
CA LYS B 439 13.98 38.50 -25.57
C LYS B 439 14.17 39.94 -25.10
N LEU B 440 13.42 40.32 -24.06
CA LEU B 440 13.56 41.65 -23.48
C LEU B 440 14.69 41.61 -22.45
N ASN B 441 15.23 42.78 -22.12
CA ASN B 441 16.45 42.84 -21.32
C ASN B 441 16.10 42.70 -19.84
N VAL B 442 15.76 41.47 -19.44
CA VAL B 442 15.34 41.19 -18.07
C VAL B 442 16.20 40.08 -17.48
N PRO B 443 17.25 40.43 -16.72
CA PRO B 443 18.08 39.38 -16.09
C PRO B 443 17.33 38.37 -15.20
N MET B 444 16.36 38.81 -14.41
CA MET B 444 15.74 37.93 -13.43
C MET B 444 14.22 38.12 -13.33
N ALA B 445 13.55 37.03 -12.96
CA ALA B 445 12.13 37.03 -12.64
C ALA B 445 11.86 37.76 -11.32
N PRO B 446 10.61 38.06 -11.02
CA PRO B 446 10.28 38.62 -9.69
C PRO B 446 10.76 37.70 -8.59
N LEU B 447 11.51 38.27 -7.63
CA LEU B 447 12.08 37.49 -6.53
C LEU B 447 11.38 37.81 -5.22
N SER B 448 11.11 36.77 -4.44
CA SER B 448 10.57 36.96 -3.10
C SER B 448 10.78 35.69 -2.27
N GLU B 449 10.86 35.90 -0.95
CA GLU B 449 11.05 34.81 -0.03
C GLU B 449 9.89 34.75 0.93
N PRO B 450 9.47 33.54 1.34
CA PRO B 450 8.38 33.44 2.33
C PRO B 450 8.69 34.16 3.63
N ASN B 451 9.94 34.11 4.11
CA ASN B 451 10.29 34.77 5.36
C ASN B 451 10.17 36.29 5.25
N ALA B 452 10.32 36.85 4.05
CA ALA B 452 10.35 38.31 3.86
C ALA B 452 8.97 38.82 3.44
N VAL B 453 8.10 38.95 4.44
CA VAL B 453 6.69 39.20 4.16
C VAL B 453 6.50 40.61 3.64
N GLY B 454 5.82 40.71 2.51
CA GLY B 454 5.57 41.98 1.86
C GLY B 454 6.64 42.39 0.88
N ILE B 455 7.85 41.86 1.01
CA ILE B 455 8.95 42.28 0.16
C ILE B 455 8.85 41.57 -1.17
N VAL B 456 8.75 42.36 -2.24
CA VAL B 456 8.84 41.84 -3.60
C VAL B 456 9.80 42.71 -4.37
N ILE B 457 10.66 42.08 -5.14
CA ILE B 457 11.58 42.81 -5.98
C ILE B 457 11.43 42.25 -7.40
N ALA B 458 11.39 43.16 -8.38
CA ALA B 458 11.20 42.76 -9.76
C ALA B 458 11.60 43.89 -10.68
N HIS B 459 11.50 43.58 -11.97
CA HIS B 459 11.89 44.45 -13.05
C HIS B 459 10.63 44.97 -13.71
N GLY B 460 10.57 46.29 -13.93
CA GLY B 460 9.39 46.92 -14.46
C GLY B 460 9.68 48.08 -15.40
N SER B 461 8.65 48.44 -16.16
CA SER B 461 8.77 49.38 -17.26
C SER B 461 7.52 50.24 -17.37
N VAL B 462 7.71 51.42 -17.96
CA VAL B 462 6.64 52.33 -18.35
C VAL B 462 6.17 51.95 -19.75
N GLY B 463 5.10 52.60 -20.22
CA GLY B 463 4.53 52.28 -21.52
C GLY B 463 5.30 52.69 -22.76
N ASP B 464 6.60 52.99 -22.62
CA ASP B 464 7.40 53.51 -23.71
C ASP B 464 8.39 52.45 -24.17
N ALA B 465 8.70 52.46 -25.48
CA ALA B 465 9.59 51.43 -26.03
C ALA B 465 11.03 51.65 -25.57
N ILE B 466 11.36 52.84 -25.08
CA ILE B 466 12.69 53.08 -24.52
C ILE B 466 12.83 52.38 -23.17
N SER B 467 11.78 52.47 -22.34
CA SER B 467 11.79 51.84 -21.02
C SER B 467 11.66 50.32 -21.12
N VAL B 468 11.12 49.81 -22.23
CA VAL B 468 11.10 48.37 -22.47
C VAL B 468 12.50 47.85 -22.73
N MET B 469 13.33 48.64 -23.41
CA MET B 469 14.70 48.20 -23.65
C MET B 469 15.56 48.30 -22.39
N VAL B 470 15.28 49.26 -21.50
CA VAL B 470 16.04 49.42 -20.25
C VAL B 470 15.17 49.37 -19.00
N PRO B 471 14.72 48.20 -18.55
CA PRO B 471 13.86 48.13 -17.37
C PRO B 471 14.63 48.55 -16.13
N ASP B 472 13.87 48.83 -15.07
CA ASP B 472 14.39 49.28 -13.79
C ASP B 472 13.93 48.29 -12.73
N VAL B 473 14.47 48.40 -11.53
CA VAL B 473 14.13 47.50 -10.44
C VAL B 473 13.16 48.21 -9.51
N TYR B 474 12.03 47.55 -9.25
CA TYR B 474 11.05 48.12 -8.34
C TYR B 474 10.97 47.22 -7.13
N ILE B 475 10.40 47.76 -6.06
CA ILE B 475 10.33 47.11 -4.76
C ILE B 475 8.93 47.32 -4.22
N SER B 476 8.32 46.24 -3.77
CA SER B 476 7.08 46.36 -3.04
C SER B 476 7.28 45.88 -1.61
N ASP B 477 6.65 46.59 -0.68
CA ASP B 477 6.68 46.24 0.74
C ASP B 477 5.36 45.69 1.23
N ASP B 478 4.35 45.58 0.36
CA ASP B 478 3.01 45.17 0.79
C ASP B 478 2.44 44.06 -0.09
N GLY B 479 3.28 43.15 -0.54
CA GLY B 479 2.87 42.10 -1.44
C GLY B 479 2.52 42.53 -2.84
N GLY B 480 3.04 43.67 -3.32
CA GLY B 480 2.77 44.13 -4.67
C GLY B 480 1.67 45.17 -4.81
N TYR B 481 1.10 45.69 -3.72
CA TYR B 481 0.05 46.69 -3.86
C TYR B 481 0.62 48.05 -4.26
N SER B 482 1.80 48.38 -3.74
CA SER B 482 2.44 49.67 -4.00
C SER B 482 3.87 49.42 -4.40
N TRP B 483 4.31 50.14 -5.40
CA TRP B 483 5.63 49.92 -5.98
C TRP B 483 6.43 51.21 -6.02
N ALA B 484 7.75 51.06 -6.05
CA ALA B 484 8.63 52.20 -6.16
C ALA B 484 9.88 51.80 -6.89
N LYS B 485 10.23 52.56 -7.93
CA LYS B 485 11.47 52.38 -8.67
C LYS B 485 12.62 52.59 -7.72
N MET B 486 13.43 51.56 -7.51
CA MET B 486 14.52 51.65 -6.52
C MET B 486 15.90 51.64 -7.14
N LEU B 487 16.09 50.95 -8.25
CA LEU B 487 17.37 50.93 -8.94
C LEU B 487 17.13 51.19 -10.42
N GLU B 488 17.97 52.02 -11.02
CA GLU B 488 17.90 52.31 -12.44
C GLU B 488 18.57 51.18 -13.17
N GLY B 489 17.90 50.64 -14.19
CA GLY B 489 18.51 49.61 -15.03
C GLY B 489 18.51 48.22 -14.43
N PRO B 490 18.79 47.21 -15.25
CA PRO B 490 18.68 45.83 -14.79
C PRO B 490 19.75 45.43 -13.76
N HIS B 491 19.35 44.50 -12.88
CA HIS B 491 20.19 44.07 -11.78
C HIS B 491 19.94 42.61 -11.47
N TYR B 492 20.97 41.99 -10.89
CA TYR B 492 20.84 40.70 -10.24
C TYR B 492 20.62 40.99 -8.76
N TYR B 493 19.55 40.44 -8.21
CA TYR B 493 19.24 40.59 -6.80
C TYR B 493 19.08 39.24 -6.12
N THR B 494 19.24 39.28 -4.80
CA THR B 494 19.01 38.12 -3.96
C THR B 494 18.58 38.58 -2.58
N ILE B 495 17.85 37.71 -1.90
CA ILE B 495 17.30 38.01 -0.59
C ILE B 495 17.86 37.02 0.40
N LEU B 496 18.30 37.53 1.54
CA LEU B 496 18.72 36.67 2.64
C LEU B 496 18.43 37.41 3.93
N ASP B 497 18.78 36.75 5.04
CA ASP B 497 18.51 37.30 6.35
C ASP B 497 17.01 37.45 6.59
N SER B 498 16.20 36.60 5.96
CA SER B 498 14.76 36.72 6.07
C SER B 498 14.30 38.12 5.63
N GLY B 499 14.99 38.70 4.66
CA GLY B 499 14.62 40.02 4.17
C GLY B 499 15.34 41.19 4.80
N GLY B 500 16.14 40.97 5.84
CA GLY B 500 16.94 42.05 6.39
C GLY B 500 17.90 42.63 5.37
N ILE B 501 18.43 41.79 4.47
CA ILE B 501 19.44 42.22 3.53
C ILE B 501 18.98 41.95 2.11
N ILE B 502 19.08 42.97 1.27
CA ILE B 502 18.74 42.90 -0.14
C ILE B 502 19.96 43.40 -0.89
N VAL B 503 20.55 42.54 -1.73
CA VAL B 503 21.77 42.83 -2.47
C VAL B 503 21.46 42.79 -3.95
N ALA B 504 21.88 43.83 -4.68
CA ALA B 504 21.82 43.83 -6.14
C ALA B 504 23.15 44.31 -6.74
N ILE B 505 23.35 43.93 -8.01
CA ILE B 505 24.59 44.07 -8.75
C ILE B 505 24.26 44.37 -10.20
N GLU B 506 24.78 45.47 -10.73
CA GLU B 506 24.37 45.93 -12.06
C GLU B 506 24.68 44.89 -13.14
N HIS B 507 23.84 44.82 -14.16
CA HIS B 507 23.99 43.88 -15.27
C HIS B 507 24.32 44.63 -16.55
N SER B 508 25.57 44.52 -16.98
CA SER B 508 26.09 45.31 -18.10
C SER B 508 27.12 44.48 -18.83
N ASN B 509 27.57 45.00 -19.97
CA ASN B 509 28.68 44.38 -20.68
C ASN B 509 30.04 44.83 -20.15
N ARG B 510 30.08 45.93 -19.38
CA ARG B 510 31.29 46.43 -18.75
C ARG B 510 31.52 45.79 -17.39
N PRO B 511 32.77 45.64 -16.96
CA PRO B 511 33.04 45.03 -15.66
C PRO B 511 32.57 45.90 -14.52
N ILE B 512 32.11 45.24 -13.45
CA ILE B 512 31.46 45.94 -12.35
C ILE B 512 32.19 45.61 -11.07
N ASN B 513 32.02 46.47 -10.07
CA ASN B 513 32.76 46.33 -8.84
C ASN B 513 31.99 47.02 -7.74
N VAL B 514 30.67 47.04 -7.89
CA VAL B 514 29.79 47.78 -7.02
C VAL B 514 28.69 46.86 -6.51
N ILE B 515 28.64 46.70 -5.21
CA ILE B 515 27.56 45.98 -4.53
C ILE B 515 26.56 47.01 -4.06
N LYS B 516 25.29 46.83 -4.43
CA LYS B 516 24.21 47.68 -3.94
C LYS B 516 23.37 46.85 -2.98
N PHE B 517 23.29 47.27 -1.73
CA PHE B 517 22.58 46.47 -0.74
C PHE B 517 21.51 47.32 -0.04
N SER B 518 20.71 46.64 0.78
CA SER B 518 19.69 47.34 1.55
C SER B 518 19.32 46.53 2.77
N THR B 519 19.22 47.24 3.89
CA THR B 519 19.01 46.67 5.20
C THR B 519 17.62 46.91 5.75
N ASP B 520 16.84 47.80 5.12
CA ASP B 520 15.51 48.20 5.54
C ASP B 520 14.46 47.80 4.51
N GLU B 521 14.49 46.53 4.10
CA GLU B 521 13.52 45.99 3.16
C GLU B 521 13.42 46.86 1.92
N GLY B 522 14.56 47.11 1.30
CA GLY B 522 14.63 47.77 0.02
C GLY B 522 14.26 49.22 0.00
N GLN B 523 13.83 49.80 1.12
CA GLN B 523 13.48 51.21 1.11
C GLN B 523 14.69 52.11 0.89
N CYS B 524 15.82 51.83 1.53
CA CYS B 524 17.03 52.60 1.31
C CYS B 524 18.13 51.71 0.77
N TRP B 525 18.93 52.26 -0.13
CA TRP B 525 20.02 51.54 -0.75
C TRP B 525 21.34 52.29 -0.53
N GLN B 526 22.43 51.52 -0.61
CA GLN B 526 23.78 52.02 -0.43
C GLN B 526 24.71 51.16 -1.27
N SER B 527 25.72 51.79 -1.87
CA SER B 527 26.70 51.12 -2.72
C SER B 527 28.02 50.89 -1.98
N TYR B 528 28.66 49.76 -2.26
CA TYR B 528 29.94 49.36 -1.66
C TYR B 528 30.81 48.73 -2.72
N VAL B 529 31.96 49.34 -2.99
CA VAL B 529 32.94 48.77 -3.91
C VAL B 529 33.73 47.70 -3.15
N PHE B 530 33.61 46.45 -3.59
CA PHE B 530 34.23 45.32 -2.91
C PHE B 530 35.62 45.00 -3.44
N THR B 531 36.05 45.63 -4.53
CA THR B 531 37.35 45.37 -5.14
C THR B 531 37.79 46.53 -6.01
N GLN B 532 39.10 46.76 -6.03
CA GLN B 532 39.73 47.75 -6.90
C GLN B 532 39.99 47.23 -8.30
N GLU B 533 39.58 45.99 -8.60
CA GLU B 533 39.73 45.42 -9.94
C GLU B 533 38.36 44.97 -10.44
N PRO B 534 37.71 45.75 -11.30
CA PRO B 534 36.38 45.36 -11.80
C PRO B 534 36.44 44.03 -12.53
N ILE B 535 35.40 43.22 -12.33
CA ILE B 535 35.32 41.87 -12.88
C ILE B 535 34.01 41.73 -13.65
N TYR B 536 34.07 41.01 -14.76
CA TYR B 536 32.87 40.64 -15.48
C TYR B 536 32.00 39.78 -14.58
N PHE B 537 30.76 40.18 -14.36
CA PHE B 537 29.92 39.43 -13.41
C PHE B 537 29.52 38.08 -14.00
N THR B 538 29.53 37.03 -13.15
CA THR B 538 29.13 35.66 -13.53
C THR B 538 28.05 35.07 -12.63
N GLY B 539 28.25 35.15 -11.32
CA GLY B 539 27.27 34.56 -10.44
C GLY B 539 27.21 35.20 -9.07
N LEU B 540 26.04 35.09 -8.44
CA LEU B 540 25.83 35.58 -7.09
C LEU B 540 25.11 34.49 -6.31
N ALA B 541 25.74 34.01 -5.24
CA ALA B 541 25.20 32.97 -4.38
C ALA B 541 25.10 33.46 -2.95
N SER B 542 24.01 33.09 -2.30
CA SER B 542 23.75 33.43 -0.92
C SER B 542 23.85 32.19 -0.05
N GLU B 543 24.31 32.39 1.15
CA GLU B 543 24.37 31.25 2.05
C GLU B 543 22.96 30.86 2.49
N PRO B 544 22.65 29.57 2.53
CA PRO B 544 21.35 29.17 3.07
C PRO B 544 21.24 29.58 4.53
N GLY B 545 20.01 29.80 4.97
CA GLY B 545 19.77 30.09 6.36
C GLY B 545 18.87 31.30 6.50
N ALA B 546 18.09 31.30 7.58
CA ALA B 546 17.17 32.41 7.80
C ALA B 546 17.90 33.63 8.31
N ARG B 547 18.99 33.44 9.07
CA ARG B 547 19.76 34.54 9.63
C ARG B 547 21.15 34.64 9.00
N SER B 548 21.26 34.22 7.74
CA SER B 548 22.51 34.27 7.02
C SER B 548 22.91 35.71 6.72
N MET B 549 24.22 35.97 6.67
CA MET B 549 24.76 37.29 6.32
C MET B 549 26.00 37.17 5.44
N ASN B 550 26.11 36.10 4.66
CA ASN B 550 27.28 35.84 3.84
C ASN B 550 26.86 35.71 2.40
N ILE B 551 27.51 36.45 1.53
CA ILE B 551 27.26 36.33 0.11
C ILE B 551 28.54 35.88 -0.58
N SER B 552 28.39 35.54 -1.87
CA SER B 552 29.52 35.13 -2.68
C SER B 552 29.29 35.64 -4.10
N ILE B 553 30.20 36.48 -4.57
CA ILE B 553 30.19 37.03 -5.92
C ILE B 553 31.37 36.43 -6.66
N TRP B 554 31.15 35.96 -7.88
CA TRP B 554 32.30 35.50 -8.66
C TRP B 554 32.21 35.96 -10.10
N GLY B 555 33.38 36.13 -10.69
CA GLY B 555 33.53 36.53 -12.08
C GLY B 555 34.96 36.33 -12.51
N PHE B 556 35.42 37.18 -13.41
CA PHE B 556 36.72 36.96 -14.02
C PHE B 556 37.23 38.27 -14.61
N THR B 557 38.52 38.29 -14.98
CA THR B 557 39.14 39.44 -15.63
C THR B 557 39.57 39.06 -17.04
N GLU B 558 39.31 39.95 -18.00
CA GLU B 558 39.68 39.75 -19.41
C GLU B 558 39.02 38.49 -19.99
N THR B 562 42.61 34.63 -22.20
CA THR B 562 42.91 33.87 -20.99
C THR B 562 42.39 34.58 -19.72
N ARG B 563 41.31 34.05 -19.16
CA ARG B 563 40.59 34.74 -18.10
C ARG B 563 40.89 34.19 -16.71
N GLN B 564 40.86 35.08 -15.72
CA GLN B 564 41.19 34.75 -14.34
C GLN B 564 39.96 34.97 -13.46
N TRP B 565 39.41 33.86 -12.96
CA TRP B 565 38.25 33.87 -12.08
C TRP B 565 38.64 34.29 -10.66
N VAL B 566 37.69 34.90 -9.96
CA VAL B 566 37.95 35.38 -8.61
C VAL B 566 36.64 35.45 -7.85
N SER B 567 36.65 35.07 -6.57
CA SER B 567 35.45 35.11 -5.75
C SER B 567 35.66 35.94 -4.47
N TYR B 568 34.65 36.73 -4.15
CA TYR B 568 34.65 37.62 -3.00
C TYR B 568 33.52 37.19 -2.09
N THR B 569 33.84 36.89 -0.83
CA THR B 569 32.84 36.55 0.17
C THR B 569 32.67 37.75 1.09
N VAL B 570 31.54 38.43 0.98
CA VAL B 570 31.28 39.61 1.79
C VAL B 570 30.36 39.24 2.94
N ASP B 571 30.72 39.69 4.13
CA ASP B 571 29.99 39.40 5.34
C ASP B 571 29.50 40.69 5.97
N PHE B 572 28.18 40.73 6.20
CA PHE B 572 27.48 41.86 6.80
C PHE B 572 27.37 41.75 8.32
N LYS B 573 28.32 41.05 8.96
CA LYS B 573 28.27 40.89 10.41
C LYS B 573 28.48 42.21 11.11
N ASP B 574 29.51 42.96 10.70
CA ASP B 574 29.82 44.23 11.33
C ASP B 574 28.83 45.34 10.96
N ILE B 575 28.08 45.18 9.86
CA ILE B 575 27.08 46.19 9.49
C ILE B 575 25.81 46.05 10.34
N LEU B 576 25.41 44.81 10.63
CA LEU B 576 24.20 44.51 11.39
C LEU B 576 24.61 43.85 12.71
N GLU B 577 25.22 44.64 13.59
CA GLU B 577 25.66 44.11 14.87
C GLU B 577 24.67 44.35 15.99
N ARG B 578 23.87 45.40 15.86
CA ARG B 578 22.87 45.75 16.86
C ARG B 578 21.56 45.04 16.53
N ASN B 579 20.99 44.37 17.51
CA ASN B 579 19.70 43.73 17.33
C ASN B 579 18.62 44.80 17.31
N CYS B 580 17.63 44.62 16.42
CA CYS B 580 16.50 45.55 16.34
C CYS B 580 15.65 45.42 17.59
N GLU B 581 15.20 46.56 18.11
CA GLU B 581 14.21 46.56 19.18
C GLU B 581 12.82 46.78 18.56
N GLU B 582 11.80 46.85 19.43
CA GLU B 582 10.44 47.01 18.92
C GLU B 582 10.21 48.38 18.27
N ASP B 583 11.02 49.38 18.62
CA ASP B 583 10.92 50.73 18.08
C ASP B 583 11.36 50.84 16.63
N ASP B 584 12.04 49.82 16.10
CA ASP B 584 12.51 49.82 14.72
C ASP B 584 11.47 49.22 13.77
N TYR B 585 10.41 48.62 14.29
CA TYR B 585 9.35 48.02 13.50
C TYR B 585 8.11 48.90 13.49
N THR B 586 7.28 48.67 12.48
CA THR B 586 6.05 49.41 12.23
C THR B 586 5.01 48.44 11.68
N THR B 587 3.82 48.45 12.28
CA THR B 587 2.75 47.53 11.89
C THR B 587 2.04 48.01 10.61
N TRP B 588 1.58 47.03 9.81
CA TRP B 588 0.88 47.25 8.54
C TRP B 588 0.06 46.01 8.17
N LEU B 589 -1.13 46.25 7.62
CA LEU B 589 -2.10 45.22 7.25
C LEU B 589 -2.08 44.97 5.75
N ALA B 590 -2.42 43.75 5.36
CA ALA B 590 -2.41 43.45 3.92
C ALA B 590 -3.59 44.12 3.24
N HIS B 591 -3.50 44.22 1.92
CA HIS B 591 -4.55 44.89 1.18
C HIS B 591 -5.75 43.98 0.98
N SER B 592 -6.94 44.55 1.06
CA SER B 592 -8.15 43.83 0.76
C SER B 592 -8.95 44.55 -0.29
N THR B 593 -9.34 43.82 -1.32
CA THR B 593 -10.07 44.44 -2.44
C THR B 593 -11.39 45.06 -1.99
N ASP B 594 -12.05 44.49 -0.94
CA ASP B 594 -13.34 45.03 -0.49
C ASP B 594 -13.15 46.30 0.34
N PRO B 595 -13.93 47.34 0.07
CA PRO B 595 -13.69 48.63 0.74
C PRO B 595 -14.26 48.59 2.14
N GLY B 596 -13.78 49.52 2.96
CA GLY B 596 -14.12 49.51 4.36
C GLY B 596 -13.05 48.87 5.23
N ASP B 597 -13.15 49.16 6.53
CA ASP B 597 -12.25 48.65 7.57
C ASP B 597 -12.66 47.29 8.09
N TYR B 598 -13.94 46.93 7.96
CA TYR B 598 -14.44 45.67 8.46
C TYR B 598 -13.75 44.48 7.83
N LYS B 599 -13.17 44.64 6.66
CA LYS B 599 -12.39 43.53 6.14
C LYS B 599 -10.95 43.92 5.91
N ASP B 600 -10.48 44.95 6.60
CA ASP B 600 -9.13 45.46 6.37
C ASP B 600 -8.12 44.49 6.97
N GLY B 601 -7.31 43.91 6.09
CA GLY B 601 -6.35 42.90 6.47
C GLY B 601 -6.80 41.46 6.33
N CYS B 602 -7.97 41.20 5.75
CA CYS B 602 -8.50 39.85 5.62
C CYS B 602 -8.00 39.22 4.32
N ILE B 603 -7.43 38.03 4.42
CA ILE B 603 -6.88 37.27 3.30
C ILE B 603 -7.48 35.88 3.33
N LEU B 604 -8.39 35.62 2.39
CA LEU B 604 -9.11 34.35 2.37
C LEU B 604 -9.63 34.01 3.76
N GLY B 605 -10.26 35.00 4.41
CA GLY B 605 -10.99 34.78 5.62
C GLY B 605 -10.19 34.78 6.91
N TYR B 606 -8.88 35.06 6.87
CA TYR B 606 -8.04 35.13 8.06
C TYR B 606 -7.40 36.52 8.15
N LYS B 607 -7.33 37.08 9.36
CA LYS B 607 -6.75 38.41 9.57
C LYS B 607 -5.46 38.26 10.34
N GLU B 608 -4.37 38.82 9.80
CA GLU B 608 -3.06 38.76 10.44
C GLU B 608 -2.36 40.10 10.32
N GLN B 609 -1.77 40.56 11.42
CA GLN B 609 -1.02 41.81 11.47
C GLN B 609 0.43 41.56 11.14
N PHE B 610 1.06 42.48 10.40
CA PHE B 610 2.41 42.31 9.89
C PHE B 610 3.34 43.38 10.45
N LEU B 611 4.64 43.10 10.37
CA LEU B 611 5.70 44.03 10.76
C LEU B 611 6.54 44.43 9.55
N ARG B 612 7.30 45.50 9.72
CA ARG B 612 8.09 46.06 8.64
C ARG B 612 9.20 46.90 9.25
N LEU B 613 10.38 46.87 8.66
CA LEU B 613 11.45 47.74 9.13
C LEU B 613 11.18 49.17 8.70
N ARG B 614 11.37 50.09 9.64
CA ARG B 614 11.25 51.50 9.36
C ARG B 614 12.24 51.91 8.28
N LYS B 615 12.08 53.13 7.81
CA LYS B 615 12.99 53.65 6.82
C LYS B 615 14.37 53.93 7.42
N SER B 616 15.41 53.62 6.65
CA SER B 616 16.82 53.78 7.02
C SER B 616 17.15 53.00 8.30
N SER B 617 16.63 51.78 8.39
CA SER B 617 16.87 50.93 9.54
C SER B 617 18.04 50.00 9.25
N VAL B 618 19.02 50.03 10.13
CA VAL B 618 20.24 49.27 9.99
C VAL B 618 20.36 48.48 11.29
N CYS B 619 19.71 47.33 11.33
CA CYS B 619 19.75 46.47 12.51
C CYS B 619 19.42 45.05 12.10
N GLN B 620 19.87 44.12 12.94
CA GLN B 620 19.72 42.68 12.69
C GLN B 620 18.40 42.21 13.28
N ASN B 621 17.54 41.69 12.43
CA ASN B 621 16.25 41.18 12.86
C ASN B 621 16.44 39.78 13.43
N GLY B 622 15.80 39.54 14.58
CA GLY B 622 15.82 38.23 15.19
C GLY B 622 14.44 37.59 15.28
N ARG B 623 13.39 38.31 14.90
CA ARG B 623 12.01 37.85 15.02
C ARG B 623 11.35 37.80 13.65
N ASP B 624 10.30 36.99 13.53
CA ASP B 624 9.55 36.86 12.28
C ASP B 624 8.60 38.04 12.10
N TYR B 625 8.28 38.35 10.83
CA TYR B 625 7.49 39.54 10.54
C TYR B 625 5.98 39.37 10.81
N VAL B 626 5.50 38.15 11.11
CA VAL B 626 4.11 37.91 11.49
C VAL B 626 3.98 38.02 13.01
N VAL B 627 2.98 38.78 13.49
CA VAL B 627 2.83 39.02 14.93
C VAL B 627 2.53 37.72 15.68
N ALA B 628 1.96 36.73 14.99
CA ALA B 628 1.65 35.44 15.60
C ALA B 628 0.90 35.62 16.91
N LYS B 629 -0.02 36.58 16.92
CA LYS B 629 -0.95 36.75 18.02
C LYS B 629 -2.01 35.66 17.89
N GLN B 630 -2.97 35.87 16.98
CA GLN B 630 -3.98 34.86 16.67
C GLN B 630 -4.80 35.28 15.46
N PRO B 631 -5.03 34.38 14.50
CA PRO B 631 -5.84 34.73 13.33
C PRO B 631 -7.31 34.83 13.73
N SER B 632 -7.90 36.01 13.53
CA SER B 632 -9.32 36.24 13.73
C SER B 632 -10.04 35.98 12.41
N VAL B 633 -11.16 35.26 12.47
CA VAL B 633 -11.88 34.94 11.25
C VAL B 633 -12.70 36.16 10.81
N CYS B 634 -12.66 36.46 9.43
CA CYS B 634 -13.40 37.58 8.86
C CYS B 634 -14.72 37.12 8.29
N PRO B 635 -15.69 38.03 8.18
CA PRO B 635 -16.96 37.69 7.54
C PRO B 635 -16.81 37.64 6.03
N CYS B 636 -17.63 36.80 5.43
CA CYS B 636 -17.44 36.47 4.02
C CYS B 636 -17.92 37.62 3.17
N SER B 637 -17.16 37.93 2.13
CA SER B 637 -17.56 38.96 1.20
C SER B 637 -17.25 38.50 -0.22
N LEU B 638 -17.41 39.40 -1.18
CA LEU B 638 -17.13 39.04 -2.57
C LEU B 638 -15.72 38.47 -2.76
N GLU B 639 -14.69 39.21 -2.33
CA GLU B 639 -13.34 38.74 -2.52
C GLU B 639 -13.11 37.31 -2.01
N ASP B 640 -13.94 36.79 -1.11
CA ASP B 640 -13.74 35.43 -0.63
C ASP B 640 -14.43 34.37 -1.50
N PHE B 641 -14.87 34.70 -2.71
CA PHE B 641 -15.52 33.74 -3.59
C PHE B 641 -15.03 33.83 -5.02
N LEU B 642 -14.79 32.68 -5.66
CA LEU B 642 -14.52 32.63 -7.09
C LEU B 642 -15.81 32.70 -7.88
N CYS B 643 -15.68 32.97 -9.16
CA CYS B 643 -16.83 32.90 -10.04
C CYS B 643 -17.18 31.44 -10.33
N ASP B 644 -18.47 31.13 -10.42
CA ASP B 644 -18.88 29.75 -10.64
C ASP B 644 -18.67 29.38 -12.10
N PHE B 645 -18.95 28.09 -12.42
CA PHE B 645 -18.89 27.53 -13.77
C PHE B 645 -19.84 28.28 -14.69
N GLY B 646 -19.31 28.95 -15.70
CA GLY B 646 -20.13 29.70 -16.61
C GLY B 646 -20.30 31.15 -16.24
N TYR B 647 -19.56 31.65 -15.25
CA TYR B 647 -19.62 33.04 -14.83
C TYR B 647 -18.22 33.62 -14.86
N PHE B 648 -18.15 34.95 -14.83
CA PHE B 648 -16.87 35.65 -14.79
C PHE B 648 -17.05 37.04 -14.22
N ARG B 649 -15.94 37.65 -13.82
CA ARG B 649 -15.93 39.05 -13.40
C ARG B 649 -15.32 39.89 -14.50
N PRO B 650 -16.08 40.83 -15.08
CA PRO B 650 -15.52 41.75 -16.09
C PRO B 650 -14.50 42.74 -15.53
N GLU B 651 -13.89 43.55 -16.41
CA GLU B 651 -12.77 44.40 -16.00
C GLU B 651 -13.21 45.39 -14.93
N ASN B 652 -12.35 45.61 -13.94
CA ASN B 652 -12.60 46.50 -12.81
C ASN B 652 -13.83 46.07 -12.02
N ALA B 653 -14.42 44.91 -12.29
CA ALA B 653 -15.72 44.60 -11.70
C ALA B 653 -15.56 43.76 -10.45
N SER B 654 -16.57 43.80 -9.57
CA SER B 654 -16.51 43.00 -8.35
C SER B 654 -17.47 41.82 -8.33
N GLU B 655 -18.58 41.88 -9.05
CA GLU B 655 -19.59 40.84 -9.00
C GLU B 655 -19.52 39.96 -10.25
N CYS B 656 -19.85 38.67 -10.08
CA CYS B 656 -19.77 37.70 -11.18
C CYS B 656 -21.07 37.71 -11.99
N VAL B 657 -20.96 37.52 -13.30
CA VAL B 657 -22.12 37.49 -14.17
C VAL B 657 -21.99 36.31 -15.13
N GLU B 658 -23.14 35.77 -15.54
CA GLU B 658 -23.14 34.59 -16.40
C GLU B 658 -22.47 34.92 -17.74
N GLN B 659 -21.85 33.93 -18.35
CA GLN B 659 -21.19 34.18 -19.61
C GLN B 659 -22.26 34.33 -20.71
N PRO B 660 -22.05 35.25 -21.68
CA PRO B 660 -23.14 35.55 -22.63
C PRO B 660 -23.63 34.34 -23.42
N GLU B 661 -22.70 33.52 -23.94
CA GLU B 661 -22.99 32.37 -24.78
C GLU B 661 -23.68 31.24 -24.05
N LEU B 662 -23.81 31.31 -22.73
CA LEU B 662 -24.45 30.26 -21.97
C LEU B 662 -25.82 30.66 -21.44
N LYS B 663 -26.25 31.90 -21.67
CA LYS B 663 -27.50 32.39 -21.13
C LYS B 663 -28.66 31.65 -21.80
N GLY B 664 -29.66 31.27 -21.00
CA GLY B 664 -30.80 30.55 -21.51
C GLY B 664 -30.55 29.08 -21.77
N HIS B 665 -29.33 28.61 -21.55
CA HIS B 665 -28.93 27.21 -21.69
C HIS B 665 -28.64 26.62 -20.33
N GLU B 666 -28.91 25.32 -20.19
CA GLU B 666 -28.78 24.64 -18.92
C GLU B 666 -27.33 24.32 -18.63
N LEU B 667 -26.81 24.80 -17.49
CA LEU B 667 -25.42 24.56 -17.15
C LEU B 667 -25.23 23.09 -16.83
N GLU B 668 -24.52 22.37 -17.68
CA GLU B 668 -24.26 20.97 -17.42
C GLU B 668 -22.78 20.71 -17.57
N PHE B 669 -22.29 19.79 -16.76
CA PHE B 669 -20.95 19.26 -16.94
C PHE B 669 -20.98 17.82 -16.47
N CYS B 670 -19.82 17.15 -16.54
CA CYS B 670 -19.70 15.75 -16.18
C CYS B 670 -18.65 15.53 -15.10
N LEU B 671 -19.07 14.93 -13.97
CA LEU B 671 -18.22 14.77 -12.80
C LEU B 671 -18.15 13.30 -12.40
N TYR B 672 -16.96 12.70 -12.56
CA TYR B 672 -16.66 11.29 -12.27
C TYR B 672 -17.73 10.36 -12.83
N GLY B 673 -17.82 10.37 -14.17
CA GLY B 673 -18.83 9.59 -14.87
C GLY B 673 -20.25 9.86 -14.40
N LYS B 674 -20.59 11.12 -14.14
CA LYS B 674 -21.96 11.49 -13.79
C LYS B 674 -22.34 12.78 -14.51
N GLU B 675 -23.58 12.86 -14.99
CA GLU B 675 -24.09 14.10 -15.57
C GLU B 675 -24.63 14.98 -14.46
N GLU B 676 -24.07 16.17 -14.28
CA GLU B 676 -24.44 17.08 -13.19
C GLU B 676 -25.02 18.39 -13.72
N HIS B 677 -26.10 18.84 -13.07
CA HIS B 677 -26.77 20.11 -13.38
C HIS B 677 -26.52 21.13 -12.28
N LEU B 678 -26.04 22.30 -12.69
CA LEU B 678 -25.65 23.35 -11.78
C LEU B 678 -26.67 24.49 -11.77
N THR B 679 -26.91 25.01 -10.57
CA THR B 679 -27.81 26.10 -10.25
C THR B 679 -27.09 26.98 -9.24
N THR B 680 -26.72 28.20 -9.62
CA THR B 680 -25.98 29.04 -8.69
C THR B 680 -26.41 30.48 -8.79
N ASN B 681 -26.08 31.22 -7.74
CA ASN B 681 -25.99 32.67 -7.85
C ASN B 681 -24.70 33.14 -8.53
N GLY B 682 -23.84 32.23 -8.97
CA GLY B 682 -22.58 32.60 -9.55
C GLY B 682 -21.45 32.83 -8.57
N TYR B 683 -21.47 32.18 -7.42
CA TYR B 683 -20.40 32.33 -6.46
C TYR B 683 -20.03 30.95 -5.93
N ARG B 684 -18.72 30.72 -5.85
CA ARG B 684 -18.11 29.48 -5.40
C ARG B 684 -17.08 29.83 -4.35
N LYS B 685 -17.24 29.32 -3.13
CA LYS B 685 -16.25 29.57 -2.09
C LYS B 685 -14.85 29.24 -2.60
N ILE B 686 -13.89 30.09 -2.25
CA ILE B 686 -12.51 29.84 -2.64
C ILE B 686 -11.97 28.62 -1.89
N PRO B 687 -11.33 27.66 -2.56
CA PRO B 687 -10.66 26.59 -1.83
C PRO B 687 -9.58 27.18 -0.95
N GLY B 688 -9.66 26.91 0.36
CA GLY B 688 -8.73 27.45 1.33
C GLY B 688 -9.21 28.69 2.05
N ASP B 689 -10.36 29.23 1.62
CA ASP B 689 -10.89 30.41 2.28
C ASP B 689 -11.52 30.01 3.61
N LYS B 690 -11.22 30.78 4.64
CA LYS B 690 -11.63 30.44 5.99
C LYS B 690 -12.61 31.46 6.56
N CYS B 691 -13.29 32.21 5.70
CA CYS B 691 -14.29 33.15 6.18
C CYS B 691 -15.49 32.39 6.74
N GLN B 692 -16.19 33.03 7.68
CA GLN B 692 -17.42 32.49 8.21
C GLN B 692 -18.42 33.62 8.38
N GLY B 693 -19.70 33.28 8.26
CA GLY B 693 -20.75 34.27 8.28
C GLY B 693 -20.56 35.31 7.20
N GLY B 694 -21.46 36.28 7.23
CA GLY B 694 -21.44 37.36 6.26
C GLY B 694 -22.11 36.94 4.99
N MET B 695 -21.51 37.29 3.86
CA MET B 695 -22.09 36.96 2.57
C MET B 695 -22.10 35.46 2.37
N ASN B 696 -23.24 34.93 1.94
CA ASN B 696 -23.39 33.49 1.76
C ASN B 696 -24.20 33.20 0.49
N PRO B 697 -23.59 33.37 -0.67
CA PRO B 697 -24.26 32.98 -1.92
C PRO B 697 -24.40 31.48 -2.02
N ALA B 698 -25.61 31.02 -2.36
CA ALA B 698 -25.91 29.59 -2.44
C ALA B 698 -25.52 29.00 -3.81
N ARG B 699 -25.48 27.66 -3.86
CA ARG B 699 -25.35 26.90 -5.10
C ARG B 699 -25.78 25.45 -4.84
N GLU B 700 -26.14 24.74 -5.92
CA GLU B 700 -26.64 23.38 -5.84
C GLU B 700 -26.13 22.55 -7.01
N VAL B 701 -25.76 21.31 -6.76
CA VAL B 701 -25.25 20.39 -7.78
C VAL B 701 -26.09 19.13 -7.68
N LYS B 702 -27.07 18.96 -8.57
CA LYS B 702 -27.93 17.79 -8.49
C LYS B 702 -27.57 16.77 -9.57
N ASP B 703 -27.76 15.49 -9.26
CA ASP B 703 -27.47 14.45 -10.23
C ASP B 703 -28.62 14.34 -11.22
N LEU B 704 -28.32 13.77 -12.38
CA LEU B 704 -29.23 13.63 -13.50
C LEU B 704 -29.44 12.14 -13.82
N LYS B 705 -29.85 11.87 -15.05
CA LYS B 705 -30.11 10.52 -15.52
C LYS B 705 -28.94 9.94 -16.31
N LYS B 706 -28.39 10.72 -17.24
CA LYS B 706 -27.33 10.23 -18.10
C LYS B 706 -26.10 9.87 -17.28
N LYS B 707 -25.32 8.93 -17.82
CA LYS B 707 -24.08 8.52 -17.18
C LYS B 707 -22.86 9.24 -17.73
N CYS B 708 -22.87 9.64 -19.01
CA CYS B 708 -21.80 10.41 -19.63
C CYS B 708 -20.46 9.67 -19.64
N THR B 709 -19.47 10.22 -20.33
CA THR B 709 -18.14 9.60 -20.43
C THR B 709 -17.10 10.67 -20.11
N SER B 710 -16.51 10.60 -18.92
CA SER B 710 -15.59 11.62 -18.43
C SER B 710 -14.19 11.09 -18.23
N ASN B 711 -13.79 10.09 -19.01
CA ASN B 711 -12.51 9.41 -18.82
C ASN B 711 -12.11 8.73 -20.11
N PHE B 712 -10.83 8.85 -20.47
CA PHE B 712 -10.32 8.26 -21.70
C PHE B 712 -9.06 7.42 -21.44
N LEU B 713 -9.02 6.71 -20.30
CA LEU B 713 -7.90 5.87 -19.89
C LEU B 713 -8.40 4.78 -18.95
N ASN B 714 -7.62 3.73 -18.81
CA ASN B 714 -7.94 2.68 -17.84
C ASN B 714 -6.69 1.96 -17.32
N CYS C 54 -40.10 -12.56 -5.31
CA CYS C 54 -38.84 -12.82 -6.03
C CYS C 54 -39.07 -13.13 -7.51
N GLY C 55 -39.19 -14.41 -7.85
CA GLY C 55 -39.41 -14.83 -9.24
C GLY C 55 -38.15 -15.07 -10.03
N ASP C 59 -34.74 -24.62 -14.94
CA ASP C 59 -33.63 -24.25 -15.83
C ASP C 59 -32.31 -24.26 -15.08
N PHE C 60 -32.36 -23.90 -13.81
CA PHE C 60 -31.15 -23.92 -12.98
C PHE C 60 -30.68 -25.34 -12.66
N ILE C 61 -31.57 -26.33 -12.80
CA ILE C 61 -31.22 -27.73 -12.45
C ILE C 61 -30.09 -28.22 -13.36
N ALA C 62 -30.21 -27.96 -14.66
CA ALA C 62 -29.23 -28.49 -15.60
C ALA C 62 -27.90 -27.75 -15.52
N LYS C 63 -27.91 -26.46 -15.17
CA LYS C 63 -26.66 -25.72 -15.03
C LYS C 63 -25.79 -26.31 -13.94
N LEU C 64 -26.40 -27.00 -12.99
CA LEU C 64 -25.71 -27.59 -11.86
C LEU C 64 -25.55 -29.11 -11.97
N THR C 65 -26.49 -29.83 -12.60
CA THR C 65 -26.33 -31.29 -12.71
C THR C 65 -25.12 -31.62 -13.57
N ASN C 66 -24.83 -30.79 -14.58
CA ASN C 66 -23.64 -30.97 -15.44
C ASN C 66 -22.37 -30.43 -14.82
N ASN C 67 -22.45 -29.82 -13.64
CA ASN C 67 -21.27 -29.35 -12.94
C ASN C 67 -21.13 -30.00 -11.56
N THR C 68 -21.84 -31.11 -11.32
CA THR C 68 -21.78 -31.85 -10.06
C THR C 68 -20.89 -33.09 -10.24
N HIS C 69 -19.68 -33.03 -9.70
CA HIS C 69 -18.69 -34.10 -9.75
C HIS C 69 -18.68 -34.86 -8.44
N GLN C 70 -19.05 -36.13 -8.49
CA GLN C 70 -19.03 -37.00 -7.34
C GLN C 70 -17.75 -37.84 -7.35
N HIS C 71 -17.29 -38.21 -6.16
CA HIS C 71 -16.16 -39.13 -6.02
C HIS C 71 -16.36 -39.88 -4.71
N VAL C 72 -16.33 -41.20 -4.75
CA VAL C 72 -16.60 -42.02 -3.57
C VAL C 72 -15.28 -42.47 -2.97
N PHE C 73 -15.18 -42.37 -1.65
CA PHE C 73 -14.05 -42.87 -0.89
C PHE C 73 -14.49 -44.07 -0.06
N ASP C 74 -13.73 -45.14 -0.14
CA ASP C 74 -14.04 -46.37 0.57
C ASP C 74 -13.03 -46.59 1.69
N ASP C 75 -13.50 -47.29 2.73
CA ASP C 75 -12.67 -47.73 3.86
C ASP C 75 -11.94 -46.54 4.49
N LEU C 76 -12.73 -45.75 5.22
CA LEU C 76 -12.22 -44.62 5.97
C LEU C 76 -12.73 -44.68 7.40
N SER C 77 -11.80 -44.51 8.35
CA SER C 77 -12.07 -44.53 9.77
C SER C 77 -11.74 -43.18 10.39
N GLY C 78 -12.19 -42.99 11.64
CA GLY C 78 -11.91 -41.76 12.36
C GLY C 78 -12.62 -40.56 11.77
N SER C 79 -12.02 -39.39 11.99
CA SER C 79 -12.56 -38.15 11.46
C SER C 79 -12.02 -37.88 10.06
N VAL C 80 -12.80 -37.16 9.26
CA VAL C 80 -12.52 -36.92 7.85
C VAL C 80 -12.50 -35.42 7.57
N SER C 81 -11.39 -34.92 7.05
CA SER C 81 -11.19 -33.49 6.83
C SER C 81 -10.93 -33.19 5.34
N LEU C 82 -11.44 -32.04 4.86
CA LEU C 82 -11.31 -31.66 3.45
C LEU C 82 -10.89 -30.20 3.30
N SER C 83 -9.95 -29.93 2.37
CA SER C 83 -9.42 -28.57 2.25
C SER C 83 -8.90 -28.27 0.84
N TRP C 84 -9.40 -27.19 0.25
CA TRP C 84 -8.80 -26.65 -0.97
C TRP C 84 -7.47 -25.99 -0.67
N VAL C 85 -6.49 -26.28 -1.50
CA VAL C 85 -5.14 -25.77 -1.29
C VAL C 85 -4.85 -24.76 -2.38
N GLY C 86 -4.97 -23.49 -2.04
CA GLY C 86 -4.62 -22.42 -2.93
C GLY C 86 -5.78 -21.97 -3.79
N ASP C 87 -5.52 -20.89 -4.52
CA ASP C 87 -6.52 -20.25 -5.36
C ASP C 87 -6.45 -20.81 -6.76
N SER C 88 -7.53 -21.48 -7.18
CA SER C 88 -7.66 -22.01 -8.54
C SER C 88 -6.47 -22.89 -8.92
N THR C 89 -6.20 -23.89 -8.07
CA THR C 89 -5.21 -24.91 -8.40
C THR C 89 -5.80 -26.30 -8.52
N GLY C 90 -7.10 -26.48 -8.29
CA GLY C 90 -7.70 -27.80 -8.40
C GLY C 90 -7.25 -28.80 -7.38
N VAL C 91 -6.44 -28.39 -6.40
CA VAL C 91 -5.89 -29.29 -5.40
C VAL C 91 -6.84 -29.38 -4.21
N ILE C 92 -7.28 -30.59 -3.93
CA ILE C 92 -8.14 -30.87 -2.79
C ILE C 92 -7.56 -32.06 -2.05
N LEU C 93 -7.29 -31.88 -0.76
CA LEU C 93 -6.78 -32.94 0.12
C LEU C 93 -7.89 -33.46 1.01
N VAL C 94 -7.90 -34.77 1.22
CA VAL C 94 -8.79 -35.44 2.16
C VAL C 94 -7.91 -36.24 3.12
N LEU C 95 -8.05 -35.99 4.43
CA LEU C 95 -7.18 -36.52 5.46
C LEU C 95 -7.99 -37.23 6.54
N THR C 96 -7.52 -38.42 6.94
CA THR C 96 -8.13 -39.20 8.01
C THR C 96 -7.40 -38.90 9.32
N THR C 97 -8.17 -38.54 10.36
CA THR C 97 -7.64 -38.18 11.67
C THR C 97 -8.32 -39.01 12.77
N PHE C 98 -7.66 -39.09 13.91
CA PHE C 98 -8.14 -39.93 15.00
C PHE C 98 -8.04 -39.19 16.33
N GLN C 99 -8.92 -39.57 17.26
CA GLN C 99 -8.96 -39.02 18.62
C GLN C 99 -8.09 -39.91 19.50
N VAL C 100 -6.86 -39.47 19.72
CA VAL C 100 -5.88 -40.20 20.53
C VAL C 100 -5.17 -39.22 21.45
N PRO C 101 -4.96 -39.59 22.73
CA PRO C 101 -4.31 -38.69 23.68
C PRO C 101 -2.92 -38.33 23.20
N LEU C 102 -2.40 -37.21 23.70
CA LEU C 102 -1.12 -36.79 23.14
C LEU C 102 0.04 -37.64 23.62
N VAL C 103 -0.03 -38.16 24.85
CA VAL C 103 1.12 -38.83 25.45
C VAL C 103 1.11 -40.34 25.20
N ILE C 104 0.12 -40.84 24.49
CA ILE C 104 -0.07 -42.27 24.26
C ILE C 104 0.49 -42.61 22.89
N VAL C 105 1.09 -43.79 22.78
CA VAL C 105 1.49 -44.36 21.50
C VAL C 105 0.49 -45.45 21.15
N SER C 106 -0.07 -45.36 19.95
CA SER C 106 -1.10 -46.27 19.46
C SER C 106 -0.83 -46.55 17.99
N PHE C 107 -1.28 -47.73 17.53
CA PHE C 107 -1.08 -48.15 16.15
C PHE C 107 -2.25 -47.72 15.29
N GLY C 108 -2.00 -46.87 14.29
CA GLY C 108 -3.04 -46.47 13.36
C GLY C 108 -2.43 -46.02 12.05
N GLN C 109 -3.29 -45.89 11.04
CA GLN C 109 -2.87 -45.50 9.71
C GLN C 109 -3.84 -44.45 9.17
N SER C 110 -3.31 -43.32 8.76
CA SER C 110 -4.14 -42.26 8.21
C SER C 110 -4.18 -42.34 6.69
N LYS C 111 -5.40 -42.29 6.15
CA LYS C 111 -5.62 -42.31 4.71
C LYS C 111 -5.49 -40.89 4.15
N LEU C 112 -4.94 -40.76 2.94
CA LEU C 112 -4.77 -39.46 2.31
C LEU C 112 -5.15 -39.55 0.85
N TYR C 113 -5.81 -38.52 0.33
CA TYR C 113 -6.20 -38.48 -1.07
C TYR C 113 -5.90 -37.10 -1.68
N ARG C 114 -5.59 -37.08 -2.98
CA ARG C 114 -5.31 -35.86 -3.72
C ARG C 114 -6.11 -35.80 -5.00
N SER C 115 -6.85 -34.72 -5.18
CA SER C 115 -7.44 -34.35 -6.48
C SER C 115 -6.64 -33.21 -7.10
N GLU C 116 -6.47 -33.29 -8.41
CA GLU C 116 -5.84 -32.20 -9.15
C GLU C 116 -6.73 -31.70 -10.29
N ASP C 117 -8.02 -32.02 -10.22
CA ASP C 117 -9.00 -31.59 -11.22
C ASP C 117 -10.24 -31.06 -10.54
N TYR C 118 -10.07 -30.22 -9.52
CA TYR C 118 -11.19 -29.59 -8.84
C TYR C 118 -12.25 -30.63 -8.46
N GLY C 119 -11.83 -31.61 -7.67
CA GLY C 119 -12.76 -32.55 -7.10
C GLY C 119 -13.42 -33.51 -8.06
N LYS C 120 -13.03 -33.48 -9.33
CA LYS C 120 -13.49 -34.48 -10.29
C LYS C 120 -13.04 -35.88 -9.86
N ASN C 121 -11.72 -36.09 -9.81
CA ASN C 121 -11.11 -37.37 -9.47
C ASN C 121 -10.07 -37.17 -8.37
N PHE C 122 -9.95 -38.19 -7.50
CA PHE C 122 -8.99 -38.19 -6.41
C PHE C 122 -8.05 -39.39 -6.51
N LYS C 123 -6.77 -39.14 -6.24
CA LYS C 123 -5.71 -40.14 -6.29
C LYS C 123 -5.29 -40.51 -4.87
N ASP C 124 -5.45 -41.79 -4.50
CA ASP C 124 -5.08 -42.26 -3.16
C ASP C 124 -3.57 -42.22 -2.98
N ILE C 125 -3.07 -41.32 -2.13
CA ILE C 125 -1.63 -41.22 -1.89
C ILE C 125 -1.29 -41.65 -0.47
N THR C 126 -2.02 -42.65 0.04
CA THR C 126 -1.76 -43.19 1.38
C THR C 126 -0.33 -43.72 1.52
N ASN C 127 0.28 -44.18 0.43
CA ASN C 127 1.64 -44.70 0.53
C ASN C 127 2.66 -43.59 0.78
N LEU C 128 2.23 -42.32 0.70
CA LEU C 128 3.15 -41.24 1.04
C LEU C 128 3.37 -41.14 2.54
N ILE C 129 2.34 -41.48 3.31
CA ILE C 129 2.35 -41.37 4.78
C ILE C 129 2.11 -42.74 5.42
N ASN C 130 2.66 -43.81 4.82
CA ASN C 130 2.50 -45.15 5.38
C ASN C 130 3.14 -45.22 6.75
N ASN C 131 2.55 -46.05 7.62
CA ASN C 131 3.05 -46.30 8.98
C ASN C 131 3.06 -45.02 9.83
N THR C 132 2.17 -44.08 9.54
CA THR C 132 1.99 -42.89 10.37
C THR C 132 0.49 -42.57 10.48
N PHE C 133 0.18 -41.67 11.41
CA PHE C 133 -1.19 -41.23 11.61
C PHE C 133 -1.22 -39.80 12.13
N ILE C 134 -2.32 -39.16 11.86
CA ILE C 134 -2.53 -37.77 12.23
C ILE C 134 -3.54 -37.73 13.39
N ARG C 135 -3.33 -36.78 14.30
CA ARG C 135 -4.28 -36.55 15.38
C ARG C 135 -5.31 -35.53 14.90
N THR C 136 -6.57 -35.73 15.32
CA THR C 136 -7.63 -34.76 15.04
C THR C 136 -7.26 -33.37 15.57
N GLU C 137 -6.68 -33.31 16.77
CA GLU C 137 -6.28 -32.04 17.38
C GLU C 137 -5.34 -31.24 16.50
N PHE C 138 -4.39 -31.92 15.85
CA PHE C 138 -3.42 -31.25 14.99
C PHE C 138 -4.02 -30.93 13.62
N GLY C 139 -4.31 -31.97 12.84
CA GLY C 139 -4.78 -31.78 11.48
C GLY C 139 -3.64 -31.37 10.55
N MET C 140 -3.98 -30.56 9.57
CA MET C 140 -3.02 -30.00 8.63
C MET C 140 -2.40 -28.74 9.23
N ALA C 141 -1.44 -28.15 8.50
CA ALA C 141 -0.83 -26.88 8.89
C ALA C 141 -0.57 -26.09 7.61
N ILE C 142 -1.62 -25.46 7.09
CA ILE C 142 -1.59 -24.66 5.87
C ILE C 142 -0.93 -23.31 6.16
N GLY C 143 -0.08 -22.83 5.25
CA GLY C 143 0.58 -21.55 5.42
C GLY C 143 -0.24 -20.42 4.82
N PRO C 144 0.39 -19.26 4.60
CA PRO C 144 -0.31 -18.12 3.98
C PRO C 144 -0.97 -18.51 2.65
N GLU C 145 -1.76 -17.58 2.13
CA GLU C 145 -2.60 -17.88 0.98
C GLU C 145 -1.77 -18.22 -0.25
N ASN C 146 -0.87 -17.32 -0.64
CA ASN C 146 -0.06 -17.49 -1.85
C ASN C 146 1.37 -17.91 -1.53
N SER C 147 1.57 -18.74 -0.50
CA SER C 147 2.89 -19.25 -0.17
C SER C 147 3.10 -20.68 -0.64
N GLY C 148 2.03 -21.46 -0.77
CA GLY C 148 2.13 -22.85 -1.21
C GLY C 148 2.58 -23.82 -0.14
N LYS C 149 2.83 -23.33 1.08
CA LYS C 149 3.31 -24.16 2.17
C LYS C 149 2.18 -25.01 2.76
N VAL C 150 2.43 -26.30 2.93
CA VAL C 150 1.53 -27.22 3.61
C VAL C 150 2.39 -28.20 4.39
N ILE C 151 2.15 -28.33 5.70
CA ILE C 151 2.80 -29.33 6.55
C ILE C 151 1.73 -30.28 7.04
N LEU C 152 2.11 -31.53 7.26
CA LEU C 152 1.27 -32.51 7.94
C LEU C 152 2.10 -33.10 9.06
N THR C 153 1.67 -32.87 10.31
CA THR C 153 2.38 -33.37 11.47
C THR C 153 1.67 -34.64 11.97
N ALA C 154 2.42 -35.73 12.07
CA ALA C 154 1.90 -37.04 12.38
C ALA C 154 2.83 -37.70 13.39
N GLU C 155 2.39 -38.87 13.84
CA GLU C 155 3.17 -39.71 14.72
C GLU C 155 3.38 -41.07 14.07
N VAL C 156 4.48 -41.71 14.45
CA VAL C 156 4.80 -43.06 13.99
C VAL C 156 3.85 -44.06 14.61
N SER C 157 3.15 -44.81 13.77
CA SER C 157 2.14 -45.75 14.26
C SER C 157 2.70 -46.69 15.33
N GLY C 158 3.91 -47.21 15.14
CA GLY C 158 4.51 -48.00 16.18
C GLY C 158 5.01 -47.19 17.36
N GLY C 159 5.23 -45.92 17.14
CA GLY C 159 5.82 -45.04 18.13
C GLY C 159 7.25 -44.75 17.77
N SER C 160 7.69 -43.55 18.11
CA SER C 160 9.04 -43.11 17.80
C SER C 160 9.53 -42.25 18.95
N ARG C 161 10.81 -41.85 18.86
CA ARG C 161 11.32 -40.83 19.76
C ARG C 161 11.02 -39.41 19.27
N GLY C 162 10.60 -39.26 18.01
CA GLY C 162 10.16 -37.98 17.50
C GLY C 162 9.01 -38.18 16.53
N GLY C 163 8.33 -37.08 16.25
CA GLY C 163 7.28 -37.10 15.25
C GLY C 163 7.84 -37.09 13.84
N ARG C 164 6.93 -37.13 12.87
CA ARG C 164 7.29 -37.19 11.47
C ARG C 164 6.44 -36.19 10.72
N VAL C 165 7.09 -35.34 9.91
CA VAL C 165 6.40 -34.33 9.13
C VAL C 165 6.61 -34.58 7.63
N PHE C 166 5.65 -34.12 6.84
CA PHE C 166 5.67 -34.25 5.39
C PHE C 166 5.42 -32.87 4.80
N ARG C 167 6.49 -32.18 4.39
CA ARG C 167 6.42 -30.78 4.00
C ARG C 167 6.24 -30.64 2.49
N SER C 168 5.45 -29.66 2.08
CA SER C 168 5.23 -29.39 0.66
C SER C 168 5.35 -27.89 0.41
N SER C 169 5.89 -27.52 -0.76
CA SER C 169 6.05 -26.12 -1.07
C SER C 169 5.44 -25.77 -2.43
N ASP C 170 4.52 -26.61 -2.92
CA ASP C 170 3.93 -26.47 -4.25
C ASP C 170 2.44 -26.79 -4.25
N PHE C 171 1.72 -26.34 -3.21
CA PHE C 171 0.28 -26.59 -3.08
C PHE C 171 -0.04 -28.07 -3.12
N ALA C 172 0.71 -28.85 -2.33
CA ALA C 172 0.32 -30.22 -2.03
C ALA C 172 0.37 -31.13 -3.25
N LYS C 173 1.17 -30.76 -4.24
CA LYS C 173 1.41 -31.65 -5.36
C LYS C 173 2.55 -32.64 -5.08
N ASN C 174 3.62 -32.21 -4.40
CA ASN C 174 4.78 -33.07 -4.10
C ASN C 174 5.27 -32.88 -2.67
N PHE C 175 5.43 -33.99 -1.93
CA PHE C 175 5.80 -33.97 -0.52
C PHE C 175 7.14 -34.65 -0.26
N VAL C 176 7.87 -34.14 0.74
CA VAL C 176 9.12 -34.70 1.24
C VAL C 176 8.99 -35.04 2.73
N GLN C 177 9.42 -36.24 3.07
CA GLN C 177 9.38 -36.70 4.45
C GLN C 177 10.58 -36.17 5.22
N THR C 178 10.32 -35.68 6.43
CA THR C 178 11.34 -35.16 7.33
C THR C 178 10.97 -35.64 8.72
N ASP C 179 11.90 -36.27 9.42
CA ASP C 179 11.63 -36.69 10.79
C ASP C 179 12.07 -35.61 11.76
N LEU C 180 11.27 -35.41 12.81
CA LEU C 180 11.32 -34.40 13.87
C LEU C 180 12.12 -34.91 15.05
N PRO C 181 12.97 -34.06 15.62
CA PRO C 181 13.75 -34.47 16.80
C PRO C 181 13.00 -34.41 18.14
N PHE C 182 11.68 -34.28 18.10
CA PHE C 182 10.89 -34.09 19.32
C PHE C 182 9.45 -34.52 19.05
N HIS C 183 8.69 -34.69 20.14
CA HIS C 183 7.26 -34.96 20.05
C HIS C 183 6.50 -33.64 20.10
N PRO C 184 5.79 -33.24 19.03
CA PRO C 184 5.15 -31.93 19.03
C PRO C 184 3.98 -31.87 20.01
N LEU C 185 3.98 -30.83 20.85
CA LEU C 185 2.91 -30.58 21.79
C LEU C 185 1.78 -29.78 21.16
N THR C 186 2.14 -28.88 20.25
CA THR C 186 1.20 -28.08 19.49
C THR C 186 1.62 -28.12 18.03
N GLN C 187 0.68 -27.77 17.15
CA GLN C 187 0.93 -27.72 15.72
C GLN C 187 2.00 -26.68 15.37
N MET C 188 2.48 -26.73 14.12
CA MET C 188 3.54 -25.85 13.65
C MET C 188 3.01 -24.43 13.43
N MET C 189 3.86 -23.43 13.68
CA MET C 189 3.42 -22.03 13.65
C MET C 189 4.27 -21.20 12.68
N TYR C 190 3.64 -20.70 11.61
CA TYR C 190 4.33 -19.92 10.58
C TYR C 190 4.61 -18.51 11.06
N SER C 191 5.65 -17.90 10.49
CA SER C 191 5.79 -16.51 10.92
C SER C 191 5.01 -15.61 9.99
N PRO C 192 4.53 -14.46 10.46
CA PRO C 192 3.84 -13.54 9.54
C PRO C 192 4.77 -12.87 8.55
N GLN C 193 6.02 -12.60 8.91
CA GLN C 193 6.87 -11.90 7.97
C GLN C 193 7.49 -12.83 6.93
N ASN C 194 7.73 -14.09 7.30
CA ASN C 194 8.47 -15.02 6.43
C ASN C 194 7.87 -16.42 6.54
N SER C 195 7.18 -16.88 5.48
CA SER C 195 6.58 -18.21 5.49
C SER C 195 7.60 -19.34 5.67
N ASP C 196 8.89 -19.08 5.47
CA ASP C 196 9.90 -20.13 5.58
C ASP C 196 10.28 -20.42 7.03
N TYR C 197 9.99 -19.50 7.94
CA TYR C 197 10.31 -19.69 9.34
C TYR C 197 9.17 -20.48 10.02
N LEU C 198 9.52 -21.41 10.92
CA LEU C 198 8.54 -22.22 11.63
C LEU C 198 9.00 -22.44 13.06
N LEU C 199 8.04 -22.57 13.99
CA LEU C 199 8.37 -22.94 15.36
C LEU C 199 7.26 -23.78 15.99
N ALA C 200 7.61 -24.47 17.07
CA ALA C 200 6.69 -25.36 17.75
C ALA C 200 7.19 -25.69 19.14
N LEU C 201 6.28 -26.20 19.97
CA LEU C 201 6.57 -26.59 21.35
C LEU C 201 6.60 -28.11 21.44
N SER C 202 7.64 -28.64 22.07
CA SER C 202 7.75 -30.09 22.23
C SER C 202 6.92 -30.55 23.43
N THR C 203 6.76 -31.86 23.54
CA THR C 203 6.10 -32.44 24.71
C THR C 203 6.92 -32.26 25.99
N GLU C 204 8.19 -31.91 25.87
CA GLU C 204 9.02 -31.67 27.04
C GLU C 204 9.21 -30.20 27.32
N ASN C 205 8.32 -29.36 26.77
CA ASN C 205 8.36 -27.91 26.95
C ASN C 205 9.63 -27.31 26.36
N GLY C 206 10.01 -27.80 25.17
CA GLY C 206 11.14 -27.28 24.43
C GLY C 206 10.64 -26.48 23.22
N LEU C 207 11.26 -25.33 23.03
CA LEU C 207 10.92 -24.49 21.90
C LEU C 207 11.90 -24.76 20.77
N TRP C 208 11.37 -25.19 19.63
CA TRP C 208 12.13 -25.48 18.42
C TRP C 208 11.79 -24.47 17.34
N VAL C 209 12.77 -24.19 16.47
CA VAL C 209 12.67 -23.23 15.38
C VAL C 209 13.32 -23.84 14.14
N SER C 210 12.89 -23.36 12.97
CA SER C 210 13.45 -23.80 11.69
C SER C 210 13.55 -22.62 10.73
N LYS C 211 14.74 -22.42 10.16
CA LYS C 211 14.93 -21.32 9.23
C LYS C 211 14.63 -21.73 7.79
N ASN C 212 14.50 -23.03 7.54
CA ASN C 212 14.38 -23.59 6.20
C ASN C 212 13.17 -24.51 6.13
N PHE C 213 12.00 -23.98 6.52
CA PHE C 213 10.70 -24.59 6.29
C PHE C 213 10.71 -26.07 6.69
N GLY C 214 10.99 -26.27 7.97
CA GLY C 214 10.83 -27.55 8.64
C GLY C 214 11.87 -28.60 8.30
N GLU C 215 12.86 -28.24 7.50
CA GLU C 215 13.92 -29.19 7.21
C GLU C 215 14.84 -29.38 8.41
N LYS C 216 15.37 -28.27 8.94
CA LYS C 216 16.35 -28.26 10.03
C LYS C 216 15.71 -27.61 11.26
N TRP C 217 15.70 -28.34 12.37
CA TRP C 217 15.08 -27.85 13.59
C TRP C 217 16.15 -27.60 14.66
N GLU C 218 16.05 -26.45 15.34
CA GLU C 218 17.00 -25.96 16.34
C GLU C 218 16.24 -25.65 17.63
N GLU C 219 16.63 -26.25 18.74
CA GLU C 219 15.99 -25.94 20.01
C GLU C 219 16.69 -24.76 20.67
N ILE C 220 15.89 -23.76 21.05
CA ILE C 220 16.43 -22.52 21.60
C ILE C 220 16.03 -22.26 23.06
N HIS C 221 15.00 -22.92 23.59
CA HIS C 221 14.84 -22.92 25.04
C HIS C 221 13.97 -24.08 25.48
N LYS C 222 14.28 -24.56 26.68
CA LYS C 222 13.86 -25.85 27.21
C LYS C 222 12.94 -25.75 28.41
N ALA C 223 12.48 -24.55 28.77
CA ALA C 223 11.50 -24.38 29.85
C ALA C 223 10.31 -23.61 29.36
N VAL C 224 9.96 -23.76 28.11
CA VAL C 224 8.97 -22.88 27.49
C VAL C 224 7.57 -23.40 27.76
N CYS C 225 6.67 -22.47 28.08
CA CYS C 225 5.27 -22.77 28.34
C CYS C 225 4.37 -22.44 27.18
N LEU C 226 4.62 -21.29 26.54
CA LEU C 226 3.80 -20.84 25.44
C LEU C 226 4.65 -19.88 24.61
N ALA C 227 4.62 -20.05 23.28
CA ALA C 227 5.43 -19.24 22.40
C ALA C 227 4.61 -18.80 21.18
N LYS C 228 4.75 -17.53 20.82
CA LYS C 228 3.97 -16.92 19.74
C LYS C 228 4.90 -16.07 18.87
N TRP C 229 4.51 -15.92 17.59
CA TRP C 229 5.23 -15.09 16.66
C TRP C 229 4.84 -13.62 16.82
N GLY C 230 5.66 -12.73 16.26
CA GLY C 230 5.39 -11.32 16.28
C GLY C 230 5.75 -10.70 14.95
N PRO C 231 5.83 -9.37 14.91
CA PRO C 231 6.17 -8.70 13.66
C PRO C 231 7.67 -8.75 13.38
N ASN C 232 8.00 -8.83 12.09
CA ASN C 232 9.38 -8.88 11.62
C ASN C 232 10.12 -10.07 12.20
N ASN C 233 9.43 -11.22 12.27
CA ASN C 233 10.07 -12.47 12.64
C ASN C 233 10.68 -12.40 14.04
N ILE C 234 9.99 -11.72 14.96
CA ILE C 234 10.33 -11.70 16.38
C ILE C 234 9.51 -12.79 17.08
N ILE C 235 10.12 -13.44 18.07
CA ILE C 235 9.46 -14.51 18.79
C ILE C 235 9.33 -14.09 20.24
N PHE C 236 8.14 -14.31 20.81
CA PHE C 236 7.85 -14.12 22.23
C PHE C 236 7.55 -15.47 22.89
N PHE C 237 7.97 -15.62 24.14
CA PHE C 237 7.63 -16.83 24.88
C PHE C 237 7.82 -16.62 26.36
N THR C 238 7.17 -17.48 27.15
CA THR C 238 7.27 -17.48 28.60
C THR C 238 8.08 -18.68 29.05
N THR C 239 8.78 -18.52 30.17
CA THR C 239 9.68 -19.52 30.72
C THR C 239 9.61 -19.47 32.25
N HIS C 240 10.01 -20.56 32.91
CA HIS C 240 9.99 -20.65 34.37
C HIS C 240 11.27 -21.34 34.82
N VAL C 241 11.23 -21.96 35.99
CA VAL C 241 12.41 -22.61 36.55
C VAL C 241 11.99 -23.79 37.43
N ASN C 242 10.98 -23.58 38.26
CA ASN C 242 10.57 -24.55 39.28
C ASN C 242 9.39 -25.38 38.77
N GLY C 243 9.64 -26.65 38.51
CA GLY C 243 8.55 -27.58 38.21
C GLY C 243 7.89 -27.32 36.88
N SER C 244 6.56 -27.26 36.90
CA SER C 244 5.72 -27.13 35.72
C SER C 244 5.28 -25.68 35.51
N CYS C 245 4.64 -25.46 34.36
CA CYS C 245 4.10 -24.14 34.01
C CYS C 245 2.83 -23.83 34.79
N LYS C 246 1.98 -24.83 35.02
CA LYS C 246 0.74 -24.66 35.78
C LYS C 246 1.01 -24.32 37.24
N ALA C 247 2.26 -24.54 37.68
CA ALA C 247 2.72 -24.28 39.03
C ALA C 247 3.35 -22.92 39.20
N ASP C 248 4.01 -22.41 38.15
CA ASP C 248 4.63 -21.09 38.22
C ASP C 248 3.71 -20.00 37.66
N LEU C 249 2.40 -20.24 37.67
CA LEU C 249 1.42 -19.22 37.30
C LEU C 249 1.60 -18.01 38.20
N GLY C 250 1.90 -16.86 37.59
CA GLY C 250 2.18 -15.66 38.33
C GLY C 250 3.64 -15.45 38.69
N ALA C 251 4.52 -16.40 38.38
CA ALA C 251 5.95 -16.19 38.57
C ALA C 251 6.72 -16.40 37.28
N LEU C 252 6.02 -16.50 36.16
CA LEU C 252 6.66 -16.78 34.89
C LEU C 252 7.57 -15.60 34.48
N GLU C 253 8.22 -15.77 33.33
CA GLU C 253 9.06 -14.74 32.74
C GLU C 253 8.78 -14.68 31.26
N LEU C 254 8.62 -13.48 30.73
CA LEU C 254 8.35 -13.28 29.32
C LEU C 254 9.66 -12.88 28.62
N TRP C 255 10.04 -13.63 27.59
CA TRP C 255 11.28 -13.43 26.83
C TRP C 255 10.98 -13.07 25.38
N ARG C 256 12.00 -12.53 24.69
CA ARG C 256 11.86 -12.06 23.32
C ARG C 256 13.16 -12.26 22.53
N THR C 257 13.01 -12.66 21.27
CA THR C 257 14.11 -12.91 20.34
C THR C 257 13.79 -12.30 18.98
N SER C 258 14.73 -11.55 18.42
CA SER C 258 14.57 -11.03 17.06
C SER C 258 15.47 -11.74 16.05
N ASP C 259 16.29 -12.68 16.54
CA ASP C 259 17.33 -13.35 15.77
C ASP C 259 17.06 -14.83 15.61
N LEU C 260 15.80 -15.19 15.40
CA LEU C 260 15.36 -16.56 15.18
C LEU C 260 15.79 -17.51 16.30
N GLY C 261 16.36 -16.98 17.37
CA GLY C 261 16.72 -17.78 18.53
C GLY C 261 18.15 -17.53 18.96
N LYS C 262 18.82 -16.63 18.23
CA LYS C 262 20.21 -16.34 18.60
C LYS C 262 20.27 -15.53 19.88
N THR C 263 19.59 -14.38 19.91
CA THR C 263 19.62 -13.47 21.04
C THR C 263 18.28 -13.47 21.77
N PHE C 264 18.34 -13.37 23.09
CA PHE C 264 17.16 -13.34 23.94
C PHE C 264 17.10 -12.03 24.71
N LYS C 265 15.92 -11.72 25.27
CA LYS C 265 15.75 -10.53 26.10
C LYS C 265 14.57 -10.76 27.03
N THR C 266 14.81 -10.77 28.34
CA THR C 266 13.74 -10.89 29.33
C THR C 266 13.03 -9.56 29.45
N ILE C 267 11.82 -9.48 28.90
CA ILE C 267 11.07 -8.25 28.85
C ILE C 267 10.15 -8.08 30.04
N GLY C 268 9.90 -9.14 30.79
CA GLY C 268 9.01 -9.05 31.93
C GLY C 268 9.10 -10.19 32.92
N VAL C 269 8.68 -9.91 34.16
CA VAL C 269 8.74 -10.85 35.27
C VAL C 269 7.37 -10.91 35.89
N LYS C 270 7.15 -11.95 36.71
CA LYS C 270 5.91 -12.12 37.47
C LYS C 270 4.69 -12.21 36.55
N ILE C 271 4.88 -12.85 35.42
CA ILE C 271 3.86 -12.96 34.39
C ILE C 271 2.90 -14.09 34.73
N TYR C 272 1.61 -13.83 34.58
CA TYR C 272 0.60 -14.88 34.64
C TYR C 272 0.24 -15.42 33.26
N SER C 273 0.25 -14.56 32.23
CA SER C 273 -0.06 -14.95 30.86
C SER C 273 0.37 -13.83 29.91
N PHE C 274 0.10 -14.02 28.61
CA PHE C 274 0.37 -12.94 27.68
C PHE C 274 -0.36 -13.19 26.37
N GLY C 275 -0.25 -12.21 25.48
CA GLY C 275 -0.87 -12.30 24.17
C GLY C 275 -0.53 -11.09 23.32
N LEU C 276 -0.92 -11.19 22.07
CA LEU C 276 -0.74 -10.12 21.10
C LEU C 276 -2.08 -9.73 20.50
N GLY C 277 -2.22 -8.45 20.21
CA GLY C 277 -3.35 -7.93 19.47
C GLY C 277 -2.99 -6.64 18.75
N GLY C 278 -3.30 -6.57 17.44
CA GLY C 278 -3.09 -5.34 16.66
C GLY C 278 -1.65 -4.88 16.71
N ARG C 279 -1.45 -3.60 17.04
CA ARG C 279 -0.13 -3.02 17.29
C ARG C 279 0.21 -3.02 18.79
N PHE C 280 -0.40 -3.92 19.57
CA PHE C 280 -0.29 -3.93 21.02
C PHE C 280 0.20 -5.30 21.48
N LEU C 281 0.88 -5.31 22.63
CA LEU C 281 1.28 -6.54 23.30
C LEU C 281 0.74 -6.55 24.72
N PHE C 282 0.14 -7.66 25.12
CA PHE C 282 -0.50 -7.77 26.43
C PHE C 282 0.20 -8.78 27.30
N ALA C 283 0.09 -8.57 28.62
CA ALA C 283 0.74 -9.46 29.58
C ALA C 283 0.07 -9.26 30.94
N SER C 284 -0.52 -10.34 31.47
CA SER C 284 -1.19 -10.32 32.77
C SER C 284 -0.16 -10.50 33.89
N VAL C 285 -0.02 -9.48 34.76
CA VAL C 285 1.02 -9.44 35.79
C VAL C 285 0.39 -9.61 37.16
N MET C 286 1.14 -10.23 38.08
CA MET C 286 0.69 -10.42 39.46
C MET C 286 1.52 -9.58 40.43
N ALA C 287 0.83 -8.69 41.16
CA ALA C 287 1.49 -7.78 42.10
C ALA C 287 2.21 -8.54 43.20
N ASP C 288 1.46 -9.28 44.01
CA ASP C 288 2.03 -10.06 45.10
C ASP C 288 2.57 -11.38 44.56
N THR C 291 -2.85 -10.74 47.04
CA THR C 291 -2.51 -10.87 45.63
C THR C 291 -3.60 -10.27 44.75
N THR C 292 -3.18 -9.67 43.62
CA THR C 292 -4.08 -9.07 42.64
C THR C 292 -3.47 -9.18 41.24
N ARG C 293 -4.33 -9.25 40.22
CA ARG C 293 -3.91 -9.43 38.84
C ARG C 293 -4.27 -8.19 38.04
N ARG C 294 -3.31 -7.67 37.27
CA ARG C 294 -3.46 -6.46 36.48
C ARG C 294 -2.78 -6.67 35.13
N ILE C 295 -3.18 -5.86 34.13
CA ILE C 295 -2.78 -6.00 32.73
C ILE C 295 -1.86 -4.86 32.33
N HIS C 296 -0.88 -5.17 31.49
CA HIS C 296 0.07 -4.20 30.99
C HIS C 296 0.14 -4.26 29.48
N VAL C 297 0.37 -3.11 28.86
CA VAL C 297 0.37 -3.02 27.42
C VAL C 297 1.69 -2.44 26.94
N SER C 298 2.11 -2.87 25.75
CA SER C 298 3.29 -2.33 25.08
C SER C 298 3.08 -2.39 23.57
N THR C 299 3.21 -1.22 22.95
CA THR C 299 3.13 -1.06 21.51
C THR C 299 4.50 -1.20 20.84
N ASP C 300 5.56 -1.24 21.63
CA ASP C 300 6.95 -1.29 21.17
C ASP C 300 7.58 -2.66 21.43
N GLN C 301 6.83 -3.73 21.18
CA GLN C 301 7.31 -5.10 21.21
C GLN C 301 7.95 -5.51 22.52
N GLY C 302 7.74 -4.77 23.60
CA GLY C 302 8.16 -5.20 24.92
C GLY C 302 9.29 -4.41 25.55
N ASP C 303 9.61 -3.23 25.03
CA ASP C 303 10.67 -2.43 25.64
C ASP C 303 10.12 -1.56 26.77
N THR C 304 9.04 -0.83 26.53
CA THR C 304 8.38 -0.06 27.58
C THR C 304 6.94 -0.50 27.74
N TRP C 305 6.57 -0.78 28.99
CA TRP C 305 5.24 -1.24 29.35
C TRP C 305 4.49 -0.17 30.11
N SER C 306 3.16 -0.32 30.15
CA SER C 306 2.34 0.52 31.02
C SER C 306 1.15 -0.29 31.48
N MET C 307 0.72 -0.05 32.71
CA MET C 307 -0.46 -0.72 33.26
C MET C 307 -1.74 -0.07 32.74
N ALA C 308 -2.72 -0.90 32.41
CA ALA C 308 -3.97 -0.39 31.88
C ALA C 308 -4.73 0.40 32.95
N GLN C 309 -5.27 1.56 32.55
CA GLN C 309 -5.96 2.47 33.46
C GLN C 309 -7.47 2.40 33.22
N LEU C 310 -8.20 1.85 34.19
CA LEU C 310 -9.64 1.79 34.08
C LEU C 310 -10.31 2.57 35.21
N PRO C 311 -11.48 3.15 34.94
CA PRO C 311 -12.24 3.79 36.02
C PRO C 311 -13.01 2.78 36.86
N SER C 312 -13.11 3.08 38.15
CA SER C 312 -13.86 2.28 39.11
C SER C 312 -13.21 0.91 39.32
N GLN C 315 -11.28 -3.55 41.68
CA GLN C 315 -10.39 -4.40 42.46
C GLN C 315 -10.84 -5.85 42.37
N GLU C 316 -9.90 -6.78 42.59
CA GLU C 316 -10.07 -8.22 42.44
C GLU C 316 -10.98 -8.57 41.27
N GLN C 317 -10.80 -7.88 40.15
CA GLN C 317 -11.58 -8.08 38.95
C GLN C 317 -10.77 -8.88 37.92
N PHE C 318 -11.47 -9.68 37.13
CA PHE C 318 -10.85 -10.48 36.06
C PHE C 318 -10.94 -9.73 34.74
N TYR C 319 -9.83 -9.74 33.99
CA TYR C 319 -9.69 -9.02 32.74
C TYR C 319 -9.66 -9.98 31.56
N SER C 320 -9.89 -9.44 30.36
CA SER C 320 -10.07 -10.20 29.13
C SER C 320 -10.05 -9.25 27.95
N ILE C 321 -9.25 -9.55 26.92
CA ILE C 321 -9.19 -8.71 25.71
C ILE C 321 -10.08 -9.31 24.63
N LEU C 322 -10.84 -8.43 23.95
CA LEU C 322 -11.92 -8.84 23.04
C LEU C 322 -11.50 -8.74 21.58
N ALA C 323 -10.87 -7.64 21.18
CA ALA C 323 -10.11 -7.56 19.94
C ALA C 323 -9.22 -6.32 20.01
N ALA C 324 -8.48 -6.09 18.92
CA ALA C 324 -7.54 -4.98 18.85
C ALA C 324 -6.97 -4.89 17.45
N ASN C 325 -6.62 -3.67 17.07
CA ASN C 325 -6.16 -3.38 15.73
C ASN C 325 -5.06 -2.32 15.84
N GLU C 326 -4.78 -1.69 14.71
CA GLU C 326 -3.79 -0.63 14.62
C GLU C 326 -4.21 0.63 15.37
N ASP C 327 -5.44 0.70 15.87
CA ASP C 327 -6.01 1.92 16.41
C ASP C 327 -6.36 1.83 17.88
N MET C 328 -7.26 0.93 18.27
CA MET C 328 -7.71 0.89 19.66
C MET C 328 -7.85 -0.55 20.14
N VAL C 329 -8.38 -0.71 21.35
CA VAL C 329 -8.42 -1.99 22.05
C VAL C 329 -9.76 -2.16 22.75
N PHE C 330 -10.32 -3.37 22.69
CA PHE C 330 -11.57 -3.74 23.38
C PHE C 330 -11.26 -4.69 24.53
N MET C 331 -11.62 -4.29 25.75
CA MET C 331 -11.35 -5.12 26.91
C MET C 331 -12.61 -5.35 27.73
N HIS C 332 -12.80 -6.59 28.14
CA HIS C 332 -13.94 -7.02 28.93
C HIS C 332 -13.55 -7.14 30.40
N VAL C 333 -14.43 -6.72 31.31
CA VAL C 333 -14.10 -6.71 32.73
C VAL C 333 -15.30 -7.25 33.51
N ASP C 334 -15.09 -8.38 34.21
CA ASP C 334 -16.14 -9.06 34.95
C ASP C 334 -16.56 -8.27 36.18
N GLU C 335 -17.86 -8.27 36.46
CA GLU C 335 -18.36 -7.57 37.64
C GLU C 335 -18.00 -8.33 38.92
N PRO C 336 -17.50 -7.62 39.94
CA PRO C 336 -17.23 -8.28 41.22
C PRO C 336 -18.44 -9.09 41.67
N GLY C 337 -18.17 -10.29 42.15
CA GLY C 337 -19.22 -11.21 42.52
C GLY C 337 -19.50 -12.26 41.48
N ASP C 338 -18.77 -12.25 40.36
CA ASP C 338 -18.87 -13.28 39.33
C ASP C 338 -20.33 -13.51 38.96
N THR C 339 -21.04 -12.42 38.68
CA THR C 339 -22.50 -12.46 38.55
C THR C 339 -22.96 -12.90 37.16
N GLY C 340 -22.05 -13.08 36.21
CA GLY C 340 -22.37 -13.63 34.90
C GLY C 340 -22.47 -12.62 33.80
N PHE C 341 -22.23 -11.33 34.10
CA PHE C 341 -22.14 -10.25 33.13
C PHE C 341 -20.99 -9.32 33.51
N GLY C 342 -20.81 -8.26 32.71
CA GLY C 342 -19.72 -7.35 32.94
C GLY C 342 -19.76 -6.04 32.18
N THR C 343 -18.59 -5.43 31.97
CA THR C 343 -18.46 -4.11 31.36
C THR C 343 -17.33 -4.14 30.33
N ILE C 344 -17.57 -3.51 29.16
CA ILE C 344 -16.61 -3.42 28.07
C ILE C 344 -15.97 -2.03 28.07
N PHE C 345 -14.65 -1.97 27.84
CA PHE C 345 -13.95 -0.69 27.83
C PHE C 345 -13.16 -0.50 26.53
N THR C 346 -12.97 0.76 26.16
CA THR C 346 -12.27 1.14 24.95
C THR C 346 -11.06 2.00 25.27
N SER C 347 -10.02 1.85 24.46
CA SER C 347 -8.73 2.47 24.69
C SER C 347 -8.51 3.57 23.68
N ASP C 348 -7.36 4.23 23.79
CA ASP C 348 -6.98 5.25 22.84
C ASP C 348 -6.07 4.64 21.77
N ASP C 349 -5.34 5.49 21.06
CA ASP C 349 -4.45 5.01 20.03
C ASP C 349 -3.19 4.38 20.60
N ARG C 350 -2.93 4.56 21.90
CA ARG C 350 -1.79 3.94 22.57
C ARG C 350 -2.20 2.74 23.41
N GLY C 351 -3.49 2.55 23.64
CA GLY C 351 -3.95 1.37 24.36
C GLY C 351 -3.78 1.44 25.85
N ILE C 352 -3.71 2.65 26.43
CA ILE C 352 -3.47 2.84 27.85
C ILE C 352 -4.70 3.40 28.55
N VAL C 353 -5.36 4.40 27.94
CA VAL C 353 -6.50 5.07 28.55
C VAL C 353 -7.78 4.43 28.05
N TYR C 354 -8.58 3.94 28.98
CA TYR C 354 -9.79 3.18 28.76
C TYR C 354 -10.99 3.89 29.37
N SER C 355 -12.17 3.60 28.82
CA SER C 355 -13.36 4.39 29.11
C SER C 355 -14.61 3.58 28.82
N LYS C 356 -15.51 3.52 29.81
CA LYS C 356 -16.72 2.72 29.74
C LYS C 356 -17.36 2.75 28.36
N SER C 357 -17.81 1.59 27.87
CA SER C 357 -18.45 1.65 26.56
C SER C 357 -19.70 0.80 26.45
N LEU C 358 -19.84 -0.23 27.27
CA LEU C 358 -21.09 -0.98 27.27
C LEU C 358 -21.19 -1.77 28.56
N ASP C 359 -22.30 -1.58 29.27
CA ASP C 359 -22.57 -2.20 30.55
C ASP C 359 -23.40 -3.45 30.36
N ARG C 360 -23.31 -4.31 31.35
CA ARG C 360 -24.08 -5.56 31.37
C ARG C 360 -23.82 -6.41 30.12
N HIS C 361 -22.56 -6.78 29.92
CA HIS C 361 -22.14 -7.65 28.82
C HIS C 361 -22.09 -9.09 29.31
N LEU C 362 -22.81 -9.98 28.63
CA LEU C 362 -22.93 -11.35 29.08
C LEU C 362 -21.64 -12.10 28.78
N TYR C 363 -21.18 -12.91 29.73
CA TYR C 363 -20.03 -13.81 29.57
C TYR C 363 -20.33 -15.11 30.30
N THR C 364 -19.83 -16.22 29.76
CA THR C 364 -20.08 -17.50 30.38
C THR C 364 -19.16 -17.67 31.58
N THR C 365 -19.69 -18.25 32.67
CA THR C 365 -18.91 -18.35 33.89
C THR C 365 -17.66 -19.20 33.68
N THR C 366 -17.83 -20.41 33.15
CA THR C 366 -16.71 -21.31 32.91
C THR C 366 -16.21 -21.08 31.49
N GLY C 367 -15.17 -20.27 31.37
CA GLY C 367 -14.66 -19.96 30.05
C GLY C 367 -14.57 -18.48 29.73
N GLY C 368 -15.66 -17.74 29.93
CA GLY C 368 -15.63 -16.32 29.64
C GLY C 368 -15.84 -15.98 28.19
N GLU C 369 -16.63 -16.77 27.48
CA GLU C 369 -16.93 -16.49 26.09
C GLU C 369 -18.04 -15.46 26.00
N THR C 370 -17.99 -14.64 24.95
CA THR C 370 -18.97 -13.59 24.74
C THR C 370 -19.50 -13.64 23.32
N ASP C 371 -20.50 -12.81 23.03
CA ASP C 371 -21.10 -12.72 21.72
C ASP C 371 -20.54 -11.56 20.88
N PHE C 372 -19.45 -10.94 21.33
CA PHE C 372 -18.84 -9.83 20.60
C PHE C 372 -18.39 -10.31 19.22
N THR C 373 -18.76 -9.59 18.16
CA THR C 373 -18.44 -9.99 16.79
C THR C 373 -18.08 -8.77 15.93
N ASN C 374 -16.97 -8.87 15.19
CA ASN C 374 -16.50 -7.79 14.32
C ASN C 374 -17.10 -8.00 12.93
N VAL C 375 -18.12 -7.20 12.59
CA VAL C 375 -18.64 -7.21 11.23
C VAL C 375 -17.52 -6.74 10.31
N THR C 376 -16.82 -7.69 9.72
CA THR C 376 -15.74 -7.41 8.80
C THR C 376 -16.24 -6.91 7.45
N SER C 377 -17.56 -6.95 7.24
CA SER C 377 -18.13 -6.44 6.00
C SER C 377 -18.44 -4.95 6.05
N LEU C 378 -18.12 -4.27 7.16
CA LEU C 378 -18.46 -2.86 7.25
C LEU C 378 -17.61 -2.19 8.33
N ARG C 379 -16.83 -1.18 7.94
CA ARG C 379 -15.89 -0.59 8.88
C ARG C 379 -16.62 0.00 10.08
N GLY C 380 -16.10 -0.28 11.28
CA GLY C 380 -16.59 0.35 12.48
C GLY C 380 -17.88 -0.21 13.04
N VAL C 381 -18.19 -1.47 12.73
CA VAL C 381 -19.43 -2.12 13.13
C VAL C 381 -19.09 -3.30 14.01
N TYR C 382 -19.81 -3.45 15.14
CA TYR C 382 -19.58 -4.53 16.10
C TYR C 382 -20.89 -4.83 16.82
N ILE C 383 -21.12 -6.10 17.13
CA ILE C 383 -22.39 -6.60 17.64
C ILE C 383 -22.15 -7.55 18.80
N THR C 384 -22.88 -7.35 19.89
CA THR C 384 -22.76 -8.31 20.98
C THR C 384 -24.11 -8.50 21.64
N SER C 385 -24.10 -9.19 22.77
CA SER C 385 -25.32 -9.48 23.50
C SER C 385 -25.15 -9.08 24.96
N THR C 386 -26.18 -8.43 25.53
CA THR C 386 -26.19 -7.91 26.88
C THR C 386 -27.42 -8.40 27.62
N LEU C 387 -27.47 -8.07 28.91
CA LEU C 387 -28.55 -8.46 29.82
C LEU C 387 -29.33 -7.21 30.24
N SER C 388 -30.58 -7.12 29.83
CA SER C 388 -31.39 -5.96 30.18
C SER C 388 -31.76 -6.00 31.66
N GLU C 389 -32.34 -4.92 32.15
CA GLU C 389 -32.71 -4.84 33.55
C GLU C 389 -33.76 -5.89 33.91
N ASP C 390 -34.59 -6.28 32.95
CA ASP C 390 -35.58 -7.34 33.13
C ASP C 390 -35.00 -8.73 32.93
N ASN C 391 -33.66 -8.87 33.02
CA ASN C 391 -32.97 -10.15 32.87
C ASN C 391 -33.43 -10.91 31.63
N SER C 392 -33.74 -10.16 30.58
CA SER C 392 -33.91 -10.69 29.25
C SER C 392 -32.67 -10.34 28.44
N ILE C 393 -32.50 -11.06 27.33
CA ILE C 393 -31.27 -10.95 26.56
C ILE C 393 -31.49 -10.16 25.27
N GLN C 394 -30.64 -9.17 25.05
CA GLN C 394 -30.86 -8.25 23.96
C GLN C 394 -29.60 -8.18 23.15
N SER C 395 -29.76 -7.87 21.87
CA SER C 395 -28.59 -7.65 21.05
C SER C 395 -28.40 -6.15 20.86
N MET C 396 -27.14 -5.73 20.95
CA MET C 396 -26.70 -4.37 20.78
C MET C 396 -25.74 -4.31 19.60
N ILE C 397 -25.71 -3.17 18.93
CA ILE C 397 -24.83 -2.96 17.80
C ILE C 397 -24.37 -1.51 17.79
N THR C 398 -23.11 -1.29 17.43
CA THR C 398 -22.57 0.05 17.28
C THR C 398 -22.17 0.26 15.83
N PHE C 399 -22.26 1.51 15.36
CA PHE C 399 -21.85 1.83 13.99
C PHE C 399 -20.61 2.70 13.94
N ASP C 400 -20.06 3.05 15.09
CA ASP C 400 -18.97 3.98 15.22
C ASP C 400 -17.89 3.39 16.10
N GLN C 401 -17.65 2.09 15.95
CA GLN C 401 -16.51 1.42 16.59
C GLN C 401 -16.58 1.55 18.11
N GLY C 402 -17.76 1.32 18.66
CA GLY C 402 -17.95 1.37 20.10
C GLY C 402 -18.04 2.76 20.70
N GLY C 403 -18.45 3.76 19.92
CA GLY C 403 -18.69 5.07 20.49
C GLY C 403 -20.06 5.15 21.14
N ARG C 404 -21.03 4.47 20.52
CA ARG C 404 -22.42 4.48 20.99
C ARG C 404 -23.08 3.19 20.54
N TRP C 405 -23.74 2.51 21.47
CA TRP C 405 -24.41 1.26 21.18
C TRP C 405 -25.91 1.48 21.05
N GLU C 406 -26.58 0.62 20.28
CA GLU C 406 -28.02 0.75 20.01
C GLU C 406 -28.66 -0.63 19.93
N HIS C 407 -29.85 -0.77 20.52
CA HIS C 407 -30.56 -2.03 20.42
C HIS C 407 -30.65 -2.47 18.99
N LEU C 408 -30.73 -3.77 18.79
CA LEU C 408 -30.76 -4.31 17.45
C LEU C 408 -32.19 -4.22 16.94
N ARG C 409 -32.38 -3.54 15.82
CA ARG C 409 -33.72 -3.26 15.33
C ARG C 409 -34.45 -4.55 15.02
N LYS C 410 -35.72 -4.60 15.40
CA LYS C 410 -36.49 -5.81 15.17
C LYS C 410 -36.78 -5.93 13.66
N PRO C 411 -36.80 -7.16 13.12
CA PRO C 411 -36.91 -7.32 11.66
C PRO C 411 -38.28 -6.92 11.13
N GLU C 412 -38.25 -6.30 9.94
CA GLU C 412 -39.45 -5.92 9.19
C GLU C 412 -40.16 -7.17 8.69
N ASN C 413 -41.42 -6.97 8.27
CA ASN C 413 -42.27 -8.03 7.71
C ASN C 413 -42.51 -9.15 8.71
N SER C 414 -42.23 -8.90 10.00
CA SER C 414 -42.34 -9.90 11.06
C SER C 414 -42.76 -9.17 12.33
N LYS C 415 -44.05 -8.82 12.38
CA LYS C 415 -44.57 -8.01 13.50
C LYS C 415 -45.05 -8.96 14.58
N CYS C 416 -44.10 -9.43 15.38
CA CYS C 416 -44.42 -10.24 16.55
C CYS C 416 -45.17 -9.40 17.59
N ASP C 417 -44.69 -8.18 17.86
CA ASP C 417 -45.28 -7.21 18.80
C ASP C 417 -45.85 -7.82 20.09
N LYS C 421 -48.28 -8.62 23.94
CA LYS C 421 -47.68 -9.79 24.58
C LYS C 421 -46.58 -9.37 25.55
N ASN C 422 -45.46 -8.92 24.98
CA ASN C 422 -44.31 -8.51 25.77
C ASN C 422 -43.42 -7.62 24.89
N LYS C 423 -42.68 -6.72 25.56
CA LYS C 423 -41.83 -5.77 24.84
C LYS C 423 -40.42 -6.30 24.61
N ASN C 424 -39.85 -6.98 25.62
CA ASN C 424 -38.57 -7.67 25.47
C ASN C 424 -38.68 -8.86 24.51
N GLU C 425 -39.85 -9.47 24.45
CA GLU C 425 -40.15 -10.46 23.43
C GLU C 425 -40.13 -9.78 22.06
N CYS C 426 -40.04 -10.59 21.01
CA CYS C 426 -39.96 -10.11 19.63
C CYS C 426 -38.70 -9.30 19.38
N SER C 427 -37.77 -9.27 20.32
CA SER C 427 -36.45 -8.70 20.11
C SER C 427 -35.57 -9.78 19.50
N LEU C 428 -35.02 -9.47 18.33
CA LEU C 428 -34.08 -10.37 17.70
C LEU C 428 -32.83 -10.49 18.55
N HIS C 429 -32.53 -11.68 19.01
CA HIS C 429 -31.27 -11.97 19.65
C HIS C 429 -30.44 -12.77 18.65
N ILE C 430 -29.18 -12.34 18.45
CA ILE C 430 -28.28 -12.98 17.49
C ILE C 430 -27.30 -13.89 18.25
N HIS C 431 -27.10 -15.10 17.72
CA HIS C 431 -26.35 -16.14 18.40
C HIS C 431 -24.89 -16.15 17.99
N ALA C 432 -24.00 -16.08 18.98
CA ALA C 432 -22.57 -16.21 18.75
C ALA C 432 -21.91 -17.06 19.82
N SER C 433 -20.69 -16.69 20.23
CA SER C 433 -19.86 -17.55 21.07
C SER C 433 -20.51 -17.83 22.42
N TYR C 434 -21.19 -16.83 23.00
CA TYR C 434 -21.90 -17.07 24.25
C TYR C 434 -23.08 -18.03 24.05
N SER C 435 -23.74 -17.95 22.90
CA SER C 435 -24.88 -18.84 22.63
C SER C 435 -24.42 -20.26 22.38
N ILE C 436 -23.26 -20.42 21.74
CA ILE C 436 -22.61 -21.72 21.66
C ILE C 436 -22.32 -22.28 23.05
N SER C 437 -21.60 -21.50 23.86
CA SER C 437 -21.22 -21.90 25.21
C SER C 437 -22.37 -22.51 25.98
N GLN C 438 -23.54 -21.87 25.99
CA GLN C 438 -24.69 -22.36 26.75
C GLN C 438 -25.35 -23.58 26.11
N LYS C 439 -24.65 -24.26 25.19
CA LYS C 439 -25.12 -25.49 24.57
C LYS C 439 -26.47 -25.30 23.89
N LEU C 440 -26.70 -24.13 23.29
CA LEU C 440 -27.89 -23.93 22.47
C LEU C 440 -27.68 -24.51 21.09
N ASN C 441 -28.79 -24.72 20.39
CA ASN C 441 -28.73 -25.37 19.09
C ASN C 441 -28.31 -24.36 18.02
N VAL C 442 -27.04 -23.96 18.08
CA VAL C 442 -26.51 -22.95 17.16
C VAL C 442 -25.29 -23.49 16.43
N PRO C 443 -25.42 -23.85 15.14
CA PRO C 443 -24.32 -24.53 14.44
C PRO C 443 -23.17 -23.61 14.07
N MET C 444 -23.44 -22.33 13.80
CA MET C 444 -22.40 -21.41 13.35
C MET C 444 -22.57 -20.04 13.99
N ALA C 445 -21.46 -19.33 14.10
CA ALA C 445 -21.44 -17.94 14.51
C ALA C 445 -21.74 -17.07 13.30
N PRO C 446 -22.04 -15.78 13.51
CA PRO C 446 -22.23 -14.86 12.38
C PRO C 446 -21.04 -14.85 11.42
N LEU C 447 -21.35 -14.73 10.12
CA LEU C 447 -20.34 -14.81 9.06
C LEU C 447 -20.43 -13.61 8.14
N SER C 448 -19.29 -12.95 7.92
CA SER C 448 -19.20 -11.82 7.01
C SER C 448 -17.82 -11.84 6.37
N GLU C 449 -17.74 -11.30 5.13
CA GLU C 449 -16.52 -11.21 4.35
C GLU C 449 -16.22 -9.76 4.03
N PRO C 450 -14.96 -9.33 4.10
CA PRO C 450 -14.67 -7.92 3.77
C PRO C 450 -14.89 -7.59 2.30
N ASN C 451 -14.74 -8.58 1.40
CA ASN C 451 -15.06 -8.35 0.00
C ASN C 451 -16.56 -8.25 -0.25
N ALA C 452 -17.37 -8.98 0.54
CA ALA C 452 -18.83 -8.94 0.42
C ALA C 452 -19.38 -7.88 1.37
N VAL C 453 -19.28 -6.63 0.95
CA VAL C 453 -19.62 -5.51 1.82
C VAL C 453 -21.12 -5.49 2.08
N GLY C 454 -21.49 -5.17 3.33
CA GLY C 454 -22.87 -5.12 3.78
C GLY C 454 -23.52 -6.47 4.02
N ILE C 455 -22.95 -7.55 3.50
CA ILE C 455 -23.55 -8.87 3.66
C ILE C 455 -23.14 -9.39 5.04
N VAL C 456 -24.13 -9.89 5.80
CA VAL C 456 -23.92 -10.56 7.08
C VAL C 456 -25.00 -11.61 7.23
N ILE C 457 -24.62 -12.79 7.71
CA ILE C 457 -25.58 -13.88 7.93
C ILE C 457 -25.36 -14.44 9.32
N ALA C 458 -26.45 -14.70 10.05
CA ALA C 458 -26.33 -15.35 11.35
C ALA C 458 -27.65 -15.97 11.76
N HIS C 459 -27.59 -16.67 12.89
CA HIS C 459 -28.76 -17.28 13.51
C HIS C 459 -29.36 -16.33 14.53
N GLY C 460 -30.70 -16.22 14.53
CA GLY C 460 -31.37 -15.31 15.42
C GLY C 460 -32.64 -15.95 15.99
N SER C 461 -33.12 -15.36 17.08
CA SER C 461 -34.25 -15.92 17.81
C SER C 461 -35.12 -14.79 18.36
N VAL C 462 -36.40 -15.13 18.55
CA VAL C 462 -37.35 -14.31 19.28
C VAL C 462 -37.13 -14.54 20.77
N GLY C 463 -37.87 -13.83 21.61
CA GLY C 463 -37.73 -13.98 23.05
C GLY C 463 -38.40 -15.18 23.68
N ASP C 464 -38.66 -16.23 22.91
CA ASP C 464 -39.30 -17.44 23.43
C ASP C 464 -38.28 -18.57 23.51
N ALA C 465 -38.46 -19.46 24.49
CA ALA C 465 -37.52 -20.58 24.62
C ALA C 465 -37.70 -21.60 23.51
N ILE C 466 -38.86 -21.57 22.86
CA ILE C 466 -39.09 -22.42 21.69
C ILE C 466 -38.19 -21.99 20.54
N SER C 467 -38.12 -20.67 20.27
CA SER C 467 -37.24 -20.14 19.23
C SER C 467 -35.77 -20.25 19.62
N VAL C 468 -35.47 -20.25 20.93
CA VAL C 468 -34.11 -20.54 21.36
C VAL C 468 -33.76 -21.98 21.02
N MET C 469 -34.71 -22.90 21.21
CA MET C 469 -34.44 -24.29 20.90
C MET C 469 -34.25 -24.50 19.40
N VAL C 470 -35.04 -23.85 18.56
CA VAL C 470 -34.97 -23.97 17.09
C VAL C 470 -34.68 -22.61 16.44
N PRO C 471 -33.43 -22.16 16.39
CA PRO C 471 -33.14 -20.86 15.78
C PRO C 471 -33.25 -20.87 14.25
N ASP C 472 -33.55 -19.68 13.72
CA ASP C 472 -33.64 -19.45 12.29
C ASP C 472 -32.48 -18.61 11.83
N VAL C 473 -32.30 -18.57 10.51
CA VAL C 473 -31.19 -17.88 9.86
C VAL C 473 -31.66 -16.53 9.33
N TYR C 474 -30.94 -15.46 9.65
CA TYR C 474 -31.30 -14.11 9.24
C TYR C 474 -30.18 -13.49 8.43
N ILE C 475 -30.57 -12.59 7.51
CA ILE C 475 -29.69 -11.93 6.54
C ILE C 475 -29.80 -10.42 6.72
N SER C 476 -28.65 -9.74 6.76
CA SER C 476 -28.63 -8.28 6.65
C SER C 476 -27.80 -7.85 5.45
N ASP C 477 -28.24 -6.78 4.79
CA ASP C 477 -27.54 -6.26 3.64
C ASP C 477 -26.92 -4.90 3.92
N ASP C 478 -27.06 -4.38 5.14
CA ASP C 478 -26.56 -3.04 5.43
C ASP C 478 -25.56 -3.06 6.57
N GLY C 479 -24.74 -4.11 6.65
CA GLY C 479 -23.86 -4.25 7.79
C GLY C 479 -24.56 -4.33 9.12
N GLY C 480 -25.81 -4.83 9.14
CA GLY C 480 -26.49 -5.23 10.38
C GLY C 480 -27.59 -4.31 10.88
N TYR C 481 -27.89 -3.21 10.17
CA TYR C 481 -28.91 -2.26 10.59
C TYR C 481 -30.31 -2.83 10.45
N SER C 482 -30.56 -3.60 9.38
CA SER C 482 -31.82 -4.27 9.13
C SER C 482 -31.60 -5.74 8.80
N TRP C 483 -32.55 -6.58 9.19
CA TRP C 483 -32.45 -8.03 9.12
C TRP C 483 -33.73 -8.59 8.54
N ALA C 484 -33.68 -9.86 8.15
CA ALA C 484 -34.84 -10.53 7.56
C ALA C 484 -34.71 -12.03 7.70
N LYS C 485 -35.72 -12.65 8.30
CA LYS C 485 -35.75 -14.11 8.41
C LYS C 485 -35.84 -14.72 7.02
N MET C 486 -34.89 -15.58 6.68
CA MET C 486 -34.83 -16.19 5.35
C MET C 486 -34.84 -17.71 5.35
N LEU C 487 -34.32 -18.39 6.38
CA LEU C 487 -34.37 -19.84 6.44
C LEU C 487 -34.94 -20.30 7.77
N GLU C 488 -35.74 -21.36 7.72
CA GLU C 488 -36.32 -21.94 8.92
C GLU C 488 -35.38 -23.05 9.42
N GLY C 489 -34.98 -22.95 10.68
CA GLY C 489 -34.08 -23.92 11.27
C GLY C 489 -32.62 -23.50 11.19
N PRO C 490 -31.77 -24.12 12.01
CA PRO C 490 -30.34 -23.84 11.93
C PRO C 490 -29.78 -24.40 10.63
N HIS C 491 -28.72 -23.77 10.14
CA HIS C 491 -28.13 -24.14 8.85
C HIS C 491 -26.64 -23.84 8.89
N TYR C 492 -25.89 -24.53 8.03
CA TYR C 492 -24.47 -24.24 7.81
C TYR C 492 -24.33 -23.39 6.56
N TYR C 493 -23.56 -22.30 6.65
CA TYR C 493 -23.43 -21.34 5.54
C TYR C 493 -21.98 -20.95 5.28
N THR C 494 -21.74 -20.47 4.05
CA THR C 494 -20.43 -20.00 3.63
C THR C 494 -20.58 -19.04 2.45
N ILE C 495 -19.60 -18.15 2.30
CA ILE C 495 -19.61 -17.07 1.31
C ILE C 495 -18.44 -17.26 0.37
N LEU C 496 -18.67 -17.07 -0.93
CA LEU C 496 -17.58 -17.03 -1.90
C LEU C 496 -18.00 -16.13 -3.06
N ASP C 497 -17.12 -16.02 -4.04
CA ASP C 497 -17.35 -15.15 -5.19
C ASP C 497 -17.51 -13.71 -4.75
N SER C 498 -16.78 -13.32 -3.70
CA SER C 498 -16.88 -11.98 -3.13
C SER C 498 -18.33 -11.61 -2.85
N GLY C 499 -19.13 -12.58 -2.45
CA GLY C 499 -20.53 -12.36 -2.16
C GLY C 499 -21.47 -12.69 -3.30
N GLY C 500 -20.96 -13.00 -4.49
CA GLY C 500 -21.86 -13.39 -5.55
C GLY C 500 -22.68 -14.61 -5.19
N ILE C 501 -22.10 -15.55 -4.47
CA ILE C 501 -22.73 -16.83 -4.20
C ILE C 501 -22.76 -17.08 -2.71
N ILE C 502 -23.90 -17.56 -2.22
CA ILE C 502 -24.11 -17.82 -0.80
C ILE C 502 -24.86 -19.15 -0.69
N VAL C 503 -24.24 -20.11 -0.02
CA VAL C 503 -24.76 -21.47 0.08
C VAL C 503 -25.11 -21.76 1.54
N ALA C 504 -26.20 -22.49 1.76
CA ALA C 504 -26.59 -22.93 3.09
C ALA C 504 -27.02 -24.39 3.03
N ILE C 505 -26.89 -25.08 4.16
CA ILE C 505 -27.25 -26.50 4.28
C ILE C 505 -27.91 -26.72 5.65
N GLU C 506 -29.01 -27.47 5.66
CA GLU C 506 -29.76 -27.70 6.88
C GLU C 506 -28.95 -28.51 7.88
N HIS C 507 -29.12 -28.18 9.17
CA HIS C 507 -28.48 -28.91 10.26
C HIS C 507 -29.56 -29.71 11.00
N SER C 508 -29.46 -31.04 10.94
CA SER C 508 -30.44 -31.91 11.57
C SER C 508 -29.82 -33.27 11.84
N ASN C 509 -30.61 -34.17 12.43
CA ASN C 509 -30.21 -35.55 12.65
C ASN C 509 -30.49 -36.45 11.45
N ARG C 510 -31.38 -36.04 10.55
CA ARG C 510 -31.70 -36.81 9.35
C ARG C 510 -30.72 -36.48 8.21
N PRO C 511 -30.49 -37.41 7.30
CA PRO C 511 -29.63 -37.11 6.15
C PRO C 511 -30.28 -36.13 5.18
N ILE C 512 -29.44 -35.28 4.58
CA ILE C 512 -29.87 -34.20 3.70
C ILE C 512 -29.34 -34.40 2.28
N ASN C 513 -30.07 -33.82 1.31
CA ASN C 513 -29.67 -33.89 -0.09
C ASN C 513 -30.03 -32.61 -0.84
N VAL C 514 -30.11 -31.48 -0.13
CA VAL C 514 -30.62 -30.22 -0.68
C VAL C 514 -29.59 -29.12 -0.45
N ILE C 515 -29.21 -28.44 -1.52
CA ILE C 515 -28.34 -27.26 -1.45
C ILE C 515 -29.23 -26.04 -1.63
N LYS C 516 -29.17 -25.11 -0.68
CA LYS C 516 -29.90 -23.84 -0.73
C LYS C 516 -28.87 -22.75 -1.02
N PHE C 517 -29.00 -22.12 -2.19
CA PHE C 517 -28.03 -21.12 -2.61
C PHE C 517 -28.72 -19.80 -2.93
N SER C 518 -27.89 -18.78 -3.09
CA SER C 518 -28.37 -17.45 -3.42
C SER C 518 -27.27 -16.73 -4.20
N THR C 519 -27.70 -15.95 -5.19
CA THR C 519 -26.80 -15.21 -6.05
C THR C 519 -26.97 -13.71 -5.90
N ASP C 520 -28.05 -13.28 -5.24
CA ASP C 520 -28.42 -11.88 -5.09
C ASP C 520 -28.20 -11.38 -3.66
N GLU C 521 -27.05 -11.73 -3.07
CA GLU C 521 -26.68 -11.29 -1.74
C GLU C 521 -27.76 -11.60 -0.71
N GLY C 522 -28.33 -12.80 -0.82
CA GLY C 522 -29.27 -13.29 0.16
C GLY C 522 -30.67 -12.72 0.09
N GLN C 523 -31.03 -12.04 -0.99
CA GLN C 523 -32.39 -11.56 -1.10
C GLN C 523 -33.33 -12.67 -1.55
N CYS C 524 -32.88 -13.54 -2.45
CA CYS C 524 -33.70 -14.66 -2.91
C CYS C 524 -32.88 -15.96 -2.89
N TRP C 525 -33.54 -17.05 -2.47
CA TRP C 525 -32.90 -18.34 -2.25
C TRP C 525 -33.50 -19.40 -3.17
N GLN C 526 -32.66 -20.37 -3.54
CA GLN C 526 -33.09 -21.49 -4.37
C GLN C 526 -32.49 -22.79 -3.85
N SER C 527 -33.29 -23.87 -3.89
CA SER C 527 -32.93 -25.21 -3.42
C SER C 527 -32.61 -26.14 -4.58
N TYR C 528 -31.51 -26.89 -4.48
CA TYR C 528 -31.05 -27.82 -5.53
C TYR C 528 -30.69 -29.16 -4.92
N VAL C 529 -31.33 -30.22 -5.41
CA VAL C 529 -31.01 -31.58 -4.98
C VAL C 529 -29.80 -32.07 -5.77
N PHE C 530 -28.65 -32.18 -5.11
CA PHE C 530 -27.38 -32.53 -5.76
C PHE C 530 -27.12 -34.03 -5.82
N THR C 531 -27.95 -34.85 -5.18
CA THR C 531 -27.81 -36.30 -5.27
C THR C 531 -29.13 -36.94 -4.86
N GLN C 532 -29.35 -38.16 -5.35
CA GLN C 532 -30.55 -38.92 -5.03
C GLN C 532 -30.43 -39.74 -3.76
N GLU C 533 -29.20 -39.88 -3.23
CA GLU C 533 -28.88 -40.62 -2.01
C GLU C 533 -28.55 -39.64 -0.88
N PRO C 534 -29.48 -39.37 0.04
CA PRO C 534 -29.20 -38.45 1.16
C PRO C 534 -28.04 -38.93 2.03
N ILE C 535 -27.14 -37.99 2.40
CA ILE C 535 -25.98 -38.29 3.22
C ILE C 535 -26.00 -37.45 4.49
N TYR C 536 -25.38 -37.98 5.55
CA TYR C 536 -25.27 -37.26 6.82
C TYR C 536 -24.18 -36.20 6.69
N PHE C 537 -24.54 -34.93 6.88
CA PHE C 537 -23.61 -33.84 6.61
C PHE C 537 -22.45 -33.84 7.60
N THR C 538 -21.29 -33.43 7.14
CA THR C 538 -20.14 -33.37 8.03
C THR C 538 -19.34 -32.10 7.88
N GLY C 539 -19.21 -31.59 6.64
CA GLY C 539 -18.44 -30.39 6.38
C GLY C 539 -18.76 -29.82 5.02
N LEU C 540 -18.26 -28.59 4.81
CA LEU C 540 -18.57 -27.78 3.63
C LEU C 540 -17.46 -26.76 3.44
N ALA C 541 -16.66 -26.92 2.38
CA ALA C 541 -15.50 -26.07 2.13
C ALA C 541 -15.63 -25.35 0.79
N SER C 542 -14.94 -24.22 0.67
CA SER C 542 -15.06 -23.41 -0.53
C SER C 542 -13.70 -23.22 -1.19
N GLU C 543 -13.72 -23.07 -2.51
CA GLU C 543 -12.50 -22.73 -3.22
C GLU C 543 -12.05 -21.34 -2.78
N PRO C 544 -10.78 -21.16 -2.44
CA PRO C 544 -10.27 -19.80 -2.24
C PRO C 544 -10.31 -19.03 -3.53
N GLY C 545 -10.44 -17.71 -3.40
CA GLY C 545 -10.40 -16.84 -4.56
C GLY C 545 -11.52 -15.84 -4.49
N ALA C 546 -11.26 -14.64 -4.99
CA ALA C 546 -12.29 -13.62 -4.97
C ALA C 546 -13.45 -13.97 -5.87
N ARG C 547 -13.17 -14.59 -7.03
CA ARG C 547 -14.18 -14.94 -8.02
C ARG C 547 -14.46 -16.44 -8.04
N SER C 548 -14.25 -17.11 -6.91
CA SER C 548 -14.38 -18.56 -6.88
C SER C 548 -15.82 -18.98 -7.13
N MET C 549 -15.99 -20.17 -7.70
CA MET C 549 -17.32 -20.68 -7.99
C MET C 549 -17.45 -22.13 -7.60
N ASN C 550 -16.37 -22.80 -7.22
CA ASN C 550 -16.42 -24.22 -6.90
C ASN C 550 -16.48 -24.42 -5.39
N ILE C 551 -17.42 -25.26 -4.97
CA ILE C 551 -17.60 -25.60 -3.57
C ILE C 551 -17.23 -27.06 -3.40
N SER C 552 -17.48 -27.59 -2.19
CA SER C 552 -17.19 -28.99 -1.83
C SER C 552 -18.05 -29.41 -0.65
N ILE C 553 -18.83 -30.48 -0.83
CA ILE C 553 -19.75 -30.99 0.19
C ILE C 553 -19.38 -32.43 0.48
N TRP C 554 -19.25 -32.79 1.76
CA TRP C 554 -18.93 -34.20 2.06
C TRP C 554 -19.67 -34.72 3.28
N GLY C 555 -20.12 -35.96 3.15
CA GLY C 555 -20.86 -36.66 4.20
C GLY C 555 -20.60 -38.14 4.09
N PHE C 556 -21.54 -38.95 4.61
CA PHE C 556 -21.39 -40.39 4.65
C PHE C 556 -22.79 -41.02 4.73
N THR C 557 -22.83 -42.34 4.53
CA THR C 557 -24.08 -43.12 4.50
C THR C 557 -24.03 -44.26 5.52
N GLU C 558 -25.15 -44.48 6.22
CA GLU C 558 -25.30 -45.55 7.25
C GLU C 558 -24.41 -45.28 8.48
N THR C 562 -20.26 -49.69 9.56
CA THR C 562 -19.61 -49.45 8.27
C THR C 562 -20.21 -48.23 7.58
N ARG C 563 -19.40 -47.18 7.47
CA ARG C 563 -19.83 -45.95 6.83
C ARG C 563 -19.07 -45.70 5.52
N GLN C 564 -19.74 -45.06 4.57
CA GLN C 564 -19.14 -44.76 3.27
C GLN C 564 -19.18 -43.26 3.01
N TRP C 565 -18.00 -42.65 3.02
CA TRP C 565 -17.82 -41.22 2.78
C TRP C 565 -17.95 -40.91 1.30
N VAL C 566 -18.41 -39.70 1.00
CA VAL C 566 -18.61 -39.29 -0.39
C VAL C 566 -18.54 -37.77 -0.48
N SER C 567 -17.90 -37.26 -1.53
CA SER C 567 -17.77 -35.82 -1.72
C SER C 567 -18.32 -35.36 -3.07
N TYR C 568 -19.05 -34.25 -3.04
CA TYR C 568 -19.68 -33.67 -4.21
C TYR C 568 -19.10 -32.28 -4.42
N THR C 569 -18.54 -32.05 -5.60
CA THR C 569 -18.00 -30.74 -5.97
C THR C 569 -18.99 -30.08 -6.91
N VAL C 570 -19.69 -29.07 -6.43
CA VAL C 570 -20.67 -28.36 -7.23
C VAL C 570 -20.09 -27.06 -7.76
N ASP C 571 -20.28 -26.82 -9.05
CA ASP C 571 -19.76 -25.66 -9.73
C ASP C 571 -20.90 -24.83 -10.28
N PHE C 572 -20.91 -23.56 -9.89
CA PHE C 572 -21.88 -22.56 -10.31
C PHE C 572 -21.46 -21.81 -11.57
N LYS C 573 -20.65 -22.43 -12.42
CA LYS C 573 -20.20 -21.75 -13.64
C LYS C 573 -21.36 -21.52 -14.58
N ASP C 574 -22.17 -22.56 -14.83
CA ASP C 574 -23.28 -22.44 -15.76
C ASP C 574 -24.44 -21.62 -15.18
N ILE C 575 -24.52 -21.45 -13.86
CA ILE C 575 -25.59 -20.63 -13.26
C ILE C 575 -25.28 -19.13 -13.41
N LEU C 576 -24.02 -18.76 -13.26
CA LEU C 576 -23.56 -17.37 -13.32
C LEU C 576 -22.65 -17.22 -14.54
N GLU C 577 -23.24 -17.28 -15.72
CA GLU C 577 -22.46 -17.17 -16.95
C GLU C 577 -22.48 -15.77 -17.52
N ARG C 578 -23.55 -15.02 -17.24
CA ARG C 578 -23.68 -13.65 -17.73
C ARG C 578 -23.06 -12.70 -16.72
N ASN C 579 -22.20 -11.80 -17.20
CA ASN C 579 -21.62 -10.79 -16.34
C ASN C 579 -22.68 -9.74 -16.02
N CYS C 580 -22.68 -9.27 -14.77
CA CYS C 580 -23.61 -8.22 -14.37
C CYS C 580 -23.24 -6.91 -15.05
N GLU C 581 -24.24 -6.18 -15.51
CA GLU C 581 -24.04 -4.83 -15.99
C GLU C 581 -24.38 -3.84 -14.88
N GLU C 582 -24.27 -2.54 -15.17
CA GLU C 582 -24.54 -1.54 -14.15
C GLU C 582 -26.02 -1.50 -13.73
N ASP C 583 -26.93 -1.98 -14.59
CA ASP C 583 -28.36 -2.01 -14.31
C ASP C 583 -28.75 -3.04 -13.27
N ASP C 584 -27.87 -3.96 -12.92
CA ASP C 584 -28.13 -4.99 -11.92
C ASP C 584 -27.73 -4.54 -10.51
N TYR C 585 -27.05 -3.41 -10.38
CA TYR C 585 -26.62 -2.88 -9.10
C TYR C 585 -27.49 -1.69 -8.70
N THR C 586 -27.47 -1.42 -7.39
CA THR C 586 -28.25 -0.36 -6.75
C THR C 586 -27.42 0.24 -5.64
N THR C 587 -27.31 1.56 -5.62
CA THR C 587 -26.50 2.26 -4.64
C THR C 587 -27.22 2.38 -3.29
N TRP C 588 -26.43 2.34 -2.20
CA TRP C 588 -26.90 2.43 -0.81
C TRP C 588 -25.76 2.88 0.10
N LEU C 589 -26.11 3.74 1.08
CA LEU C 589 -25.19 4.34 2.03
C LEU C 589 -25.24 3.63 3.38
N ALA C 590 -24.12 3.66 4.09
CA ALA C 590 -24.12 2.99 5.39
C ALA C 590 -24.92 3.80 6.40
N HIS C 591 -25.28 3.15 7.49
CA HIS C 591 -26.10 3.81 8.49
C HIS C 591 -25.24 4.71 9.38
N SER C 592 -25.79 5.86 9.74
CA SER C 592 -25.14 6.75 10.67
C SER C 592 -26.07 7.05 11.83
N THR C 593 -25.56 6.88 13.05
CA THR C 593 -26.39 7.10 14.23
C THR C 593 -26.92 8.53 14.31
N ASP C 594 -26.16 9.54 13.80
CA ASP C 594 -26.59 10.94 13.90
C ASP C 594 -27.67 11.24 12.85
N PRO C 595 -28.75 11.91 13.25
CA PRO C 595 -29.87 12.11 12.32
C PRO C 595 -29.56 13.23 11.36
N GLY C 596 -30.30 13.25 10.27
CA GLY C 596 -30.01 14.17 9.20
C GLY C 596 -29.20 13.54 8.07
N ASP C 597 -29.21 14.23 6.92
CA ASP C 597 -28.51 13.83 5.70
C ASP C 597 -27.07 14.32 5.68
N TYR C 598 -26.76 15.37 6.44
CA TYR C 598 -25.42 15.93 6.45
C TYR C 598 -24.38 14.93 6.90
N LYS C 599 -24.77 13.90 7.64
CA LYS C 599 -23.78 12.88 7.95
C LYS C 599 -24.21 11.53 7.43
N ASP C 600 -25.07 11.50 6.42
CA ASP C 600 -25.61 10.24 5.93
C ASP C 600 -24.55 9.52 5.11
N GLY C 601 -24.14 8.36 5.62
CA GLY C 601 -23.08 7.57 5.04
C GLY C 601 -21.70 7.79 5.63
N CYS C 602 -21.56 8.57 6.71
CA CYS C 602 -20.27 8.86 7.32
C CYS C 602 -19.93 7.78 8.34
N ILE C 603 -18.73 7.21 8.21
CA ILE C 603 -18.21 6.15 9.08
C ILE C 603 -16.84 6.59 9.57
N LEU C 604 -16.78 6.96 10.85
CA LEU C 604 -15.55 7.48 11.43
C LEU C 604 -14.93 8.52 10.50
N GLY C 605 -15.77 9.46 10.05
CA GLY C 605 -15.30 10.63 9.35
C GLY C 605 -15.05 10.49 7.87
N TYR C 606 -15.33 9.33 7.26
CA TYR C 606 -15.16 9.10 5.83
C TYR C 606 -16.50 8.71 5.21
N LYS C 607 -16.80 9.21 4.02
CA LYS C 607 -18.06 8.92 3.33
C LYS C 607 -17.75 8.09 2.10
N GLU C 608 -18.41 6.93 1.98
CA GLU C 608 -18.21 6.04 0.84
C GLU C 608 -19.55 5.47 0.39
N GLN C 609 -19.77 5.47 -0.92
CA GLN C 609 -20.98 4.95 -1.53
C GLN C 609 -20.79 3.48 -1.85
N PHE C 610 -21.86 2.67 -1.66
CA PHE C 610 -21.78 1.22 -1.79
C PHE C 610 -22.72 0.74 -2.88
N LEU C 611 -22.46 -0.49 -3.35
CA LEU C 611 -23.29 -1.17 -4.34
C LEU C 611 -23.92 -2.43 -3.74
N ARG C 612 -24.92 -2.93 -4.43
CA ARG C 612 -25.70 -4.07 -3.93
C ARG C 612 -26.40 -4.72 -5.12
N LEU C 613 -26.47 -6.03 -5.13
CA LEU C 613 -27.22 -6.70 -6.18
C LEU C 613 -28.71 -6.52 -5.94
N ARG C 614 -29.42 -6.20 -7.01
CA ARG C 614 -30.87 -6.09 -6.98
C ARG C 614 -31.48 -7.41 -6.54
N LYS C 615 -32.77 -7.37 -6.31
CA LYS C 615 -33.48 -8.59 -5.93
C LYS C 615 -33.62 -9.51 -7.13
N SER C 616 -33.47 -10.82 -6.87
CA SER C 616 -33.55 -11.89 -7.86
C SER C 616 -32.53 -11.70 -8.99
N SER C 617 -31.31 -11.30 -8.60
CA SER C 617 -30.25 -11.09 -9.58
C SER C 617 -29.39 -12.34 -9.67
N VAL C 618 -29.24 -12.81 -10.88
CA VAL C 618 -28.52 -14.03 -11.18
C VAL C 618 -27.49 -13.63 -12.23
N CYS C 619 -26.35 -13.13 -11.76
CA CYS C 619 -25.28 -12.72 -12.66
C CYS C 619 -23.97 -12.73 -11.89
N GLN C 620 -22.88 -12.85 -12.64
CA GLN C 620 -21.53 -12.95 -12.10
C GLN C 620 -20.94 -11.56 -11.94
N ASN C 621 -20.62 -11.21 -10.71
CA ASN C 621 -20.04 -9.92 -10.43
C ASN C 621 -18.56 -9.95 -10.74
N GLY C 622 -18.09 -8.90 -11.42
CA GLY C 622 -16.68 -8.75 -11.73
C GLY C 622 -16.03 -7.55 -11.07
N ARG C 623 -16.82 -6.72 -10.40
CA ARG C 623 -16.35 -5.47 -9.80
C ARG C 623 -16.59 -5.50 -8.28
N ASP C 624 -15.81 -4.68 -7.56
CA ASP C 624 -15.94 -4.57 -6.10
C ASP C 624 -17.15 -3.70 -5.73
N TYR C 625 -17.70 -3.95 -4.54
CA TYR C 625 -18.93 -3.26 -4.14
C TYR C 625 -18.71 -1.81 -3.67
N VAL C 626 -17.46 -1.36 -3.50
CA VAL C 626 -17.16 0.03 -3.15
C VAL C 626 -16.94 0.82 -4.44
N VAL C 627 -17.59 1.99 -4.55
CA VAL C 627 -17.54 2.79 -5.78
C VAL C 627 -16.13 3.28 -6.06
N ALA C 628 -15.29 3.39 -5.02
CA ALA C 628 -13.91 3.82 -5.19
C ALA C 628 -13.83 5.09 -6.03
N LYS C 629 -14.76 6.00 -5.80
CA LYS C 629 -14.72 7.34 -6.37
C LYS C 629 -13.67 8.12 -5.58
N GLN C 630 -14.06 8.61 -4.39
CA GLN C 630 -13.14 9.27 -3.48
C GLN C 630 -13.80 9.50 -2.13
N PRO C 631 -13.11 9.21 -1.03
CA PRO C 631 -13.69 9.45 0.30
C PRO C 631 -13.72 10.94 0.61
N SER C 632 -14.92 11.48 0.82
CA SER C 632 -15.11 12.85 1.26
C SER C 632 -15.12 12.90 2.77
N VAL C 633 -14.40 13.85 3.36
CA VAL C 633 -14.33 13.95 4.81
C VAL C 633 -15.62 14.57 5.35
N CYS C 634 -16.20 13.95 6.48
CA CYS C 634 -17.41 14.46 7.10
C CYS C 634 -17.08 15.34 8.28
N PRO C 635 -17.99 16.24 8.64
CA PRO C 635 -17.80 17.06 9.84
C PRO C 635 -18.05 16.26 11.09
N CYS C 636 -17.35 16.65 12.15
CA CYS C 636 -17.31 15.83 13.35
C CYS C 636 -18.61 15.99 14.11
N SER C 637 -19.12 14.86 14.61
CA SER C 637 -20.31 14.91 15.42
C SER C 637 -20.15 13.97 16.61
N LEU C 638 -21.23 13.76 17.36
CA LEU C 638 -21.16 12.87 18.50
C LEU C 638 -20.64 11.48 18.14
N GLU C 639 -21.27 10.81 17.17
CA GLU C 639 -20.84 9.48 16.80
C GLU C 639 -19.34 9.38 16.51
N ASP C 640 -18.65 10.47 16.21
CA ASP C 640 -17.22 10.38 15.94
C ASP C 640 -16.36 10.52 17.21
N PHE C 641 -16.93 10.41 18.40
CA PHE C 641 -16.16 10.51 19.63
C PHE C 641 -16.54 9.45 20.66
N LEU C 642 -15.55 8.85 21.30
CA LEU C 642 -15.79 7.97 22.44
C LEU C 642 -16.01 8.79 23.70
N CYS C 643 -16.54 8.11 24.71
CA CYS C 643 -16.65 8.75 26.01
C CYS C 643 -15.27 8.81 26.69
N ASP C 644 -15.00 9.90 27.41
CA ASP C 644 -13.69 10.04 28.03
C ASP C 644 -13.62 9.18 29.29
N PHE C 645 -12.44 9.16 29.92
CA PHE C 645 -12.14 8.47 31.18
C PHE C 645 -13.07 8.97 32.28
N GLY C 646 -13.93 8.11 32.80
CA GLY C 646 -14.85 8.51 33.82
C GLY C 646 -16.20 8.96 33.32
N TYR C 647 -16.48 8.78 32.02
CA TYR C 647 -17.76 9.13 31.43
C TYR C 647 -18.33 7.93 30.72
N PHE C 648 -19.63 8.00 30.42
CA PHE C 648 -20.30 6.93 29.67
C PHE C 648 -21.55 7.47 29.01
N ARG C 649 -22.06 6.71 28.05
CA ARG C 649 -23.34 7.00 27.43
C ARG C 649 -24.39 6.05 27.97
N PRO C 650 -25.43 6.55 28.64
CA PRO C 650 -26.52 5.68 29.11
C PRO C 650 -27.38 5.12 27.98
N GLU C 651 -28.35 4.25 28.32
CA GLU C 651 -29.10 3.51 27.30
C GLU C 651 -29.85 4.46 26.39
N ASN C 652 -29.87 4.15 25.09
CA ASN C 652 -30.52 4.95 24.06
C ASN C 652 -29.95 6.35 24.00
N ALA C 653 -28.86 6.66 24.72
CA ALA C 653 -28.45 8.06 24.84
C ALA C 653 -27.37 8.39 23.83
N SER C 654 -27.23 9.69 23.52
CA SER C 654 -26.19 10.10 22.57
C SER C 654 -25.04 10.87 23.20
N GLU C 655 -25.25 11.55 24.31
CA GLU C 655 -24.22 12.38 24.91
C GLU C 655 -23.62 11.68 26.12
N CYS C 656 -22.31 11.93 26.36
CA CYS C 656 -21.59 11.30 27.47
C CYS C 656 -21.78 12.09 28.76
N VAL C 657 -21.85 11.41 29.88
CA VAL C 657 -22.00 12.05 31.18
C VAL C 657 -21.03 11.41 32.16
N GLU C 658 -20.59 12.20 33.15
CA GLU C 658 -19.61 11.72 34.12
C GLU C 658 -20.20 10.56 34.93
N GLN C 659 -19.35 9.65 35.35
CA GLN C 659 -19.84 8.52 36.12
C GLN C 659 -20.22 9.01 37.53
N PRO C 660 -21.30 8.48 38.11
CA PRO C 660 -21.81 9.04 39.38
C PRO C 660 -20.79 9.03 40.50
N GLU C 661 -20.08 7.90 40.69
CA GLU C 661 -19.12 7.68 41.77
C GLU C 661 -17.86 8.52 41.65
N LEU C 662 -17.67 9.23 40.54
CA LEU C 662 -16.49 10.05 40.35
C LEU C 662 -16.78 11.54 40.43
N LYS C 663 -18.05 11.92 40.61
CA LYS C 663 -18.42 13.33 40.61
C LYS C 663 -17.84 14.00 41.85
N GLY C 664 -17.30 15.21 41.67
CA GLY C 664 -16.70 15.94 42.77
C GLY C 664 -15.33 15.48 43.14
N HIS C 665 -14.81 14.43 42.48
CA HIS C 665 -13.47 13.90 42.68
C HIS C 665 -12.60 14.18 41.47
N GLU C 666 -11.31 14.38 41.71
CA GLU C 666 -10.39 14.77 40.66
C GLU C 666 -10.02 13.57 39.81
N LEU C 667 -10.25 13.66 38.50
CA LEU C 667 -9.94 12.54 37.61
C LEU C 667 -8.44 12.38 37.51
N GLU C 668 -7.90 11.31 38.07
CA GLU C 668 -6.47 11.07 37.98
C GLU C 668 -6.25 9.66 37.49
N PHE C 669 -5.19 9.50 36.72
CA PHE C 669 -4.69 8.18 36.37
C PHE C 669 -3.19 8.28 36.24
N CYS C 670 -2.55 7.16 35.90
CA CYS C 670 -1.09 7.09 35.79
C CYS C 670 -0.66 6.62 34.40
N LEU C 671 0.15 7.43 33.72
CA LEU C 671 0.55 7.18 32.34
C LEU C 671 2.07 7.16 32.23
N TYR C 672 2.63 5.98 31.94
CA TYR C 672 4.07 5.70 31.80
C TYR C 672 4.87 6.34 32.95
N GLY C 673 4.59 5.83 34.16
CA GLY C 673 5.21 6.36 35.37
C GLY C 673 5.03 7.84 35.56
N LYS C 674 3.85 8.37 35.24
CA LYS C 674 3.55 9.78 35.48
C LYS C 674 2.15 9.92 36.05
N GLU C 675 1.96 10.82 37.02
CA GLU C 675 0.62 11.13 37.54
C GLU C 675 -0.01 12.19 36.64
N GLU C 676 -1.16 11.86 36.03
CA GLU C 676 -1.81 12.77 35.08
C GLU C 676 -3.20 13.16 35.56
N HIS C 677 -3.52 14.45 35.40
CA HIS C 677 -4.82 15.02 35.73
C HIS C 677 -5.60 15.37 34.48
N LEU C 678 -6.84 14.87 34.41
CA LEU C 678 -7.68 15.02 33.24
C LEU C 678 -8.80 16.03 33.49
N THR C 679 -9.06 16.82 32.45
CA THR C 679 -10.07 17.87 32.39
C THR C 679 -10.72 17.74 31.02
N THR C 680 -11.99 17.34 30.96
CA THR C 680 -12.62 17.18 29.66
C THR C 680 -14.06 17.64 29.69
N ASN C 681 -14.57 17.88 28.48
CA ASN C 681 -16.01 17.88 28.28
C ASN C 681 -16.60 16.47 28.20
N GLY C 682 -15.80 15.42 28.36
CA GLY C 682 -16.27 14.07 28.23
C GLY C 682 -16.30 13.52 26.82
N TYR C 683 -15.42 13.99 25.94
CA TYR C 683 -15.39 13.47 24.60
C TYR C 683 -13.93 13.25 24.22
N ARG C 684 -13.67 12.09 23.60
CA ARG C 684 -12.36 11.65 23.16
C ARG C 684 -12.51 11.22 21.71
N LYS C 685 -11.75 11.86 20.81
CA LYS C 685 -11.78 11.46 19.41
C LYS C 685 -11.56 9.96 19.28
N ILE C 686 -12.31 9.33 18.40
CA ILE C 686 -12.15 7.89 18.15
C ILE C 686 -10.80 7.64 17.48
N PRO C 687 -9.99 6.70 17.96
CA PRO C 687 -8.78 6.32 17.21
C PRO C 687 -9.20 5.80 15.84
N GLY C 688 -8.67 6.43 14.78
CA GLY C 688 -8.99 6.07 13.41
C GLY C 688 -10.06 6.94 12.78
N ASP C 689 -10.68 7.81 13.56
CA ASP C 689 -11.71 8.68 13.02
C ASP C 689 -11.05 9.80 12.21
N LYS C 690 -11.60 10.05 11.04
CA LYS C 690 -10.99 10.98 10.11
C LYS C 690 -11.87 12.21 9.87
N CYS C 691 -12.79 12.49 10.79
CA CYS C 691 -13.61 13.68 10.65
C CYS C 691 -12.76 14.92 10.84
N GLN C 692 -13.20 16.03 10.22
CA GLN C 692 -12.57 17.32 10.41
C GLN C 692 -13.64 18.39 10.51
N GLY C 693 -13.33 19.43 11.24
CA GLY C 693 -14.30 20.47 11.52
C GLY C 693 -15.55 19.92 12.20
N GLY C 694 -16.50 20.82 12.40
CA GLY C 694 -17.75 20.46 13.03
C GLY C 694 -17.60 20.47 14.53
N MET C 695 -18.16 19.45 15.18
CA MET C 695 -18.10 19.38 16.62
C MET C 695 -16.67 19.17 17.08
N ASN C 696 -16.25 19.95 18.06
CA ASN C 696 -14.87 19.88 18.56
C ASN C 696 -14.84 20.02 20.07
N PRO C 697 -15.24 18.98 20.80
CA PRO C 697 -15.12 18.99 22.25
C PRO C 697 -13.67 18.93 22.68
N ALA C 698 -13.29 19.82 23.61
CA ALA C 698 -11.91 19.92 24.07
C ALA C 698 -11.60 18.93 25.19
N ARG C 699 -10.30 18.75 25.47
CA ARG C 699 -9.80 18.00 26.63
C ARG C 699 -8.34 18.39 26.86
N GLU C 700 -7.86 18.16 28.09
CA GLU C 700 -6.50 18.53 28.50
C GLU C 700 -5.94 17.48 29.44
N VAL C 701 -4.66 17.15 29.28
CA VAL C 701 -3.97 16.17 30.11
C VAL C 701 -2.72 16.85 30.63
N LYS C 702 -2.73 17.31 31.87
CA LYS C 702 -1.57 18.01 32.41
C LYS C 702 -0.79 17.12 33.38
N ASP C 703 0.52 17.31 33.42
CA ASP C 703 1.34 16.55 34.32
C ASP C 703 1.25 17.13 35.72
N LEU C 704 1.58 16.29 36.71
CA LEU C 704 1.49 16.59 38.12
C LEU C 704 2.87 16.51 38.77
N LYS C 705 2.89 16.30 40.09
CA LYS C 705 4.12 16.22 40.85
C LYS C 705 4.53 14.77 41.12
N LYS C 706 3.58 13.93 41.54
CA LYS C 706 3.90 12.56 41.90
C LYS C 706 4.43 11.80 40.70
N LYS C 707 5.22 10.78 40.98
CA LYS C 707 5.77 9.92 39.94
C LYS C 707 4.95 8.65 39.75
N CYS C 708 4.31 8.13 40.80
CA CYS C 708 3.42 6.97 40.72
C CYS C 708 4.16 5.71 40.26
N THR C 709 3.48 4.55 40.31
CA THR C 709 4.06 3.28 39.90
C THR C 709 3.09 2.58 38.97
N SER C 710 3.41 2.58 37.67
CA SER C 710 2.51 2.06 36.65
C SER C 710 3.07 0.85 35.94
N ASN C 711 3.89 0.07 36.63
CA ASN C 711 4.59 -1.05 36.00
C ASN C 711 5.02 -2.04 37.08
N PHE C 712 4.83 -3.33 36.79
CA PHE C 712 5.15 -4.39 37.74
C PHE C 712 6.04 -5.47 37.10
N LEU C 713 6.95 -5.06 36.21
CA LEU C 713 7.87 -5.96 35.50
C LEU C 713 9.13 -5.18 35.10
N ASN C 714 10.43 -5.96 34.61
CA ASN C 714 11.64 -5.31 34.07
C ASN C 714 12.45 -6.27 33.20
N CYS D 54 -23.62 -72.16 24.55
CA CYS D 54 -24.74 -71.85 25.43
C CYS D 54 -25.95 -72.72 25.18
N GLY D 55 -26.76 -72.31 24.20
CA GLY D 55 -27.96 -73.04 23.83
C GLY D 55 -29.19 -72.67 24.65
N ASP D 59 -39.15 -69.38 21.91
CA ASP D 59 -40.09 -69.56 23.01
C ASP D 59 -40.05 -68.38 23.95
N PHE D 60 -38.86 -67.80 24.08
CA PHE D 60 -38.71 -66.61 24.91
C PHE D 60 -39.39 -65.39 24.30
N ILE D 61 -39.75 -65.44 23.01
CA ILE D 61 -40.39 -64.29 22.35
C ILE D 61 -41.79 -64.08 22.91
N ALA D 62 -42.55 -65.17 23.11
CA ALA D 62 -43.92 -65.02 23.57
C ALA D 62 -43.98 -64.52 25.00
N LYS D 63 -42.96 -64.83 25.80
CA LYS D 63 -42.96 -64.43 27.20
C LYS D 63 -42.76 -62.92 27.38
N LEU D 64 -42.12 -62.26 26.42
CA LEU D 64 -41.87 -60.83 26.49
C LEU D 64 -42.85 -60.00 25.67
N THR D 65 -43.50 -60.59 24.67
CA THR D 65 -44.44 -59.84 23.85
C THR D 65 -45.69 -59.49 24.66
N ASN D 66 -46.16 -60.40 25.52
CA ASN D 66 -47.32 -60.12 26.34
C ASN D 66 -47.04 -59.12 27.46
N ASN D 67 -45.76 -58.85 27.75
CA ASN D 67 -45.34 -58.00 28.86
C ASN D 67 -44.65 -56.72 28.39
N THR D 68 -44.63 -56.46 27.09
CA THR D 68 -44.07 -55.24 26.53
C THR D 68 -45.19 -54.22 26.46
N HIS D 69 -45.11 -53.16 27.26
CA HIS D 69 -46.12 -52.11 27.28
C HIS D 69 -45.54 -50.86 26.63
N GLN D 70 -46.22 -50.37 25.61
CA GLN D 70 -45.83 -49.17 24.90
C GLN D 70 -46.73 -48.03 25.35
N HIS D 71 -46.17 -46.83 25.35
CA HIS D 71 -46.95 -45.61 25.54
C HIS D 71 -46.32 -44.52 24.68
N VAL D 72 -47.13 -43.82 23.90
CA VAL D 72 -46.66 -42.80 22.99
C VAL D 72 -46.92 -41.41 23.60
N PHE D 73 -45.95 -40.52 23.46
CA PHE D 73 -46.02 -39.14 23.95
C PHE D 73 -45.93 -38.16 22.78
N ASP D 74 -46.88 -37.24 22.70
CA ASP D 74 -47.02 -36.28 21.61
C ASP D 74 -46.68 -34.87 22.05
N ASP D 75 -46.04 -34.12 21.16
CA ASP D 75 -45.73 -32.70 21.35
C ASP D 75 -44.81 -32.49 22.57
N LEU D 76 -43.57 -32.93 22.40
CA LEU D 76 -42.55 -32.78 23.43
C LEU D 76 -41.37 -32.02 22.87
N SER D 77 -40.91 -31.02 23.60
CA SER D 77 -39.72 -30.29 23.21
C SER D 77 -38.64 -30.52 24.26
N GLY D 78 -37.41 -30.13 23.90
CA GLY D 78 -36.28 -30.25 24.81
C GLY D 78 -35.88 -31.67 25.14
N SER D 79 -35.06 -31.80 26.18
CA SER D 79 -34.61 -33.09 26.68
C SER D 79 -35.75 -33.80 27.40
N VAL D 80 -35.73 -35.13 27.36
CA VAL D 80 -36.76 -35.96 27.98
C VAL D 80 -36.12 -36.92 28.98
N SER D 81 -36.58 -36.84 30.23
CA SER D 81 -36.09 -37.66 31.34
C SER D 81 -37.21 -38.57 31.82
N LEU D 82 -36.84 -39.77 32.27
CA LEU D 82 -37.77 -40.74 32.83
C LEU D 82 -37.16 -41.40 34.05
N SER D 83 -37.93 -41.54 35.13
CA SER D 83 -37.36 -42.07 36.36
C SER D 83 -38.40 -42.81 37.21
N TRP D 84 -38.02 -43.97 37.72
CA TRP D 84 -38.84 -44.68 38.67
C TRP D 84 -38.74 -44.03 40.05
N VAL D 85 -39.87 -44.03 40.76
CA VAL D 85 -39.97 -43.42 42.07
C VAL D 85 -40.42 -44.50 43.04
N GLY D 86 -39.52 -44.93 43.90
CA GLY D 86 -39.85 -45.90 44.92
C GLY D 86 -39.80 -47.34 44.46
N ASP D 87 -39.76 -48.22 45.45
CA ASP D 87 -39.61 -49.65 45.25
C ASP D 87 -41.00 -50.28 45.20
N SER D 88 -41.37 -50.84 44.04
CA SER D 88 -42.63 -51.57 43.88
C SER D 88 -43.84 -50.66 44.09
N THR D 89 -43.75 -49.41 43.64
CA THR D 89 -44.89 -48.51 43.71
C THR D 89 -45.54 -48.29 42.36
N GLY D 90 -44.90 -48.72 41.28
CA GLY D 90 -45.43 -48.54 39.95
C GLY D 90 -45.49 -47.11 39.46
N VAL D 91 -44.82 -46.19 40.14
CA VAL D 91 -44.87 -44.77 39.82
C VAL D 91 -43.73 -44.43 38.86
N ILE D 92 -44.06 -43.85 37.70
CA ILE D 92 -43.05 -43.52 36.69
C ILE D 92 -43.29 -42.09 36.17
N LEU D 93 -42.28 -41.23 36.31
CA LEU D 93 -42.37 -39.81 35.93
C LEU D 93 -41.54 -39.53 34.69
N VAL D 94 -42.13 -38.80 33.74
CA VAL D 94 -41.47 -38.36 32.51
C VAL D 94 -41.44 -36.84 32.47
N LEU D 95 -40.25 -36.27 32.30
CA LEU D 95 -40.08 -34.83 32.42
C LEU D 95 -39.45 -34.23 31.18
N THR D 96 -39.96 -33.07 30.79
CA THR D 96 -39.44 -32.28 29.69
C THR D 96 -38.58 -31.16 30.26
N THR D 97 -37.29 -31.15 29.89
CA THR D 97 -36.34 -30.17 30.39
C THR D 97 -35.77 -29.37 29.23
N PHE D 98 -35.26 -28.19 29.54
CA PHE D 98 -34.69 -27.34 28.52
C PHE D 98 -33.30 -26.88 28.95
N GLN D 99 -32.45 -26.62 27.95
CA GLN D 99 -31.09 -26.15 28.17
C GLN D 99 -31.08 -24.63 28.09
N VAL D 100 -31.28 -23.99 29.22
CA VAL D 100 -31.36 -22.54 29.24
C VAL D 100 -30.40 -22.01 30.27
N PRO D 101 -29.65 -20.93 29.97
CA PRO D 101 -28.71 -20.37 30.94
C PRO D 101 -29.41 -19.91 32.20
N LEU D 102 -28.68 -19.92 33.31
CA LEU D 102 -29.32 -19.72 34.60
C LEU D 102 -29.78 -18.28 34.83
N VAL D 103 -29.04 -17.31 34.32
CA VAL D 103 -29.30 -15.91 34.68
C VAL D 103 -30.30 -15.27 33.72
N ILE D 104 -30.87 -16.05 32.81
CA ILE D 104 -31.78 -15.53 31.80
C ILE D 104 -33.20 -15.91 32.15
N VAL D 105 -34.13 -15.01 31.90
CA VAL D 105 -35.56 -15.25 32.10
C VAL D 105 -36.19 -15.52 30.74
N SER D 106 -36.77 -16.72 30.61
CA SER D 106 -37.29 -17.21 29.34
C SER D 106 -38.68 -17.81 29.54
N PHE D 107 -39.48 -17.75 28.49
CA PHE D 107 -40.82 -18.31 28.49
C PHE D 107 -40.77 -19.77 28.00
N GLY D 108 -41.09 -20.70 28.89
CA GLY D 108 -41.18 -22.10 28.49
C GLY D 108 -42.17 -22.84 29.36
N GLN D 109 -42.63 -23.99 28.85
CA GLN D 109 -43.56 -24.85 29.58
C GLN D 109 -43.12 -26.30 29.46
N SER D 110 -42.72 -26.88 30.58
CA SER D 110 -42.29 -28.27 30.61
C SER D 110 -43.50 -29.18 30.70
N LYS D 111 -43.42 -30.31 30.03
CA LYS D 111 -44.50 -31.28 30.07
C LYS D 111 -44.19 -32.33 31.12
N LEU D 112 -45.25 -32.87 31.73
CA LEU D 112 -45.11 -33.73 32.88
C LEU D 112 -46.17 -34.82 32.81
N TYR D 113 -45.73 -36.07 32.95
CA TYR D 113 -46.62 -37.23 32.85
C TYR D 113 -46.33 -38.18 34.01
N ARG D 114 -47.39 -38.76 34.58
CA ARG D 114 -47.31 -39.69 35.69
C ARG D 114 -47.94 -41.01 35.29
N SER D 115 -47.26 -42.11 35.58
CA SER D 115 -47.83 -43.44 35.41
C SER D 115 -48.02 -44.05 36.78
N GLU D 116 -49.10 -44.81 36.96
CA GLU D 116 -49.33 -45.50 38.23
C GLU D 116 -49.53 -46.99 38.02
N ASP D 117 -49.08 -47.53 36.86
CA ASP D 117 -49.29 -48.93 36.49
C ASP D 117 -48.08 -49.50 35.78
N TYR D 118 -46.88 -49.13 36.22
CA TYR D 118 -45.63 -49.72 35.75
C TYR D 118 -45.44 -49.48 34.25
N GLY D 119 -45.63 -48.24 33.82
CA GLY D 119 -45.37 -47.87 32.43
C GLY D 119 -46.44 -48.27 31.44
N LYS D 120 -47.56 -48.83 31.89
CA LYS D 120 -48.63 -49.25 31.00
C LYS D 120 -49.36 -48.04 30.40
N ASN D 121 -49.96 -47.19 31.25
CA ASN D 121 -50.65 -45.96 30.85
C ASN D 121 -50.10 -44.76 31.61
N PHE D 122 -49.99 -43.62 30.92
CA PHE D 122 -49.49 -42.38 31.51
C PHE D 122 -50.56 -41.29 31.49
N LYS D 123 -50.57 -40.48 32.56
CA LYS D 123 -51.55 -39.41 32.76
C LYS D 123 -50.86 -38.06 32.69
N ASP D 124 -51.40 -37.13 31.91
CA ASP D 124 -50.80 -35.82 31.73
C ASP D 124 -51.20 -34.89 32.87
N ILE D 125 -50.22 -34.47 33.66
CA ILE D 125 -50.49 -33.62 34.82
C ILE D 125 -49.74 -32.31 34.67
N THR D 126 -49.69 -31.77 33.47
CA THR D 126 -48.93 -30.54 33.26
C THR D 126 -49.62 -29.33 33.89
N ASN D 127 -50.94 -29.38 34.06
CA ASN D 127 -51.63 -28.28 34.74
C ASN D 127 -51.12 -28.06 36.15
N LEU D 128 -50.49 -29.07 36.76
CA LEU D 128 -49.92 -28.94 38.09
C LEU D 128 -48.66 -28.08 38.09
N ILE D 129 -48.02 -27.95 36.95
CA ILE D 129 -46.86 -27.07 36.83
C ILE D 129 -47.11 -26.07 35.70
N ASN D 130 -48.35 -25.61 35.56
CA ASN D 130 -48.70 -24.65 34.50
C ASN D 130 -47.94 -23.35 34.71
N ASN D 131 -47.47 -22.79 33.60
CA ASN D 131 -46.73 -21.53 33.58
C ASN D 131 -45.35 -21.66 34.23
N THR D 132 -44.74 -22.84 34.16
CA THR D 132 -43.39 -23.09 34.69
C THR D 132 -42.63 -24.03 33.76
N PHE D 133 -41.33 -24.19 34.02
CA PHE D 133 -40.44 -25.08 33.28
C PHE D 133 -39.22 -25.48 34.11
N ILE D 134 -38.60 -26.59 33.71
CA ILE D 134 -37.48 -27.19 34.42
C ILE D 134 -36.25 -27.15 33.53
N ARG D 135 -35.10 -26.77 34.12
CA ARG D 135 -33.86 -26.76 33.35
C ARG D 135 -33.28 -28.17 33.25
N THR D 136 -32.58 -28.43 32.16
CA THR D 136 -31.94 -29.72 32.04
C THR D 136 -30.96 -29.94 33.19
N GLU D 137 -30.25 -28.88 33.59
CA GLU D 137 -29.25 -28.99 34.65
C GLU D 137 -29.85 -29.49 35.96
N PHE D 138 -31.01 -28.97 36.35
CA PHE D 138 -31.58 -29.36 37.64
C PHE D 138 -32.26 -30.73 37.55
N GLY D 139 -33.28 -30.82 36.70
CA GLY D 139 -34.07 -32.04 36.62
C GLY D 139 -34.88 -32.26 37.88
N MET D 140 -34.99 -33.52 38.27
CA MET D 140 -35.73 -33.89 39.46
C MET D 140 -34.78 -33.94 40.67
N ALA D 141 -35.37 -34.07 41.87
CA ALA D 141 -34.64 -34.13 43.15
C ALA D 141 -35.24 -35.26 43.96
N ILE D 142 -34.81 -36.49 43.69
CA ILE D 142 -35.39 -37.64 44.38
C ILE D 142 -34.70 -37.80 45.72
N GLY D 143 -35.50 -38.12 46.75
CA GLY D 143 -34.99 -38.26 48.10
C GLY D 143 -34.43 -39.64 48.33
N PRO D 144 -34.15 -39.98 49.58
CA PRO D 144 -33.73 -41.35 49.91
C PRO D 144 -34.64 -42.39 49.26
N GLU D 145 -34.14 -43.62 49.28
CA GLU D 145 -34.86 -44.72 48.63
C GLU D 145 -36.26 -44.86 49.18
N ASN D 146 -36.36 -45.07 50.50
CA ASN D 146 -37.60 -45.37 51.19
C ASN D 146 -38.22 -44.14 51.85
N SER D 147 -37.99 -42.97 51.28
CA SER D 147 -38.46 -41.73 51.85
C SER D 147 -39.75 -41.23 51.23
N GLY D 148 -40.01 -41.55 49.97
CA GLY D 148 -41.16 -40.99 49.30
C GLY D 148 -41.09 -39.49 49.13
N LYS D 149 -39.88 -38.92 49.15
CA LYS D 149 -39.67 -37.49 48.95
C LYS D 149 -39.31 -37.24 47.50
N VAL D 150 -40.00 -36.29 46.87
CA VAL D 150 -39.72 -35.89 45.50
C VAL D 150 -39.99 -34.39 45.34
N ILE D 151 -38.95 -33.63 45.00
CA ILE D 151 -39.03 -32.18 44.80
C ILE D 151 -38.86 -31.90 43.32
N LEU D 152 -39.59 -30.90 42.81
CA LEU D 152 -39.45 -30.45 41.43
C LEU D 152 -39.09 -28.97 41.43
N THR D 153 -37.88 -28.66 40.98
CA THR D 153 -37.43 -27.28 41.01
C THR D 153 -37.55 -26.68 39.62
N ALA D 154 -38.30 -25.58 39.54
CA ALA D 154 -38.64 -24.92 38.28
C ALA D 154 -38.47 -23.43 38.41
N GLU D 155 -38.63 -22.74 37.28
CA GLU D 155 -38.64 -21.29 37.22
C GLU D 155 -39.91 -20.82 36.54
N VAL D 156 -40.46 -19.70 37.03
CA VAL D 156 -41.73 -19.18 36.52
C VAL D 156 -41.56 -18.76 35.07
N SER D 157 -42.48 -19.23 34.21
CA SER D 157 -42.35 -18.98 32.78
C SER D 157 -42.15 -17.50 32.49
N GLY D 158 -42.99 -16.64 33.07
CA GLY D 158 -42.78 -15.22 32.88
C GLY D 158 -41.58 -14.64 33.60
N GLY D 159 -41.08 -15.31 34.61
CA GLY D 159 -40.09 -14.68 35.45
C GLY D 159 -40.69 -14.23 36.77
N SER D 160 -39.92 -14.40 37.85
CA SER D 160 -40.36 -14.08 39.20
C SER D 160 -39.14 -13.67 40.02
N ARG D 161 -39.41 -13.15 41.22
CA ARG D 161 -38.36 -12.85 42.19
C ARG D 161 -37.86 -14.08 42.92
N GLY D 162 -38.60 -15.19 42.85
CA GLY D 162 -38.17 -16.44 43.42
C GLY D 162 -38.57 -17.58 42.53
N GLY D 163 -38.04 -18.77 42.86
CA GLY D 163 -38.40 -19.98 42.18
C GLY D 163 -39.68 -20.57 42.72
N ARG D 164 -40.03 -21.73 42.17
CA ARG D 164 -41.27 -22.42 42.49
C ARG D 164 -41.00 -23.92 42.51
N VAL D 165 -41.26 -24.55 43.65
CA VAL D 165 -41.02 -25.97 43.80
C VAL D 165 -42.35 -26.69 43.98
N PHE D 166 -42.31 -27.98 43.71
CA PHE D 166 -43.48 -28.83 43.82
C PHE D 166 -43.05 -30.05 44.63
N ARG D 167 -43.56 -30.16 45.86
CA ARG D 167 -43.08 -31.14 46.81
C ARG D 167 -44.08 -32.29 46.91
N SER D 168 -43.55 -33.50 47.04
CA SER D 168 -44.39 -34.68 47.27
C SER D 168 -43.79 -35.55 48.35
N SER D 169 -44.63 -35.92 49.31
CA SER D 169 -44.19 -36.74 50.43
C SER D 169 -44.69 -38.17 50.31
N ASP D 170 -45.27 -38.54 49.17
CA ASP D 170 -45.96 -39.83 49.03
C ASP D 170 -45.64 -40.49 47.69
N PHE D 171 -44.36 -40.46 47.31
CA PHE D 171 -43.88 -41.08 46.07
C PHE D 171 -44.57 -40.46 44.86
N ALA D 172 -44.61 -39.12 44.85
CA ALA D 172 -45.01 -38.33 43.69
C ALA D 172 -46.45 -38.59 43.26
N LYS D 173 -47.29 -39.02 44.20
CA LYS D 173 -48.71 -39.22 43.91
C LYS D 173 -49.52 -37.93 44.03
N ASN D 174 -49.16 -37.04 44.97
CA ASN D 174 -49.87 -35.78 45.18
C ASN D 174 -48.85 -34.69 45.49
N PHE D 175 -48.87 -33.61 44.69
CA PHE D 175 -47.87 -32.56 44.79
C PHE D 175 -48.49 -31.26 45.29
N VAL D 176 -47.70 -30.52 46.06
CA VAL D 176 -48.12 -29.21 46.55
C VAL D 176 -47.19 -28.16 45.98
N GLN D 177 -47.76 -26.98 45.78
CA GLN D 177 -47.03 -25.87 45.23
C GLN D 177 -46.48 -25.02 46.35
N THR D 178 -45.20 -24.68 46.26
CA THR D 178 -44.56 -23.82 47.25
C THR D 178 -43.61 -22.89 46.52
N ASP D 179 -43.69 -21.60 46.85
CA ASP D 179 -42.81 -20.62 46.23
C ASP D 179 -41.60 -20.35 47.11
N LEU D 180 -40.47 -20.16 46.45
CA LEU D 180 -39.14 -19.94 47.00
C LEU D 180 -38.84 -18.44 47.06
N PRO D 181 -38.27 -18.00 48.18
CA PRO D 181 -37.88 -16.60 48.33
C PRO D 181 -36.50 -16.29 47.78
N PHE D 182 -36.10 -17.01 46.74
CA PHE D 182 -34.79 -16.82 46.11
C PHE D 182 -34.83 -17.53 44.76
N HIS D 183 -33.78 -17.32 43.99
CA HIS D 183 -33.57 -18.10 42.78
C HIS D 183 -32.53 -19.16 43.07
N PRO D 184 -32.84 -20.45 42.92
CA PRO D 184 -31.88 -21.50 43.30
C PRO D 184 -30.75 -21.64 42.28
N LEU D 185 -29.50 -21.64 42.78
CA LEU D 185 -28.26 -21.79 42.00
C LEU D 185 -27.94 -23.24 41.70
N THR D 186 -28.29 -24.14 42.59
CA THR D 186 -28.01 -25.56 42.50
C THR D 186 -29.23 -26.32 42.96
N GLN D 187 -29.24 -27.61 42.67
CA GLN D 187 -30.39 -28.43 43.03
C GLN D 187 -30.49 -28.57 44.56
N MET D 188 -31.67 -29.01 44.99
CA MET D 188 -31.92 -29.29 46.39
C MET D 188 -31.03 -30.41 46.90
N MET D 189 -30.59 -30.29 48.14
CA MET D 189 -29.78 -31.35 48.71
C MET D 189 -30.48 -31.87 49.97
N TYR D 190 -30.77 -33.17 49.97
CA TYR D 190 -31.34 -33.82 51.12
C TYR D 190 -30.25 -34.06 52.17
N SER D 191 -30.66 -34.04 53.46
CA SER D 191 -29.72 -34.55 54.46
C SER D 191 -29.87 -36.06 54.57
N PRO D 192 -28.77 -36.78 54.54
CA PRO D 192 -28.83 -38.24 54.66
C PRO D 192 -29.44 -38.72 55.98
N GLN D 193 -29.19 -38.02 57.10
CA GLN D 193 -29.77 -38.47 58.36
C GLN D 193 -31.28 -38.20 58.42
N ASN D 194 -31.77 -37.22 57.65
CA ASN D 194 -33.16 -36.76 57.76
C ASN D 194 -33.63 -36.29 56.39
N SER D 195 -34.52 -37.05 55.76
CA SER D 195 -35.05 -36.66 54.47
C SER D 195 -35.88 -35.39 54.54
N ASP D 196 -36.42 -35.05 55.71
CA ASP D 196 -37.23 -33.83 55.86
C ASP D 196 -36.39 -32.57 55.76
N TYR D 197 -35.11 -32.64 56.10
CA TYR D 197 -34.24 -31.48 56.04
C TYR D 197 -33.73 -31.31 54.62
N LEU D 198 -33.65 -30.05 54.16
CA LEU D 198 -33.20 -29.71 52.82
C LEU D 198 -32.37 -28.43 52.87
N LEU D 199 -31.40 -28.30 51.95
CA LEU D 199 -30.73 -27.01 51.81
C LEU D 199 -30.39 -26.72 50.35
N ALA D 200 -30.28 -25.42 50.04
CA ALA D 200 -29.96 -24.98 48.71
C ALA D 200 -29.19 -23.65 48.76
N LEU D 201 -28.53 -23.33 47.65
CA LEU D 201 -27.74 -22.11 47.51
C LEU D 201 -28.39 -21.22 46.47
N SER D 202 -28.46 -19.92 46.77
CA SER D 202 -29.14 -18.98 45.90
C SER D 202 -28.15 -18.37 44.91
N THR D 203 -28.69 -17.88 43.80
CA THR D 203 -27.90 -17.18 42.80
C THR D 203 -27.21 -15.95 43.36
N GLU D 204 -27.61 -15.49 44.55
CA GLU D 204 -26.92 -14.43 45.24
C GLU D 204 -25.97 -14.93 46.31
N ASN D 205 -25.53 -16.20 46.21
CA ASN D 205 -24.63 -16.84 47.17
C ASN D 205 -25.22 -16.82 48.58
N GLY D 206 -26.47 -17.24 48.70
CA GLY D 206 -27.19 -17.25 49.97
C GLY D 206 -27.60 -18.67 50.34
N LEU D 207 -27.33 -19.05 51.58
CA LEU D 207 -27.49 -20.43 52.00
C LEU D 207 -28.79 -20.60 52.76
N TRP D 208 -29.72 -21.37 52.18
CA TRP D 208 -31.09 -21.54 52.67
C TRP D 208 -31.34 -22.97 53.10
N VAL D 209 -32.11 -23.14 54.18
CA VAL D 209 -32.44 -24.44 54.75
C VAL D 209 -33.96 -24.54 54.94
N SER D 210 -34.44 -25.78 55.07
CA SER D 210 -35.85 -26.01 55.38
C SER D 210 -35.99 -27.17 56.35
N LYS D 211 -36.57 -26.93 57.51
CA LYS D 211 -36.80 -28.02 58.43
C LYS D 211 -37.94 -28.91 57.98
N ASN D 212 -38.90 -28.38 57.21
CA ASN D 212 -40.14 -29.08 56.94
C ASN D 212 -40.32 -29.42 55.47
N PHE D 213 -39.30 -30.02 54.87
CA PHE D 213 -39.34 -30.58 53.51
C PHE D 213 -39.81 -29.53 52.51
N GLY D 214 -39.03 -28.45 52.43
CA GLY D 214 -39.25 -27.39 51.49
C GLY D 214 -40.49 -26.53 51.69
N GLU D 215 -41.20 -26.67 52.81
CA GLU D 215 -42.34 -25.79 53.03
C GLU D 215 -41.87 -24.42 53.50
N LYS D 216 -41.02 -24.39 54.52
CA LYS D 216 -40.56 -23.16 55.14
C LYS D 216 -39.05 -23.05 54.93
N TRP D 217 -38.62 -21.93 54.34
CA TRP D 217 -37.22 -21.68 54.05
C TRP D 217 -36.69 -20.52 54.88
N GLU D 218 -35.44 -20.66 55.33
CA GLU D 218 -34.74 -19.72 56.20
C GLU D 218 -33.34 -19.51 55.63
N GLU D 219 -32.91 -18.26 55.50
CA GLU D 219 -31.54 -17.97 55.08
C GLU D 219 -30.66 -17.83 56.30
N ILE D 220 -29.53 -18.53 56.30
CA ILE D 220 -28.66 -18.50 57.47
C ILE D 220 -27.29 -17.87 57.20
N HIS D 221 -26.87 -17.77 55.94
CA HIS D 221 -25.64 -17.04 55.71
C HIS D 221 -25.57 -16.62 54.26
N LYS D 222 -24.98 -15.45 54.04
CA LYS D 222 -25.13 -14.72 52.79
C LYS D 222 -23.87 -14.67 51.95
N ALA D 223 -22.73 -15.14 52.44
CA ALA D 223 -21.52 -15.07 51.65
C ALA D 223 -21.00 -16.45 51.35
N VAL D 224 -21.86 -17.37 50.95
CA VAL D 224 -21.47 -18.78 50.84
C VAL D 224 -21.06 -19.12 49.40
N CYS D 225 -19.93 -19.84 49.27
CA CYS D 225 -19.42 -20.29 47.98
C CYS D 225 -19.92 -21.66 47.60
N LEU D 226 -19.73 -22.63 48.48
CA LEU D 226 -20.09 -24.02 48.26
C LEU D 226 -20.49 -24.59 49.61
N ALA D 227 -21.59 -25.35 49.65
CA ALA D 227 -22.02 -25.99 50.90
C ALA D 227 -22.44 -27.42 50.65
N LYS D 228 -22.18 -28.27 51.66
CA LYS D 228 -22.25 -29.73 51.57
C LYS D 228 -22.84 -30.27 52.86
N TRP D 229 -23.68 -31.30 52.72
CA TRP D 229 -24.28 -31.92 53.91
C TRP D 229 -23.29 -32.88 54.57
N GLY D 230 -23.47 -33.08 55.88
CA GLY D 230 -22.61 -33.94 56.66
C GLY D 230 -23.37 -34.91 57.54
N PRO D 231 -22.65 -35.66 58.36
CA PRO D 231 -23.31 -36.63 59.24
C PRO D 231 -24.04 -35.96 60.40
N ASN D 232 -25.13 -36.60 60.84
CA ASN D 232 -25.98 -36.07 61.90
C ASN D 232 -26.46 -34.66 61.59
N ASN D 233 -26.74 -34.38 60.31
CA ASN D 233 -27.37 -33.12 59.91
C ASN D 233 -26.48 -31.91 60.22
N ILE D 234 -25.19 -32.11 60.10
CA ILE D 234 -24.19 -31.06 60.25
C ILE D 234 -23.93 -30.50 58.85
N ILE D 235 -23.68 -29.19 58.79
CA ILE D 235 -23.59 -28.47 57.53
C ILE D 235 -22.23 -27.78 57.44
N PHE D 236 -21.54 -28.00 56.33
CA PHE D 236 -20.26 -27.39 56.05
C PHE D 236 -20.37 -26.50 54.80
N PHE D 237 -19.76 -25.31 54.84
CA PHE D 237 -19.80 -24.34 53.74
C PHE D 237 -18.60 -23.38 53.79
N THR D 238 -18.32 -22.75 52.65
CA THR D 238 -17.27 -21.75 52.57
C THR D 238 -17.85 -20.34 52.38
N THR D 239 -17.21 -19.37 53.03
CA THR D 239 -17.64 -17.98 53.01
C THR D 239 -16.42 -17.12 52.72
N HIS D 240 -16.65 -15.84 52.41
CA HIS D 240 -15.58 -14.89 52.13
C HIS D 240 -16.04 -13.53 52.62
N VAL D 241 -15.59 -12.47 51.96
CA VAL D 241 -16.02 -11.13 52.32
C VAL D 241 -15.81 -10.18 51.14
N ASN D 242 -14.64 -10.28 50.50
CA ASN D 242 -14.20 -9.36 49.45
C ASN D 242 -14.59 -9.91 48.08
N GLY D 243 -15.53 -9.26 47.43
CA GLY D 243 -15.79 -9.60 46.04
C GLY D 243 -16.37 -10.99 45.91
N SER D 244 -15.79 -11.78 45.00
CA SER D 244 -16.39 -13.01 44.53
C SER D 244 -15.72 -14.23 45.15
N CYS D 245 -16.34 -15.40 44.93
CA CYS D 245 -15.71 -16.64 45.36
C CYS D 245 -14.52 -16.98 44.49
N LYS D 246 -14.56 -16.59 43.22
CA LYS D 246 -13.43 -16.91 42.35
C LYS D 246 -12.20 -16.08 42.71
N ALA D 247 -12.41 -14.93 43.35
CA ALA D 247 -11.31 -14.03 43.71
C ALA D 247 -10.65 -14.39 45.03
N ASP D 248 -11.45 -14.81 46.04
CA ASP D 248 -10.93 -15.20 47.34
C ASP D 248 -10.56 -16.68 47.41
N LEU D 249 -10.17 -17.27 46.27
CA LEU D 249 -9.63 -18.62 46.25
C LEU D 249 -8.31 -18.66 47.00
N GLY D 250 -8.23 -19.52 48.00
CA GLY D 250 -7.08 -19.59 48.86
C GLY D 250 -7.25 -18.80 50.15
N ALA D 251 -8.36 -18.06 50.29
CA ALA D 251 -8.58 -17.23 51.47
C ALA D 251 -10.01 -17.36 51.98
N LEU D 252 -10.75 -18.38 51.56
CA LEU D 252 -12.06 -18.61 52.14
C LEU D 252 -11.97 -19.04 53.60
N GLU D 253 -13.14 -19.21 54.20
CA GLU D 253 -13.28 -19.72 55.54
C GLU D 253 -14.26 -20.89 55.53
N LEU D 254 -13.94 -21.93 56.29
CA LEU D 254 -14.77 -23.13 56.37
C LEU D 254 -15.55 -23.09 57.68
N TRP D 255 -16.88 -23.01 57.60
CA TRP D 255 -17.79 -22.88 58.73
C TRP D 255 -18.64 -24.14 58.88
N ARG D 256 -19.17 -24.34 60.10
CA ARG D 256 -19.89 -25.56 60.47
C ARG D 256 -21.04 -25.28 61.45
N THR D 257 -22.21 -25.86 61.17
CA THR D 257 -23.40 -25.69 62.01
C THR D 257 -24.03 -27.02 62.37
N SER D 258 -24.10 -27.30 63.68
CA SER D 258 -24.86 -28.45 64.16
C SER D 258 -26.34 -28.13 64.40
N ASP D 259 -26.72 -26.85 64.41
CA ASP D 259 -28.05 -26.39 64.80
C ASP D 259 -28.87 -25.87 63.63
N LEU D 260 -28.71 -26.47 62.46
CA LEU D 260 -29.45 -26.09 61.26
C LEU D 260 -29.36 -24.60 60.93
N GLY D 261 -28.53 -23.85 61.64
CA GLY D 261 -28.31 -22.45 61.33
C GLY D 261 -28.52 -21.54 62.51
N LYS D 262 -28.72 -22.11 63.70
CA LYS D 262 -28.79 -21.26 64.89
C LYS D 262 -27.39 -20.87 65.34
N THR D 263 -26.49 -21.84 65.39
CA THR D 263 -25.12 -21.62 65.81
C THR D 263 -24.18 -22.03 64.70
N PHE D 264 -23.07 -21.31 64.63
CA PHE D 264 -22.01 -21.51 63.65
C PHE D 264 -20.71 -21.75 64.39
N LYS D 265 -19.66 -22.07 63.61
CA LYS D 265 -18.32 -22.30 64.15
C LYS D 265 -17.33 -22.30 62.99
N THR D 266 -16.45 -21.32 62.93
CA THR D 266 -15.43 -21.28 61.88
C THR D 266 -14.35 -22.31 62.21
N ILE D 267 -14.21 -23.32 61.35
CA ILE D 267 -13.27 -24.41 61.56
C ILE D 267 -12.03 -24.31 60.70
N GLY D 268 -11.98 -23.38 59.75
CA GLY D 268 -10.74 -23.18 59.05
C GLY D 268 -10.62 -21.92 58.22
N VAL D 269 -9.41 -21.37 58.15
CA VAL D 269 -9.10 -20.18 57.40
C VAL D 269 -8.13 -20.55 56.26
N LYS D 270 -8.00 -19.64 55.29
CA LYS D 270 -7.04 -19.77 54.18
C LYS D 270 -7.40 -20.94 53.26
N ILE D 271 -8.69 -21.21 53.14
CA ILE D 271 -9.17 -22.41 52.47
C ILE D 271 -9.23 -22.18 50.97
N TYR D 272 -8.68 -23.12 50.22
CA TYR D 272 -8.89 -23.16 48.79
C TYR D 272 -10.15 -23.94 48.43
N SER D 273 -10.36 -25.09 49.07
CA SER D 273 -11.42 -26.02 48.74
C SER D 273 -11.62 -26.98 49.91
N PHE D 274 -12.67 -27.79 49.85
CA PHE D 274 -12.95 -28.76 50.89
C PHE D 274 -13.83 -29.86 50.30
N GLY D 275 -14.12 -30.89 51.12
CA GLY D 275 -15.02 -31.96 50.72
C GLY D 275 -15.06 -33.06 51.77
N LEU D 276 -15.97 -33.99 51.55
CA LEU D 276 -16.16 -35.05 52.51
C LEU D 276 -15.83 -36.40 51.91
N GLY D 277 -15.41 -37.34 52.76
CA GLY D 277 -15.09 -38.70 52.34
C GLY D 277 -15.04 -39.70 53.47
N GLY D 278 -15.82 -40.77 53.34
CA GLY D 278 -15.86 -41.80 54.38
C GLY D 278 -16.03 -41.19 55.76
N ARG D 279 -15.14 -41.51 56.68
CA ARG D 279 -15.10 -40.83 57.97
C ARG D 279 -14.11 -39.69 57.97
N PHE D 280 -13.90 -39.04 56.82
CA PHE D 280 -12.88 -38.01 56.70
C PHE D 280 -13.45 -36.70 56.16
N LEU D 281 -12.82 -35.61 56.62
CA LEU D 281 -13.14 -34.26 56.17
C LEU D 281 -11.85 -33.65 55.64
N PHE D 282 -11.92 -33.13 54.42
CA PHE D 282 -10.73 -32.71 53.68
C PHE D 282 -10.77 -31.21 53.45
N ALA D 283 -9.62 -30.54 53.54
CA ALA D 283 -9.59 -29.11 53.21
C ALA D 283 -8.25 -28.73 52.59
N SER D 284 -8.30 -28.15 51.39
CA SER D 284 -7.12 -27.67 50.69
C SER D 284 -6.81 -26.25 51.19
N VAL D 285 -5.62 -26.08 51.74
CA VAL D 285 -5.20 -24.84 52.39
C VAL D 285 -4.04 -24.23 51.62
N MET D 286 -3.99 -22.92 51.57
CA MET D 286 -2.87 -22.22 50.97
C MET D 286 -2.03 -21.61 52.07
N ALA D 287 -0.76 -22.01 52.13
CA ALA D 287 0.12 -21.48 53.16
C ALA D 287 0.27 -19.96 53.03
N ASP D 288 0.56 -19.46 51.84
CA ASP D 288 0.74 -18.01 51.63
C ASP D 288 -0.52 -17.34 51.08
N THR D 291 3.50 -18.86 47.57
CA THR D 291 2.28 -19.59 47.91
C THR D 291 2.43 -21.07 47.56
N THR D 292 1.78 -21.91 48.35
CA THR D 292 1.78 -23.34 48.16
C THR D 292 0.44 -23.86 48.68
N ARG D 293 0.06 -25.06 48.25
CA ARG D 293 -1.23 -25.65 48.62
C ARG D 293 -0.97 -27.02 49.20
N ARG D 294 -1.63 -27.36 50.31
CA ARG D 294 -1.43 -28.62 51.01
C ARG D 294 -2.80 -29.17 51.41
N ILE D 295 -2.84 -30.40 51.92
CA ILE D 295 -4.11 -31.03 52.28
C ILE D 295 -4.15 -31.27 53.78
N HIS D 296 -5.33 -31.07 54.36
CA HIS D 296 -5.60 -31.32 55.76
C HIS D 296 -6.81 -32.22 55.94
N VAL D 297 -6.73 -33.09 56.93
CA VAL D 297 -7.79 -34.04 57.18
C VAL D 297 -8.18 -33.95 58.63
N SER D 298 -9.50 -34.00 58.90
CA SER D 298 -10.02 -34.08 60.25
C SER D 298 -11.17 -35.08 60.32
N THR D 299 -11.13 -35.90 61.36
CA THR D 299 -12.07 -36.97 61.59
C THR D 299 -13.14 -36.61 62.61
N ASP D 300 -13.00 -35.49 63.32
CA ASP D 300 -13.96 -35.05 64.34
C ASP D 300 -14.84 -33.91 63.87
N GLN D 301 -15.20 -33.91 62.58
CA GLN D 301 -16.07 -32.94 61.94
C GLN D 301 -15.46 -31.55 61.91
N GLY D 302 -14.16 -31.46 62.10
CA GLY D 302 -13.47 -30.19 62.06
C GLY D 302 -13.07 -29.59 63.38
N ASP D 303 -13.08 -30.36 64.47
CA ASP D 303 -12.55 -29.78 65.69
C ASP D 303 -11.02 -29.77 65.67
N THR D 304 -10.40 -30.87 65.30
CA THR D 304 -8.95 -30.91 65.15
C THR D 304 -8.60 -31.32 63.73
N TRP D 305 -7.54 -30.73 63.17
CA TRP D 305 -7.03 -31.12 61.85
C TRP D 305 -5.62 -31.67 61.95
N SER D 306 -5.21 -32.42 60.94
CA SER D 306 -3.79 -32.68 60.78
C SER D 306 -3.49 -32.68 59.31
N MET D 307 -2.35 -32.07 58.95
CA MET D 307 -1.87 -32.06 57.56
C MET D 307 -1.41 -33.44 57.12
N ALA D 308 -1.77 -33.80 55.90
CA ALA D 308 -1.34 -35.06 55.34
C ALA D 308 0.17 -35.12 55.26
N GLN D 309 0.73 -36.31 55.49
CA GLN D 309 2.17 -36.54 55.45
C GLN D 309 2.52 -37.48 54.27
N LEU D 310 3.41 -37.02 53.38
CA LEU D 310 3.83 -37.75 52.20
C LEU D 310 5.33 -37.61 52.01
N PRO D 311 5.98 -38.64 51.44
CA PRO D 311 7.38 -38.52 51.03
C PRO D 311 7.59 -37.90 49.64
N SER D 312 8.65 -37.09 49.55
CA SER D 312 9.06 -36.39 48.32
C SER D 312 8.09 -35.28 47.91
N GLN D 315 6.93 -31.47 46.90
CA GLN D 315 6.95 -30.03 46.81
C GLN D 315 6.15 -29.56 45.60
N GLU D 316 5.56 -28.35 45.69
CA GLU D 316 4.77 -27.72 44.62
C GLU D 316 3.99 -28.73 43.77
N GLN D 317 3.36 -29.70 44.43
CA GLN D 317 2.58 -30.72 43.74
C GLN D 317 1.09 -30.46 43.93
N PHE D 318 0.31 -30.86 42.92
CA PHE D 318 -1.14 -30.72 42.98
C PHE D 318 -1.76 -32.03 43.49
N TYR D 319 -2.67 -31.90 44.44
CA TYR D 319 -3.33 -33.02 45.11
C TYR D 319 -4.73 -33.22 44.57
N SER D 320 -5.26 -34.41 44.83
CA SER D 320 -6.60 -34.83 44.45
C SER D 320 -6.95 -36.08 45.22
N ILE D 321 -8.17 -36.14 45.76
CA ILE D 321 -8.62 -37.32 46.47
C ILE D 321 -9.36 -38.23 45.50
N LEU D 322 -8.99 -39.50 45.52
CA LEU D 322 -9.54 -40.46 44.57
C LEU D 322 -10.76 -41.13 45.14
N ALA D 323 -10.65 -41.64 46.38
CA ALA D 323 -11.81 -42.05 47.15
C ALA D 323 -11.44 -42.11 48.63
N ALA D 324 -12.41 -42.51 49.43
CA ALA D 324 -12.25 -42.81 50.84
C ALA D 324 -13.46 -43.61 51.29
N ASN D 325 -13.39 -44.06 52.52
CA ASN D 325 -14.37 -44.91 53.17
C ASN D 325 -14.13 -44.79 54.65
N GLU D 326 -14.80 -45.66 55.42
CA GLU D 326 -14.60 -45.64 56.86
C GLU D 326 -13.21 -46.09 57.26
N ASP D 327 -12.43 -46.74 56.38
CA ASP D 327 -11.13 -47.33 56.72
C ASP D 327 -9.94 -46.49 56.28
N MET D 328 -9.79 -46.22 54.97
CA MET D 328 -8.59 -45.60 54.43
C MET D 328 -8.95 -44.61 53.32
N VAL D 329 -7.90 -43.96 52.78
CA VAL D 329 -8.04 -42.88 51.79
C VAL D 329 -7.12 -43.13 50.59
N PHE D 330 -7.59 -42.79 49.39
CA PHE D 330 -6.81 -42.85 48.16
C PHE D 330 -6.54 -41.45 47.62
N MET D 331 -5.27 -41.09 47.49
CA MET D 331 -4.90 -39.74 47.08
C MET D 331 -3.89 -39.76 45.94
N HIS D 332 -4.22 -39.03 44.87
CA HIS D 332 -3.45 -38.96 43.64
C HIS D 332 -2.58 -37.70 43.65
N VAL D 333 -1.39 -37.77 43.05
CA VAL D 333 -0.45 -36.66 43.11
C VAL D 333 0.21 -36.45 41.76
N ASP D 334 0.11 -35.24 41.24
CA ASP D 334 0.63 -34.98 39.90
C ASP D 334 2.15 -34.91 39.90
N GLU D 335 2.74 -35.59 38.93
CA GLU D 335 4.18 -35.51 38.77
C GLU D 335 4.55 -34.08 38.34
N PRO D 336 5.53 -33.47 39.01
CA PRO D 336 5.98 -32.12 38.63
C PRO D 336 6.35 -32.06 37.15
N GLY D 337 5.97 -30.97 36.51
CA GLY D 337 6.08 -30.85 35.07
C GLY D 337 4.75 -30.93 34.35
N ASP D 338 3.67 -31.31 35.04
CA ASP D 338 2.34 -31.48 34.44
C ASP D 338 2.40 -32.43 33.25
N THR D 339 2.93 -33.63 33.48
CA THR D 339 3.33 -34.48 32.37
C THR D 339 2.19 -35.33 31.82
N GLY D 340 1.05 -35.41 32.51
CA GLY D 340 -0.05 -36.26 32.09
C GLY D 340 -0.18 -37.55 32.88
N PHE D 341 0.67 -37.77 33.88
CA PHE D 341 0.59 -38.93 34.75
C PHE D 341 1.13 -38.58 36.14
N GLY D 342 0.59 -39.27 37.16
CA GLY D 342 1.04 -39.15 38.54
C GLY D 342 1.20 -40.43 39.33
N THR D 343 0.91 -40.33 40.65
CA THR D 343 1.25 -41.30 41.69
C THR D 343 0.09 -41.38 42.70
N ILE D 344 -0.36 -42.60 43.02
CA ILE D 344 -1.44 -42.83 43.98
C ILE D 344 -0.87 -43.12 45.36
N PHE D 345 -1.50 -42.57 46.41
CA PHE D 345 -1.06 -42.86 47.78
C PHE D 345 -2.21 -43.33 48.64
N THR D 346 -1.92 -44.19 49.61
CA THR D 346 -2.92 -44.73 50.52
C THR D 346 -2.61 -44.33 51.95
N SER D 347 -3.65 -44.26 52.77
CA SER D 347 -3.56 -43.70 54.11
C SER D 347 -3.59 -44.82 55.15
N ASP D 348 -3.54 -44.42 56.43
CA ASP D 348 -3.77 -45.37 57.52
C ASP D 348 -5.26 -45.37 57.88
N ASP D 349 -5.62 -46.04 58.96
CA ASP D 349 -6.97 -45.89 59.49
C ASP D 349 -7.30 -44.43 59.84
N ARG D 350 -6.29 -43.61 60.16
CA ARG D 350 -6.49 -42.25 60.62
C ARG D 350 -6.33 -41.20 59.52
N GLY D 351 -5.89 -41.56 58.32
CA GLY D 351 -5.98 -40.64 57.20
C GLY D 351 -4.91 -39.57 57.16
N ILE D 352 -3.80 -39.79 57.89
CA ILE D 352 -2.72 -38.84 58.02
C ILE D 352 -1.48 -39.29 57.25
N VAL D 353 -1.03 -40.52 57.51
CA VAL D 353 0.25 -40.99 56.99
C VAL D 353 0.00 -41.85 55.76
N TYR D 354 0.63 -41.43 54.65
CA TYR D 354 0.41 -41.88 53.28
C TYR D 354 1.66 -42.56 52.75
N SER D 355 1.48 -43.51 51.82
CA SER D 355 2.60 -44.27 51.27
C SER D 355 2.35 -44.60 49.80
N LYS D 356 3.44 -44.72 49.03
CA LYS D 356 3.36 -44.93 47.58
C LYS D 356 2.52 -46.17 47.26
N SER D 357 1.67 -46.06 46.26
CA SER D 357 0.81 -47.22 46.02
C SER D 357 0.78 -47.63 44.56
N LEU D 358 0.84 -46.68 43.64
CA LEU D 358 0.83 -46.98 42.22
C LEU D 358 1.42 -45.82 41.43
N ASP D 359 2.49 -46.09 40.70
CA ASP D 359 3.21 -45.12 39.90
C ASP D 359 2.63 -45.01 38.50
N ARG D 360 2.95 -43.90 37.84
CA ARG D 360 2.50 -43.59 36.48
C ARG D 360 1.00 -43.84 36.33
N HIS D 361 0.21 -43.00 36.99
CA HIS D 361 -1.24 -42.99 36.88
C HIS D 361 -1.67 -41.92 35.87
N LEU D 362 -2.47 -42.32 34.88
CA LEU D 362 -2.91 -41.37 33.86
C LEU D 362 -4.05 -40.52 34.36
N TYR D 363 -3.95 -39.21 34.11
CA TYR D 363 -4.99 -38.23 34.39
C TYR D 363 -5.05 -37.25 33.22
N THR D 364 -6.22 -36.67 33.01
CA THR D 364 -6.40 -35.69 31.95
C THR D 364 -5.86 -34.33 32.41
N THR D 365 -5.06 -33.69 31.56
CA THR D 365 -4.46 -32.40 31.94
C THR D 365 -5.54 -31.40 32.35
N THR D 366 -6.63 -31.34 31.60
CA THR D 366 -7.73 -30.42 31.87
C THR D 366 -8.86 -31.18 32.54
N GLY D 367 -8.97 -31.03 33.85
CA GLY D 367 -10.06 -31.66 34.56
C GLY D 367 -9.56 -32.57 35.66
N GLY D 368 -8.66 -33.48 35.30
CA GLY D 368 -8.08 -34.38 36.27
C GLY D 368 -8.83 -35.67 36.48
N GLU D 369 -9.61 -36.12 35.50
CA GLU D 369 -10.34 -37.39 35.60
C GLU D 369 -9.39 -38.55 35.35
N THR D 370 -9.53 -39.60 36.18
CA THR D 370 -8.74 -40.81 36.04
C THR D 370 -9.65 -42.01 35.88
N ASP D 371 -9.04 -43.10 35.45
CA ASP D 371 -9.78 -44.33 35.26
C ASP D 371 -9.97 -45.11 36.55
N PHE D 372 -9.61 -44.57 37.73
CA PHE D 372 -9.79 -45.27 39.00
C PHE D 372 -11.25 -45.65 39.30
N THR D 373 -11.57 -46.94 39.34
CA THR D 373 -12.95 -47.38 39.53
C THR D 373 -13.05 -48.32 40.74
N ASN D 374 -14.15 -48.17 41.49
CA ASN D 374 -14.37 -48.95 42.72
C ASN D 374 -15.35 -50.08 42.41
N VAL D 375 -14.81 -51.30 42.34
CA VAL D 375 -15.59 -52.51 42.12
C VAL D 375 -16.46 -52.76 43.35
N THR D 376 -17.73 -52.39 43.25
CA THR D 376 -18.63 -52.57 44.36
C THR D 376 -19.12 -54.00 44.47
N SER D 377 -18.84 -54.87 43.49
CA SER D 377 -19.35 -56.22 43.60
C SER D 377 -18.41 -57.13 44.38
N LEU D 378 -17.28 -56.62 44.86
CA LEU D 378 -16.34 -57.40 45.65
C LEU D 378 -15.45 -56.47 46.47
N ARG D 379 -15.44 -56.72 47.78
CA ARG D 379 -14.67 -55.93 48.74
C ARG D 379 -13.18 -55.95 48.42
N GLY D 380 -12.55 -54.77 48.41
CA GLY D 380 -11.11 -54.65 48.28
C GLY D 380 -10.56 -54.54 46.87
N VAL D 381 -11.42 -54.42 45.88
CA VAL D 381 -11.07 -54.54 44.47
C VAL D 381 -11.12 -53.16 43.82
N TYR D 382 -10.00 -52.73 43.23
CA TYR D 382 -9.97 -51.40 42.58
C TYR D 382 -9.12 -51.46 41.32
N ILE D 383 -9.57 -50.74 40.27
CA ILE D 383 -9.06 -50.86 38.91
C ILE D 383 -8.82 -49.47 38.35
N THR D 384 -7.65 -49.23 37.75
CA THR D 384 -7.39 -47.92 37.11
C THR D 384 -6.58 -48.15 35.84
N SER D 385 -5.91 -47.08 35.37
CA SER D 385 -5.14 -47.11 34.13
C SER D 385 -3.81 -46.40 34.32
N THR D 386 -2.75 -47.08 33.90
CA THR D 386 -1.40 -46.58 34.04
C THR D 386 -0.67 -46.56 32.70
N LEU D 387 0.43 -45.82 32.70
CA LEU D 387 1.25 -45.62 31.53
C LEU D 387 2.53 -46.41 31.69
N SER D 388 2.84 -47.24 30.70
CA SER D 388 4.00 -48.11 30.77
C SER D 388 5.25 -47.36 30.34
N GLU D 389 6.39 -48.00 30.58
CA GLU D 389 7.66 -47.46 30.10
C GLU D 389 7.66 -47.21 28.60
N ASP D 390 6.81 -47.92 27.84
CA ASP D 390 6.69 -47.75 26.40
C ASP D 390 5.56 -46.79 26.00
N ASN D 391 5.10 -45.96 26.95
CA ASN D 391 3.99 -45.01 26.73
C ASN D 391 2.79 -45.69 26.08
N SER D 392 2.51 -46.92 26.48
CA SER D 392 1.27 -47.59 26.15
C SER D 392 0.43 -47.65 27.40
N ILE D 393 -0.87 -47.64 27.24
CA ILE D 393 -1.77 -47.60 28.38
C ILE D 393 -1.98 -49.01 28.91
N GLN D 394 -2.00 -49.13 30.25
CA GLN D 394 -2.14 -50.41 30.92
C GLN D 394 -3.24 -50.32 31.95
N SER D 395 -3.99 -51.42 32.10
CA SER D 395 -5.00 -51.53 33.14
C SER D 395 -4.40 -52.33 34.30
N MET D 396 -4.39 -51.70 35.47
CA MET D 396 -3.96 -52.31 36.72
C MET D 396 -5.16 -52.59 37.64
N ILE D 397 -5.00 -53.57 38.53
CA ILE D 397 -6.06 -54.00 39.43
C ILE D 397 -5.42 -54.46 40.72
N THR D 398 -6.11 -54.24 41.84
CA THR D 398 -5.65 -54.71 43.14
C THR D 398 -6.77 -55.44 43.87
N PHE D 399 -6.42 -56.57 44.46
CA PHE D 399 -7.35 -57.35 45.26
C PHE D 399 -7.13 -57.13 46.75
N ASP D 400 -6.30 -56.16 47.14
CA ASP D 400 -5.93 -55.94 48.54
C ASP D 400 -6.00 -54.48 48.87
N GLN D 401 -7.06 -53.81 48.40
CA GLN D 401 -7.40 -52.40 48.74
C GLN D 401 -6.20 -51.49 48.59
N GLY D 402 -5.48 -51.64 47.47
CA GLY D 402 -4.33 -50.82 47.12
C GLY D 402 -2.99 -51.26 47.66
N GLY D 403 -2.85 -52.51 48.14
CA GLY D 403 -1.57 -52.99 48.67
C GLY D 403 -0.64 -53.44 47.57
N ARG D 404 -1.15 -54.23 46.65
CA ARG D 404 -0.32 -54.71 45.57
C ARG D 404 -1.12 -54.79 44.29
N TRP D 405 -0.64 -54.05 43.29
CA TRP D 405 -1.29 -53.94 41.99
C TRP D 405 -0.74 -54.99 41.02
N GLU D 406 -1.58 -55.43 40.10
CA GLU D 406 -1.24 -56.43 39.10
C GLU D 406 -1.79 -55.96 37.76
N HIS D 407 -1.09 -56.32 36.69
CA HIS D 407 -1.65 -56.10 35.35
C HIS D 407 -2.95 -56.88 35.21
N LEU D 408 -3.87 -56.34 34.43
CA LEU D 408 -5.13 -57.04 34.22
C LEU D 408 -4.91 -58.16 33.22
N ARG D 409 -5.28 -59.36 33.60
CA ARG D 409 -5.03 -60.49 32.73
C ARG D 409 -5.85 -60.38 31.46
N LYS D 410 -5.22 -60.75 30.32
CA LYS D 410 -5.90 -60.68 29.04
C LYS D 410 -7.06 -61.68 29.00
N PRO D 411 -8.13 -61.40 28.27
CA PRO D 411 -9.32 -62.25 28.33
C PRO D 411 -9.12 -63.57 27.60
N GLU D 412 -9.71 -64.64 28.14
CA GLU D 412 -9.66 -65.95 27.51
C GLU D 412 -10.53 -65.97 26.26
N ASN D 413 -10.31 -66.98 25.43
CA ASN D 413 -11.03 -67.18 24.19
C ASN D 413 -10.85 -66.02 23.22
N SER D 414 -9.76 -65.25 23.37
CA SER D 414 -9.41 -64.13 22.49
C SER D 414 -7.88 -64.07 22.41
N LYS D 415 -7.31 -64.89 21.55
CA LYS D 415 -5.85 -65.00 21.48
C LYS D 415 -5.26 -64.00 20.49
N LYS D 421 3.51 -59.95 17.07
CA LYS D 421 3.12 -58.59 16.74
C LYS D 421 3.75 -57.60 17.73
N ASN D 422 3.19 -57.54 18.93
CA ASN D 422 3.66 -56.63 19.96
C ASN D 422 3.17 -57.10 21.31
N LYS D 423 4.02 -56.93 22.34
CA LYS D 423 3.68 -57.35 23.70
C LYS D 423 2.72 -56.37 24.37
N ASN D 424 2.95 -55.06 24.17
CA ASN D 424 2.04 -54.05 24.67
C ASN D 424 0.68 -54.13 23.98
N GLU D 425 0.67 -54.66 22.76
CA GLU D 425 -0.56 -54.96 22.06
C GLU D 425 -1.15 -56.25 22.61
N CYS D 426 -2.46 -56.43 22.36
CA CYS D 426 -3.30 -57.50 22.90
C CYS D 426 -3.66 -57.32 24.38
N SER D 427 -3.17 -56.26 25.01
CA SER D 427 -3.47 -55.98 26.41
C SER D 427 -4.87 -55.40 26.52
N LEU D 428 -5.66 -55.93 27.46
CA LEU D 428 -7.00 -55.40 27.71
C LEU D 428 -6.88 -54.11 28.50
N HIS D 429 -7.42 -53.04 27.93
CA HIS D 429 -7.56 -51.75 28.59
C HIS D 429 -9.04 -51.50 28.81
N ILE D 430 -9.42 -51.19 30.04
CA ILE D 430 -10.81 -50.91 30.40
C ILE D 430 -11.02 -49.40 30.45
N HIS D 431 -12.17 -48.94 29.92
CA HIS D 431 -12.46 -47.52 29.72
C HIS D 431 -13.31 -46.95 30.85
N ALA D 432 -12.87 -45.81 31.40
CA ALA D 432 -13.62 -45.08 32.43
C ALA D 432 -13.51 -43.57 32.23
N SER D 433 -13.40 -42.82 33.33
CA SER D 433 -13.51 -41.35 33.29
C SER D 433 -12.47 -40.76 32.34
N TYR D 434 -11.24 -41.27 32.39
CA TYR D 434 -10.15 -40.74 31.60
C TYR D 434 -10.37 -40.98 30.12
N SER D 435 -10.95 -42.13 29.78
CA SER D 435 -11.33 -42.41 28.40
C SER D 435 -12.50 -41.54 27.96
N ILE D 436 -13.42 -41.23 28.88
CA ILE D 436 -14.43 -40.24 28.56
C ILE D 436 -13.78 -38.90 28.23
N SER D 437 -12.84 -38.47 29.09
CA SER D 437 -12.20 -37.16 28.95
C SER D 437 -11.35 -37.05 27.71
N GLN D 438 -10.79 -38.16 27.23
CA GLN D 438 -10.12 -38.17 25.94
C GLN D 438 -11.12 -38.39 24.81
N LYS D 439 -12.39 -38.14 25.09
CA LYS D 439 -13.44 -38.09 24.09
C LYS D 439 -13.53 -39.41 23.33
N LEU D 440 -13.22 -40.49 24.00
CA LEU D 440 -13.33 -41.77 23.32
C LEU D 440 -14.78 -42.21 23.32
N ASN D 441 -15.14 -43.11 22.40
CA ASN D 441 -16.52 -43.54 22.19
C ASN D 441 -16.89 -44.59 23.23
N VAL D 442 -16.98 -44.14 24.48
CA VAL D 442 -17.43 -44.98 25.59
C VAL D 442 -18.72 -44.38 26.17
N PRO D 443 -19.88 -45.00 25.92
CA PRO D 443 -21.16 -44.41 26.37
C PRO D 443 -21.32 -44.46 27.88
N MET D 444 -20.85 -45.55 28.48
CA MET D 444 -21.03 -45.80 29.90
C MET D 444 -19.72 -46.27 30.52
N ALA D 445 -19.49 -45.82 31.75
CA ALA D 445 -18.40 -46.26 32.59
C ALA D 445 -18.68 -47.66 33.15
N PRO D 446 -17.70 -48.27 33.82
CA PRO D 446 -17.90 -49.61 34.40
C PRO D 446 -18.95 -49.66 35.50
N LEU D 447 -19.72 -50.76 35.51
CA LEU D 447 -20.90 -50.90 36.36
C LEU D 447 -20.80 -52.17 37.20
N SER D 448 -21.08 -52.06 38.50
CA SER D 448 -21.12 -53.23 39.37
C SER D 448 -22.11 -52.98 40.50
N GLU D 449 -22.76 -54.05 40.97
CA GLU D 449 -23.69 -53.87 42.07
C GLU D 449 -23.24 -54.66 43.29
N PRO D 450 -23.38 -54.12 44.49
CA PRO D 450 -22.98 -54.87 45.68
C PRO D 450 -23.86 -56.06 45.95
N ASN D 451 -25.11 -56.03 45.46
CA ASN D 451 -25.94 -57.22 45.52
C ASN D 451 -25.50 -58.26 44.51
N ALA D 452 -25.02 -57.82 43.35
CA ALA D 452 -24.56 -58.71 42.28
C ALA D 452 -23.09 -59.04 42.49
N VAL D 453 -22.83 -60.03 43.34
CA VAL D 453 -21.46 -60.30 43.77
C VAL D 453 -20.66 -60.83 42.60
N GLY D 454 -19.55 -60.17 42.30
CA GLY D 454 -18.62 -60.58 41.28
C GLY D 454 -18.90 -60.02 39.90
N ILE D 455 -20.12 -59.57 39.66
CA ILE D 455 -20.54 -59.18 38.32
C ILE D 455 -20.03 -57.77 38.02
N VAL D 456 -19.20 -57.67 36.98
CA VAL D 456 -18.71 -56.40 36.44
C VAL D 456 -18.90 -56.42 34.93
N ILE D 457 -19.34 -55.30 34.38
CA ILE D 457 -19.53 -55.13 32.96
C ILE D 457 -18.93 -53.79 32.57
N ALA D 458 -18.12 -53.78 31.51
CA ALA D 458 -17.46 -52.56 31.09
C ALA D 458 -17.08 -52.65 29.63
N HIS D 459 -16.57 -51.53 29.13
CA HIS D 459 -16.04 -51.44 27.78
C HIS D 459 -14.53 -51.72 27.80
N GLY D 460 -14.08 -52.60 26.92
CA GLY D 460 -12.67 -52.92 26.82
C GLY D 460 -12.19 -52.80 25.39
N SER D 461 -10.87 -52.71 25.24
CA SER D 461 -10.24 -52.48 23.93
C SER D 461 -8.84 -53.08 23.91
N VAL D 462 -8.39 -53.43 22.73
CA VAL D 462 -7.02 -53.89 22.52
C VAL D 462 -6.12 -52.67 22.42
N GLY D 463 -4.82 -52.89 22.16
CA GLY D 463 -3.84 -51.82 22.08
C GLY D 463 -3.72 -51.17 20.71
N ASP D 464 -4.76 -51.30 19.90
CA ASP D 464 -4.81 -50.71 18.57
C ASP D 464 -5.76 -49.53 18.56
N ALA D 465 -5.47 -48.55 17.69
CA ALA D 465 -6.29 -47.34 17.62
C ALA D 465 -7.63 -47.63 16.96
N ILE D 466 -7.76 -48.77 16.28
CA ILE D 466 -9.04 -49.17 15.72
C ILE D 466 -9.98 -49.65 16.82
N SER D 467 -9.47 -50.49 17.72
CA SER D 467 -10.28 -51.00 18.84
C SER D 467 -10.57 -49.90 19.86
N VAL D 468 -9.69 -48.90 19.97
CA VAL D 468 -9.95 -47.77 20.86
C VAL D 468 -11.10 -46.93 20.34
N MET D 469 -11.26 -46.84 19.02
CA MET D 469 -12.38 -46.08 18.48
C MET D 469 -13.70 -46.83 18.67
N VAL D 470 -13.69 -48.15 18.46
CA VAL D 470 -14.90 -48.97 18.68
C VAL D 470 -14.67 -50.01 19.76
N PRO D 471 -15.02 -49.73 21.01
CA PRO D 471 -14.78 -50.69 22.08
C PRO D 471 -15.90 -51.73 22.16
N ASP D 472 -15.59 -52.82 22.86
CA ASP D 472 -16.49 -53.94 23.00
C ASP D 472 -16.81 -54.13 24.49
N VAL D 473 -17.84 -54.92 24.77
CA VAL D 473 -18.37 -55.11 26.13
C VAL D 473 -17.85 -56.42 26.71
N TYR D 474 -17.06 -56.32 27.77
CA TYR D 474 -16.54 -57.49 28.46
C TYR D 474 -17.34 -57.73 29.72
N ILE D 475 -17.36 -58.99 30.14
CA ILE D 475 -18.03 -59.43 31.36
C ILE D 475 -17.02 -60.17 32.22
N SER D 476 -17.01 -59.85 33.50
CA SER D 476 -16.24 -60.61 34.47
C SER D 476 -17.14 -61.09 35.59
N ASP D 477 -16.89 -62.30 36.07
CA ASP D 477 -17.74 -62.92 37.08
C ASP D 477 -17.00 -63.20 38.37
N ASP D 478 -15.73 -62.75 38.48
CA ASP D 478 -14.92 -62.96 39.68
C ASP D 478 -14.38 -61.64 40.20
N GLY D 479 -15.11 -60.55 39.96
CA GLY D 479 -14.66 -59.24 40.37
C GLY D 479 -13.50 -58.68 39.58
N GLY D 480 -13.33 -59.10 38.34
CA GLY D 480 -12.32 -58.52 37.46
C GLY D 480 -11.08 -59.36 37.28
N TYR D 481 -10.99 -60.53 37.91
CA TYR D 481 -9.84 -61.39 37.71
C TYR D 481 -9.80 -61.95 36.29
N SER D 482 -10.95 -62.34 35.76
CA SER D 482 -11.05 -62.88 34.42
C SER D 482 -12.12 -62.13 33.66
N TRP D 483 -11.96 -62.00 32.36
CA TRP D 483 -12.91 -61.28 31.53
C TRP D 483 -13.24 -62.07 30.28
N ALA D 484 -14.28 -61.65 29.59
CA ALA D 484 -14.62 -62.27 28.31
C ALA D 484 -15.45 -61.29 27.50
N LYS D 485 -15.02 -61.06 26.27
CA LYS D 485 -15.81 -60.24 25.35
C LYS D 485 -17.17 -60.89 25.17
N MET D 486 -18.22 -60.14 25.44
CA MET D 486 -19.56 -60.67 25.31
C MET D 486 -20.42 -59.91 24.34
N LEU D 487 -20.15 -58.63 24.14
CA LEU D 487 -20.94 -57.81 23.23
C LEU D 487 -20.03 -57.01 22.32
N GLU D 488 -20.40 -56.98 21.05
CA GLU D 488 -19.64 -56.27 20.04
C GLU D 488 -20.16 -54.84 19.93
N GLY D 489 -19.29 -53.86 20.16
CA GLY D 489 -19.62 -52.47 19.94
C GLY D 489 -20.02 -51.82 21.24
N PRO D 490 -20.08 -50.48 21.26
CA PRO D 490 -20.46 -49.78 22.49
C PRO D 490 -21.92 -49.99 22.82
N HIS D 491 -22.21 -50.11 24.12
CA HIS D 491 -23.57 -50.39 24.59
C HIS D 491 -23.88 -49.57 25.84
N TYR D 492 -25.17 -49.33 26.05
CA TYR D 492 -25.73 -48.86 27.31
C TYR D 492 -26.26 -50.08 28.05
N TYR D 493 -25.78 -50.30 29.27
CA TYR D 493 -26.13 -51.49 30.04
C TYR D 493 -26.63 -51.13 31.42
N THR D 494 -27.37 -52.07 32.02
CA THR D 494 -27.86 -51.88 33.37
C THR D 494 -28.10 -53.25 33.99
N ILE D 495 -28.04 -53.28 35.33
CA ILE D 495 -28.19 -54.50 36.12
C ILE D 495 -29.41 -54.33 37.01
N LEU D 496 -30.16 -55.41 37.16
CA LEU D 496 -31.20 -55.42 38.19
C LEU D 496 -31.39 -56.85 38.66
N ASP D 497 -32.30 -57.01 39.62
CA ASP D 497 -32.58 -58.31 40.21
C ASP D 497 -31.33 -58.86 40.90
N SER D 498 -30.60 -57.98 41.60
CA SER D 498 -29.37 -58.36 42.30
C SER D 498 -28.44 -59.19 41.40
N GLY D 499 -28.39 -58.82 40.13
CA GLY D 499 -27.58 -59.53 39.17
C GLY D 499 -28.27 -60.63 38.38
N GLY D 500 -29.54 -60.92 38.68
CA GLY D 500 -30.24 -61.94 37.92
C GLY D 500 -30.44 -61.55 36.46
N ILE D 501 -30.55 -60.25 36.19
CA ILE D 501 -30.87 -59.76 34.85
C ILE D 501 -29.91 -58.65 34.48
N ILE D 502 -29.39 -58.69 33.25
CA ILE D 502 -28.42 -57.74 32.73
C ILE D 502 -28.83 -57.32 31.33
N VAL D 503 -29.19 -56.06 31.16
CA VAL D 503 -29.74 -55.56 29.91
C VAL D 503 -28.72 -54.65 29.24
N ALA D 504 -28.66 -54.72 27.90
CA ALA D 504 -27.74 -53.93 27.10
C ALA D 504 -28.41 -53.49 25.79
N ILE D 505 -28.16 -52.24 25.42
CA ILE D 505 -28.73 -51.63 24.23
C ILE D 505 -27.61 -51.00 23.42
N GLU D 506 -27.64 -51.22 22.11
CA GLU D 506 -26.61 -50.67 21.24
C GLU D 506 -26.58 -49.14 21.32
N HIS D 507 -25.37 -48.60 21.17
CA HIS D 507 -25.15 -47.16 21.06
C HIS D 507 -24.62 -46.86 19.67
N SER D 508 -25.45 -46.21 18.86
CA SER D 508 -25.10 -45.92 17.48
C SER D 508 -25.94 -44.72 17.02
N ASN D 509 -25.74 -44.32 15.77
CA ASN D 509 -26.51 -43.23 15.20
C ASN D 509 -27.79 -43.70 14.56
N ARG D 510 -27.88 -44.97 14.23
CA ARG D 510 -29.06 -45.56 13.64
C ARG D 510 -30.07 -45.94 14.72
N PRO D 511 -31.35 -45.93 14.39
CA PRO D 511 -32.37 -46.33 15.38
C PRO D 511 -32.29 -47.83 15.66
N ILE D 512 -32.55 -48.18 16.92
CA ILE D 512 -32.44 -49.56 17.39
C ILE D 512 -33.82 -50.06 17.83
N ASN D 513 -33.96 -51.38 17.78
CA ASN D 513 -35.19 -52.06 18.19
C ASN D 513 -34.88 -53.43 18.75
N VAL D 514 -33.69 -53.62 19.29
CA VAL D 514 -33.26 -54.90 19.83
C VAL D 514 -32.83 -54.69 21.27
N ILE D 515 -33.16 -55.66 22.12
CA ILE D 515 -32.78 -55.69 23.52
C ILE D 515 -31.89 -56.92 23.74
N LYS D 516 -30.67 -56.69 24.25
CA LYS D 516 -29.71 -57.74 24.50
C LYS D 516 -29.69 -57.98 26.01
N PHE D 517 -30.27 -59.10 26.44
CA PHE D 517 -30.38 -59.40 27.87
C PHE D 517 -29.65 -60.70 28.21
N SER D 518 -29.54 -60.96 29.52
CA SER D 518 -28.83 -62.13 30.03
C SER D 518 -29.37 -62.44 31.42
N THR D 519 -29.59 -63.73 31.70
CA THR D 519 -30.19 -64.20 32.95
C THR D 519 -29.25 -65.07 33.78
N ASP D 520 -28.10 -65.46 33.23
CA ASP D 520 -27.11 -66.27 33.93
C ASP D 520 -25.87 -65.43 34.24
N GLU D 521 -26.10 -64.19 34.62
CA GLU D 521 -25.02 -63.28 35.04
C GLU D 521 -24.03 -63.02 33.91
N GLY D 522 -24.55 -62.76 32.71
CA GLY D 522 -23.73 -62.30 31.59
C GLY D 522 -22.95 -63.36 30.86
N GLN D 523 -23.14 -64.65 31.19
CA GLN D 523 -22.45 -65.73 30.48
C GLN D 523 -23.09 -66.01 29.12
N CYS D 524 -24.43 -65.97 29.04
CA CYS D 524 -25.14 -66.21 27.80
C CYS D 524 -26.13 -65.09 27.55
N TRP D 525 -26.15 -64.61 26.32
CA TRP D 525 -26.97 -63.48 25.94
C TRP D 525 -28.03 -63.91 24.93
N GLN D 526 -29.07 -63.10 24.83
CA GLN D 526 -30.16 -63.35 23.91
C GLN D 526 -30.70 -62.02 23.44
N SER D 527 -31.11 -61.95 22.18
CA SER D 527 -31.66 -60.73 21.61
C SER D 527 -33.17 -60.85 21.47
N TYR D 528 -33.87 -59.74 21.70
CA TYR D 528 -35.34 -59.69 21.61
C TYR D 528 -35.75 -58.38 20.96
N VAL D 529 -36.48 -58.48 19.85
CA VAL D 529 -36.98 -57.30 19.14
C VAL D 529 -38.23 -56.80 19.87
N PHE D 530 -38.09 -55.68 20.59
CA PHE D 530 -39.17 -55.15 21.42
C PHE D 530 -40.13 -54.26 20.66
N THR D 531 -39.84 -53.94 19.39
CA THR D 531 -40.73 -53.12 18.59
C THR D 531 -40.37 -53.31 17.12
N GLN D 532 -41.40 -53.27 16.28
CA GLN D 532 -41.17 -53.25 14.84
C GLN D 532 -40.80 -51.87 14.33
N GLU D 533 -40.86 -50.85 15.18
CA GLU D 533 -40.48 -49.49 14.80
C GLU D 533 -39.23 -49.08 15.56
N PRO D 534 -38.04 -49.21 14.95
CA PRO D 534 -36.81 -48.78 15.64
C PRO D 534 -36.88 -47.31 16.03
N ILE D 535 -36.39 -47.01 17.23
CA ILE D 535 -36.38 -45.65 17.76
C ILE D 535 -34.96 -45.27 18.11
N TYR D 536 -34.67 -43.98 18.07
CA TYR D 536 -33.36 -43.49 18.45
C TYR D 536 -33.23 -43.53 19.96
N PHE D 537 -32.31 -44.36 20.46
CA PHE D 537 -32.16 -44.56 21.90
C PHE D 537 -31.83 -43.26 22.61
N THR D 538 -32.37 -43.09 23.82
CA THR D 538 -32.11 -41.87 24.57
C THR D 538 -31.70 -42.18 26.01
N GLY D 539 -32.39 -43.13 26.63
CA GLY D 539 -32.08 -43.52 27.99
C GLY D 539 -32.69 -44.85 28.34
N LEU D 540 -32.16 -45.46 29.39
CA LEU D 540 -32.60 -46.77 29.86
C LEU D 540 -32.69 -46.75 31.37
N ALA D 541 -33.90 -46.95 31.91
CA ALA D 541 -34.15 -46.85 33.35
C ALA D 541 -34.68 -48.16 33.91
N SER D 542 -34.29 -48.43 35.17
CA SER D 542 -34.64 -49.64 35.90
C SER D 542 -35.47 -49.30 37.12
N GLU D 543 -36.31 -50.22 37.49
CA GLU D 543 -37.10 -50.07 38.70
C GLU D 543 -36.24 -50.42 39.93
N PRO D 544 -36.30 -49.61 40.98
CA PRO D 544 -35.57 -49.94 42.21
C PRO D 544 -36.13 -51.19 42.87
N GLY D 545 -35.27 -51.88 43.59
CA GLY D 545 -35.65 -53.10 44.30
C GLY D 545 -34.66 -54.22 44.08
N ALA D 546 -34.43 -55.01 45.13
CA ALA D 546 -33.44 -56.08 45.04
C ALA D 546 -33.96 -57.22 44.18
N ARG D 547 -35.26 -57.27 43.92
CA ARG D 547 -35.87 -58.30 43.07
C ARG D 547 -36.70 -57.70 41.93
N SER D 548 -36.32 -56.52 41.46
CA SER D 548 -37.06 -55.84 40.41
C SER D 548 -36.94 -56.56 39.07
N MET D 549 -38.03 -56.54 38.30
CA MET D 549 -38.11 -57.22 37.02
C MET D 549 -38.67 -56.35 35.89
N ASN D 550 -38.88 -55.06 36.11
CA ASN D 550 -39.38 -54.16 35.07
C ASN D 550 -38.30 -53.18 34.64
N ILE D 551 -38.25 -52.88 33.35
CA ILE D 551 -37.31 -51.91 32.79
C ILE D 551 -38.10 -50.90 31.97
N SER D 552 -37.40 -49.84 31.58
CA SER D 552 -38.02 -48.75 30.84
C SER D 552 -37.04 -48.24 29.80
N ILE D 553 -37.44 -48.32 28.53
CA ILE D 553 -36.64 -47.84 27.41
C ILE D 553 -37.43 -46.75 26.72
N TRP D 554 -36.77 -45.63 26.43
CA TRP D 554 -37.45 -44.55 25.73
C TRP D 554 -36.54 -43.93 24.69
N GLY D 555 -37.14 -43.63 23.54
CA GLY D 555 -36.46 -42.96 22.45
C GLY D 555 -37.46 -42.16 21.67
N PHE D 556 -37.19 -41.93 20.40
CA PHE D 556 -38.08 -41.13 19.59
C PHE D 556 -37.94 -41.54 18.14
N THR D 557 -38.82 -41.00 17.30
CA THR D 557 -38.83 -41.23 15.86
C THR D 557 -38.78 -39.89 15.13
N GLU D 558 -38.06 -39.86 14.00
CA GLU D 558 -37.80 -38.63 13.26
C GLU D 558 -37.41 -37.49 14.20
N THR D 562 -39.82 -32.73 13.45
CA THR D 562 -40.82 -32.94 14.50
C THR D 562 -40.84 -34.39 14.97
N ARG D 563 -40.27 -34.54 16.38
CA ARG D 563 -39.99 -35.89 16.88
C ARG D 563 -41.07 -36.39 17.85
N GLN D 564 -41.30 -37.70 17.81
CA GLN D 564 -42.32 -38.36 18.62
C GLN D 564 -41.66 -39.33 19.58
N TRP D 565 -41.72 -39.00 20.87
CA TRP D 565 -41.17 -39.80 21.95
C TRP D 565 -42.07 -41.00 22.25
N VAL D 566 -41.46 -42.08 22.71
CA VAL D 566 -42.22 -43.30 22.99
C VAL D 566 -41.47 -44.11 24.04
N SER D 567 -42.20 -44.70 24.99
CA SER D 567 -41.58 -45.52 26.04
C SER D 567 -42.15 -46.93 26.08
N TYR D 568 -41.26 -47.90 26.25
CA TYR D 568 -41.58 -49.31 26.28
C TYR D 568 -41.19 -49.84 27.65
N THR D 569 -42.14 -50.44 28.36
CA THR D 569 -41.87 -51.06 29.65
C THR D 569 -41.87 -52.56 29.46
N VAL D 570 -40.70 -53.17 29.52
CA VAL D 570 -40.57 -54.60 29.32
C VAL D 570 -40.44 -55.29 30.67
N ASP D 571 -41.21 -56.36 30.83
CA ASP D 571 -41.26 -57.12 32.07
C ASP D 571 -40.82 -58.55 31.81
N PHE D 572 -39.81 -58.98 32.58
CA PHE D 572 -39.23 -60.32 32.53
C PHE D 572 -39.91 -61.29 33.50
N LYS D 573 -41.18 -61.06 33.81
CA LYS D 573 -41.87 -61.94 34.74
C LYS D 573 -42.06 -63.33 34.13
N ASP D 574 -42.54 -63.39 32.89
CA ASP D 574 -42.79 -64.66 32.24
C ASP D 574 -41.49 -65.36 31.81
N ILE D 575 -40.37 -64.65 31.70
CA ILE D 575 -39.09 -65.29 31.35
C ILE D 575 -38.48 -66.00 32.56
N LEU D 576 -38.60 -65.39 33.73
CA LEU D 576 -38.03 -65.90 34.98
C LEU D 576 -39.17 -66.27 35.93
N GLU D 577 -39.90 -67.33 35.58
CA GLU D 577 -41.03 -67.74 36.40
C GLU D 577 -40.68 -68.86 37.35
N ARG D 578 -39.68 -69.67 37.00
CA ARG D 578 -39.23 -70.77 37.84
C ARG D 578 -38.16 -70.28 38.80
N ASN D 579 -38.33 -70.58 40.07
CA ASN D 579 -37.32 -70.25 41.06
C ASN D 579 -36.13 -71.18 40.89
N CYS D 580 -34.92 -70.61 41.04
CA CYS D 580 -33.70 -71.42 40.96
C CYS D 580 -33.62 -72.34 42.18
N GLU D 581 -33.21 -73.58 41.94
CA GLU D 581 -32.89 -74.50 43.02
C GLU D 581 -31.38 -74.48 43.26
N GLU D 582 -30.92 -75.29 44.21
CA GLU D 582 -29.50 -75.31 44.53
C GLU D 582 -28.65 -75.88 43.39
N ASP D 583 -29.24 -76.68 42.50
CA ASP D 583 -28.55 -77.28 41.36
C ASP D 583 -28.20 -76.29 40.27
N ASP D 584 -28.76 -75.09 40.30
CA ASP D 584 -28.49 -74.05 39.32
C ASP D 584 -27.31 -73.16 39.73
N TYR D 585 -26.82 -73.29 40.96
CA TYR D 585 -25.71 -72.51 41.47
C TYR D 585 -24.44 -73.35 41.52
N THR D 586 -23.32 -72.65 41.54
CA THR D 586 -21.98 -73.22 41.55
C THR D 586 -21.09 -72.35 42.43
N THR D 587 -20.37 -72.97 43.37
CA THR D 587 -19.52 -72.26 44.31
C THR D 587 -18.20 -71.84 43.66
N TRP D 588 -17.67 -70.69 44.10
CA TRP D 588 -16.42 -70.09 43.63
C TRP D 588 -15.87 -69.12 44.67
N LEU D 589 -14.54 -69.13 44.82
CA LEU D 589 -13.81 -68.32 45.79
C LEU D 589 -13.17 -67.11 45.13
N ALA D 590 -13.00 -66.04 45.89
CA ALA D 590 -12.39 -64.85 45.30
C ALA D 590 -10.90 -65.06 45.10
N HIS D 591 -10.32 -64.21 44.27
CA HIS D 591 -8.91 -64.38 43.95
C HIS D 591 -8.03 -63.81 45.07
N SER D 592 -6.94 -64.48 45.34
CA SER D 592 -5.96 -63.99 46.30
C SER D 592 -4.60 -63.92 45.64
N THR D 593 -3.95 -62.76 45.76
CA THR D 593 -2.65 -62.57 45.13
C THR D 593 -1.61 -63.56 45.64
N ASP D 594 -1.70 -64.00 46.92
CA ASP D 594 -0.70 -64.92 47.48
C ASP D 594 -0.94 -66.35 47.00
N PRO D 595 0.11 -67.04 46.56
CA PRO D 595 -0.09 -68.36 45.96
C PRO D 595 -0.30 -69.40 47.04
N GLY D 596 -0.85 -70.52 46.63
CA GLY D 596 -1.25 -71.54 47.58
C GLY D 596 -2.73 -71.49 47.92
N ASP D 597 -3.20 -72.60 48.49
CA ASP D 597 -4.58 -72.78 48.93
C ASP D 597 -4.83 -72.26 50.33
N TYR D 598 -3.79 -72.15 51.14
CA TYR D 598 -3.93 -71.68 52.52
C TYR D 598 -4.51 -70.29 52.59
N LYS D 599 -4.40 -69.49 51.55
CA LYS D 599 -5.08 -68.22 51.60
C LYS D 599 -6.07 -68.07 50.47
N ASP D 600 -6.55 -69.19 49.93
CA ASP D 600 -7.43 -69.15 48.78
C ASP D 600 -8.82 -68.70 49.22
N GLY D 601 -9.22 -67.54 48.71
CA GLY D 601 -10.47 -66.91 49.09
C GLY D 601 -10.38 -65.88 50.19
N CYS D 602 -9.18 -65.52 50.66
CA CYS D 602 -9.02 -64.55 51.75
C CYS D 602 -8.97 -63.14 51.18
N ILE D 603 -9.81 -62.26 51.74
CA ILE D 603 -9.92 -60.86 51.35
C ILE D 603 -9.78 -60.01 52.59
N LEU D 604 -8.63 -59.35 52.73
CA LEU D 604 -8.33 -58.57 53.92
C LEU D 604 -8.66 -59.37 55.17
N GLY D 605 -8.20 -60.62 55.19
CA GLY D 605 -8.22 -61.42 56.38
C GLY D 605 -9.52 -62.16 56.67
N TYR D 606 -10.51 -62.10 55.79
CA TYR D 606 -11.79 -62.81 55.95
C TYR D 606 -12.00 -63.75 54.76
N LYS D 607 -12.52 -64.94 55.01
CA LYS D 607 -12.76 -65.93 53.96
C LYS D 607 -14.26 -66.12 53.80
N GLU D 608 -14.76 -65.95 52.59
CA GLU D 608 -16.19 -66.11 52.30
C GLU D 608 -16.38 -66.85 50.98
N GLN D 609 -17.29 -67.82 50.98
CA GLN D 609 -17.61 -68.60 49.80
C GLN D 609 -18.74 -67.93 49.03
N PHE D 610 -18.67 -67.98 47.69
CA PHE D 610 -19.61 -67.25 46.83
C PHE D 610 -20.38 -68.23 45.95
N LEU D 611 -21.50 -67.74 45.42
CA LEU D 611 -22.34 -68.48 44.49
C LEU D 611 -22.36 -67.78 43.13
N ARG D 612 -22.82 -68.52 42.11
CA ARG D 612 -22.81 -68.03 40.75
C ARG D 612 -23.81 -68.85 39.95
N LEU D 613 -24.53 -68.20 39.04
CA LEU D 613 -25.43 -68.94 38.18
C LEU D 613 -24.63 -69.71 37.15
N ARG D 614 -25.01 -70.97 36.95
CA ARG D 614 -24.42 -71.79 35.93
C ARG D 614 -24.61 -71.16 34.55
N LYS D 615 -23.96 -71.75 33.57
CA LYS D 615 -24.11 -71.27 32.22
C LYS D 615 -25.48 -71.63 31.66
N SER D 616 -26.06 -70.69 30.90
CA SER D 616 -27.38 -70.81 30.27
C SER D 616 -28.48 -71.06 31.31
N SER D 617 -28.39 -70.36 32.44
CA SER D 617 -29.37 -70.50 33.51
C SER D 617 -30.44 -69.44 33.36
N VAL D 618 -31.68 -69.89 33.32
CA VAL D 618 -32.83 -69.04 33.11
C VAL D 618 -33.76 -69.35 34.29
N CYS D 619 -33.52 -68.68 35.40
CA CYS D 619 -34.35 -68.87 36.58
C CYS D 619 -34.23 -67.64 37.48
N GLN D 620 -35.24 -67.47 38.31
CA GLN D 620 -35.36 -66.33 39.20
C GLN D 620 -34.67 -66.62 40.52
N ASN D 621 -33.66 -65.83 40.83
CA ASN D 621 -32.93 -66.00 42.07
C ASN D 621 -33.70 -65.37 43.22
N GLY D 622 -33.80 -66.09 44.33
CA GLY D 622 -34.44 -65.59 45.53
C GLY D 622 -33.49 -65.45 46.71
N ARG D 623 -32.25 -65.89 46.56
CA ARG D 623 -31.27 -65.89 47.63
C ARG D 623 -30.05 -65.03 47.25
N ASP D 624 -29.32 -64.56 48.27
CA ASP D 624 -28.12 -63.76 48.07
C ASP D 624 -26.94 -64.64 47.67
N TYR D 625 -25.98 -64.05 46.95
CA TYR D 625 -24.87 -64.83 46.41
C TYR D 625 -23.79 -65.17 47.45
N VAL D 626 -23.85 -64.59 48.66
CA VAL D 626 -22.92 -64.94 49.74
C VAL D 626 -23.52 -66.08 50.57
N VAL D 627 -22.72 -67.12 50.84
CA VAL D 627 -23.22 -68.30 51.55
C VAL D 627 -23.66 -67.96 52.97
N ALA D 628 -23.10 -66.89 53.54
CA ALA D 628 -23.48 -66.44 54.88
C ALA D 628 -23.43 -67.60 55.87
N LYS D 629 -22.41 -68.46 55.71
CA LYS D 629 -22.12 -69.50 56.67
C LYS D 629 -21.45 -68.82 57.87
N GLN D 630 -20.16 -68.53 57.74
CA GLN D 630 -19.42 -67.78 58.76
C GLN D 630 -18.04 -67.40 58.23
N PRO D 631 -17.62 -66.15 58.43
CA PRO D 631 -16.28 -65.74 57.98
C PRO D 631 -15.21 -66.35 58.87
N SER D 632 -14.33 -67.15 58.29
CA SER D 632 -13.17 -67.70 58.98
C SER D 632 -11.99 -66.75 58.80
N VAL D 633 -11.27 -66.48 59.89
CA VAL D 633 -10.15 -65.56 59.81
C VAL D 633 -8.95 -66.26 59.18
N CYS D 634 -8.24 -65.51 58.20
CA CYS D 634 -7.06 -66.05 57.54
C CYS D 634 -5.79 -65.57 58.21
N PRO D 635 -4.70 -66.33 58.05
CA PRO D 635 -3.41 -65.88 58.58
C PRO D 635 -2.83 -64.78 57.71
N CYS D 636 -2.06 -63.92 58.36
CA CYS D 636 -1.62 -62.69 57.72
C CYS D 636 -0.51 -63.00 56.73
N SER D 637 -0.58 -62.38 55.57
CA SER D 637 0.48 -62.53 54.59
C SER D 637 0.78 -61.18 53.96
N LEU D 638 1.61 -61.19 52.92
CA LEU D 638 1.95 -59.94 52.25
C LEU D 638 0.72 -59.16 51.80
N GLU D 639 -0.15 -59.79 51.01
CA GLU D 639 -1.32 -59.08 50.52
C GLU D 639 -2.12 -58.38 51.63
N ASP D 640 -1.99 -58.77 52.89
CA ASP D 640 -2.74 -58.11 53.95
C ASP D 640 -2.00 -56.89 54.52
N PHE D 641 -0.97 -56.37 53.86
CA PHE D 641 -0.25 -55.21 54.37
C PHE D 641 0.06 -54.21 53.27
N LEU D 642 -0.13 -52.92 53.55
CA LEU D 642 0.33 -51.85 52.67
C LEU D 642 1.81 -51.59 52.86
N CYS D 643 2.39 -50.87 51.91
CA CYS D 643 3.76 -50.43 52.07
C CYS D 643 3.81 -49.26 53.06
N ASP D 644 4.86 -49.22 53.87
CA ASP D 644 4.96 -48.17 54.88
C ASP D 644 5.40 -46.86 54.21
N PHE D 645 5.46 -45.80 55.02
CA PHE D 645 5.91 -44.46 54.64
C PHE D 645 7.34 -44.52 54.13
N GLY D 646 7.56 -44.21 52.86
CA GLY D 646 8.88 -44.27 52.29
C GLY D 646 9.21 -45.58 51.62
N TYR D 647 8.24 -46.49 51.46
CA TYR D 647 8.44 -47.76 50.80
C TYR D 647 7.44 -47.89 49.68
N PHE D 648 7.69 -48.85 48.78
CA PHE D 648 6.78 -49.14 47.68
C PHE D 648 7.01 -50.55 47.17
N ARG D 649 6.04 -51.06 46.41
CA ARG D 649 6.18 -52.31 45.71
C ARG D 649 6.42 -52.04 44.24
N PRO D 650 7.57 -52.45 43.69
CA PRO D 650 7.82 -52.30 42.25
C PRO D 650 6.96 -53.21 41.37
N GLU D 651 7.07 -53.07 40.05
CA GLU D 651 6.15 -53.75 39.13
C GLU D 651 6.26 -55.27 39.28
N ASN D 652 5.10 -55.94 39.24
CA ASN D 652 5.00 -57.39 39.39
C ASN D 652 5.54 -57.85 40.74
N ALA D 653 5.87 -56.94 41.67
CA ALA D 653 6.60 -57.37 42.86
C ALA D 653 5.65 -57.60 44.01
N SER D 654 6.08 -58.41 44.99
CA SER D 654 5.23 -58.67 46.16
C SER D 654 5.73 -58.01 47.44
N GLU D 655 7.03 -57.77 47.58
CA GLU D 655 7.58 -57.26 48.81
C GLU D 655 7.90 -55.77 48.68
N CYS D 656 7.77 -55.02 49.78
CA CYS D 656 7.99 -53.57 49.78
C CYS D 656 9.47 -53.26 50.00
N VAL D 657 9.96 -52.22 49.36
CA VAL D 657 11.35 -51.81 49.51
C VAL D 657 11.41 -50.30 49.69
N GLU D 658 12.42 -49.83 50.42
CA GLU D 658 12.54 -48.41 50.72
C GLU D 658 12.72 -47.61 49.43
N GLN D 659 12.23 -46.38 49.43
CA GLN D 659 12.36 -45.57 48.24
C GLN D 659 13.82 -45.12 48.09
N PRO D 660 14.34 -45.07 46.85
CA PRO D 660 15.80 -44.83 46.69
C PRO D 660 16.28 -43.53 47.30
N GLU D 661 15.54 -42.43 47.08
CA GLU D 661 15.89 -41.08 47.54
C GLU D 661 15.84 -40.90 49.05
N LEU D 662 15.33 -41.88 49.79
CA LEU D 662 15.23 -41.78 51.23
C LEU D 662 16.23 -42.67 51.95
N LYS D 663 17.01 -43.46 51.22
CA LYS D 663 17.94 -44.40 51.85
C LYS D 663 19.04 -43.64 52.55
N GLY D 664 19.38 -44.09 53.76
CA GLY D 664 20.41 -43.44 54.55
C GLY D 664 19.95 -42.18 55.24
N HIS D 665 18.69 -41.78 55.05
CA HIS D 665 18.08 -40.62 55.69
C HIS D 665 17.03 -41.08 56.68
N GLU D 666 16.86 -40.30 57.75
CA GLU D 666 15.96 -40.68 58.83
C GLU D 666 14.53 -40.38 58.44
N LEU D 667 13.66 -41.42 58.49
CA LEU D 667 12.27 -41.22 58.11
C LEU D 667 11.58 -40.37 59.16
N GLU D 668 11.22 -39.16 58.81
CA GLU D 668 10.52 -38.30 59.74
C GLU D 668 9.28 -37.74 59.07
N PHE D 669 8.24 -37.56 59.86
CA PHE D 669 7.07 -36.82 59.43
C PHE D 669 6.50 -36.12 60.65
N CYS D 670 5.39 -35.40 60.46
CA CYS D 670 4.77 -34.63 61.53
C CYS D 670 3.31 -35.04 61.72
N LEU D 671 2.96 -35.44 62.93
CA LEU D 671 1.64 -35.99 63.24
C LEU D 671 1.02 -35.21 64.40
N TYR D 672 -0.05 -34.46 64.10
CA TYR D 672 -0.81 -33.61 65.03
C TYR D 672 0.14 -32.75 65.89
N GLY D 673 0.85 -31.86 65.20
CA GLY D 673 1.84 -31.01 65.86
C GLY D 673 2.88 -31.77 66.66
N LYS D 674 3.35 -32.91 66.15
CA LYS D 674 4.42 -33.65 66.80
C LYS D 674 5.41 -34.14 65.75
N GLU D 675 6.71 -34.10 66.08
CA GLU D 675 7.74 -34.67 65.20
C GLU D 675 7.88 -36.15 65.51
N GLU D 676 7.63 -37.02 64.52
CA GLU D 676 7.64 -38.47 64.72
C GLU D 676 8.70 -39.14 63.86
N HIS D 677 9.42 -40.09 64.47
CA HIS D 677 10.44 -40.90 63.81
C HIS D 677 9.96 -42.33 63.60
N LEU D 678 10.06 -42.79 62.36
CA LEU D 678 9.57 -44.09 61.96
C LEU D 678 10.70 -45.08 61.74
N THR D 679 10.45 -46.31 62.18
CA THR D 679 11.34 -47.46 62.11
C THR D 679 10.46 -48.64 61.70
N THR D 680 10.64 -49.18 60.49
CA THR D 680 9.79 -50.27 60.07
C THR D 680 10.57 -51.30 59.29
N ASN D 681 9.97 -52.48 59.19
CA ASN D 681 10.32 -53.42 58.13
C ASN D 681 9.69 -53.05 56.79
N GLY D 682 8.94 -51.96 56.71
CA GLY D 682 8.25 -51.59 55.49
C GLY D 682 6.90 -52.23 55.29
N TYR D 683 6.19 -52.55 56.37
CA TYR D 683 4.87 -53.12 56.24
C TYR D 683 3.96 -52.45 57.24
N ARG D 684 2.76 -52.10 56.76
CA ARG D 684 1.71 -51.42 57.52
C ARG D 684 0.44 -52.21 57.32
N LYS D 685 -0.15 -52.71 58.42
CA LYS D 685 -1.42 -53.42 58.31
C LYS D 685 -2.43 -52.59 57.54
N ILE D 686 -3.18 -53.25 56.67
CA ILE D 686 -4.22 -52.55 55.91
C ILE D 686 -5.34 -52.11 56.85
N PRO D 687 -5.79 -50.86 56.78
CA PRO D 687 -6.99 -50.47 57.55
C PRO D 687 -8.16 -51.31 57.07
N GLY D 688 -8.79 -52.03 58.02
CA GLY D 688 -9.90 -52.90 57.71
C GLY D 688 -9.53 -54.35 57.53
N ASP D 689 -8.23 -54.66 57.53
CA ASP D 689 -7.81 -56.04 57.39
C ASP D 689 -8.02 -56.77 58.70
N LYS D 690 -8.58 -57.97 58.60
CA LYS D 690 -8.97 -58.74 59.78
C LYS D 690 -8.15 -60.01 59.92
N CYS D 691 -6.99 -60.08 59.30
CA CYS D 691 -6.15 -61.25 59.46
C CYS D 691 -5.61 -61.31 60.88
N GLN D 692 -5.32 -62.53 61.34
CA GLN D 692 -4.66 -62.74 62.62
C GLN D 692 -3.62 -63.83 62.48
N GLY D 693 -2.59 -63.73 63.29
CA GLY D 693 -1.46 -64.64 63.20
C GLY D 693 -0.82 -64.60 61.81
N GLY D 694 0.16 -65.48 61.65
CA GLY D 694 0.87 -65.57 60.39
C GLY D 694 1.95 -64.52 60.33
N MET D 695 2.08 -63.88 59.17
CA MET D 695 3.11 -62.89 58.99
C MET D 695 2.83 -61.69 59.87
N ASN D 696 3.86 -61.22 60.57
CA ASN D 696 3.71 -60.10 61.50
C ASN D 696 4.92 -59.18 61.42
N PRO D 697 5.02 -58.40 60.36
CA PRO D 697 6.09 -57.38 60.28
C PRO D 697 5.87 -56.28 61.29
N ALA D 698 6.93 -55.94 62.02
CA ALA D 698 6.85 -54.93 63.08
C ALA D 698 7.04 -53.51 62.52
N ARG D 699 6.69 -52.51 63.36
CA ARG D 699 6.98 -51.11 63.12
C ARG D 699 6.85 -50.35 64.44
N GLU D 700 7.50 -49.16 64.50
CA GLU D 700 7.54 -48.35 65.71
C GLU D 700 7.46 -46.87 65.35
N VAL D 701 6.71 -46.09 66.12
CA VAL D 701 6.54 -44.66 65.90
C VAL D 701 6.88 -43.98 67.22
N LYS D 702 8.08 -43.43 67.35
CA LYS D 702 8.46 -42.81 68.62
C LYS D 702 8.42 -41.29 68.50
N ASP D 703 8.11 -40.63 69.62
CA ASP D 703 8.07 -39.19 69.63
C ASP D 703 9.49 -38.64 69.76
N LEU D 704 9.66 -37.38 69.34
CA LEU D 704 10.93 -36.69 69.29
C LEU D 704 10.88 -35.45 70.21
N LYS D 705 11.75 -34.49 69.92
CA LYS D 705 11.85 -33.26 70.69
C LYS D 705 11.10 -32.10 70.04
N LYS D 706 11.29 -31.91 68.73
CA LYS D 706 10.69 -30.79 68.05
C LYS D 706 9.17 -30.87 68.10
N LYS D 707 8.54 -29.71 68.01
CA LYS D 707 7.09 -29.63 68.00
C LYS D 707 6.51 -29.55 66.60
N CYS D 708 7.24 -28.95 65.65
CA CYS D 708 6.85 -28.88 64.24
C CYS D 708 5.54 -28.11 64.03
N THR D 709 5.17 -27.84 62.78
CA THR D 709 3.95 -27.10 62.45
C THR D 709 3.20 -27.88 61.39
N SER D 710 2.11 -28.54 61.78
CA SER D 710 1.36 -29.43 60.90
C SER D 710 -0.05 -28.95 60.64
N ASN D 711 -0.26 -27.62 60.66
CA ASN D 711 -1.59 -27.06 60.56
C ASN D 711 -1.48 -25.61 60.10
N PHE D 712 -2.33 -25.23 59.15
CA PHE D 712 -2.32 -23.86 58.63
C PHE D 712 -3.69 -23.20 58.81
N LEU D 713 -4.64 -23.96 59.34
CA LEU D 713 -5.99 -23.45 59.56
C LEU D 713 -6.33 -23.47 61.06
N ASN D 714 -6.83 -22.34 61.55
CA ASN D 714 -7.21 -22.23 62.96
C ASN D 714 -8.69 -21.88 63.10
C1 NAG E . 25.64 24.55 -53.78
C2 NAG E . 24.19 24.17 -54.18
C3 NAG E . 23.93 24.28 -55.67
C4 NAG E . 24.49 25.63 -56.07
C5 NAG E . 25.98 25.79 -55.79
C6 NAG E . 26.50 27.03 -56.50
C7 NAG E . 22.73 22.19 -53.81
C8 NAG E . 22.90 20.80 -54.33
N2 NAG E . 23.87 22.87 -53.60
O3 NAG E . 22.51 24.31 -55.86
O4 NAG E . 24.01 26.30 -57.23
O5 NAG E . 26.07 25.79 -54.37
O6 NAG E . 26.53 26.85 -57.94
O7 NAG E . 21.64 22.67 -53.58
C1 NAG E . 23.85 25.71 -58.51
C2 NAG E . 22.47 26.20 -58.86
C3 NAG E . 22.33 26.16 -60.37
C4 NAG E . 23.26 27.26 -60.95
C5 NAG E . 24.68 26.74 -60.59
C6 NAG E . 25.81 27.69 -60.94
C7 NAG E . 20.20 26.15 -57.91
C8 NAG E . 19.63 26.01 -56.52
N2 NAG E . 21.37 25.55 -58.16
O3 NAG E . 20.95 26.21 -60.74
O4 NAG E . 23.15 27.58 -62.37
O5 NAG E . 24.77 26.55 -59.20
O6 NAG E . 25.61 28.93 -60.24
O7 NAG E . 19.64 26.80 -58.77
C1 BMA E . 21.88 28.05 -62.93
C2 BMA E . 21.01 28.93 -62.02
C3 BMA E . 19.69 29.20 -62.76
C4 BMA E . 19.95 29.84 -64.11
C5 BMA E . 20.95 28.99 -64.92
C6 BMA E . 21.35 29.70 -66.22
O2 BMA E . 21.73 30.12 -61.72
O3 BMA E . 18.76 30.07 -62.10
O4 BMA E . 18.64 29.95 -64.71
O5 BMA E . 22.12 28.80 -64.12
O6 BMA E . 22.70 29.42 -66.61
C1 NAG F . 34.48 52.49 -51.96
C2 NAG F . 35.19 53.78 -51.54
C3 NAG F . 34.92 54.83 -52.63
C4 NAG F . 35.39 54.31 -54.01
C5 NAG F . 34.83 52.90 -54.26
C6 NAG F . 35.49 52.15 -55.39
C7 NAG F . 35.39 54.95 -49.38
C8 NAG F . 34.70 55.18 -48.06
N2 NAG F . 34.74 54.12 -50.19
O3 NAG F . 35.66 56.01 -52.30
O4 NAG F . 34.97 55.07 -55.18
O5 NAG F . 35.06 52.01 -53.17
O6 NAG F . 35.02 50.81 -55.22
O7 NAG F . 36.45 55.47 -49.67
C1 NAG F . 34.53 56.46 -55.19
C2 NAG F . 35.73 57.29 -55.60
C3 NAG F . 35.37 58.70 -56.06
C4 NAG F . 34.24 58.73 -57.08
C5 NAG F . 33.09 57.93 -56.49
C6 NAG F . 31.89 57.92 -57.43
C7 NAG F . 37.96 57.50 -54.60
C8 NAG F . 38.73 57.50 -53.31
N2 NAG F . 36.64 57.40 -54.47
O3 NAG F . 36.53 59.22 -56.72
O4 NAG F . 33.88 60.11 -57.36
O5 NAG F . 33.53 56.59 -56.20
O6 NAG F . 30.76 57.28 -56.83
O7 NAG F . 38.53 57.59 -55.69
C1 BMA F . 33.84 60.63 -58.74
C2 BMA F . 35.19 60.80 -59.48
C3 BMA F . 35.01 61.77 -60.63
C4 BMA F . 33.87 61.27 -61.52
C5 BMA F . 32.61 61.03 -60.70
C6 BMA F . 31.48 60.50 -61.59
O2 BMA F . 35.62 59.57 -60.08
O3 BMA F . 36.22 61.86 -61.38
O4 BMA F . 33.60 62.26 -62.52
O5 BMA F . 32.90 60.08 -59.67
O6 BMA F . 30.23 60.54 -60.90
C1 NAG G . 2.31 29.81 -3.77
C2 NAG G . 2.51 28.34 -3.40
C3 NAG G . 2.12 28.04 -1.94
C4 NAG G . 2.78 29.01 -1.00
C5 NAG G . 2.55 30.44 -1.50
C6 NAG G . 3.32 31.50 -0.74
C7 NAG G . 0.54 27.20 -4.53
C8 NAG G . -0.54 27.99 -3.84
N2 NAG G . 1.82 27.50 -4.36
O3 NAG G . 2.41 26.68 -1.57
O4 NAG G . 2.07 28.90 0.23
O5 NAG G . 3.04 30.57 -2.84
O6 NAG G . 3.61 32.36 -1.85
O7 NAG G . 0.27 26.29 -5.29
C1 NAG G . 2.77 28.01 1.08
C2 NAG G . 2.48 28.36 2.53
C3 NAG G . 3.31 27.43 3.41
C4 NAG G . 3.10 25.96 3.04
C5 NAG G . 3.30 25.75 1.54
C6 NAG G . 2.86 24.37 1.09
C7 NAG G . 2.16 30.50 3.67
C8 NAG G . 2.48 31.97 3.73
N2 NAG G . 2.78 29.77 2.75
O3 NAG G . 2.87 27.64 4.77
O4 NAG G . 4.08 25.14 3.71
O5 NAG G . 2.45 26.64 0.82
O6 NAG G . 1.45 24.45 0.91
O7 NAG G . 1.35 30.00 4.44
C1 BMA G . 3.64 24.57 4.96
C2 BMA G . 2.54 23.55 4.68
C3 BMA G . 2.04 22.97 5.99
C4 BMA G . 3.20 22.40 6.79
C5 BMA G . 4.27 23.47 6.97
C6 BMA G . 5.48 22.93 7.77
O2 BMA G . 3.03 22.47 3.87
O3 BMA G . 1.10 21.92 5.67
O4 BMA G . 2.74 21.95 8.06
O5 BMA G . 4.69 23.90 5.66
O6 BMA G . 5.11 22.43 9.07
C1 NAG H . 27.83 34.04 8.09
C2 NAG H . 27.79 32.57 8.56
C3 NAG H . 28.37 32.41 9.96
C4 NAG H . 29.80 32.94 9.95
C5 NAG H . 29.76 34.40 9.51
C6 NAG H . 31.16 34.94 9.26
C7 NAG H . 25.34 31.91 9.01
C8 NAG H . 25.00 33.06 9.92
N2 NAG H . 26.51 31.89 8.36
O3 NAG H . 28.36 31.04 10.36
O4 NAG H . 30.31 32.90 11.28
O5 NAG H . 29.17 34.47 8.25
O6 NAG H . 31.13 36.35 9.48
O7 NAG H . 24.53 31.00 8.85
C1 NAG H . 31.40 31.97 11.38
C2 NAG H . 32.49 32.68 12.15
C3 NAG H . 33.61 31.70 12.48
C4 NAG H . 33.06 30.42 13.13
C5 NAG H . 32.00 29.81 12.22
C6 NAG H . 31.38 28.49 12.73
C7 NAG H . 33.83 34.74 11.67
C8 NAG H . 34.24 35.69 10.59
N2 NAG H . 32.99 33.76 11.32
O3 NAG H . 34.52 32.34 13.36
O4 NAG H . 34.17 29.52 13.36
O5 NAG H . 30.96 30.78 12.04
O6 NAG H . 32.27 27.39 12.50
O7 NAG H . 34.24 34.87 12.80
C1 BMA H . 34.35 29.02 14.71
C2 BMA H . 34.74 30.08 15.75
C3 BMA H . 35.11 29.41 17.07
C4 BMA H . 34.00 28.44 17.48
C5 BMA H . 33.69 27.47 16.36
C6 BMA H . 32.64 26.42 16.76
O2 BMA H . 33.67 30.98 16.03
O3 BMA H . 35.24 30.39 18.09
O4 BMA H . 34.40 27.74 18.66
O5 BMA H . 33.26 28.23 15.23
O6 BMA H . 33.17 25.50 17.72
C1 NAG I . -12.52 -5.79 11.97
C2 NAG I . -11.21 -5.23 12.56
C3 NAG I . -10.61 -4.24 11.56
C4 NAG I . -10.36 -4.92 10.20
C5 NAG I . -11.70 -5.49 9.71
C6 NAG I . -11.65 -6.18 8.34
C7 NAG I . -10.46 -4.76 14.81
C8 NAG I . -10.79 -4.39 16.22
N2 NAG I . -11.44 -4.71 13.91
O3 NAG I . -9.41 -3.64 12.09
O4 NAG I . -9.90 -4.05 9.14
O5 NAG I . -12.23 -6.39 10.70
O6 NAG I . -12.15 -5.38 7.24
O7 NAG I . -9.34 -5.09 14.51
C1 NAG I . -8.54 -3.56 9.08
C2 NAG I . -7.49 -4.65 8.91
C3 NAG I . -6.16 -4.07 8.40
C4 NAG I . -6.31 -3.14 7.20
C5 NAG I . -7.42 -2.12 7.54
C6 NAG I . -7.75 -1.16 6.39
C7 NAG I . -6.49 -5.05 11.21
C8 NAG I . -6.05 -6.22 12.04
N2 NAG I . -7.24 -5.40 10.14
O3 NAG I . -5.36 -5.18 8.00
O4 NAG I . -5.05 -2.47 6.97
O5 NAG I . -8.62 -2.79 7.90
O6 NAG I . -9.08 -0.61 6.54
O7 NAG I . -6.18 -3.89 11.52
C1 BMA I . -4.24 -2.99 5.89
C2 BMA I . -2.79 -2.49 6.03
C3 BMA I . -1.91 -2.99 4.88
C4 BMA I . -2.07 -4.50 4.73
C5 BMA I . -3.56 -4.86 4.63
C6 BMA I . -3.78 -6.35 4.48
O2 BMA I . -2.17 -2.87 7.27
O3 BMA I . -0.54 -2.69 5.15
O4 BMA I . -1.35 -4.94 3.57
O5 BMA I . -4.22 -4.42 5.82
O6 BMA I . -3.26 -6.79 3.21
C1 NAG J . -13.26 -24.98 -10.67
C2 NAG J . -14.15 -25.55 -11.77
C3 NAG J . -13.42 -25.35 -13.10
C4 NAG J . -12.83 -23.94 -13.25
C5 NAG J . -11.96 -23.60 -12.04
C6 NAG J . -11.23 -22.26 -11.98
C7 NAG J . -15.44 -27.70 -11.66
C8 NAG J . -16.36 -27.73 -10.48
N2 NAG J . -14.32 -26.98 -11.52
O3 NAG J . -14.38 -25.56 -14.14
O4 NAG J . -12.21 -23.80 -14.56
O5 NAG J . -12.81 -23.64 -10.90
O6 NAG J . -10.52 -22.29 -10.74
O7 NAG J . -15.68 -28.32 -12.68
C1 NAG J . -10.92 -24.42 -14.81
C2 NAG J . -11.01 -25.47 -15.93
C3 NAG J . -9.63 -26.01 -16.26
C4 NAG J . -8.74 -24.89 -16.76
C5 NAG J . -8.71 -23.83 -15.66
C6 NAG J . -7.97 -22.60 -16.14
C7 NAG J . -12.92 -26.86 -16.47
C8 NAG J . -12.75 -28.03 -17.38
N2 NAG J . -11.90 -26.58 -15.66
O3 NAG J . -9.77 -27.07 -17.21
O4 NAG J . -7.38 -25.32 -16.90
O5 NAG J . -10.04 -23.42 -15.30
O6 NAG J . -8.08 -21.56 -15.16
O7 NAG J . -13.95 -26.19 -16.47
C1 BMA J . -6.81 -25.67 -18.20
C2 BMA J . -7.76 -25.93 -19.37
C3 BMA J . -6.96 -26.71 -20.41
C4 BMA J . -5.69 -25.96 -20.79
C5 BMA J . -4.88 -25.59 -19.54
C6 BMA J . -3.66 -24.75 -19.93
O2 BMA J . -8.24 -24.71 -19.94
O3 BMA J . -7.77 -26.97 -21.57
O4 BMA J . -4.87 -26.81 -21.61
O5 BMA J . -5.72 -24.84 -18.67
O6 BMA J . -3.12 -24.05 -18.81
C1 NAG K . -16.26 -48.67 47.36
C2 NAG K . -16.12 -47.70 48.52
C3 NAG K . -16.28 -48.59 49.77
C4 NAG K . -17.71 -49.16 49.79
C5 NAG K . -17.91 -49.97 48.51
C6 NAG K . -19.35 -50.51 48.37
C7 NAG K . -14.25 -46.33 49.38
C8 NAG K . -14.58 -44.88 49.69
N2 NAG K . -14.94 -46.89 48.39
O3 NAG K . -16.01 -47.95 51.00
O4 NAG K . -17.92 -49.99 50.96
O5 NAG K . -17.60 -49.18 47.37
O6 NAG K . -19.72 -51.42 49.43
O7 NAG K . -13.42 -47.00 49.96
C1 NAG K . -19.03 -49.66 51.85
C2 NAG K . -19.67 -48.27 51.78
C3 NAG K . -20.63 -48.12 52.93
C4 NAG K . -21.58 -49.28 53.17
C5 NAG K . -20.81 -50.61 53.07
C6 NAG K . -21.65 -51.90 53.11
C7 NAG K . -18.38 -46.53 53.02
C8 NAG K . -17.40 -47.23 53.92
N2 NAG K . -18.71 -47.16 51.89
O3 NAG K . -21.41 -46.97 52.68
O4 NAG K . -21.72 -48.98 54.59
O5 NAG K . -20.05 -50.66 51.85
O6 NAG K . -22.50 -51.95 54.28
O7 NAG K . -18.82 -45.42 53.31
C1 BMA K . -23.02 -48.72 55.19
C2 BMA K . -23.45 -47.25 55.37
C3 BMA K . -24.58 -47.18 56.38
C4 BMA K . -25.69 -48.11 55.89
C5 BMA K . -25.14 -49.55 55.64
C6 BMA K . -26.10 -50.64 55.16
O2 BMA K . -24.00 -46.74 54.18
O3 BMA K . -25.03 -45.83 56.52
O4 BMA K . -26.74 -48.08 56.87
O5 BMA K . -24.12 -49.45 54.66
O6 BMA K . -25.45 -51.94 55.09
C1 NAG L . -43.40 -55.37 37.30
C2 NAG L . -43.51 -55.59 38.81
C3 NAG L . -44.77 -56.40 39.15
C4 NAG L . -46.03 -55.74 38.56
C5 NAG L . -45.79 -55.58 37.05
C6 NAG L . -46.97 -54.93 36.35
C7 NAG L . -41.68 -55.97 40.45
C8 NAG L . -40.58 -56.90 40.85
N2 NAG L . -42.33 -56.28 39.31
O3 NAG L . -44.95 -56.56 40.56
O4 NAG L . -47.17 -56.61 38.78
O5 NAG L . -44.61 -54.79 36.81
O6 NAG L . -46.67 -54.83 34.95
O7 NAG L . -41.97 -54.99 41.12
C1 NAG L . -48.04 -56.19 39.85
C2 NAG L . -49.50 -56.33 39.42
C3 NAG L . -50.39 -55.78 40.55
C4 NAG L . -50.11 -56.44 41.89
C5 NAG L . -48.62 -56.41 42.17
C6 NAG L . -48.32 -57.24 43.42
C7 NAG L . -50.78 -55.58 37.40
C8 NAG L . -50.74 -54.59 36.25
N2 NAG L . -49.66 -55.63 38.15
O3 NAG L . -51.78 -55.99 40.22
O4 NAG L . -50.63 -55.52 42.87
O5 NAG L . -47.86 -56.92 41.07
O6 NAG L . -46.97 -57.07 43.88
O7 NAG L . -51.76 -56.26 37.62
C1 BMA L . -51.79 -55.76 43.72
C2 BMA L . -53.16 -55.77 43.03
C3 BMA L . -54.18 -55.35 44.11
C4 BMA L . -54.05 -56.23 45.35
C5 BMA L . -52.60 -56.29 45.85
C6 BMA L . -52.53 -57.18 47.09
O2 BMA L . -53.42 -57.08 42.50
O3 BMA L . -55.51 -55.39 43.58
O4 BMA L . -54.86 -55.64 46.37
O5 BMA L . -51.76 -56.75 44.78
O6 BMA L . -51.21 -57.66 47.37
C1 NAG M . 38.85 4.59 -41.36
C2 NAG M . 39.08 3.62 -40.21
C3 NAG M . 39.36 4.42 -38.94
C4 NAG M . 40.50 5.41 -39.18
C5 NAG M . 40.17 6.32 -40.36
C6 NAG M . 41.30 7.31 -40.60
C7 NAG M . 37.73 1.61 -40.60
C8 NAG M . 36.59 0.77 -40.09
N2 NAG M . 37.92 2.77 -39.98
O3 NAG M . 39.65 3.50 -37.85
O4 NAG M . 40.77 6.21 -38.01
O5 NAG M . 39.96 5.49 -41.50
O6 NAG M . 41.09 8.04 -41.82
O7 NAG M . 38.43 1.26 -41.52
C1 NAG N . -10.65 50.20 -15.49
C2 NAG N . -11.10 50.91 -16.77
C3 NAG N . -9.84 51.42 -17.47
C4 NAG N . -8.96 52.27 -16.54
C5 NAG N . -8.67 51.50 -15.25
C6 NAG N . -7.88 52.34 -14.24
C7 NAG N . -13.13 49.85 -17.68
C8 NAG N . -13.63 48.94 -18.77
N2 NAG N . -11.80 50.00 -17.65
O3 NAG N . -10.24 52.19 -18.61
O4 NAG N . -7.74 52.59 -17.22
O5 NAG N . -9.90 51.08 -14.66
O6 NAG N . -7.92 51.68 -12.99
O7 NAG N . -13.87 50.39 -16.89
C1 NAG O . -34.49 1.96 24.94
C2 NAG O . -35.47 1.99 26.12
C3 NAG O . -36.28 0.69 26.08
C4 NAG O . -36.93 0.50 24.71
C5 NAG O . -35.88 0.55 23.60
C6 NAG O . -36.54 0.45 22.24
C7 NAG O . -34.58 3.39 27.99
C8 NAG O . -33.88 3.37 29.32
N2 NAG O . -34.79 2.20 27.41
O3 NAG O . -37.29 0.73 27.08
O4 NAG O . -37.69 -0.72 24.63
O5 NAG O . -35.16 1.78 23.69
O6 NAG O . -35.86 1.31 21.34
O7 NAG O . -34.92 4.46 27.51
C1 NAG P . 5.70 -57.55 34.37
C2 NAG P . 6.84 -57.25 33.38
C3 NAG P . 6.20 -56.83 32.06
C4 NAG P . 5.24 -57.93 31.58
C5 NAG P . 4.18 -58.28 32.63
C6 NAG P . 3.37 -59.45 32.07
C7 NAG P . 8.90 -56.42 34.56
C8 NAG P . 9.65 -55.19 34.95
N2 NAG P . 7.81 -56.23 33.80
O3 NAG P . 7.29 -56.63 31.17
O4 NAG P . 4.52 -57.52 30.41
O5 NAG P . 4.85 -58.60 33.86
O6 NAG P . 2.66 -60.20 33.05
O7 NAG P . 9.26 -57.53 34.94
#